data_8ABL
#
_entry.id   8ABL
#
_cell.length_a   1.00
_cell.length_b   1.00
_cell.length_c   1.00
_cell.angle_alpha   90.00
_cell.angle_beta   90.00
_cell.angle_gamma   90.00
#
_symmetry.space_group_name_H-M   'P 1'
#
loop_
_entity.id
_entity.type
_entity.pdbx_description
1 polymer 'Cytochrome b'
2 polymer 'Cytochrome b-c1 complex subunit Rieske, mitochondrial'
3 polymer 'Cytochrome b-c1 complex subunit 7'
4 polymer YALI0F24673p
5 polymer YALI0A14806p
6 polymer 'Cytochrome b-c1 complex subunit 2, mitochondrial'
7 polymer YALI0A17468p
8 polymer 'Cytochrome b-c1 complex subunit 8'
9 polymer 'Complex III subunit 9'
10 polymer YALI0C12210p
11 non-polymer 'PROTOPORPHYRIN IX CONTAINING FE'
12 non-polymer 1,2-DIACYL-SN-GLYCERO-3-PHOSPHOCHOLINE
13 non-polymer PHOSPHATIDYLETHANOLAMINE
14 non-polymer CARDIOLIPIN
15 non-polymer DODECYL-BETA-D-MALTOSIDE
16 non-polymer '[(2R,3S,6S,7R,8R)-3-[(3-formamido-2-oxidanyl-phenyl)carbonylamino]-8-hexyl-2,6-dimethyl-4,9-bis(oxidanylidene)-1,5-dioxonan-7-yl] 3-methylbutanoate'
17 non-polymer 1,2-DIMYRISTOYL-SN-GLYCERO-3-PHOSPHATE
18 non-polymer 'HEME C'
#
loop_
_entity_poly.entity_id
_entity_poly.type
_entity_poly.pdbx_seq_one_letter_code
_entity_poly.pdbx_strand_id
1 'polypeptide(L)'
;MALRKKNSLLNMANSYVLDSPQPSNLNYFWNFGSLLALCLVIQLATGITLAMHYTSHASLAFDSVEHIMRDVNFGWFIRY
AHANTASFFFICIYAHMGRNIYYGSYKTPRVLPWSIGVIIFLLLIITAFMGYVLVFGQMSLWGATVICNLVSAIPWLGED
IVHFLWGGFSVGNPTLQRFFALHYLMPFVLAVFALLHLIALHTAGSSNPLGITSNVDKLSMHPYYSFKDLITVFAFLLMF
TLFVFFSPDKLGHPDNYIPANPMVTPASIVPEWYLLPFYAILRAIPDKLGGVIAMVAAILILLILPIVDRSIIRGNAFKP
ISKLLFGFFICNFLLLGVLGQVHIEPPFIVLGQICTIFYFSYFLILLPMVSTIENIFFYIGSLRK
;
C,N
2 'polypeptide(L)'
;MSLLRTAAQAVKAPKAYTPLVAAKAFAQTRSVSSQPIGGKSTYKIPDFTPYLKKDRNTDANRLFSYFMIGSFGMLSAAGA
KATVQDFLSNMSASADVLAMAKVEVKLGAIPLGKNVIIKWRGKPIFIRHRTSEEIEEANEVNVATLRDPQTDDERVQKPE
WLVMIGVCTHLGCVPIGEAGDFGGWFCPCHGSHYDISGRIRRGPAPLNLEIPEYDFADAETLVIG
;
P,E
3 'polypeptide(L)'
;MASITSVVKTSELILKSPLLSKIVVPLAKTYVKFSGYRQLGFKMNDLIIEETPNMQLALRRLPPTESYDRVYRLIRATQF
SLSHKLATGNDITKPEEDDHYLIPYILDVEAEAFEKDALDNLEVVKRK
;
G,R
4 'polypeptide(L)'
;MSYFLTLASEVAESLLPTVAFASEEEKEQDEPVEVESDDDESEEKEDDDEEEDEDDDDDDDDDEVPDPAIALHEAAAEGP
CHDFKHHFDECVERVTKAQEAEDYDHAEYKEDCVEEFFHLQHCINDNTADKLFRVLK
;
F,Q
5 'polypeptide(L)'
;MNSLLRLPALKRGVFTMSKRGLATTVSPKTRTSNLKNGLTIASESNPLVQTATVGVWIDAGSRNENAYNNGTAHFFEHLA
FKGTDKRSQHQLELDIENMGGHLNAYTSRESTVYYAKSFKDDVPKSVEILADILQHSKLAESAIDREREVITRELEEVNK
QYEEVVFDHLHATAFMNQPLGRTILGPRENIQTITNTELRKFITENYTADRMVLVGAGAVDHDALVELAEKYFSHLPSSQ
SPVPLGTPRSSGEDANQNPIPNFVGSEVRLRDDTMPVAHIAIAVEGVSWTSEDYYTALVAQAIIGNYDRAVGTSRHQGSR
LSNIVSENNLANSFQSFSTSYSDTGLWGIYLTSENTTQIDDLVHFTLKEWNRLSTSVSNLQVERAKSQLKAGLLLSLDGT
TYVAEDIGRQLTTLGRRVTPAEVEAKLEAVTEHDVRAWAQKTLYDKDIALVGLGPIEGLYDYNRIRNDMSMMRW
;
A,L
6 'polypeptide(L)'
;MTRGVPRLAVAARHFSTAEAAGVKVAAQDGQSPISDLSVVLRGGSRYATVPGVSHILEKFAFQNTVPKSALRFVRELELF
GGKLYTHTTREHIVLRTQFLKQDLPYFVDAFANVLKETKFQQFELTERVAPVAELDLLKRESDPAFTALEAAHEVAFRTG
LGNSVYAQGYSPVTLEDVKEFARQVYAKQNVAVVGNNVVPADLQQLVGTAFADLQEGSKVTQAGTTTLHGGEARVRTSTG
NALTIALPIAEPKPVYHALASFLGGPASMPWSVGASPLAQATVGTHTSVKATYHNYGDAGLFAITIKGDSPAEISQVAHK
AVQALKDTGAEVTEEQAARAYAKSKFAAAEAFENPDSSASVIGMELLSGVSRIAPENVQKFTPAELSEAAAQLSASAKPV
VAAVGQVHALPFADELF
;
B,M
7 'polypeptide(L)'
;MRRRRIGVWPENRRVSRLWVSLSPRSCVTCPVPTNQNPPINNHHTPILTQMFKAIPLRQALLGISSAVCAGATTTYYYTT
KAEAMTAAEHGLHPAEYPWPQNGMLSTFDHASLRRGYQVYKEVCAACHSLDRIAWRNLVGVTHTTDEAKAFAEELEYDDE
PDDEGNPRKRPGKLADYIPGPYPNEQAARAANQGALPPDLSLIAKARHGGADYIFALLTGYPDEPPAGVVLAPGMNYNPY
FPGGGIGMARTLFDGVVEYEDGTPATTSQMAKDVAAFLTWAAEPEHDERKKLGLKAIIVISAMLGLSVYIKKFKWSPIKN
RKFIYNPPKN
;
D,O
8 'polypeptide(L)'
;MGGNGHYMGWWGHMGSPPQKGIAGYTISPFAARPFAGVVHAAIFNTFRRTKNQALFVILPVSFFYYVWTQASEKNEWLYT
KAGRHELAKALAE
;
H,S
9 'polypeptide(L)' MAWATTFYNVFVKRNSAFVATILASAFVFDMTFETAIDNFWDRINAGKQWKDIRHKYIEAAGDDDEDDE I,T
10 'polypeptide(L)'
;MICGEGDYVKKPSYKIVPHFLGFNIPTVSKWIPIFGIWGAAAGIGALFLIEGVPRTRQDILSKIPIIGEHWIREIPASDN
PF
;
J,U
#
loop_
_chem_comp.id
_chem_comp.type
_chem_comp.name
_chem_comp.formula
AWB non-polymer '[(2R,3S,6S,7R,8R)-3-[(3-formamido-2-oxidanyl-phenyl)carbonylamino]-8-hexyl-2,6-dimethyl-4,9-bis(oxidanylidene)-1,5-dioxonan-7-yl] 3-methylbutanoate' 'C28 H40 N2 O9'
CDL non-polymer CARDIOLIPIN 'C81 H156 O17 P2 -2'
HEC non-polymer 'HEME C' 'C34 H34 Fe N4 O4'
HEM non-polymer 'PROTOPORPHYRIN IX CONTAINING FE' 'C34 H32 Fe N4 O4'
LMT D-saccharide DODECYL-BETA-D-MALTOSIDE 'C24 H46 O11'
PC1 non-polymer 1,2-DIACYL-SN-GLYCERO-3-PHOSPHOCHOLINE 'C44 H88 N O8 P'
PTY non-polymer PHOSPHATIDYLETHANOLAMINE 'C40 H80 N O8 P'
XP4 non-polymer 1,2-DIMYRISTOYL-SN-GLYCERO-3-PHOSPHATE 'C31 H60 O8 P -1'
#
# COMPACT_ATOMS: atom_id res chain seq x y z
N MET A 1 -11.36 -11.30 7.19
CA MET A 1 -11.02 -10.54 5.90
C MET A 1 -11.08 -11.40 4.65
N ALA A 2 -11.71 -10.88 3.58
CA ALA A 2 -11.76 -11.56 2.30
C ALA A 2 -10.36 -11.81 1.73
N LEU A 3 -10.17 -12.98 1.10
CA LEU A 3 -8.88 -13.33 0.53
C LEU A 3 -8.39 -12.28 -0.47
N ARG A 4 -9.30 -11.72 -1.27
CA ARG A 4 -8.96 -10.73 -2.27
C ARG A 4 -8.29 -9.51 -1.63
N LYS A 5 -8.51 -9.29 -0.32
CA LYS A 5 -7.96 -8.12 0.34
C LYS A 5 -6.73 -8.51 1.16
N LYS A 6 -6.70 -9.75 1.64
CA LYS A 6 -5.70 -10.23 2.58
C LYS A 6 -4.40 -10.56 1.86
N ASN A 7 -4.52 -11.34 0.78
CA ASN A 7 -3.36 -11.77 0.02
C ASN A 7 -2.79 -10.59 -0.79
N SER A 8 -1.50 -10.29 -0.65
CA SER A 8 -0.96 -9.10 -1.28
C SER A 8 -1.03 -9.14 -2.81
N LEU A 9 -0.80 -10.30 -3.44
CA LEU A 9 -0.88 -10.36 -4.90
C LEU A 9 -2.31 -10.13 -5.36
N LEU A 10 -3.27 -10.89 -4.81
CA LEU A 10 -4.68 -10.74 -5.14
C LEU A 10 -5.14 -9.31 -4.85
N ASN A 11 -4.60 -8.70 -3.79
CA ASN A 11 -5.03 -7.37 -3.42
C ASN A 11 -4.63 -6.32 -4.45
N MET A 12 -3.48 -6.52 -5.11
CA MET A 12 -3.09 -5.61 -6.18
C MET A 12 -4.05 -5.73 -7.36
N ALA A 13 -4.40 -6.95 -7.75
CA ALA A 13 -5.36 -7.09 -8.84
C ALA A 13 -6.70 -6.48 -8.42
N ASN A 14 -7.13 -6.79 -7.18
CA ASN A 14 -8.38 -6.32 -6.60
C ASN A 14 -8.46 -4.80 -6.69
N SER A 15 -7.35 -4.15 -6.36
CA SER A 15 -7.30 -2.69 -6.34
C SER A 15 -7.51 -2.09 -7.72
N TYR A 16 -7.26 -2.85 -8.80
CA TYR A 16 -7.35 -2.24 -10.11
C TYR A 16 -8.57 -2.73 -10.86
N VAL A 17 -9.04 -3.95 -10.59
CA VAL A 17 -10.06 -4.41 -11.50
C VAL A 17 -11.36 -4.70 -10.76
N LEU A 18 -11.37 -4.64 -9.43
CA LEU A 18 -12.58 -5.09 -8.78
C LEU A 18 -13.07 -4.04 -7.79
N ASP A 19 -12.40 -3.88 -6.66
CA ASP A 19 -12.85 -2.92 -5.67
C ASP A 19 -12.48 -1.49 -6.06
N SER A 20 -11.65 -1.30 -7.08
CA SER A 20 -11.21 0.05 -7.47
C SER A 20 -12.39 1.04 -7.43
N PRO A 21 -12.41 2.08 -6.58
CA PRO A 21 -13.54 3.00 -6.56
C PRO A 21 -13.53 4.00 -7.71
N GLN A 22 -14.59 4.00 -8.51
CA GLN A 22 -14.62 4.88 -9.67
C GLN A 22 -15.77 5.88 -9.51
N PRO A 23 -15.74 7.06 -10.19
CA PRO A 23 -16.89 7.97 -10.20
C PRO A 23 -18.07 7.23 -10.78
N SER A 24 -19.29 7.57 -10.36
CA SER A 24 -20.44 6.84 -10.87
C SER A 24 -20.94 7.40 -12.21
N ASN A 25 -20.34 8.47 -12.74
CA ASN A 25 -20.92 9.13 -13.91
C ASN A 25 -19.94 9.14 -15.10
N LEU A 26 -19.03 8.16 -15.25
CA LEU A 26 -18.17 8.15 -16.43
C LEU A 26 -19.00 7.90 -17.67
N ASN A 27 -18.74 8.64 -18.77
CA ASN A 27 -19.50 8.45 -19.99
C ASN A 27 -18.72 7.47 -20.88
N TYR A 28 -19.16 7.22 -22.12
CA TYR A 28 -18.50 6.26 -23.00
C TYR A 28 -17.11 6.72 -23.47
N PHE A 29 -16.76 7.99 -23.32
CA PHE A 29 -15.39 8.35 -23.64
C PHE A 29 -14.40 7.84 -22.61
N TRP A 30 -14.85 7.26 -21.48
CA TRP A 30 -13.95 6.63 -20.54
C TRP A 30 -13.72 5.18 -20.95
N ASN A 31 -14.28 4.74 -22.09
CA ASN A 31 -14.05 3.35 -22.50
C ASN A 31 -12.79 3.17 -23.33
N PHE A 32 -12.12 4.25 -23.78
CA PHE A 32 -10.98 4.11 -24.65
C PHE A 32 -9.77 3.48 -23.96
N GLY A 33 -9.65 3.68 -22.65
CA GLY A 33 -8.53 3.08 -21.94
C GLY A 33 -8.54 1.56 -22.07
N SER A 34 -9.69 0.91 -21.89
CA SER A 34 -9.75 -0.53 -21.97
C SER A 34 -9.70 -0.94 -23.44
N LEU A 35 -10.18 -0.10 -24.38
CA LEU A 35 -9.98 -0.46 -25.78
C LEU A 35 -8.49 -0.44 -26.12
N LEU A 36 -7.74 0.49 -25.54
CA LEU A 36 -6.31 0.54 -25.81
C LEU A 36 -5.67 -0.71 -25.21
N ALA A 37 -6.15 -1.17 -24.06
CA ALA A 37 -5.60 -2.41 -23.50
C ALA A 37 -5.92 -3.57 -24.43
N LEU A 38 -7.13 -3.61 -25.00
CA LEU A 38 -7.49 -4.64 -25.97
C LEU A 38 -6.60 -4.61 -27.22
N CYS A 39 -6.38 -3.42 -27.81
CA CYS A 39 -5.46 -3.32 -28.95
C CYS A 39 -4.09 -3.85 -28.56
N LEU A 40 -3.62 -3.51 -27.37
CA LEU A 40 -2.31 -3.97 -26.97
C LEU A 40 -2.30 -5.50 -26.87
N VAL A 41 -3.35 -6.10 -26.33
CA VAL A 41 -3.37 -7.55 -26.18
C VAL A 41 -3.44 -8.18 -27.57
N ILE A 42 -4.23 -7.62 -28.48
CA ILE A 42 -4.28 -8.19 -29.83
C ILE A 42 -2.91 -8.07 -30.51
N GLN A 43 -2.25 -6.91 -30.39
CA GLN A 43 -0.96 -6.75 -31.04
C GLN A 43 0.06 -7.72 -30.43
N LEU A 44 0.02 -7.96 -29.11
CA LEU A 44 0.97 -8.91 -28.57
C LEU A 44 0.69 -10.30 -29.10
N ALA A 45 -0.58 -10.70 -29.12
CA ALA A 45 -0.90 -12.06 -29.53
C ALA A 45 -0.61 -12.24 -31.01
N THR A 46 -1.00 -11.27 -31.85
CA THR A 46 -0.81 -11.45 -33.28
C THR A 46 0.67 -11.24 -33.60
N GLY A 47 1.32 -10.31 -32.90
CA GLY A 47 2.70 -9.97 -33.24
C GLY A 47 3.63 -11.13 -32.91
N ILE A 48 3.43 -11.75 -31.75
CA ILE A 48 4.29 -12.88 -31.37
C ILE A 48 4.03 -14.03 -32.34
N THR A 49 2.78 -14.18 -32.78
CA THR A 49 2.51 -15.23 -33.74
C THR A 49 3.15 -14.94 -35.10
N LEU A 50 3.05 -13.72 -35.60
CA LEU A 50 3.77 -13.38 -36.81
C LEU A 50 5.27 -13.63 -36.66
N ALA A 51 5.86 -13.27 -35.52
CA ALA A 51 7.27 -13.50 -35.30
C ALA A 51 7.61 -14.99 -35.43
N MET A 52 6.67 -15.91 -35.21
CA MET A 52 7.01 -17.31 -35.41
C MET A 52 7.12 -17.70 -36.89
N HIS A 53 6.72 -16.83 -37.81
CA HIS A 53 6.67 -17.23 -39.21
C HIS A 53 7.42 -16.21 -40.06
N TYR A 54 7.90 -15.14 -39.45
CA TYR A 54 8.47 -14.05 -40.23
C TYR A 54 9.99 -14.20 -40.26
N THR A 55 10.66 -13.74 -41.31
CA THR A 55 12.11 -13.83 -41.31
C THR A 55 12.64 -12.42 -41.48
N SER A 56 13.57 -11.97 -40.62
CA SER A 56 13.91 -10.55 -40.62
C SER A 56 14.98 -10.21 -41.64
N HIS A 57 15.61 -11.21 -42.26
CA HIS A 57 16.65 -10.99 -43.24
C HIS A 57 16.06 -10.36 -44.50
N ALA A 58 16.71 -9.30 -45.04
CA ALA A 58 16.17 -8.54 -46.17
C ALA A 58 15.96 -9.41 -47.42
N SER A 59 16.67 -10.52 -47.52
CA SER A 59 16.48 -11.35 -48.70
C SER A 59 15.20 -12.18 -48.59
N LEU A 60 14.64 -12.29 -47.39
CA LEU A 60 13.53 -13.19 -47.18
C LEU A 60 12.31 -12.50 -46.57
N ALA A 61 12.44 -11.23 -46.15
CA ALA A 61 11.44 -10.61 -45.30
C ALA A 61 10.09 -10.52 -46.02
N PHE A 62 10.10 -9.86 -47.18
CA PHE A 62 8.89 -9.65 -47.97
C PHE A 62 8.31 -11.01 -48.33
N ASP A 63 9.14 -11.96 -48.75
CA ASP A 63 8.61 -13.28 -49.04
C ASP A 63 8.06 -14.00 -47.81
N SER A 64 8.59 -13.71 -46.60
CA SER A 64 8.06 -14.41 -45.44
C SER A 64 6.66 -13.87 -45.15
N VAL A 65 6.43 -12.60 -45.49
CA VAL A 65 5.10 -12.06 -45.28
C VAL A 65 4.12 -12.64 -46.29
N GLU A 66 4.55 -12.84 -47.54
CA GLU A 66 3.71 -13.58 -48.49
C GLU A 66 3.48 -15.03 -48.08
N HIS A 67 4.46 -15.69 -47.48
CA HIS A 67 4.26 -17.03 -46.98
C HIS A 67 3.20 -17.06 -45.87
N ILE A 68 3.25 -16.07 -44.96
CA ILE A 68 2.22 -15.94 -43.94
C ILE A 68 0.85 -15.81 -44.59
N MET A 69 0.68 -14.91 -45.56
CA MET A 69 -0.59 -14.67 -46.23
C MET A 69 -1.06 -15.94 -46.94
N ARG A 70 -0.16 -16.71 -47.56
CA ARG A 70 -0.60 -17.75 -48.48
C ARG A 70 -0.59 -19.16 -47.88
N ASP A 71 0.37 -19.48 -47.00
CA ASP A 71 0.60 -20.87 -46.62
C ASP A 71 0.29 -21.18 -45.17
N VAL A 72 0.46 -20.20 -44.28
CA VAL A 72 0.29 -20.45 -42.86
C VAL A 72 -1.21 -20.49 -42.60
N ASN A 73 -1.69 -21.50 -41.87
CA ASN A 73 -3.11 -21.58 -41.61
C ASN A 73 -3.58 -20.35 -40.85
N PHE A 74 -4.60 -19.67 -41.38
CA PHE A 74 -5.10 -18.43 -40.81
C PHE A 74 -4.04 -17.35 -40.79
N GLY A 75 -2.96 -17.51 -41.55
CA GLY A 75 -1.92 -16.50 -41.57
C GLY A 75 -2.47 -15.17 -42.10
N TRP A 76 -3.41 -15.24 -43.04
CA TRP A 76 -3.95 -14.03 -43.61
C TRP A 76 -4.65 -13.24 -42.50
N PHE A 77 -5.34 -13.97 -41.62
CA PHE A 77 -6.12 -13.31 -40.58
C PHE A 77 -5.16 -12.66 -39.59
N ILE A 78 -4.15 -13.41 -39.19
CA ILE A 78 -3.25 -12.92 -38.19
C ILE A 78 -2.53 -11.70 -38.74
N ARG A 79 -2.14 -11.72 -40.00
CA ARG A 79 -1.47 -10.57 -40.58
C ARG A 79 -2.45 -9.40 -40.68
N TYR A 80 -3.67 -9.65 -41.20
CA TYR A 80 -4.56 -8.50 -41.39
C TYR A 80 -5.00 -7.91 -40.04
N ALA A 81 -5.20 -8.79 -39.05
CA ALA A 81 -5.54 -8.33 -37.71
C ALA A 81 -4.41 -7.45 -37.20
N HIS A 82 -3.16 -7.86 -37.38
CA HIS A 82 -2.07 -7.08 -36.82
C HIS A 82 -1.98 -5.72 -37.51
N ALA A 83 -2.15 -5.70 -38.82
CA ALA A 83 -1.99 -4.48 -39.60
C ALA A 83 -3.13 -3.50 -39.32
N ASN A 84 -4.37 -3.99 -39.22
CA ASN A 84 -5.52 -3.12 -38.99
C ASN A 84 -5.60 -2.67 -37.54
N THR A 85 -5.25 -3.56 -36.61
CA THR A 85 -5.28 -3.17 -35.21
C THR A 85 -4.25 -2.08 -34.95
N ALA A 86 -3.15 -2.03 -35.71
CA ALA A 86 -2.24 -0.91 -35.55
C ALA A 86 -2.97 0.40 -35.83
N SER A 87 -3.84 0.45 -36.85
CA SER A 87 -4.64 1.66 -37.11
C SER A 87 -5.64 1.90 -35.99
N PHE A 88 -6.30 0.84 -35.51
CA PHE A 88 -7.30 1.02 -34.47
C PHE A 88 -6.66 1.53 -33.20
N PHE A 89 -5.44 1.07 -32.93
CA PHE A 89 -4.67 1.50 -31.78
C PHE A 89 -4.56 3.03 -31.83
N PHE A 90 -4.31 3.59 -33.01
CA PHE A 90 -4.17 5.05 -33.09
C PHE A 90 -5.50 5.78 -33.03
N ILE A 91 -6.55 5.20 -33.58
CA ILE A 91 -7.86 5.82 -33.42
C ILE A 91 -8.19 5.91 -31.93
N CYS A 92 -7.99 4.82 -31.20
CA CYS A 92 -8.33 4.77 -29.80
C CYS A 92 -7.46 5.73 -28.99
N ILE A 93 -6.19 5.85 -29.38
CA ILE A 93 -5.28 6.69 -28.61
C ILE A 93 -5.61 8.16 -28.83
N TYR A 94 -5.99 8.54 -30.06
CA TYR A 94 -6.41 9.91 -30.30
C TYR A 94 -7.70 10.21 -29.57
N ALA A 95 -8.66 9.27 -29.54
CA ALA A 95 -9.90 9.49 -28.81
C ALA A 95 -9.60 9.68 -27.32
N HIS A 96 -8.75 8.81 -26.78
CA HIS A 96 -8.36 8.84 -25.39
C HIS A 96 -7.69 10.16 -25.06
N MET A 97 -6.73 10.60 -25.88
CA MET A 97 -6.10 11.90 -25.66
C MET A 97 -7.08 13.05 -25.86
N GLY A 98 -8.02 12.92 -26.80
CA GLY A 98 -9.02 13.96 -27.00
C GLY A 98 -9.89 14.10 -25.75
N ARG A 99 -10.32 12.97 -25.18
CA ARG A 99 -11.09 12.99 -23.96
C ARG A 99 -10.25 13.69 -22.90
N ASN A 100 -8.98 13.32 -22.78
CA ASN A 100 -8.17 13.87 -21.70
C ASN A 100 -8.05 15.40 -21.84
N ILE A 101 -7.90 15.91 -23.07
CA ILE A 101 -7.76 17.34 -23.23
C ILE A 101 -9.10 18.03 -22.99
N TYR A 102 -10.20 17.49 -23.49
CA TYR A 102 -11.50 18.13 -23.32
C TYR A 102 -11.90 18.19 -21.84
N TYR A 103 -11.63 17.12 -21.09
CA TYR A 103 -12.13 17.05 -19.71
C TYR A 103 -11.08 17.52 -18.73
N GLY A 104 -9.94 18.04 -19.19
CA GLY A 104 -9.04 18.62 -18.23
C GLY A 104 -8.34 17.51 -17.43
N SER A 105 -8.26 16.30 -17.97
CA SER A 105 -7.58 15.22 -17.27
C SER A 105 -6.11 15.52 -17.03
N TYR A 106 -5.54 16.51 -17.72
CA TYR A 106 -4.13 16.78 -17.49
C TYR A 106 -3.93 17.69 -16.27
N LYS A 107 -4.98 18.29 -15.70
CA LYS A 107 -4.80 19.24 -14.61
C LYS A 107 -4.38 18.51 -13.33
N THR A 108 -3.74 19.25 -12.43
CA THR A 108 -3.51 18.74 -11.09
C THR A 108 -4.82 18.17 -10.55
N PRO A 109 -4.85 17.04 -9.83
CA PRO A 109 -3.64 16.33 -9.44
C PRO A 109 -3.29 15.18 -10.39
N ARG A 110 -3.47 15.36 -11.70
CA ARG A 110 -3.20 14.24 -12.58
C ARG A 110 -2.12 14.59 -13.59
N VAL A 111 -1.20 15.49 -13.26
CA VAL A 111 -0.13 15.83 -14.18
C VAL A 111 0.75 14.61 -14.46
N LEU A 112 1.02 13.79 -13.45
CA LEU A 112 1.97 12.72 -13.68
C LEU A 112 1.40 11.64 -14.61
N PRO A 113 0.17 11.10 -14.44
CA PRO A 113 -0.34 10.16 -15.43
C PRO A 113 -0.42 10.76 -16.83
N TRP A 114 -0.74 12.05 -16.94
CA TRP A 114 -0.78 12.68 -18.25
C TRP A 114 0.61 12.70 -18.88
N SER A 115 1.64 13.05 -18.11
CA SER A 115 3.02 13.16 -18.60
C SER A 115 3.58 11.80 -18.98
N ILE A 116 3.30 10.77 -18.18
CA ILE A 116 3.69 9.43 -18.61
C ILE A 116 2.92 9.06 -19.88
N GLY A 117 1.65 9.47 -19.96
CA GLY A 117 0.86 9.25 -21.16
C GLY A 117 1.54 9.83 -22.40
N VAL A 118 2.08 11.04 -22.31
CA VAL A 118 2.77 11.59 -23.47
C VAL A 118 3.92 10.67 -23.92
N ILE A 119 4.67 10.09 -23.00
CA ILE A 119 5.71 9.14 -23.39
C ILE A 119 5.13 7.87 -24.03
N ILE A 120 4.04 7.33 -23.47
CA ILE A 120 3.38 6.20 -24.10
C ILE A 120 3.11 6.52 -25.57
N PHE A 121 2.62 7.74 -25.84
CA PHE A 121 2.25 8.07 -27.21
C PHE A 121 3.47 8.06 -28.13
N LEU A 122 4.59 8.61 -27.65
CA LEU A 122 5.85 8.56 -28.39
C LEU A 122 6.32 7.12 -28.61
N LEU A 123 6.20 6.27 -27.61
CA LEU A 123 6.59 4.87 -27.78
C LEU A 123 5.71 4.17 -28.81
N LEU A 124 4.41 4.49 -28.84
CA LEU A 124 3.52 3.91 -29.84
C LEU A 124 3.99 4.29 -31.24
N ILE A 125 4.37 5.56 -31.41
CA ILE A 125 4.78 6.03 -32.72
C ILE A 125 6.03 5.27 -33.20
N ILE A 126 7.02 5.16 -32.32
CA ILE A 126 8.23 4.45 -32.69
C ILE A 126 7.92 2.98 -32.98
N THR A 127 7.11 2.34 -32.13
CA THR A 127 6.77 0.94 -32.33
C THR A 127 6.15 0.79 -33.71
N ALA A 128 5.18 1.64 -34.06
CA ALA A 128 4.45 1.41 -35.30
C ALA A 128 5.35 1.73 -36.50
N PHE A 129 6.21 2.73 -36.36
CA PHE A 129 7.14 3.06 -37.43
C PHE A 129 8.03 1.85 -37.75
N MET A 130 8.66 1.26 -36.74
CA MET A 130 9.52 0.12 -36.97
C MET A 130 8.73 -1.08 -37.51
N GLY A 131 7.49 -1.29 -37.04
CA GLY A 131 6.77 -2.47 -37.50
C GLY A 131 6.48 -2.35 -38.99
N TYR A 132 6.19 -1.12 -39.45
CA TYR A 132 5.84 -0.95 -40.84
C TYR A 132 7.02 -1.24 -41.76
N VAL A 133 8.24 -0.92 -41.31
CA VAL A 133 9.42 -1.20 -42.11
C VAL A 133 9.59 -2.71 -42.33
N LEU A 134 9.09 -3.55 -41.43
CA LEU A 134 9.43 -4.96 -41.46
C LEU A 134 8.90 -5.67 -42.71
N VAL A 135 7.88 -5.12 -43.35
CA VAL A 135 7.34 -5.74 -44.53
C VAL A 135 8.39 -5.72 -45.63
N PHE A 136 9.20 -4.64 -45.64
CA PHE A 136 10.20 -4.44 -46.66
C PHE A 136 9.57 -4.36 -48.05
N GLY A 137 8.40 -3.70 -48.16
CA GLY A 137 7.91 -3.30 -49.48
C GLY A 137 8.46 -1.91 -49.85
N GLN A 138 7.92 -1.31 -50.92
CA GLN A 138 8.40 0.00 -51.35
C GLN A 138 8.18 1.07 -50.28
N MET A 139 7.01 1.12 -49.66
CA MET A 139 6.77 2.17 -48.69
C MET A 139 7.60 1.92 -47.42
N SER A 140 7.73 0.67 -47.01
CA SER A 140 8.61 0.31 -45.91
C SER A 140 9.98 0.92 -46.10
N LEU A 141 10.62 0.63 -47.24
CA LEU A 141 11.99 1.06 -47.45
C LEU A 141 12.07 2.58 -47.54
N TRP A 142 11.21 3.18 -48.36
CA TRP A 142 11.36 4.59 -48.65
C TRP A 142 10.91 5.44 -47.46
N GLY A 143 9.90 4.97 -46.72
CA GLY A 143 9.52 5.66 -45.50
C GLY A 143 10.65 5.58 -44.49
N ALA A 144 11.29 4.41 -44.33
CA ALA A 144 12.43 4.34 -43.43
C ALA A 144 13.53 5.31 -43.89
N THR A 145 13.79 5.39 -45.19
CA THR A 145 14.87 6.23 -45.66
C THR A 145 14.63 7.70 -45.30
N VAL A 146 13.43 8.19 -45.57
CA VAL A 146 13.13 9.61 -45.41
C VAL A 146 13.07 9.96 -43.92
N ILE A 147 12.49 9.07 -43.12
CA ILE A 147 12.28 9.39 -41.72
C ILE A 147 13.62 9.31 -40.99
N CYS A 148 14.44 8.30 -41.30
CA CYS A 148 15.73 8.19 -40.64
C CYS A 148 16.68 9.31 -41.09
N ASN A 149 16.49 9.87 -42.30
CA ASN A 149 17.36 10.96 -42.71
C ASN A 149 17.05 12.28 -42.01
N LEU A 150 15.94 12.36 -41.27
CA LEU A 150 15.62 13.51 -40.44
C LEU A 150 16.65 13.69 -39.32
N VAL A 151 17.19 12.57 -38.84
CA VAL A 151 18.23 12.54 -37.82
C VAL A 151 19.51 13.20 -38.34
N SER A 152 19.73 13.21 -39.66
CA SER A 152 20.89 13.89 -40.24
C SER A 152 20.89 15.38 -39.90
N ALA A 153 19.77 15.90 -39.37
CA ALA A 153 19.62 17.32 -39.14
C ALA A 153 20.28 17.70 -37.82
N ILE A 154 20.39 16.73 -36.92
CA ILE A 154 21.12 16.93 -35.66
C ILE A 154 22.48 17.50 -36.04
N PRO A 155 22.85 18.66 -35.48
CA PRO A 155 24.08 19.34 -35.89
C PRO A 155 25.31 18.52 -35.51
N TRP A 156 26.36 18.63 -36.34
CA TRP A 156 27.66 18.05 -36.08
C TRP A 156 27.67 16.52 -36.23
N LEU A 157 26.85 15.81 -35.44
CA LEU A 157 26.92 14.35 -35.36
C LEU A 157 25.84 13.64 -36.15
N GLY A 158 24.95 14.39 -36.81
CA GLY A 158 23.72 13.85 -37.37
C GLY A 158 23.94 12.72 -38.37
N GLU A 159 24.86 12.94 -39.32
CA GLU A 159 25.19 11.96 -40.36
C GLU A 159 25.72 10.67 -39.74
N ASP A 160 26.64 10.82 -38.77
CA ASP A 160 27.21 9.69 -38.05
C ASP A 160 26.13 8.93 -37.33
N ILE A 161 25.15 9.65 -36.77
CA ILE A 161 24.10 8.97 -36.03
C ILE A 161 23.25 8.16 -37.00
N VAL A 162 23.02 8.69 -38.20
CA VAL A 162 22.17 7.98 -39.14
C VAL A 162 22.84 6.67 -39.57
N HIS A 163 24.15 6.73 -39.87
CA HIS A 163 24.85 5.54 -40.31
C HIS A 163 24.88 4.51 -39.19
N PHE A 164 24.93 5.01 -37.97
CA PHE A 164 24.92 4.13 -36.83
C PHE A 164 23.55 3.48 -36.67
N LEU A 165 22.46 4.24 -36.87
CA LEU A 165 21.12 3.65 -36.80
C LEU A 165 20.91 2.60 -37.89
N TRP A 166 21.35 2.90 -39.11
CA TRP A 166 21.15 2.01 -40.23
C TRP A 166 22.01 0.76 -40.14
N GLY A 167 23.19 0.88 -39.51
CA GLY A 167 24.19 -0.17 -39.54
C GLY A 167 24.86 -0.25 -40.90
N GLY A 168 24.94 0.87 -41.62
CA GLY A 168 25.51 0.88 -42.94
C GLY A 168 25.25 2.22 -43.59
N PHE A 169 25.25 2.27 -44.93
CA PHE A 169 25.22 3.57 -45.59
C PHE A 169 23.89 3.87 -46.23
N SER A 170 22.99 2.91 -46.13
CA SER A 170 21.62 3.14 -46.54
C SER A 170 20.78 2.14 -45.75
N VAL A 171 19.47 2.22 -45.90
CA VAL A 171 18.58 1.27 -45.26
C VAL A 171 18.75 -0.06 -45.98
N GLY A 172 19.07 -1.10 -45.23
CA GLY A 172 19.28 -2.41 -45.81
C GLY A 172 19.04 -3.51 -44.80
N ASN A 173 19.70 -4.65 -45.00
CA ASN A 173 19.53 -5.79 -44.11
C ASN A 173 19.82 -5.44 -42.65
N PRO A 174 20.96 -4.78 -42.29
CA PRO A 174 21.24 -4.51 -40.88
C PRO A 174 20.10 -3.71 -40.26
N THR A 175 19.49 -2.82 -41.05
CA THR A 175 18.46 -1.96 -40.51
C THR A 175 17.22 -2.78 -40.23
N LEU A 176 16.90 -3.65 -41.16
CA LEU A 176 15.70 -4.45 -41.01
C LEU A 176 15.81 -5.38 -39.80
N GLN A 177 16.97 -6.02 -39.62
CA GLN A 177 17.10 -6.95 -38.51
C GLN A 177 17.09 -6.22 -37.17
N ARG A 178 17.62 -5.01 -37.13
CA ARG A 178 17.56 -4.32 -35.87
C ARG A 178 16.14 -3.81 -35.60
N PHE A 179 15.41 -3.42 -36.65
CA PHE A 179 14.05 -2.96 -36.45
C PHE A 179 13.18 -4.12 -35.98
N PHE A 180 13.47 -5.33 -36.44
CA PHE A 180 12.68 -6.43 -35.93
C PHE A 180 12.89 -6.60 -34.42
N ALA A 181 14.15 -6.54 -33.98
CA ALA A 181 14.41 -6.81 -32.57
C ALA A 181 13.78 -5.71 -31.71
N LEU A 182 13.86 -4.47 -32.18
CA LEU A 182 13.33 -3.35 -31.43
C LEU A 182 11.80 -3.30 -31.50
N HIS A 183 11.22 -3.67 -32.65
CA HIS A 183 9.77 -3.76 -32.75
C HIS A 183 9.24 -4.82 -31.79
N TYR A 184 9.97 -5.90 -31.58
CA TYR A 184 9.49 -6.92 -30.67
C TYR A 184 9.52 -6.36 -29.24
N LEU A 185 10.58 -5.61 -28.92
CA LEU A 185 10.80 -5.12 -27.56
C LEU A 185 9.83 -4.01 -27.18
N MET A 186 9.71 -2.99 -28.04
CA MET A 186 9.03 -1.73 -27.71
C MET A 186 7.64 -1.94 -27.12
N PRO A 187 6.78 -2.85 -27.63
CA PRO A 187 5.48 -3.10 -27.01
C PRO A 187 5.57 -3.53 -25.54
N PHE A 188 6.65 -4.23 -25.13
CA PHE A 188 6.76 -4.59 -23.73
C PHE A 188 7.06 -3.34 -22.90
N VAL A 189 7.89 -2.46 -23.45
CA VAL A 189 8.18 -1.21 -22.78
C VAL A 189 6.89 -0.39 -22.66
N LEU A 190 6.10 -0.37 -23.73
CA LEU A 190 4.87 0.38 -23.77
C LEU A 190 3.87 -0.17 -22.73
N ALA A 191 3.79 -1.49 -22.58
CA ALA A 191 2.93 -2.06 -21.55
C ALA A 191 3.36 -1.64 -20.14
N VAL A 192 4.67 -1.58 -19.90
CA VAL A 192 5.14 -1.09 -18.60
C VAL A 192 4.70 0.36 -18.40
N PHE A 193 4.90 1.22 -19.39
CA PHE A 193 4.51 2.61 -19.16
C PHE A 193 3.00 2.77 -19.02
N ALA A 194 2.24 1.90 -19.69
CA ALA A 194 0.80 1.96 -19.53
C ALA A 194 0.46 1.63 -18.09
N LEU A 195 1.13 0.61 -17.55
CA LEU A 195 0.86 0.28 -16.17
C LEU A 195 1.29 1.43 -15.24
N LEU A 196 2.46 2.01 -15.51
CA LEU A 196 2.91 3.13 -14.68
C LEU A 196 1.91 4.27 -14.68
N HIS A 197 1.31 4.60 -15.84
CA HIS A 197 0.44 5.76 -15.83
C HIS A 197 -0.83 5.46 -15.03
N LEU A 198 -1.24 4.18 -14.95
CA LEU A 198 -2.39 3.85 -14.13
C LEU A 198 -2.04 3.82 -12.65
N ILE A 199 -0.84 3.37 -12.30
CA ILE A 199 -0.45 3.46 -10.91
C ILE A 199 -0.40 4.93 -10.52
N ALA A 200 0.18 5.79 -11.35
CA ALA A 200 0.18 7.20 -11.00
C ALA A 200 -1.25 7.73 -10.87
N LEU A 201 -2.18 7.29 -11.71
CA LEU A 201 -3.53 7.81 -11.64
C LEU A 201 -4.22 7.39 -10.34
N HIS A 202 -3.81 6.25 -9.78
CA HIS A 202 -4.60 5.60 -8.75
C HIS A 202 -4.58 6.42 -7.47
N THR A 203 -3.62 7.36 -7.38
CA THR A 203 -3.59 8.24 -6.22
C THR A 203 -4.75 9.23 -6.19
N ALA A 204 -5.16 9.80 -7.34
CA ALA A 204 -6.28 10.74 -7.38
C ALA A 204 -7.57 10.05 -7.80
N GLY A 205 -7.47 8.87 -8.43
CA GLY A 205 -8.60 8.26 -9.13
C GLY A 205 -8.90 8.95 -10.47
N SER A 206 -9.75 8.29 -11.26
CA SER A 206 -10.31 8.84 -12.48
C SER A 206 -10.96 10.20 -12.23
N SER A 207 -10.80 11.11 -13.20
CA SER A 207 -11.60 12.30 -13.23
C SER A 207 -12.99 11.89 -13.74
N ASN A 208 -13.90 12.83 -13.94
CA ASN A 208 -15.23 12.48 -14.42
C ASN A 208 -15.71 13.62 -15.30
N PRO A 209 -16.79 13.44 -16.10
CA PRO A 209 -17.18 14.48 -17.03
C PRO A 209 -17.62 15.79 -16.41
N LEU A 210 -17.96 15.85 -15.11
CA LEU A 210 -18.37 17.12 -14.53
C LEU A 210 -17.14 17.90 -14.05
N GLY A 211 -16.01 17.23 -13.87
CA GLY A 211 -14.83 17.94 -13.39
C GLY A 211 -14.80 18.14 -11.87
N ILE A 212 -15.77 17.60 -11.13
CA ILE A 212 -15.83 17.78 -9.69
C ILE A 212 -15.25 16.53 -9.03
N THR A 213 -15.16 16.55 -7.70
CA THR A 213 -14.71 15.37 -6.96
C THR A 213 -15.74 14.25 -7.09
N SER A 214 -15.26 13.01 -7.11
CA SER A 214 -16.18 11.89 -7.02
C SER A 214 -16.05 11.21 -5.66
N ASN A 215 -15.24 11.78 -4.75
CA ASN A 215 -15.08 11.16 -3.44
C ASN A 215 -16.43 11.05 -2.72
N VAL A 216 -17.42 11.85 -3.14
CA VAL A 216 -18.74 11.84 -2.53
C VAL A 216 -19.56 10.61 -2.96
N ASP A 217 -19.25 9.96 -4.09
CA ASP A 217 -20.14 8.99 -4.73
C ASP A 217 -19.39 8.01 -5.64
N LYS A 218 -18.91 6.92 -5.06
CA LYS A 218 -18.06 6.02 -5.82
C LYS A 218 -18.82 4.74 -6.14
N LEU A 219 -18.39 4.07 -7.21
CA LEU A 219 -18.93 2.79 -7.65
C LEU A 219 -17.75 1.85 -7.83
N SER A 220 -17.91 0.58 -7.51
CA SER A 220 -16.85 -0.39 -7.76
C SER A 220 -16.62 -0.51 -9.27
N MET A 221 -15.37 -0.70 -9.67
CA MET A 221 -15.00 -0.97 -11.04
C MET A 221 -15.78 -2.17 -11.57
N HIS A 222 -15.88 -3.24 -10.78
CA HIS A 222 -16.66 -4.40 -11.17
C HIS A 222 -17.84 -4.46 -10.21
N PRO A 223 -19.09 -4.75 -10.65
CA PRO A 223 -19.39 -5.05 -12.05
C PRO A 223 -19.67 -3.89 -13.01
N TYR A 224 -19.74 -2.66 -12.53
CA TYR A 224 -20.30 -1.58 -13.33
C TYR A 224 -19.47 -1.28 -14.56
N TYR A 225 -18.18 -1.03 -14.39
CA TYR A 225 -17.40 -0.60 -15.53
C TYR A 225 -16.89 -1.80 -16.33
N SER A 226 -16.70 -2.96 -15.69
CA SER A 226 -16.47 -4.21 -16.42
C SER A 226 -17.52 -4.41 -17.51
N PHE A 227 -18.80 -4.32 -17.13
CA PHE A 227 -19.86 -4.60 -18.08
C PHE A 227 -20.01 -3.45 -19.06
N LYS A 228 -19.73 -2.23 -18.62
CA LYS A 228 -19.78 -1.12 -19.57
C LYS A 228 -18.66 -1.24 -20.62
N ASP A 229 -17.48 -1.71 -20.22
CA ASP A 229 -16.37 -1.92 -21.13
C ASP A 229 -16.66 -3.00 -22.17
N LEU A 230 -17.45 -4.04 -21.82
CA LEU A 230 -17.79 -5.10 -22.76
C LEU A 230 -18.57 -4.54 -23.95
N ILE A 231 -19.44 -3.56 -23.72
CA ILE A 231 -20.18 -3.00 -24.83
C ILE A 231 -19.20 -2.49 -25.88
N THR A 232 -18.19 -1.72 -25.46
CA THR A 232 -17.36 -1.15 -26.48
C THR A 232 -16.37 -2.18 -26.99
N VAL A 233 -16.05 -3.21 -26.19
CA VAL A 233 -15.25 -4.29 -26.74
C VAL A 233 -15.98 -4.87 -27.95
N PHE A 234 -17.30 -5.15 -27.84
CA PHE A 234 -18.00 -5.75 -28.97
C PHE A 234 -18.21 -4.74 -30.09
N ALA A 235 -18.38 -3.46 -29.77
CA ALA A 235 -18.46 -2.48 -30.85
C ALA A 235 -17.14 -2.43 -31.61
N PHE A 236 -16.03 -2.46 -30.87
CA PHE A 236 -14.74 -2.48 -31.51
C PHE A 236 -14.58 -3.72 -32.38
N LEU A 237 -14.95 -4.90 -31.86
CA LEU A 237 -14.81 -6.14 -32.61
C LEU A 237 -15.64 -6.13 -33.89
N LEU A 238 -16.77 -5.44 -33.90
CA LEU A 238 -17.56 -5.31 -35.10
C LEU A 238 -16.83 -4.47 -36.14
N MET A 239 -16.26 -3.34 -35.72
CA MET A 239 -15.46 -2.52 -36.62
C MET A 239 -14.26 -3.33 -37.14
N PHE A 240 -13.61 -4.07 -36.23
CA PHE A 240 -12.44 -4.84 -36.57
C PHE A 240 -12.82 -5.88 -37.63
N THR A 241 -13.94 -6.57 -37.40
CA THR A 241 -14.47 -7.57 -38.32
C THR A 241 -14.68 -6.97 -39.70
N LEU A 242 -15.29 -5.79 -39.79
CA LEU A 242 -15.56 -5.23 -41.10
C LEU A 242 -14.27 -4.92 -41.86
N PHE A 243 -13.23 -4.47 -41.17
CA PHE A 243 -11.97 -4.23 -41.88
C PHE A 243 -11.26 -5.54 -42.16
N VAL A 244 -11.05 -6.37 -41.15
CA VAL A 244 -10.20 -7.53 -41.35
C VAL A 244 -10.83 -8.52 -42.33
N PHE A 245 -12.16 -8.71 -42.29
CA PHE A 245 -12.72 -9.75 -43.13
C PHE A 245 -13.23 -9.22 -44.47
N PHE A 246 -13.66 -7.95 -44.51
CA PHE A 246 -14.36 -7.48 -45.70
C PHE A 246 -13.56 -6.43 -46.48
N SER A 247 -12.63 -5.73 -45.83
CA SER A 247 -11.89 -4.71 -46.55
C SER A 247 -10.48 -4.63 -45.98
N PRO A 248 -9.71 -5.74 -45.97
CA PRO A 248 -8.50 -5.79 -45.15
C PRO A 248 -7.40 -4.84 -45.58
N ASP A 249 -7.50 -4.25 -46.78
CA ASP A 249 -6.43 -3.42 -47.31
C ASP A 249 -6.84 -1.97 -47.45
N LYS A 250 -8.03 -1.60 -46.97
CA LYS A 250 -8.53 -0.25 -47.12
C LYS A 250 -7.58 0.80 -46.51
N LEU A 251 -6.94 0.47 -45.38
CA LEU A 251 -6.18 1.49 -44.66
C LEU A 251 -4.72 1.50 -45.09
N GLY A 252 -4.37 0.62 -46.04
CA GLY A 252 -2.97 0.45 -46.41
C GLY A 252 -2.62 1.14 -47.74
N HIS A 253 -1.34 1.06 -48.09
CA HIS A 253 -0.83 1.64 -49.32
C HIS A 253 -0.48 0.50 -50.28
N PRO A 254 -1.06 0.46 -51.49
CA PRO A 254 -0.75 -0.58 -52.49
C PRO A 254 0.74 -0.76 -52.78
N ASP A 255 1.52 0.31 -52.63
CA ASP A 255 2.93 0.22 -52.96
C ASP A 255 3.66 -0.68 -52.00
N ASN A 256 3.06 -0.98 -50.85
CA ASN A 256 3.77 -1.86 -49.95
C ASN A 256 3.59 -3.31 -50.36
N TYR A 257 2.90 -3.56 -51.49
CA TYR A 257 2.89 -4.90 -52.04
C TYR A 257 3.87 -5.00 -53.20
N ILE A 258 4.69 -3.97 -53.37
CA ILE A 258 5.81 -4.10 -54.30
C ILE A 258 7.06 -4.33 -53.47
N PRO A 259 7.94 -5.32 -53.74
CA PRO A 259 9.17 -5.48 -52.93
C PRO A 259 10.07 -4.25 -52.96
N ALA A 260 10.71 -3.92 -51.82
CA ALA A 260 11.57 -2.76 -51.71
C ALA A 260 12.57 -2.74 -52.88
N ASN A 261 12.75 -1.57 -53.49
CA ASN A 261 13.70 -1.42 -54.59
C ASN A 261 14.43 -0.10 -54.39
N PRO A 262 15.70 -0.10 -53.97
CA PRO A 262 16.41 1.16 -53.73
C PRO A 262 16.60 2.07 -54.94
N MET A 263 16.47 1.49 -56.14
CA MET A 263 16.61 2.24 -57.38
C MET A 263 15.35 3.05 -57.65
N VAL A 264 14.21 2.37 -57.81
CA VAL A 264 12.96 3.03 -58.10
C VAL A 264 12.40 3.74 -56.87
N THR A 265 12.09 5.04 -57.04
CA THR A 265 11.45 5.83 -56.01
C THR A 265 9.96 5.85 -56.26
N PRO A 266 9.12 5.56 -55.24
CA PRO A 266 7.66 5.61 -55.40
C PRO A 266 7.23 7.02 -55.72
N ALA A 267 6.10 7.14 -56.42
CA ALA A 267 5.51 8.41 -56.83
C ALA A 267 5.44 9.37 -55.64
N SER A 268 4.82 8.93 -54.54
CA SER A 268 4.74 9.70 -53.32
C SER A 268 5.08 8.84 -52.10
N ILE A 269 5.97 9.38 -51.28
CA ILE A 269 6.34 8.74 -50.03
C ILE A 269 5.57 9.49 -48.94
N VAL A 270 4.57 8.83 -48.37
CA VAL A 270 3.84 9.42 -47.25
C VAL A 270 3.88 8.45 -46.09
N PRO A 271 3.83 8.94 -44.84
CA PRO A 271 3.70 8.04 -43.69
C PRO A 271 2.30 7.43 -43.64
N GLU A 272 2.17 6.42 -42.79
CA GLU A 272 0.86 5.91 -42.39
C GLU A 272 -0.02 7.05 -41.89
N TRP A 273 -1.33 6.91 -42.10
CA TRP A 273 -2.25 8.01 -41.90
C TRP A 273 -2.08 8.60 -40.50
N TYR A 274 -1.79 7.76 -39.50
CA TYR A 274 -1.84 8.28 -38.15
C TYR A 274 -0.67 9.21 -37.86
N LEU A 275 0.33 9.24 -38.74
CA LEU A 275 1.46 10.15 -38.54
C LEU A 275 1.30 11.40 -39.39
N LEU A 276 0.25 11.46 -40.21
CA LEU A 276 0.19 12.53 -41.20
C LEU A 276 0.21 13.92 -40.59
N PRO A 277 -0.49 14.22 -39.47
CA PRO A 277 -0.48 15.60 -38.99
C PRO A 277 0.91 16.08 -38.62
N PHE A 278 1.75 15.17 -38.11
CA PHE A 278 3.09 15.53 -37.68
C PHE A 278 3.96 15.79 -38.89
N TYR A 279 3.67 15.05 -39.96
CA TYR A 279 4.37 15.27 -41.21
C TYR A 279 4.00 16.63 -41.81
N ALA A 280 2.72 17.01 -41.75
CA ALA A 280 2.37 18.33 -42.26
C ALA A 280 3.07 19.43 -41.45
N ILE A 281 3.22 19.23 -40.14
CA ILE A 281 3.86 20.24 -39.33
C ILE A 281 5.32 20.37 -39.74
N LEU A 282 5.98 19.23 -39.99
CA LEU A 282 7.37 19.24 -40.42
C LEU A 282 7.52 20.01 -41.74
N ARG A 283 6.69 19.69 -42.74
CA ARG A 283 6.75 20.36 -44.03
C ARG A 283 6.57 21.88 -43.91
N ALA A 284 5.82 22.35 -42.91
CA ALA A 284 5.47 23.76 -42.83
C ALA A 284 6.72 24.61 -42.61
N ILE A 285 7.71 24.08 -41.88
CA ILE A 285 8.90 24.84 -41.59
C ILE A 285 9.89 24.59 -42.73
N PRO A 286 10.40 25.63 -43.43
CA PRO A 286 11.32 25.38 -44.55
C PRO A 286 12.67 24.74 -44.19
N ASP A 287 13.25 25.17 -43.07
CA ASP A 287 14.49 24.60 -42.54
C ASP A 287 14.32 23.12 -42.17
N LYS A 288 15.36 22.31 -42.45
CA LYS A 288 15.38 20.89 -42.12
C LYS A 288 15.33 20.70 -40.60
N LEU A 289 16.28 21.32 -39.87
CA LEU A 289 16.34 21.16 -38.44
C LEU A 289 15.12 21.79 -37.77
N GLY A 290 14.73 22.97 -38.28
CA GLY A 290 13.51 23.66 -37.85
C GLY A 290 12.31 22.72 -37.90
N GLY A 291 12.16 22.06 -39.06
CA GLY A 291 11.04 21.17 -39.27
C GLY A 291 11.06 20.00 -38.29
N VAL A 292 12.25 19.49 -37.99
CA VAL A 292 12.35 18.35 -37.08
C VAL A 292 11.95 18.79 -35.67
N ILE A 293 12.45 19.95 -35.27
CA ILE A 293 12.16 20.47 -33.94
C ILE A 293 10.66 20.69 -33.80
N ALA A 294 10.04 21.34 -34.80
CA ALA A 294 8.61 21.63 -34.75
C ALA A 294 7.83 20.34 -34.62
N MET A 295 8.27 19.30 -35.33
CA MET A 295 7.52 18.07 -35.35
C MET A 295 7.58 17.41 -33.98
N VAL A 296 8.75 17.45 -33.34
CA VAL A 296 8.90 16.87 -32.01
C VAL A 296 8.14 17.71 -30.99
N ALA A 297 8.32 19.03 -31.09
CA ALA A 297 7.66 20.01 -30.23
C ALA A 297 6.13 19.86 -30.29
N ALA A 298 5.59 19.46 -31.45
CA ALA A 298 4.15 19.29 -31.59
C ALA A 298 3.65 18.20 -30.64
N ILE A 299 4.52 17.26 -30.29
CA ILE A 299 4.09 16.27 -29.33
C ILE A 299 4.48 16.71 -27.93
N LEU A 300 5.70 17.22 -27.78
CA LEU A 300 6.17 17.55 -26.44
C LEU A 300 5.38 18.71 -25.84
N ILE A 301 4.80 19.58 -26.67
CA ILE A 301 4.03 20.70 -26.17
C ILE A 301 2.81 20.25 -25.35
N LEU A 302 2.34 19.01 -25.53
CA LEU A 302 1.27 18.49 -24.69
C LEU A 302 1.66 18.56 -23.21
N LEU A 303 2.96 18.51 -22.91
CA LEU A 303 3.43 18.54 -21.53
C LEU A 303 3.17 19.87 -20.86
N ILE A 304 2.86 20.93 -21.62
CA ILE A 304 2.69 22.21 -20.97
C ILE A 304 1.22 22.53 -20.74
N LEU A 305 0.31 21.68 -21.20
CA LEU A 305 -1.11 21.95 -20.93
C LEU A 305 -1.37 22.24 -19.45
N PRO A 306 -0.80 21.50 -18.47
CA PRO A 306 -1.08 21.78 -17.06
C PRO A 306 -0.72 23.22 -16.67
N ILE A 307 0.19 23.86 -17.39
CA ILE A 307 0.59 25.22 -17.10
C ILE A 307 -0.25 26.26 -17.84
N VAL A 308 -0.48 26.06 -19.14
CA VAL A 308 -1.10 27.10 -19.95
C VAL A 308 -2.59 27.17 -19.72
N ASP A 309 -3.21 26.08 -19.22
CA ASP A 309 -4.62 26.15 -18.86
C ASP A 309 -4.77 26.89 -17.53
N ARG A 310 -5.31 28.11 -17.54
CA ARG A 310 -5.35 28.91 -16.33
C ARG A 310 -6.69 28.78 -15.62
N SER A 311 -7.54 27.84 -16.04
CA SER A 311 -8.92 27.84 -15.55
C SER A 311 -8.95 27.45 -14.09
N ILE A 312 -9.90 27.96 -13.33
CA ILE A 312 -10.09 27.48 -11.97
C ILE A 312 -11.04 26.27 -11.98
N ILE A 313 -11.52 25.86 -13.16
CA ILE A 313 -12.49 24.77 -13.25
C ILE A 313 -11.92 23.67 -14.14
N ARG A 314 -12.12 22.40 -13.79
CA ARG A 314 -11.51 21.33 -14.58
C ARG A 314 -12.45 20.97 -15.71
N GLY A 315 -11.98 21.04 -16.96
CA GLY A 315 -12.65 20.42 -18.10
C GLY A 315 -13.62 21.38 -18.78
N ASN A 316 -14.21 20.97 -19.89
CA ASN A 316 -14.90 21.93 -20.74
C ASN A 316 -16.41 21.79 -20.67
N ALA A 317 -16.93 20.83 -19.90
CA ALA A 317 -18.38 20.61 -19.91
C ALA A 317 -19.18 21.91 -19.74
N PHE A 318 -18.68 22.86 -18.94
CA PHE A 318 -19.43 24.07 -18.62
C PHE A 318 -18.77 25.29 -19.21
N LYS A 319 -17.94 25.14 -20.24
CA LYS A 319 -17.22 26.30 -20.73
C LYS A 319 -17.51 26.45 -22.22
N PRO A 320 -18.58 27.18 -22.61
CA PRO A 320 -18.90 27.32 -24.03
C PRO A 320 -17.78 27.82 -24.94
N ILE A 321 -16.99 28.80 -24.50
CA ILE A 321 -15.94 29.30 -25.38
C ILE A 321 -14.81 28.29 -25.50
N SER A 322 -14.40 27.69 -24.38
CA SER A 322 -13.40 26.62 -24.46
C SER A 322 -13.87 25.50 -25.37
N LYS A 323 -15.17 25.18 -25.35
CA LYS A 323 -15.66 24.10 -26.18
C LYS A 323 -15.51 24.44 -27.65
N LEU A 324 -15.77 25.70 -28.01
CA LEU A 324 -15.64 26.11 -29.40
C LEU A 324 -14.18 26.05 -29.83
N LEU A 325 -13.29 26.58 -28.97
CA LEU A 325 -11.89 26.53 -29.29
C LEU A 325 -11.43 25.08 -29.44
N PHE A 326 -11.92 24.18 -28.59
CA PHE A 326 -11.46 22.80 -28.66
C PHE A 326 -11.88 22.20 -30.01
N GLY A 327 -13.10 22.53 -30.45
CA GLY A 327 -13.63 22.03 -31.70
C GLY A 327 -12.77 22.48 -32.88
N PHE A 328 -12.37 23.77 -32.89
CA PHE A 328 -11.45 24.25 -33.92
C PHE A 328 -10.09 23.56 -33.87
N PHE A 329 -9.56 23.37 -32.66
CA PHE A 329 -8.29 22.69 -32.49
C PHE A 329 -8.38 21.28 -33.07
N ILE A 330 -9.44 20.53 -32.77
CA ILE A 330 -9.55 19.17 -33.28
C ILE A 330 -9.64 19.14 -34.81
N CYS A 331 -10.49 20.01 -35.38
CA CYS A 331 -10.69 20.00 -36.83
C CYS A 331 -9.42 20.44 -37.56
N ASN A 332 -8.69 21.38 -36.96
CA ASN A 332 -7.39 21.78 -37.49
C ASN A 332 -6.43 20.59 -37.49
N PHE A 333 -6.45 19.79 -36.43
CA PHE A 333 -5.56 18.64 -36.39
C PHE A 333 -5.93 17.63 -37.48
N LEU A 334 -7.22 17.48 -37.80
CA LEU A 334 -7.62 16.61 -38.89
C LEU A 334 -7.21 17.20 -40.24
N LEU A 335 -7.38 18.53 -40.42
CA LEU A 335 -6.93 19.17 -41.65
C LEU A 335 -5.42 19.00 -41.84
N LEU A 336 -4.62 19.19 -40.78
CA LEU A 336 -3.19 18.92 -40.87
C LEU A 336 -2.97 17.50 -41.37
N GLY A 337 -3.77 16.54 -40.88
CA GLY A 337 -3.64 15.17 -41.34
C GLY A 337 -3.88 15.05 -42.85
N VAL A 338 -4.96 15.64 -43.35
CA VAL A 338 -5.20 15.63 -44.77
C VAL A 338 -4.07 16.32 -45.52
N LEU A 339 -3.54 17.44 -45.02
CA LEU A 339 -2.47 18.13 -45.74
C LEU A 339 -1.16 17.36 -45.72
N GLY A 340 -1.05 16.40 -44.80
CA GLY A 340 0.15 15.58 -44.74
C GLY A 340 0.26 14.65 -45.94
N GLN A 341 -0.84 14.41 -46.68
CA GLN A 341 -0.77 13.48 -47.80
C GLN A 341 -1.13 14.11 -49.14
N VAL A 342 -1.32 15.44 -49.20
CA VAL A 342 -1.39 16.11 -50.48
C VAL A 342 0.03 16.29 -51.04
N HIS A 343 0.12 16.62 -52.33
CA HIS A 343 1.41 16.94 -52.93
C HIS A 343 1.84 18.32 -52.46
N ILE A 344 3.15 18.54 -52.37
CA ILE A 344 3.68 19.86 -52.04
C ILE A 344 3.44 20.81 -53.20
N GLU A 345 2.25 21.42 -53.21
CA GLU A 345 1.79 22.21 -54.33
C GLU A 345 0.96 23.39 -53.81
N PRO A 346 0.82 24.51 -54.54
CA PRO A 346 -0.15 25.53 -54.16
C PRO A 346 -1.58 25.01 -54.28
N PRO A 347 -2.52 25.44 -53.43
CA PRO A 347 -2.24 26.34 -52.32
C PRO A 347 -2.04 25.60 -50.99
N PHE A 348 -1.67 24.33 -51.07
CA PHE A 348 -1.59 23.56 -49.84
C PHE A 348 -0.37 23.93 -49.03
N ILE A 349 0.60 24.60 -49.65
CA ILE A 349 1.81 24.90 -48.91
C ILE A 349 1.53 25.94 -47.83
N VAL A 350 0.88 27.04 -48.22
CA VAL A 350 0.54 28.11 -47.30
C VAL A 350 -0.52 27.66 -46.29
N LEU A 351 -1.52 26.89 -46.76
CA LEU A 351 -2.51 26.34 -45.86
C LEU A 351 -1.84 25.53 -44.74
N GLY A 352 -0.81 24.75 -45.08
CA GLY A 352 -0.17 23.91 -44.09
C GLY A 352 0.53 24.75 -43.02
N GLN A 353 1.01 25.92 -43.44
CA GLN A 353 1.69 26.84 -42.54
C GLN A 353 0.70 27.54 -41.62
N ILE A 354 -0.45 27.95 -42.17
CA ILE A 354 -1.44 28.55 -41.31
C ILE A 354 -1.96 27.53 -40.30
N CYS A 355 -2.29 26.32 -40.75
CA CYS A 355 -2.72 25.29 -39.80
C CYS A 355 -1.66 24.97 -38.77
N THR A 356 -0.38 24.99 -39.15
CA THR A 356 0.68 24.74 -38.18
C THR A 356 0.74 25.84 -37.12
N ILE A 357 0.57 27.10 -37.55
CA ILE A 357 0.56 28.19 -36.60
C ILE A 357 -0.62 28.05 -35.66
N PHE A 358 -1.78 27.70 -36.22
CA PHE A 358 -2.91 27.56 -35.34
C PHE A 358 -2.71 26.43 -34.33
N TYR A 359 -2.11 25.31 -34.76
CA TYR A 359 -1.86 24.21 -33.85
C TYR A 359 -1.07 24.71 -32.63
N PHE A 360 0.01 25.46 -32.86
CA PHE A 360 0.87 25.86 -31.75
C PHE A 360 0.24 27.00 -30.94
N SER A 361 -0.56 27.84 -31.60
CA SER A 361 -1.10 29.00 -30.91
C SER A 361 -2.22 28.58 -29.96
N TYR A 362 -2.79 27.40 -30.17
CA TYR A 362 -3.76 26.89 -29.22
C TYR A 362 -3.10 26.76 -27.86
N PHE A 363 -1.93 26.12 -27.82
CA PHE A 363 -1.24 25.95 -26.55
C PHE A 363 -0.68 27.28 -26.03
N LEU A 364 -0.18 28.12 -26.92
CA LEU A 364 0.68 29.17 -26.40
C LEU A 364 -0.09 30.45 -26.16
N ILE A 365 -1.21 30.64 -26.87
CA ILE A 365 -1.88 31.92 -26.81
C ILE A 365 -3.35 31.71 -26.47
N LEU A 366 -4.05 30.91 -27.26
CA LEU A 366 -5.51 30.92 -27.21
C LEU A 366 -6.01 30.30 -25.92
N LEU A 367 -5.48 29.14 -25.55
CA LEU A 367 -5.98 28.49 -24.34
C LEU A 367 -5.67 29.35 -23.12
N PRO A 368 -4.44 29.88 -22.92
CA PRO A 368 -4.24 30.78 -21.80
C PRO A 368 -5.15 32.02 -21.84
N MET A 369 -5.44 32.59 -23.01
CA MET A 369 -6.32 33.76 -23.03
C MET A 369 -7.76 33.36 -22.69
N VAL A 370 -8.25 32.31 -23.34
CA VAL A 370 -9.65 31.95 -23.19
C VAL A 370 -9.91 31.49 -21.77
N SER A 371 -8.96 30.72 -21.21
CA SER A 371 -9.18 30.23 -19.87
C SER A 371 -9.14 31.37 -18.84
N THR A 372 -8.32 32.40 -19.08
CA THR A 372 -8.30 33.58 -18.20
C THR A 372 -9.61 34.34 -18.24
N ILE A 373 -10.12 34.61 -19.45
CA ILE A 373 -11.37 35.33 -19.62
C ILE A 373 -12.54 34.52 -19.05
N GLU A 374 -12.54 33.21 -19.25
CA GLU A 374 -13.68 32.47 -18.71
C GLU A 374 -13.72 32.50 -17.19
N ASN A 375 -12.54 32.49 -16.54
CA ASN A 375 -12.49 32.63 -15.09
C ASN A 375 -13.25 33.89 -14.68
N ILE A 376 -12.96 35.01 -15.36
CA ILE A 376 -13.59 36.28 -15.01
C ILE A 376 -15.08 36.23 -15.31
N PHE A 377 -15.47 35.62 -16.43
CA PHE A 377 -16.88 35.51 -16.78
C PHE A 377 -17.65 34.70 -15.75
N PHE A 378 -17.08 33.59 -15.25
CA PHE A 378 -17.78 32.80 -14.24
C PHE A 378 -18.00 33.60 -12.96
N TYR A 379 -16.99 34.37 -12.56
CA TYR A 379 -17.10 35.11 -11.33
C TYR A 379 -18.08 36.27 -11.48
N ILE A 380 -17.91 37.09 -12.52
CA ILE A 380 -18.79 38.22 -12.66
C ILE A 380 -20.21 37.76 -12.99
N GLY A 381 -20.32 36.72 -13.81
CA GLY A 381 -21.61 36.26 -14.30
C GLY A 381 -22.48 35.72 -13.19
N SER A 382 -21.86 35.22 -12.11
CA SER A 382 -22.65 34.60 -11.06
C SER A 382 -22.76 35.49 -9.82
N LEU A 383 -22.16 36.70 -9.85
CA LEU A 383 -22.32 37.66 -8.76
C LEU A 383 -23.79 38.01 -8.58
N GLY B 39 27.46 -2.93 32.10
CA GLY B 39 26.82 -3.95 33.00
C GLY B 39 25.47 -3.48 33.56
N LYS B 40 25.41 -2.19 33.95
CA LYS B 40 24.19 -1.57 34.47
C LYS B 40 24.10 -0.10 34.05
N SER B 41 25.09 0.74 34.36
CA SER B 41 25.00 2.16 34.02
C SER B 41 25.04 2.34 32.51
N THR B 42 24.08 3.08 31.95
CA THR B 42 24.11 3.28 30.51
C THR B 42 24.94 4.50 30.13
N TYR B 43 25.51 5.23 31.10
CA TYR B 43 26.35 6.38 30.81
C TYR B 43 27.80 5.94 30.69
N LYS B 44 28.09 4.72 31.08
CA LYS B 44 29.44 4.26 30.86
C LYS B 44 29.49 3.62 29.48
N ILE B 45 30.08 4.32 28.50
CA ILE B 45 30.05 3.84 27.13
C ILE B 45 30.86 2.55 27.08
N PRO B 46 30.38 1.50 26.39
CA PRO B 46 31.18 0.31 26.17
C PRO B 46 32.52 0.63 25.51
N ASP B 47 33.45 -0.32 25.57
CA ASP B 47 34.80 -0.03 25.14
C ASP B 47 34.89 -0.05 23.62
N PHE B 48 35.25 1.10 23.02
CA PHE B 48 35.43 1.17 21.59
C PHE B 48 36.88 1.41 21.19
N THR B 49 37.80 1.38 22.17
CA THR B 49 39.23 1.62 21.95
C THR B 49 39.84 0.69 20.90
N PRO B 50 39.53 -0.64 20.84
CA PRO B 50 40.01 -1.46 19.73
C PRO B 50 39.69 -0.95 18.31
N TYR B 51 38.71 -0.05 18.17
CA TYR B 51 38.30 0.39 16.84
C TYR B 51 38.55 1.87 16.58
N LEU B 52 38.61 2.70 17.63
CA LEU B 52 38.62 4.13 17.46
C LEU B 52 39.93 4.60 16.83
N LYS B 53 39.87 5.48 15.81
CA LYS B 53 41.05 6.18 15.35
C LYS B 53 41.29 7.43 16.19
N LYS B 54 42.56 7.73 16.49
CA LYS B 54 42.90 8.96 17.20
C LYS B 54 42.60 10.20 16.34
N ASP B 55 42.92 10.14 15.03
CA ASP B 55 42.74 11.31 14.17
C ASP B 55 41.40 11.34 13.45
N ARG B 56 40.33 10.87 14.09
CA ARG B 56 39.04 10.74 13.43
C ARG B 56 38.43 12.06 12.96
N ASN B 57 38.83 13.19 13.54
CA ASN B 57 38.17 14.45 13.22
C ASN B 57 38.91 15.24 12.14
N THR B 58 40.07 14.74 11.69
CA THR B 58 40.93 15.46 10.76
C THR B 58 40.42 15.36 9.32
N ASP B 59 40.77 16.36 8.51
CA ASP B 59 40.51 16.35 7.08
C ASP B 59 41.24 15.20 6.39
N ALA B 60 42.45 14.89 6.84
CA ALA B 60 43.22 13.82 6.25
C ALA B 60 42.46 12.51 6.39
N ASN B 61 41.82 12.32 7.56
CA ASN B 61 41.09 11.09 7.82
C ASN B 61 39.92 10.96 6.85
N ARG B 62 39.14 12.02 6.67
CA ARG B 62 38.00 11.92 5.78
C ARG B 62 38.43 11.76 4.33
N LEU B 63 39.48 12.51 3.97
CA LEU B 63 39.99 12.53 2.61
C LEU B 63 40.42 11.12 2.21
N PHE B 64 40.99 10.36 3.14
CA PHE B 64 41.40 9.03 2.74
C PHE B 64 40.20 8.18 2.32
N SER B 65 39.12 8.23 3.10
CA SER B 65 38.00 7.37 2.74
C SER B 65 37.34 7.87 1.45
N TYR B 66 37.39 9.19 1.19
CA TYR B 66 36.82 9.71 -0.05
C TYR B 66 37.71 9.40 -1.24
N PHE B 67 39.01 9.17 -0.96
CA PHE B 67 39.89 8.71 -2.01
C PHE B 67 39.51 7.30 -2.46
N MET B 68 39.17 6.43 -1.50
CA MET B 68 38.72 5.09 -1.83
C MET B 68 37.38 5.14 -2.58
N ILE B 69 36.42 5.93 -2.08
CA ILE B 69 35.13 6.05 -2.75
C ILE B 69 35.34 6.64 -4.15
N GLY B 70 36.18 7.67 -4.25
CA GLY B 70 36.46 8.33 -5.52
C GLY B 70 37.11 7.41 -6.55
N SER B 71 38.10 6.60 -6.13
CA SER B 71 38.78 5.65 -6.99
C SER B 71 37.80 4.62 -7.51
N PHE B 72 36.90 4.22 -6.63
CA PHE B 72 35.92 3.23 -7.00
C PHE B 72 34.95 3.84 -8.01
N GLY B 73 34.56 5.11 -7.79
CA GLY B 73 33.69 5.77 -8.74
C GLY B 73 34.41 5.97 -10.07
N MET B 74 35.74 6.16 -9.98
CA MET B 74 36.52 6.47 -11.16
C MET B 74 36.61 5.22 -12.02
N LEU B 75 36.94 4.07 -11.40
CA LEU B 75 37.03 2.83 -12.14
C LEU B 75 35.68 2.40 -12.68
N SER B 76 34.61 2.67 -11.92
CA SER B 76 33.27 2.34 -12.38
C SER B 76 32.89 3.18 -13.59
N ALA B 77 33.26 4.48 -13.59
CA ALA B 77 33.02 5.34 -14.75
C ALA B 77 33.85 4.88 -15.96
N ALA B 78 35.13 4.55 -15.74
CA ALA B 78 35.97 4.11 -16.86
C ALA B 78 35.48 2.76 -17.40
N GLY B 79 35.09 1.84 -16.50
CA GLY B 79 34.57 0.53 -16.88
C GLY B 79 33.23 0.64 -17.60
N ALA B 80 32.36 1.54 -17.14
CA ALA B 80 31.09 1.77 -17.83
C ALA B 80 31.32 2.32 -19.24
N LYS B 81 32.23 3.29 -19.36
CA LYS B 81 32.48 3.88 -20.65
C LYS B 81 33.01 2.82 -21.61
N ALA B 82 33.97 2.01 -21.17
CA ALA B 82 34.55 0.96 -22.02
C ALA B 82 33.44 0.00 -22.45
N THR B 83 32.60 -0.36 -21.49
CA THR B 83 31.57 -1.36 -21.71
C THR B 83 30.59 -0.81 -22.73
N VAL B 84 30.10 0.41 -22.48
CA VAL B 84 29.12 1.01 -23.36
C VAL B 84 29.67 1.14 -24.78
N GLN B 85 30.89 1.68 -24.93
CA GLN B 85 31.49 1.91 -26.22
C GLN B 85 31.64 0.59 -26.98
N ASP B 86 32.22 -0.42 -26.33
CA ASP B 86 32.53 -1.67 -27.02
C ASP B 86 31.23 -2.33 -27.39
N PHE B 87 30.30 -2.34 -26.44
CA PHE B 87 29.05 -3.05 -26.68
C PHE B 87 28.22 -2.37 -27.78
N LEU B 88 28.07 -1.05 -27.73
CA LEU B 88 27.20 -0.38 -28.70
C LEU B 88 27.81 -0.37 -30.10
N SER B 89 29.12 -0.51 -30.21
CA SER B 89 29.77 -0.58 -31.51
C SER B 89 29.21 -1.75 -32.36
N ASN B 90 28.58 -2.76 -31.75
CA ASN B 90 27.91 -3.79 -32.55
C ASN B 90 26.94 -3.17 -33.56
N MET B 91 26.44 -1.96 -33.29
CA MET B 91 25.40 -1.43 -34.16
C MET B 91 25.98 -0.68 -35.35
N SER B 92 27.27 -0.36 -35.28
CA SER B 92 27.94 0.29 -36.39
C SER B 92 28.20 -0.74 -37.49
N ALA B 93 28.39 -0.31 -38.74
CA ALA B 93 28.57 -1.22 -39.87
C ALA B 93 29.54 -2.35 -39.55
N SER B 94 29.09 -3.59 -39.78
CA SER B 94 29.92 -4.76 -39.56
C SER B 94 30.94 -4.88 -40.68
N ALA B 95 31.95 -5.74 -40.51
CA ALA B 95 33.08 -5.88 -41.43
C ALA B 95 32.62 -6.24 -42.85
N ASP B 96 31.59 -7.07 -42.95
CA ASP B 96 31.12 -7.49 -44.25
C ASP B 96 30.39 -6.33 -44.96
N VAL B 97 29.77 -5.43 -44.18
CA VAL B 97 29.12 -4.26 -44.76
C VAL B 97 30.19 -3.28 -45.22
N LEU B 98 31.22 -3.04 -44.41
CA LEU B 98 32.29 -2.15 -44.80
C LEU B 98 33.09 -2.65 -46.00
N ALA B 99 33.14 -3.97 -46.21
CA ALA B 99 33.89 -4.54 -47.32
C ALA B 99 33.26 -4.19 -48.66
N MET B 100 31.93 -4.01 -48.67
CA MET B 100 31.15 -3.77 -49.88
C MET B 100 30.92 -2.27 -50.13
N ALA B 101 31.70 -1.40 -49.49
CA ALA B 101 31.41 0.03 -49.51
C ALA B 101 32.19 0.83 -50.59
N ALA C 2 -4.82 29.42 -12.33
CA ALA C 2 -4.96 30.82 -11.73
C ALA C 2 -5.52 30.77 -10.30
N SER C 3 -5.07 31.72 -9.47
CA SER C 3 -5.52 31.79 -8.10
C SER C 3 -6.88 32.48 -8.06
N ILE C 4 -7.71 32.09 -7.09
CA ILE C 4 -8.98 32.76 -6.88
C ILE C 4 -8.73 34.25 -6.64
N THR C 5 -7.67 34.57 -5.89
CA THR C 5 -7.32 35.96 -5.62
C THR C 5 -7.20 36.75 -6.93
N SER C 6 -6.42 36.22 -7.89
CA SER C 6 -6.22 36.89 -9.18
C SER C 6 -7.56 37.17 -9.86
N VAL C 7 -8.43 36.16 -9.85
CA VAL C 7 -9.68 36.25 -10.59
C VAL C 7 -10.55 37.33 -9.95
N VAL C 8 -10.57 37.34 -8.62
CA VAL C 8 -11.41 38.26 -7.89
C VAL C 8 -10.88 39.68 -8.07
N LYS C 9 -9.57 39.87 -8.03
CA LYS C 9 -9.03 41.21 -8.17
C LYS C 9 -9.21 41.79 -9.57
N THR C 10 -8.96 40.96 -10.59
CA THR C 10 -9.16 41.40 -11.96
C THR C 10 -10.62 41.75 -12.20
N SER C 11 -11.54 40.92 -11.68
CA SER C 11 -12.95 41.20 -11.82
C SER C 11 -13.31 42.53 -11.15
N GLU C 12 -12.67 42.82 -10.02
CA GLU C 12 -12.97 44.05 -9.31
C GLU C 12 -12.48 45.27 -10.09
N LEU C 13 -11.32 45.17 -10.75
CA LEU C 13 -10.85 46.22 -11.65
C LEU C 13 -11.87 46.53 -12.74
N ILE C 14 -12.49 45.48 -13.29
CA ILE C 14 -13.43 45.62 -14.38
C ILE C 14 -14.72 46.25 -13.86
N LEU C 15 -15.17 45.82 -12.69
CA LEU C 15 -16.43 46.31 -12.16
C LEU C 15 -16.33 47.78 -11.79
N LYS C 16 -15.11 48.24 -11.48
CA LYS C 16 -14.86 49.63 -11.16
C LYS C 16 -15.04 50.51 -12.40
N SER C 17 -14.38 50.14 -13.51
CA SER C 17 -14.45 50.88 -14.76
C SER C 17 -15.88 50.88 -15.30
N PRO C 18 -16.55 52.05 -15.47
CA PRO C 18 -17.93 52.10 -15.96
C PRO C 18 -18.08 51.49 -17.36
N LEU C 19 -17.22 51.92 -18.28
CA LEU C 19 -17.16 51.41 -19.64
C LEU C 19 -17.01 49.89 -19.65
N LEU C 20 -15.99 49.41 -18.94
CA LEU C 20 -15.66 48.00 -18.91
C LEU C 20 -16.85 47.21 -18.38
N SER C 21 -17.44 47.64 -17.26
CA SER C 21 -18.54 46.90 -16.68
C SER C 21 -19.73 46.87 -17.62
N LYS C 22 -19.95 47.99 -18.33
CA LYS C 22 -21.09 48.09 -19.22
C LYS C 22 -21.01 47.05 -20.33
N ILE C 23 -19.78 46.67 -20.72
CA ILE C 23 -19.61 45.73 -21.82
C ILE C 23 -19.37 44.30 -21.31
N VAL C 24 -18.82 44.14 -20.09
CA VAL C 24 -18.38 42.83 -19.63
C VAL C 24 -19.50 42.15 -18.85
N VAL C 25 -20.23 42.90 -18.05
CA VAL C 25 -21.24 42.28 -17.21
C VAL C 25 -22.32 41.58 -18.02
N PRO C 26 -22.87 42.16 -19.11
CA PRO C 26 -23.81 41.42 -19.95
C PRO C 26 -23.22 40.18 -20.61
N LEU C 27 -21.96 40.26 -21.05
CA LEU C 27 -21.34 39.08 -21.63
C LEU C 27 -21.20 37.98 -20.58
N ALA C 28 -20.83 38.35 -19.36
CA ALA C 28 -20.59 37.39 -18.30
C ALA C 28 -21.90 36.70 -17.93
N LYS C 29 -22.99 37.47 -17.96
CA LYS C 29 -24.29 36.90 -17.62
C LYS C 29 -24.77 35.94 -18.70
N THR C 30 -24.50 36.24 -19.97
CA THR C 30 -24.91 35.29 -21.00
C THR C 30 -24.02 34.06 -20.95
N TYR C 31 -22.73 34.28 -20.74
CA TYR C 31 -21.81 33.16 -20.59
C TYR C 31 -22.35 32.18 -19.55
N VAL C 32 -22.78 32.71 -18.41
CA VAL C 32 -23.21 31.86 -17.32
C VAL C 32 -24.49 31.12 -17.69
N LYS C 33 -25.37 31.77 -18.46
CA LYS C 33 -26.58 31.11 -18.93
C LYS C 33 -26.25 29.97 -19.88
N PHE C 34 -25.34 30.17 -20.82
CA PHE C 34 -24.98 29.12 -21.76
C PHE C 34 -24.08 28.07 -21.12
N SER C 35 -23.36 28.43 -20.05
CA SER C 35 -22.54 27.45 -19.37
C SER C 35 -23.41 26.27 -18.95
N GLY C 36 -24.59 26.55 -18.38
CA GLY C 36 -25.58 25.53 -18.09
C GLY C 36 -25.27 24.73 -16.82
N TYR C 37 -24.34 25.17 -15.97
CA TYR C 37 -24.13 24.47 -14.71
C TYR C 37 -25.34 24.57 -13.79
N ARG C 38 -26.15 25.63 -13.93
CA ARG C 38 -27.31 25.78 -13.06
C ARG C 38 -28.37 24.74 -13.40
N GLN C 39 -28.35 24.21 -14.62
CA GLN C 39 -29.30 23.18 -15.01
C GLN C 39 -28.95 21.82 -14.42
N LEU C 40 -27.83 21.70 -13.70
CA LEU C 40 -27.55 20.49 -12.94
C LEU C 40 -27.64 20.78 -11.44
N GLY C 41 -28.13 21.98 -11.10
CA GLY C 41 -28.39 22.33 -9.71
C GLY C 41 -27.11 22.71 -8.97
N PHE C 42 -26.05 23.05 -9.72
CA PHE C 42 -24.82 23.50 -9.10
C PHE C 42 -24.86 24.98 -8.79
N LYS C 43 -24.07 25.40 -7.83
CA LYS C 43 -23.69 26.79 -7.72
C LYS C 43 -22.31 26.93 -8.35
N MET C 44 -21.97 28.12 -8.83
CA MET C 44 -20.70 28.30 -9.52
C MET C 44 -19.53 27.77 -8.67
N ASN C 45 -19.53 28.06 -7.37
CA ASN C 45 -18.38 27.71 -6.56
C ASN C 45 -18.24 26.19 -6.43
N ASP C 46 -19.30 25.42 -6.71
CA ASP C 46 -19.20 23.96 -6.65
C ASP C 46 -18.25 23.44 -7.72
N LEU C 47 -17.96 24.26 -8.74
CA LEU C 47 -17.16 23.77 -9.85
C LEU C 47 -15.68 24.02 -9.63
N ILE C 48 -15.31 24.78 -8.60
CA ILE C 48 -13.91 25.12 -8.46
C ILE C 48 -13.08 23.88 -8.11
N ILE C 49 -11.90 23.74 -8.75
CA ILE C 49 -11.01 22.60 -8.53
C ILE C 49 -10.68 22.51 -7.04
N GLU C 50 -10.84 21.34 -6.44
CA GLU C 50 -10.62 21.33 -5.01
C GLU C 50 -9.37 20.56 -4.60
N GLU C 51 -8.67 19.94 -5.55
CA GLU C 51 -7.57 19.05 -5.17
C GLU C 51 -6.27 19.85 -5.05
N THR C 52 -6.26 20.83 -4.16
CA THR C 52 -5.04 21.53 -3.80
C THR C 52 -5.04 21.68 -2.29
N PRO C 53 -3.88 21.85 -1.63
CA PRO C 53 -3.86 22.13 -0.20
C PRO C 53 -4.72 23.34 0.19
N ASN C 54 -4.60 24.45 -0.55
CA ASN C 54 -5.35 25.66 -0.24
C ASN C 54 -6.86 25.37 -0.26
N MET C 55 -7.35 24.70 -1.30
CA MET C 55 -8.78 24.47 -1.43
C MET C 55 -9.29 23.47 -0.39
N GLN C 56 -8.47 22.47 -0.06
CA GLN C 56 -8.86 21.51 0.96
C GLN C 56 -8.98 22.23 2.31
N LEU C 57 -8.07 23.18 2.57
CA LEU C 57 -8.19 23.98 3.79
C LEU C 57 -9.46 24.83 3.78
N ALA C 58 -9.76 25.48 2.65
CA ALA C 58 -10.95 26.32 2.62
C ALA C 58 -12.21 25.47 2.79
N LEU C 59 -12.22 24.24 2.26
CA LEU C 59 -13.41 23.41 2.38
C LEU C 59 -13.63 22.96 3.83
N ARG C 60 -12.53 22.68 4.56
CA ARG C 60 -12.59 22.32 5.96
C ARG C 60 -13.13 23.47 6.81
N ARG C 61 -12.97 24.73 6.36
CA ARG C 61 -13.43 25.87 7.12
C ARG C 61 -14.89 26.21 6.85
N LEU C 62 -15.53 25.54 5.89
CA LEU C 62 -16.93 25.86 5.63
C LEU C 62 -17.75 25.56 6.87
N PRO C 63 -18.77 26.38 7.20
CA PRO C 63 -19.74 26.01 8.24
C PRO C 63 -20.39 24.66 7.90
N PRO C 64 -20.67 23.79 8.91
CA PRO C 64 -21.18 22.45 8.64
C PRO C 64 -22.40 22.39 7.73
N THR C 65 -23.32 23.34 7.87
CA THR C 65 -24.51 23.33 7.03
C THR C 65 -24.17 23.59 5.57
N GLU C 66 -23.31 24.58 5.28
CA GLU C 66 -22.88 24.82 3.92
C GLU C 66 -22.19 23.58 3.38
N SER C 67 -21.41 22.94 4.24
CA SER C 67 -20.65 21.78 3.81
C SER C 67 -21.59 20.62 3.49
N TYR C 68 -22.64 20.42 4.29
CA TYR C 68 -23.54 19.31 4.02
C TYR C 68 -24.34 19.59 2.76
N ASP C 69 -24.69 20.86 2.52
CA ASP C 69 -25.50 21.15 1.34
C ASP C 69 -24.65 20.99 0.07
N ARG C 70 -23.37 21.32 0.16
CA ARG C 70 -22.51 21.18 -0.99
C ARG C 70 -22.40 19.69 -1.33
N VAL C 71 -22.19 18.84 -0.32
CA VAL C 71 -22.16 17.41 -0.57
C VAL C 71 -23.41 16.98 -1.32
N TYR C 72 -24.58 17.42 -0.87
CA TYR C 72 -25.79 16.99 -1.54
C TYR C 72 -25.83 17.47 -3.00
N ARG C 73 -25.46 18.73 -3.25
CA ARG C 73 -25.50 19.21 -4.62
C ARG C 73 -24.53 18.44 -5.51
N LEU C 74 -23.37 17.99 -4.99
CA LEU C 74 -22.46 17.24 -5.83
C LEU C 74 -23.05 15.87 -6.16
N ILE C 75 -23.70 15.25 -5.18
CA ILE C 75 -24.24 13.92 -5.37
C ILE C 75 -25.41 14.04 -6.34
N ARG C 76 -26.23 15.06 -6.16
CA ARG C 76 -27.36 15.24 -7.04
C ARG C 76 -26.90 15.53 -8.47
N ALA C 77 -25.87 16.35 -8.67
CA ALA C 77 -25.39 16.62 -10.03
C ALA C 77 -24.80 15.36 -10.64
N THR C 78 -24.08 14.57 -9.85
CA THR C 78 -23.51 13.32 -10.33
C THR C 78 -24.63 12.38 -10.81
N GLN C 79 -25.73 12.34 -10.07
CA GLN C 79 -26.85 11.51 -10.49
C GLN C 79 -27.51 12.05 -11.76
N PHE C 80 -27.64 13.38 -11.94
CA PHE C 80 -28.14 13.89 -13.23
C PHE C 80 -27.20 13.58 -14.39
N SER C 81 -25.90 13.71 -14.17
CA SER C 81 -24.89 13.44 -15.18
C SER C 81 -24.97 11.97 -15.62
N LEU C 82 -25.03 11.04 -14.68
CA LEU C 82 -24.98 9.65 -15.12
C LEU C 82 -26.27 9.24 -15.80
N SER C 83 -27.38 9.91 -15.47
CA SER C 83 -28.67 9.59 -16.07
C SER C 83 -28.88 10.37 -17.36
N HIS C 84 -27.99 11.29 -17.73
CA HIS C 84 -28.24 12.19 -18.87
C HIS C 84 -29.55 12.97 -18.73
N LYS C 85 -29.83 13.48 -17.53
CA LYS C 85 -30.99 14.31 -17.29
C LYS C 85 -30.56 15.70 -16.85
N LEU C 86 -31.47 16.67 -16.95
CA LEU C 86 -31.26 17.99 -16.38
C LEU C 86 -32.17 18.17 -15.18
N ALA C 87 -31.77 19.05 -14.25
CA ALA C 87 -32.63 19.43 -13.13
C ALA C 87 -33.94 20.03 -13.65
N THR C 88 -35.01 19.85 -12.90
CA THR C 88 -36.26 20.53 -13.20
C THR C 88 -36.75 21.13 -11.90
N GLY C 89 -37.62 22.14 -12.00
CA GLY C 89 -38.32 22.72 -10.87
C GLY C 89 -37.36 23.35 -9.86
N ASN C 90 -37.46 22.88 -8.62
CA ASN C 90 -36.67 23.45 -7.54
C ASN C 90 -35.20 23.02 -7.60
N ASP C 91 -34.89 22.01 -8.42
CA ASP C 91 -33.50 21.58 -8.48
C ASP C 91 -32.67 22.55 -9.32
N ILE C 92 -33.31 23.34 -10.19
CA ILE C 92 -32.54 24.25 -11.01
C ILE C 92 -32.03 25.38 -10.11
N THR C 93 -30.75 25.75 -10.23
CA THR C 93 -30.27 26.84 -9.41
C THR C 93 -30.78 28.16 -9.98
N LYS C 94 -31.52 28.92 -9.18
CA LYS C 94 -31.98 30.23 -9.61
C LYS C 94 -30.84 31.22 -9.46
N PRO C 95 -30.74 32.29 -10.28
CA PRO C 95 -29.63 33.27 -10.15
C PRO C 95 -29.40 33.85 -8.75
N GLU C 96 -30.48 33.99 -7.97
CA GLU C 96 -30.46 34.50 -6.61
C GLU C 96 -29.94 33.46 -5.62
N GLU C 97 -29.91 32.19 -6.01
CA GLU C 97 -29.38 31.16 -5.14
C GLU C 97 -27.91 30.89 -5.46
N ASP C 98 -27.36 31.52 -6.50
CA ASP C 98 -26.01 31.15 -6.91
C ASP C 98 -25.01 31.99 -6.11
N ASP C 99 -24.92 31.72 -4.81
CA ASP C 99 -24.13 32.57 -3.93
C ASP C 99 -22.68 32.07 -3.83
N HIS C 100 -21.75 33.01 -3.63
CA HIS C 100 -20.34 32.71 -3.55
C HIS C 100 -19.98 32.27 -2.12
N TYR C 101 -20.50 31.11 -1.70
CA TYR C 101 -20.34 30.66 -0.32
C TYR C 101 -18.86 30.36 -0.05
N LEU C 102 -18.08 30.01 -1.07
CA LEU C 102 -16.75 29.51 -0.77
C LEU C 102 -15.70 30.59 -0.95
N ILE C 103 -15.97 31.57 -1.81
CA ILE C 103 -14.97 32.57 -2.18
C ILE C 103 -14.32 33.20 -0.96
N PRO C 104 -15.07 33.65 0.08
CA PRO C 104 -14.42 34.29 1.23
C PRO C 104 -13.44 33.38 1.97
N TYR C 105 -13.76 32.10 2.07
CA TYR C 105 -12.84 31.19 2.76
C TYR C 105 -11.56 31.03 1.96
N ILE C 106 -11.67 30.85 0.64
CA ILE C 106 -10.46 30.62 -0.13
C ILE C 106 -9.64 31.90 -0.24
N LEU C 107 -10.29 33.06 -0.31
CA LEU C 107 -9.53 34.30 -0.31
C LEU C 107 -8.73 34.47 0.98
N ASP C 108 -9.26 34.06 2.14
CA ASP C 108 -8.50 34.15 3.37
C ASP C 108 -7.34 33.15 3.40
N VAL C 109 -7.58 31.93 2.92
CA VAL C 109 -6.51 30.94 2.88
C VAL C 109 -5.38 31.46 2.00
N GLU C 110 -5.72 32.00 0.82
CA GLU C 110 -4.72 32.43 -0.14
C GLU C 110 -4.03 33.70 0.36
N ALA C 111 -4.75 34.57 1.07
CA ALA C 111 -4.13 35.78 1.59
C ALA C 111 -2.98 35.40 2.52
N GLU C 112 -3.24 34.45 3.43
CA GLU C 112 -2.19 33.99 4.31
C GLU C 112 -1.04 33.34 3.55
N ALA C 113 -1.36 32.47 2.59
CA ALA C 113 -0.35 31.75 1.82
C ALA C 113 0.53 32.74 1.06
N PHE C 114 -0.07 33.78 0.48
CA PHE C 114 0.71 34.74 -0.28
C PHE C 114 1.52 35.64 0.64
N GLU C 115 0.98 35.99 1.81
CA GLU C 115 1.76 36.79 2.74
C GLU C 115 2.96 35.99 3.23
N LYS C 116 2.74 34.71 3.52
CA LYS C 116 3.82 33.86 3.94
C LYS C 116 4.93 33.85 2.90
N ASP C 117 4.57 33.72 1.62
CA ASP C 117 5.59 33.73 0.55
C ASP C 117 6.32 35.07 0.53
N ALA C 118 5.60 36.18 0.63
CA ALA C 118 6.27 37.47 0.63
C ALA C 118 7.23 37.57 1.82
N LEU C 119 6.76 37.21 3.02
CA LEU C 119 7.54 37.41 4.23
C LEU C 119 8.76 36.49 4.30
N ASP C 120 8.69 35.32 3.63
CA ASP C 120 9.82 34.42 3.48
C ASP C 120 10.94 35.07 2.66
N ASN C 121 10.63 36.18 1.98
CA ASN C 121 11.59 36.83 1.11
C ASN C 121 11.85 38.25 1.60
N LEU C 122 11.66 38.52 2.89
CA LEU C 122 11.90 39.88 3.34
C LEU C 122 13.39 40.12 3.58
N GLU C 123 13.80 41.35 3.31
CA GLU C 123 15.18 41.77 3.49
C GLU C 123 15.21 42.94 4.48
N VAL C 124 15.85 42.71 5.62
CA VAL C 124 16.09 43.75 6.61
C VAL C 124 16.86 44.89 5.94
N VAL C 125 16.30 46.08 6.02
CA VAL C 125 16.95 47.25 5.44
C VAL C 125 17.74 47.97 6.54
N PRO D 66 -18.48 -9.75 -82.16
CA PRO D 66 -17.42 -8.79 -81.82
C PRO D 66 -17.48 -8.26 -80.38
N ASP D 67 -16.48 -7.45 -80.03
CA ASP D 67 -16.36 -6.92 -78.68
C ASP D 67 -17.57 -6.05 -78.39
N PRO D 68 -18.38 -6.39 -77.34
CA PRO D 68 -19.59 -5.63 -77.03
C PRO D 68 -19.26 -4.18 -76.70
N ALA D 69 -18.04 -3.96 -76.18
CA ALA D 69 -17.60 -2.66 -75.70
C ALA D 69 -17.63 -1.63 -76.83
N ILE D 70 -17.26 -2.07 -78.05
CA ILE D 70 -17.14 -1.19 -79.20
C ILE D 70 -18.46 -0.45 -79.42
N ALA D 71 -19.57 -1.21 -79.49
CA ALA D 71 -20.87 -0.65 -79.75
C ALA D 71 -21.35 0.21 -78.58
N LEU D 72 -21.11 -0.26 -77.35
CA LEU D 72 -21.60 0.42 -76.17
C LEU D 72 -20.94 1.78 -76.04
N HIS D 73 -19.63 1.81 -76.33
CA HIS D 73 -18.79 2.99 -76.24
C HIS D 73 -19.20 4.01 -77.31
N GLU D 74 -19.59 3.51 -78.48
CA GLU D 74 -19.91 4.38 -79.60
C GLU D 74 -21.23 5.08 -79.31
N ALA D 75 -22.17 4.30 -78.78
CA ALA D 75 -23.51 4.73 -78.42
C ALA D 75 -23.45 5.78 -77.31
N ALA D 76 -22.56 5.55 -76.33
CA ALA D 76 -22.42 6.47 -75.20
C ALA D 76 -21.77 7.78 -75.64
N ALA D 77 -20.94 7.72 -76.68
CA ALA D 77 -20.24 8.92 -77.11
C ALA D 77 -21.19 9.83 -77.89
N GLU D 78 -22.07 9.21 -78.70
CA GLU D 78 -23.00 9.94 -79.55
C GLU D 78 -24.19 10.46 -78.74
N GLY D 79 -24.46 9.78 -77.62
CA GLY D 79 -25.62 10.05 -76.80
C GLY D 79 -25.28 10.90 -75.57
N PRO D 80 -25.18 10.29 -74.36
CA PRO D 80 -25.01 11.04 -73.11
C PRO D 80 -23.70 11.81 -72.96
N CYS D 81 -22.72 11.49 -73.80
CA CYS D 81 -21.40 12.08 -73.67
C CYS D 81 -21.07 12.89 -74.91
N HIS D 82 -22.10 13.52 -75.49
CA HIS D 82 -21.94 14.20 -76.77
C HIS D 82 -21.19 15.51 -76.64
N ASP D 83 -21.40 16.21 -75.52
CA ASP D 83 -20.76 17.49 -75.28
C ASP D 83 -19.26 17.28 -75.17
N PHE D 84 -18.86 16.21 -74.46
CA PHE D 84 -17.46 15.90 -74.23
C PHE D 84 -16.82 15.39 -75.51
N LYS D 85 -17.60 14.64 -76.32
CA LYS D 85 -17.17 14.16 -77.62
C LYS D 85 -16.78 15.34 -78.51
N HIS D 86 -17.66 16.35 -78.55
CA HIS D 86 -17.46 17.53 -79.36
C HIS D 86 -16.24 18.34 -78.87
N HIS D 87 -16.07 18.46 -77.54
CA HIS D 87 -14.92 19.16 -76.98
C HIS D 87 -13.61 18.51 -77.41
N PHE D 88 -13.54 17.17 -77.30
CA PHE D 88 -12.36 16.41 -77.68
C PHE D 88 -12.08 16.62 -79.17
N ASP D 89 -13.14 16.50 -79.99
CA ASP D 89 -13.01 16.69 -81.44
C ASP D 89 -12.45 18.07 -81.76
N GLU D 90 -13.05 19.11 -81.19
CA GLU D 90 -12.60 20.47 -81.44
C GLU D 90 -11.13 20.64 -81.00
N CYS D 91 -10.77 20.08 -79.84
CA CYS D 91 -9.39 20.13 -79.36
C CYS D 91 -8.46 19.51 -80.39
N VAL D 92 -8.78 18.29 -80.85
CA VAL D 92 -7.95 17.56 -81.79
C VAL D 92 -7.73 18.41 -83.04
N GLU D 93 -8.83 18.98 -83.59
CA GLU D 93 -8.76 19.84 -84.77
C GLU D 93 -7.74 20.97 -84.56
N ARG D 94 -7.83 21.67 -83.42
CA ARG D 94 -6.95 22.79 -83.11
C ARG D 94 -5.49 22.34 -83.05
N VAL D 95 -5.23 21.23 -82.36
CA VAL D 95 -3.87 20.80 -82.09
C VAL D 95 -3.22 20.34 -83.40
N THR D 96 -3.95 19.56 -84.20
CA THR D 96 -3.45 19.06 -85.47
C THR D 96 -3.11 20.21 -86.41
N LYS D 97 -3.98 21.22 -86.45
CA LYS D 97 -3.80 22.43 -87.26
C LYS D 97 -2.57 23.20 -86.79
N ALA D 98 -2.33 23.18 -85.48
CA ALA D 98 -1.23 23.92 -84.88
C ALA D 98 0.08 23.21 -85.20
N GLN D 99 0.03 21.88 -85.31
CA GLN D 99 1.18 21.05 -85.61
C GLN D 99 1.55 21.21 -87.08
N GLU D 100 0.52 21.43 -87.91
CA GLU D 100 0.64 21.61 -89.35
C GLU D 100 1.43 22.88 -89.67
N ALA D 101 1.17 23.93 -88.88
CA ALA D 101 1.83 25.22 -89.01
C ALA D 101 3.31 25.09 -88.67
N GLU D 102 4.14 25.86 -89.38
CA GLU D 102 5.59 25.84 -89.20
C GLU D 102 5.97 26.64 -87.96
N ASP D 103 7.17 26.38 -87.45
CA ASP D 103 7.70 26.93 -86.21
C ASP D 103 6.84 26.49 -85.03
N TYR D 104 6.28 25.28 -85.15
CA TYR D 104 5.57 24.63 -84.07
C TYR D 104 6.58 23.96 -83.13
N ASP D 105 7.66 23.44 -83.73
CA ASP D 105 8.69 22.72 -83.01
C ASP D 105 9.45 23.67 -82.08
N HIS D 106 9.50 24.96 -82.46
CA HIS D 106 10.14 26.00 -81.68
C HIS D 106 9.08 26.87 -81.00
N ALA D 107 8.07 26.21 -80.42
CA ALA D 107 7.08 26.89 -79.61
C ALA D 107 7.34 26.58 -78.14
N GLU D 108 6.86 27.47 -77.26
CA GLU D 108 7.08 27.34 -75.83
C GLU D 108 6.12 26.29 -75.30
N TYR D 109 4.83 26.52 -75.60
CA TYR D 109 3.74 25.69 -75.12
C TYR D 109 3.14 24.91 -76.28
N LYS D 110 3.22 23.58 -76.18
CA LYS D 110 2.54 22.69 -77.11
C LYS D 110 1.33 22.07 -76.41
N GLU D 111 0.14 22.43 -76.87
CA GLU D 111 -1.12 21.93 -76.33
C GLU D 111 -1.31 20.46 -76.69
N ASP D 112 -1.86 19.68 -75.76
CA ASP D 112 -2.36 18.34 -76.01
C ASP D 112 -3.88 18.31 -75.81
N CYS D 113 -4.46 17.11 -75.98
CA CYS D 113 -5.89 16.92 -75.79
C CYS D 113 -6.16 15.85 -74.74
N VAL D 114 -5.17 15.60 -73.89
CA VAL D 114 -5.31 14.61 -72.82
C VAL D 114 -6.49 14.98 -71.93
N GLU D 115 -6.61 16.25 -71.52
CA GLU D 115 -7.65 16.65 -70.57
C GLU D 115 -9.03 16.33 -71.13
N GLU D 116 -9.25 16.71 -72.39
CA GLU D 116 -10.55 16.52 -73.02
C GLU D 116 -10.84 15.04 -73.22
N PHE D 117 -9.78 14.30 -73.56
CA PHE D 117 -9.85 12.85 -73.70
C PHE D 117 -10.30 12.23 -72.37
N PHE D 118 -9.67 12.65 -71.27
CA PHE D 118 -10.04 12.10 -69.98
C PHE D 118 -11.49 12.43 -69.65
N HIS D 119 -11.94 13.65 -69.94
CA HIS D 119 -13.32 13.98 -69.60
C HIS D 119 -14.29 13.12 -70.40
N LEU D 120 -13.94 12.84 -71.65
CA LEU D 120 -14.80 12.01 -72.48
C LEU D 120 -14.79 10.56 -72.00
N GLN D 121 -13.59 10.02 -71.72
CA GLN D 121 -13.48 8.62 -71.34
C GLN D 121 -14.16 8.41 -69.99
N HIS D 122 -13.97 9.36 -69.09
CA HIS D 122 -14.60 9.24 -67.79
C HIS D 122 -16.11 9.17 -67.93
N CYS D 123 -16.64 9.95 -68.88
CA CYS D 123 -18.06 9.99 -69.13
C CYS D 123 -18.52 8.68 -69.77
N ILE D 124 -17.84 8.22 -70.81
CA ILE D 124 -18.18 6.95 -71.42
C ILE D 124 -18.19 5.82 -70.38
N ASN D 125 -17.19 5.80 -69.48
CA ASN D 125 -17.07 4.73 -68.50
C ASN D 125 -18.27 4.71 -67.56
N ASP D 126 -18.74 5.91 -67.18
CA ASP D 126 -19.88 6.05 -66.29
C ASP D 126 -21.16 5.53 -66.92
N ASN D 127 -21.25 5.58 -68.25
CA ASN D 127 -22.46 5.20 -68.96
C ASN D 127 -22.41 3.78 -69.50
N THR D 128 -21.37 3.01 -69.17
CA THR D 128 -21.13 1.79 -69.94
C THR D 128 -20.72 0.65 -69.02
N ALA D 129 -19.97 0.98 -67.96
CA ALA D 129 -19.38 -0.03 -67.09
C ALA D 129 -20.38 -1.15 -66.76
N ASP D 130 -21.54 -0.78 -66.21
CA ASP D 130 -22.57 -1.73 -65.79
C ASP D 130 -23.14 -2.50 -66.98
N LYS D 131 -23.35 -1.80 -68.11
CA LYS D 131 -23.95 -2.42 -69.28
C LYS D 131 -23.02 -3.47 -69.85
N LEU D 132 -21.71 -3.16 -69.88
CA LEU D 132 -20.73 -4.06 -70.44
C LEU D 132 -20.65 -5.35 -69.62
N PHE D 133 -20.53 -5.22 -68.30
CA PHE D 133 -20.36 -6.42 -67.50
C PHE D 133 -21.61 -7.28 -67.50
N ARG D 134 -22.74 -6.68 -67.89
CA ARG D 134 -24.00 -7.41 -67.92
C ARG D 134 -24.05 -8.38 -69.09
N VAL D 135 -23.26 -8.11 -70.14
CA VAL D 135 -23.24 -8.95 -71.33
C VAL D 135 -21.94 -9.77 -71.43
N LEU D 136 -21.26 -10.00 -70.30
CA LEU D 136 -20.09 -10.88 -70.27
C LEU D 136 -20.36 -12.06 -69.31
N VAL E 26 -43.78 -30.02 33.11
CA VAL E 26 -45.08 -29.90 32.34
C VAL E 26 -45.94 -28.79 32.96
N SER E 27 -46.09 -27.71 32.19
CA SER E 27 -46.84 -26.52 32.58
C SER E 27 -48.34 -26.81 32.66
N PRO E 28 -49.13 -26.09 33.50
CA PRO E 28 -50.59 -26.25 33.49
C PRO E 28 -51.20 -25.91 32.13
N LYS E 29 -52.32 -26.60 31.85
CA LYS E 29 -53.10 -26.45 30.63
C LYS E 29 -53.67 -25.04 30.49
N THR E 30 -53.63 -24.49 29.27
CA THR E 30 -54.31 -23.25 28.95
C THR E 30 -55.79 -23.51 28.74
N ARG E 31 -56.64 -22.97 29.63
CA ARG E 31 -58.07 -23.10 29.45
C ARG E 31 -58.57 -21.99 28.54
N THR E 32 -59.58 -22.32 27.71
CA THR E 32 -60.13 -21.41 26.72
C THR E 32 -61.66 -21.52 26.73
N SER E 33 -62.33 -20.37 26.79
CA SER E 33 -63.77 -20.29 26.67
C SER E 33 -64.12 -19.15 25.73
N ASN E 34 -65.35 -19.17 25.22
CA ASN E 34 -65.92 -18.12 24.39
C ASN E 34 -67.12 -17.50 25.12
N LEU E 35 -67.45 -16.26 24.74
CA LEU E 35 -68.74 -15.67 25.05
C LEU E 35 -69.63 -15.80 23.83
N LYS E 36 -70.88 -15.30 23.94
CA LYS E 36 -71.86 -15.34 22.87
C LYS E 36 -71.48 -14.40 21.73
N ASN E 37 -70.95 -13.21 22.07
CA ASN E 37 -70.55 -12.25 21.04
C ASN E 37 -69.38 -12.79 20.23
N GLY E 38 -68.57 -13.67 20.84
CA GLY E 38 -67.46 -14.29 20.13
C GLY E 38 -66.13 -13.91 20.74
N LEU E 39 -66.18 -13.30 21.93
CA LEU E 39 -64.96 -12.95 22.64
C LEU E 39 -64.36 -14.24 23.21
N THR E 40 -63.07 -14.46 22.96
CA THR E 40 -62.34 -15.58 23.53
C THR E 40 -61.76 -15.18 24.88
N ILE E 41 -61.87 -16.07 25.86
CA ILE E 41 -61.19 -15.94 27.13
C ILE E 41 -60.18 -17.08 27.27
N ALA E 42 -58.93 -16.76 27.55
CA ALA E 42 -57.89 -17.77 27.61
C ALA E 42 -57.03 -17.51 28.83
N SER E 43 -56.75 -18.56 29.60
CA SER E 43 -56.10 -18.34 30.88
C SER E 43 -55.11 -19.45 31.18
N GLU E 44 -54.03 -19.11 31.89
CA GLU E 44 -53.12 -20.12 32.40
C GLU E 44 -52.75 -19.78 33.84
N SER E 45 -53.26 -20.57 34.79
CA SER E 45 -53.07 -20.33 36.21
C SER E 45 -51.73 -20.87 36.71
N ASN E 46 -51.16 -20.16 37.70
CA ASN E 46 -49.90 -20.52 38.33
C ASN E 46 -50.04 -20.24 39.83
N PRO E 47 -50.39 -21.25 40.66
CA PRO E 47 -50.66 -21.03 42.08
C PRO E 47 -49.44 -20.71 42.95
N LEU E 48 -48.28 -20.58 42.30
CA LEU E 48 -46.99 -20.32 42.91
C LEU E 48 -46.67 -18.83 42.91
N VAL E 49 -47.34 -18.06 42.04
CA VAL E 49 -47.16 -16.61 42.02
C VAL E 49 -48.34 -15.91 42.68
N GLN E 50 -48.15 -14.63 42.98
CA GLN E 50 -49.14 -13.88 43.74
C GLN E 50 -49.67 -12.73 42.90
N THR E 51 -49.06 -12.50 41.74
CA THR E 51 -49.54 -11.46 40.82
C THR E 51 -50.25 -12.10 39.64
N ALA E 52 -51.03 -11.30 38.91
CA ALA E 52 -51.70 -11.77 37.70
C ALA E 52 -51.63 -10.71 36.61
N THR E 53 -51.35 -11.15 35.37
CA THR E 53 -51.45 -10.26 34.21
C THR E 53 -52.73 -10.60 33.45
N VAL E 54 -53.67 -9.65 33.39
CA VAL E 54 -54.85 -9.81 32.56
C VAL E 54 -54.81 -8.71 31.51
N GLY E 55 -55.31 -9.03 30.32
CA GLY E 55 -55.38 -8.01 29.28
C GLY E 55 -56.16 -8.47 28.07
N VAL E 56 -56.27 -7.56 27.09
CA VAL E 56 -57.02 -7.78 25.87
C VAL E 56 -56.04 -7.74 24.71
N TRP E 57 -55.91 -8.87 24.01
CA TRP E 57 -55.12 -8.97 22.80
C TRP E 57 -56.06 -8.82 21.63
N ILE E 58 -55.78 -7.86 20.75
CA ILE E 58 -56.65 -7.57 19.61
C ILE E 58 -55.92 -7.92 18.31
N ASP E 59 -56.63 -8.59 17.41
CA ASP E 59 -56.12 -8.89 16.09
C ASP E 59 -56.41 -7.70 15.18
N ALA E 60 -55.78 -6.56 15.44
CA ALA E 60 -55.93 -5.34 14.66
C ALA E 60 -54.69 -4.52 14.94
N GLY E 61 -54.21 -3.73 13.99
CA GLY E 61 -53.12 -2.81 14.27
C GLY E 61 -53.04 -1.77 13.18
N SER E 62 -51.84 -1.22 12.94
CA SER E 62 -51.69 -0.13 11.97
C SER E 62 -51.99 -0.59 10.54
N ARG E 63 -51.82 -1.88 10.27
CA ARG E 63 -52.10 -2.43 8.96
C ARG E 63 -53.55 -2.21 8.53
N ASN E 64 -54.44 -1.99 9.50
CA ASN E 64 -55.87 -1.91 9.20
C ASN E 64 -56.24 -0.51 8.77
N GLU E 65 -55.30 0.43 8.92
CA GLU E 65 -55.53 1.80 8.48
C GLU E 65 -55.27 1.88 6.97
N ASN E 66 -55.82 2.91 6.30
CA ASN E 66 -55.40 3.26 4.95
C ASN E 66 -54.38 4.41 5.03
N ALA E 67 -54.13 5.08 3.89
CA ALA E 67 -53.07 6.08 3.87
C ALA E 67 -53.53 7.40 4.52
N TYR E 68 -54.85 7.60 4.58
CA TYR E 68 -55.43 8.81 5.12
C TYR E 68 -55.52 8.80 6.64
N ASN E 69 -55.77 7.64 7.24
CA ASN E 69 -55.89 7.59 8.69
C ASN E 69 -54.72 6.81 9.29
N ASN E 70 -53.60 6.74 8.55
CA ASN E 70 -52.42 6.05 9.08
C ASN E 70 -51.94 6.82 10.31
N GLY E 71 -51.86 6.11 11.43
CA GLY E 71 -51.46 6.72 12.68
C GLY E 71 -52.60 6.69 13.69
N THR E 72 -53.81 6.31 13.27
CA THR E 72 -55.00 6.33 14.12
C THR E 72 -54.88 5.36 15.30
N ALA E 73 -54.49 4.11 15.02
CA ALA E 73 -54.30 3.07 16.01
C ALA E 73 -53.36 3.54 17.13
N HIS E 74 -52.25 4.15 16.74
CA HIS E 74 -51.28 4.64 17.71
C HIS E 74 -51.86 5.81 18.51
N PHE E 75 -52.58 6.69 17.80
CA PHE E 75 -53.22 7.86 18.40
C PHE E 75 -54.21 7.40 19.47
N PHE E 76 -55.02 6.40 19.15
CA PHE E 76 -56.01 5.89 20.10
C PHE E 76 -55.35 5.39 21.38
N GLU E 77 -54.25 4.65 21.27
CA GLU E 77 -53.52 4.15 22.42
C GLU E 77 -53.22 5.29 23.41
N HIS E 78 -52.83 6.48 22.92
CA HIS E 78 -52.66 7.65 23.77
C HIS E 78 -53.95 8.07 24.46
N LEU E 79 -55.03 8.16 23.67
CA LEU E 79 -56.31 8.67 24.16
C LEU E 79 -57.04 7.69 25.07
N ALA E 80 -56.70 6.40 25.00
CA ALA E 80 -57.32 5.39 25.83
C ALA E 80 -57.04 5.68 27.30
N PHE E 81 -55.94 6.39 27.60
CA PHE E 81 -55.57 6.69 28.97
C PHE E 81 -55.82 8.15 29.32
N LYS E 82 -56.71 8.80 28.57
CA LYS E 82 -56.94 10.23 28.72
C LYS E 82 -58.33 10.51 29.29
N GLY E 83 -59.05 9.44 29.70
CA GLY E 83 -60.29 9.60 30.43
C GLY E 83 -61.49 8.99 29.71
N THR E 84 -62.43 8.46 30.49
CA THR E 84 -63.58 7.74 29.97
C THR E 84 -64.85 8.53 30.33
N ASP E 85 -66.00 7.99 29.92
CA ASP E 85 -67.31 8.58 30.21
C ASP E 85 -67.52 8.77 31.72
N LYS E 86 -67.03 7.83 32.55
CA LYS E 86 -67.15 7.94 34.00
C LYS E 86 -65.93 8.63 34.60
N ARG E 87 -64.80 7.90 34.64
CA ARG E 87 -63.60 8.40 35.28
C ARG E 87 -62.91 9.40 34.36
N SER E 88 -62.47 10.53 34.92
CA SER E 88 -61.65 11.49 34.19
C SER E 88 -60.21 10.97 34.13
N GLN E 89 -59.31 11.74 33.50
CA GLN E 89 -57.91 11.34 33.43
C GLN E 89 -57.33 11.18 34.84
N HIS E 90 -57.66 12.14 35.72
CA HIS E 90 -57.16 12.16 37.08
C HIS E 90 -57.71 10.98 37.88
N GLN E 91 -59.02 10.74 37.74
CA GLN E 91 -59.66 9.63 38.42
C GLN E 91 -59.05 8.31 37.93
N LEU E 92 -58.84 8.17 36.62
CA LEU E 92 -58.21 7.00 36.04
C LEU E 92 -56.85 6.74 36.70
N GLU E 93 -56.00 7.77 36.75
CA GLU E 93 -54.70 7.69 37.41
C GLU E 93 -54.86 7.16 38.84
N LEU E 94 -55.77 7.78 39.60
CA LEU E 94 -55.97 7.43 40.99
C LEU E 94 -56.39 5.97 41.13
N ASP E 95 -57.33 5.54 40.28
CA ASP E 95 -57.87 4.20 40.35
C ASP E 95 -56.78 3.14 40.21
N ILE E 96 -55.88 3.33 39.23
CA ILE E 96 -54.80 2.39 38.99
C ILE E 96 -53.78 2.43 40.12
N GLU E 97 -53.45 3.64 40.59
CA GLU E 97 -52.55 3.81 41.73
C GLU E 97 -53.10 3.10 42.96
N ASN E 98 -54.44 3.14 43.14
CA ASN E 98 -55.07 2.53 44.30
C ASN E 98 -55.05 1.00 44.20
N MET E 99 -55.11 0.48 42.97
CA MET E 99 -55.03 -0.95 42.73
C MET E 99 -53.65 -1.45 43.13
N GLY E 100 -52.60 -0.68 42.78
CA GLY E 100 -51.26 -0.98 43.23
C GLY E 100 -50.34 -1.49 42.12
N GLY E 101 -50.94 -2.05 41.06
CA GLY E 101 -50.16 -2.52 39.93
C GLY E 101 -50.04 -1.43 38.87
N HIS E 102 -49.89 -1.85 37.61
CA HIS E 102 -49.81 -0.88 36.52
C HIS E 102 -50.58 -1.39 35.32
N LEU E 103 -50.76 -0.48 34.37
CA LEU E 103 -51.38 -0.76 33.08
C LEU E 103 -50.35 -0.51 32.00
N ASN E 104 -50.44 -1.24 30.89
CA ASN E 104 -49.52 -1.05 29.78
C ASN E 104 -50.25 -1.38 28.49
N ALA E 105 -49.77 -0.81 27.37
CA ALA E 105 -50.39 -0.99 26.07
C ALA E 105 -49.33 -0.85 24.99
N TYR E 106 -49.51 -1.58 23.88
CA TYR E 106 -48.66 -1.36 22.72
C TYR E 106 -49.39 -1.74 21.45
N THR E 107 -49.11 -0.97 20.40
CA THR E 107 -49.71 -1.15 19.09
C THR E 107 -48.61 -1.55 18.12
N SER E 108 -48.81 -2.63 17.38
CA SER E 108 -47.90 -2.99 16.32
C SER E 108 -48.64 -2.95 14.99
N ARG E 109 -48.07 -3.60 13.97
CA ARG E 109 -48.64 -3.54 12.64
C ARG E 109 -49.90 -4.39 12.55
N GLU E 110 -49.92 -5.51 13.28
CA GLU E 110 -51.04 -6.42 13.17
C GLU E 110 -51.68 -6.74 14.52
N SER E 111 -51.15 -6.18 15.61
CA SER E 111 -51.63 -6.57 16.92
C SER E 111 -51.70 -5.36 17.84
N THR E 112 -52.76 -5.24 18.63
CA THR E 112 -52.81 -4.25 19.69
C THR E 112 -53.02 -4.97 21.03
N VAL E 113 -52.32 -4.55 22.09
CA VAL E 113 -52.43 -5.18 23.38
C VAL E 113 -52.75 -4.11 24.44
N TYR E 114 -53.65 -4.40 25.38
CA TYR E 114 -53.85 -3.55 26.55
C TYR E 114 -53.92 -4.44 27.77
N TYR E 115 -52.94 -4.36 28.66
CA TYR E 115 -52.96 -5.29 29.78
C TYR E 115 -52.81 -4.57 31.12
N ALA E 116 -53.01 -5.32 32.21
CA ALA E 116 -52.94 -4.80 33.56
C ALA E 116 -52.26 -5.83 34.45
N LYS E 117 -51.12 -5.47 35.03
CA LYS E 117 -50.50 -6.35 36.01
C LYS E 117 -50.95 -5.89 37.39
N SER E 118 -51.49 -6.80 38.19
CA SER E 118 -51.98 -6.46 39.51
C SER E 118 -51.69 -7.58 40.50
N PHE E 119 -52.20 -7.42 41.72
CA PHE E 119 -52.22 -8.46 42.73
C PHE E 119 -53.35 -9.44 42.42
N LYS E 120 -53.32 -10.62 43.07
CA LYS E 120 -54.27 -11.69 42.83
C LYS E 120 -55.71 -11.20 42.96
N ASP E 121 -55.97 -10.39 43.98
CA ASP E 121 -57.35 -10.10 44.35
C ASP E 121 -57.79 -8.77 43.76
N ASP E 122 -56.88 -8.12 43.01
CA ASP E 122 -57.14 -6.86 42.33
C ASP E 122 -57.49 -7.09 40.86
N VAL E 123 -57.76 -8.35 40.49
CA VAL E 123 -57.99 -8.71 39.09
C VAL E 123 -59.35 -8.19 38.64
N PRO E 124 -60.46 -8.34 39.41
CA PRO E 124 -61.73 -7.73 39.02
C PRO E 124 -61.71 -6.22 38.80
N LYS E 125 -60.86 -5.50 39.55
CA LYS E 125 -60.76 -4.06 39.36
C LYS E 125 -60.13 -3.75 38.00
N SER E 126 -59.06 -4.48 37.70
CA SER E 126 -58.25 -4.25 36.52
C SER E 126 -59.04 -4.62 35.27
N VAL E 127 -59.83 -5.71 35.31
CA VAL E 127 -60.65 -6.07 34.17
C VAL E 127 -61.68 -4.96 33.90
N GLU E 128 -62.25 -4.41 34.98
CA GLU E 128 -63.21 -3.33 34.88
C GLU E 128 -62.58 -2.09 34.26
N ILE E 129 -61.37 -1.73 34.68
CA ILE E 129 -60.72 -0.57 34.09
C ILE E 129 -60.42 -0.78 32.61
N LEU E 130 -59.94 -1.97 32.22
CA LEU E 130 -59.63 -2.22 30.81
C LEU E 130 -60.90 -2.14 29.96
N ALA E 131 -61.99 -2.74 30.44
CA ALA E 131 -63.22 -2.76 29.67
C ALA E 131 -63.71 -1.33 29.44
N ASP E 132 -63.44 -0.46 30.41
CA ASP E 132 -63.91 0.91 30.38
C ASP E 132 -63.11 1.73 29.36
N ILE E 133 -61.79 1.61 29.38
CA ILE E 133 -60.96 2.43 28.50
C ILE E 133 -61.14 1.99 27.05
N LEU E 134 -61.52 0.72 26.82
CA LEU E 134 -61.67 0.22 25.45
C LEU E 134 -63.05 0.54 24.87
N GLN E 135 -64.09 0.50 25.70
CA GLN E 135 -65.45 0.59 25.21
C GLN E 135 -65.98 2.01 25.36
N HIS E 136 -65.52 2.74 26.39
CA HIS E 136 -66.24 3.92 26.79
C HIS E 136 -65.29 5.11 26.98
N SER E 137 -64.33 5.25 26.05
CA SER E 137 -63.35 6.32 26.15
C SER E 137 -63.93 7.61 25.58
N LYS E 138 -63.57 8.76 26.18
CA LYS E 138 -64.26 10.00 25.83
C LYS E 138 -63.88 10.47 24.42
N LEU E 139 -62.58 10.45 24.10
CA LEU E 139 -62.01 11.03 22.88
C LEU E 139 -62.52 12.46 22.72
N ALA E 140 -62.23 13.29 23.74
CA ALA E 140 -62.66 14.68 23.72
C ALA E 140 -61.69 15.52 22.89
N GLU E 141 -62.24 16.44 22.09
CA GLU E 141 -61.51 17.32 21.19
C GLU E 141 -60.34 18.02 21.89
N SER E 142 -60.53 18.40 23.14
CA SER E 142 -59.48 19.04 23.94
C SER E 142 -58.27 18.11 24.11
N ALA E 143 -58.54 16.82 24.33
CA ALA E 143 -57.51 15.83 24.61
C ALA E 143 -56.81 15.42 23.32
N ILE E 144 -57.59 15.32 22.22
CA ILE E 144 -57.07 15.10 20.89
C ILE E 144 -56.03 16.16 20.56
N ASP E 145 -56.35 17.43 20.88
CA ASP E 145 -55.51 18.55 20.49
C ASP E 145 -54.23 18.54 21.32
N ARG E 146 -54.36 18.18 22.59
CA ARG E 146 -53.23 18.10 23.50
C ARG E 146 -52.24 17.01 23.06
N GLU E 147 -52.75 15.83 22.64
CA GLU E 147 -51.90 14.70 22.28
C GLU E 147 -51.23 14.92 20.93
N ARG E 148 -51.87 15.74 20.09
CA ARG E 148 -51.39 16.03 18.77
C ARG E 148 -49.97 16.62 18.83
N GLU E 149 -49.60 17.29 19.94
CA GLU E 149 -48.29 17.86 20.09
C GLU E 149 -47.30 16.83 20.64
N VAL E 150 -47.79 16.00 21.56
CA VAL E 150 -47.03 14.93 22.19
C VAL E 150 -46.53 13.96 21.12
N ILE E 151 -47.44 13.58 20.23
CA ILE E 151 -47.17 12.64 19.17
C ILE E 151 -46.27 13.30 18.12
N THR E 152 -46.44 14.61 17.89
CA THR E 152 -45.58 15.33 16.97
C THR E 152 -44.13 15.28 17.45
N ARG E 153 -43.92 15.45 18.77
CA ARG E 153 -42.61 15.34 19.39
C ARG E 153 -42.02 13.93 19.30
N GLU E 154 -42.87 12.89 19.30
CA GLU E 154 -42.41 11.51 19.21
C GLU E 154 -41.77 11.22 17.87
N LEU E 155 -42.25 11.90 16.80
CA LEU E 155 -41.64 11.84 15.47
C LEU E 155 -40.16 12.26 15.49
N GLU E 156 -39.78 13.23 16.33
CA GLU E 156 -38.41 13.71 16.33
C GLU E 156 -37.54 13.14 17.46
N GLU E 157 -37.92 11.97 17.99
CA GLU E 157 -37.19 11.39 19.13
C GLU E 157 -37.02 9.90 18.96
N VAL E 158 -37.76 9.31 17.99
CA VAL E 158 -37.50 7.95 17.53
C VAL E 158 -36.19 7.92 16.76
N ASN E 159 -35.82 9.08 16.20
CA ASN E 159 -34.59 9.32 15.44
C ASN E 159 -33.36 8.78 16.18
N LYS E 160 -33.43 8.74 17.51
CA LYS E 160 -32.37 8.30 18.39
C LYS E 160 -32.37 6.77 18.51
N GLN E 161 -33.55 6.13 18.39
CA GLN E 161 -33.62 4.70 18.59
C GLN E 161 -33.26 3.99 17.29
N TYR E 162 -31.95 3.72 17.12
CA TYR E 162 -31.41 3.39 15.82
C TYR E 162 -32.01 2.09 15.29
N GLU E 163 -32.17 1.10 16.17
CA GLU E 163 -32.72 -0.16 15.74
C GLU E 163 -34.14 0.04 15.20
N GLU E 164 -34.95 0.85 15.88
CA GLU E 164 -36.31 1.11 15.40
C GLU E 164 -36.27 1.83 14.06
N VAL E 165 -35.36 2.80 13.90
CA VAL E 165 -35.26 3.52 12.65
C VAL E 165 -34.98 2.53 11.52
N VAL E 166 -34.01 1.64 11.75
CA VAL E 166 -33.60 0.68 10.76
C VAL E 166 -34.78 -0.24 10.41
N PHE E 167 -35.49 -0.76 11.40
CA PHE E 167 -36.58 -1.67 11.08
C PHE E 167 -37.78 -0.98 10.46
N ASP E 168 -38.03 0.28 10.82
CA ASP E 168 -39.12 0.97 10.15
C ASP E 168 -38.78 1.21 8.69
N HIS E 169 -37.52 1.56 8.39
CA HIS E 169 -37.17 1.75 6.99
C HIS E 169 -37.19 0.40 6.26
N LEU E 170 -36.83 -0.68 6.96
CA LEU E 170 -36.84 -1.99 6.33
C LEU E 170 -38.24 -2.39 5.89
N HIS E 171 -39.26 -2.17 6.72
CA HIS E 171 -40.62 -2.48 6.31
C HIS E 171 -41.05 -1.57 5.18
N ALA E 172 -40.66 -0.29 5.28
CA ALA E 172 -41.11 0.69 4.29
C ALA E 172 -40.59 0.30 2.91
N THR E 173 -39.37 -0.25 2.83
CA THR E 173 -38.78 -0.56 1.54
C THR E 173 -39.21 -1.95 1.07
N ALA E 174 -39.17 -2.94 1.95
CA ALA E 174 -39.55 -4.29 1.60
C ALA E 174 -41.01 -4.31 1.12
N PHE E 175 -41.91 -3.58 1.77
CA PHE E 175 -43.31 -3.63 1.37
C PHE E 175 -43.70 -2.30 0.79
N MET E 176 -42.94 -1.85 -0.20
CA MET E 176 -43.05 -0.52 -0.76
C MET E 176 -44.50 -0.24 -1.16
N ASN E 177 -45.05 0.88 -0.65
CA ASN E 177 -46.39 1.36 -0.96
C ASN E 177 -47.47 0.32 -0.66
N GLN E 178 -47.26 -0.50 0.38
CA GLN E 178 -48.26 -1.46 0.81
C GLN E 178 -48.57 -1.19 2.28
N PRO E 179 -49.70 -1.67 2.84
CA PRO E 179 -50.02 -1.43 4.26
C PRO E 179 -48.97 -1.85 5.28
N LEU E 180 -48.27 -2.97 5.05
CA LEU E 180 -47.18 -3.37 5.95
C LEU E 180 -45.99 -2.42 5.83
N GLY E 181 -45.94 -1.58 4.79
CA GLY E 181 -44.80 -0.69 4.63
C GLY E 181 -44.99 0.60 5.41
N ARG E 182 -46.19 0.86 5.95
CA ARG E 182 -46.42 2.10 6.67
C ARG E 182 -45.88 2.00 8.10
N THR E 183 -45.50 3.15 8.66
CA THR E 183 -45.09 3.22 10.05
C THR E 183 -46.34 3.19 10.94
N ILE E 184 -46.14 2.94 12.22
CA ILE E 184 -47.21 2.92 13.21
C ILE E 184 -47.62 4.35 13.59
N LEU E 185 -46.64 5.24 13.80
CA LEU E 185 -46.87 6.64 14.15
C LEU E 185 -47.68 7.33 13.05
N GLY E 186 -47.40 6.98 11.79
CA GLY E 186 -48.04 7.64 10.67
C GLY E 186 -47.30 8.92 10.30
N PRO E 187 -47.67 9.56 9.17
CA PRO E 187 -47.04 10.82 8.77
C PRO E 187 -47.49 12.01 9.63
N ARG E 188 -46.62 13.04 9.76
CA ARG E 188 -46.89 14.32 10.41
C ARG E 188 -48.23 14.92 9.99
N GLU E 189 -48.56 14.78 8.69
CA GLU E 189 -49.76 15.39 8.13
C GLU E 189 -51.01 14.80 8.77
N ASN E 190 -51.00 13.49 9.05
CA ASN E 190 -52.17 12.78 9.55
C ASN E 190 -52.34 13.13 11.01
N ILE E 191 -51.21 13.28 11.71
CA ILE E 191 -51.26 13.60 13.12
C ILE E 191 -51.99 14.91 13.34
N GLN E 192 -51.81 15.87 12.42
CA GLN E 192 -52.46 17.17 12.54
C GLN E 192 -53.93 17.11 12.13
N THR E 193 -54.38 16.03 11.47
CA THR E 193 -55.74 15.99 10.94
C THR E 193 -56.57 14.85 11.49
N ILE E 194 -56.08 14.12 12.51
CA ILE E 194 -56.85 13.02 13.07
C ILE E 194 -57.96 13.62 13.94
N THR E 195 -59.22 13.26 13.65
CA THR E 195 -60.37 13.74 14.43
C THR E 195 -60.91 12.62 15.32
N ASN E 196 -61.74 13.01 16.30
CA ASN E 196 -62.38 12.05 17.19
C ASN E 196 -63.31 11.13 16.40
N THR E 197 -63.80 11.61 15.25
CA THR E 197 -64.71 10.86 14.41
C THR E 197 -63.97 9.66 13.83
N GLU E 198 -62.79 9.91 13.28
CA GLU E 198 -62.05 8.85 12.63
C GLU E 198 -61.49 7.89 13.67
N LEU E 199 -61.15 8.41 14.87
CA LEU E 199 -60.74 7.55 15.96
C LEU E 199 -61.86 6.58 16.35
N ARG E 200 -63.07 7.11 16.43
CA ARG E 200 -64.23 6.35 16.89
C ARG E 200 -64.56 5.31 15.83
N LYS E 201 -64.43 5.71 14.57
CA LYS E 201 -64.73 4.82 13.46
C LYS E 201 -63.74 3.65 13.45
N PHE E 202 -62.47 3.94 13.78
CA PHE E 202 -61.43 2.94 13.68
C PHE E 202 -61.71 1.85 14.70
N ILE E 203 -62.00 2.28 15.94
CA ILE E 203 -62.13 1.33 17.03
C ILE E 203 -63.49 0.64 16.99
N THR E 204 -64.42 1.17 16.20
CA THR E 204 -65.73 0.54 16.10
C THR E 204 -65.67 -0.56 15.05
N GLU E 205 -64.87 -0.34 14.01
CA GLU E 205 -64.72 -1.28 12.93
C GLU E 205 -63.80 -2.43 13.33
N ASN E 206 -62.80 -2.15 14.19
CA ASN E 206 -61.71 -3.09 14.34
C ASN E 206 -61.75 -3.81 15.69
N TYR E 207 -62.12 -3.08 16.77
CA TYR E 207 -62.17 -3.66 18.09
C TYR E 207 -63.50 -4.37 18.31
N THR E 208 -63.70 -5.45 17.55
CA THR E 208 -64.90 -6.26 17.68
C THR E 208 -64.56 -7.54 18.43
N ALA E 209 -65.60 -8.16 18.97
CA ALA E 209 -65.45 -9.22 19.96
C ALA E 209 -64.78 -10.43 19.33
N ASP E 210 -65.03 -10.64 18.04
CA ASP E 210 -64.49 -11.83 17.38
C ASP E 210 -63.02 -11.60 17.05
N ARG E 211 -62.50 -10.41 17.35
CA ARG E 211 -61.11 -10.13 17.05
C ARG E 211 -60.31 -9.95 18.32
N MET E 212 -60.95 -10.18 19.46
CA MET E 212 -60.41 -9.85 20.76
C MET E 212 -60.27 -11.12 21.60
N VAL E 213 -59.21 -11.17 22.41
CA VAL E 213 -59.01 -12.27 23.32
C VAL E 213 -58.73 -11.65 24.68
N LEU E 214 -59.51 -12.03 25.69
CA LEU E 214 -59.18 -11.68 27.07
C LEU E 214 -58.28 -12.75 27.66
N VAL E 215 -57.10 -12.35 28.12
CA VAL E 215 -56.09 -13.31 28.50
C VAL E 215 -55.77 -13.09 29.98
N GLY E 216 -55.65 -14.18 30.75
CA GLY E 216 -55.16 -14.12 32.11
C GLY E 216 -54.02 -15.10 32.34
N ALA E 217 -52.95 -14.64 32.99
CA ALA E 217 -51.88 -15.54 33.38
C ALA E 217 -51.47 -15.20 34.81
N GLY E 218 -51.12 -16.25 35.58
CA GLY E 218 -50.60 -16.12 36.93
C GLY E 218 -51.69 -16.52 37.91
N ALA E 219 -51.93 -15.67 38.90
CA ALA E 219 -52.90 -15.98 39.93
C ALA E 219 -54.31 -15.58 39.48
N VAL E 220 -54.86 -16.29 38.50
CA VAL E 220 -56.19 -16.02 37.98
C VAL E 220 -56.95 -17.34 38.01
N ASP E 221 -58.24 -17.28 38.35
CA ASP E 221 -59.07 -18.45 38.12
C ASP E 221 -59.78 -18.24 36.79
N HIS E 222 -59.78 -19.29 35.96
CA HIS E 222 -60.41 -19.19 34.65
C HIS E 222 -61.90 -18.87 34.78
N ASP E 223 -62.55 -19.52 35.74
CA ASP E 223 -64.01 -19.42 35.85
C ASP E 223 -64.40 -18.02 36.32
N ALA E 224 -63.52 -17.42 37.13
CA ALA E 224 -63.68 -16.06 37.64
C ALA E 224 -63.50 -15.06 36.50
N LEU E 225 -62.52 -15.32 35.62
CA LEU E 225 -62.20 -14.47 34.49
C LEU E 225 -63.33 -14.48 33.46
N VAL E 226 -63.97 -15.63 33.28
CA VAL E 226 -65.07 -15.75 32.33
C VAL E 226 -66.29 -14.99 32.84
N GLU E 227 -66.48 -14.96 34.16
CA GLU E 227 -67.58 -14.25 34.78
C GLU E 227 -67.39 -12.75 34.61
N LEU E 228 -66.15 -12.30 34.79
CA LEU E 228 -65.78 -10.89 34.66
C LEU E 228 -65.93 -10.44 33.21
N ALA E 229 -65.73 -11.37 32.27
CA ALA E 229 -65.85 -11.07 30.86
C ALA E 229 -67.32 -10.90 30.47
N GLU E 230 -68.18 -11.70 31.12
CA GLU E 230 -69.61 -11.68 30.89
C GLU E 230 -70.20 -10.40 31.47
N LYS E 231 -69.49 -9.84 32.46
CA LYS E 231 -69.97 -8.67 33.18
C LYS E 231 -69.56 -7.38 32.45
N TYR E 232 -68.42 -7.41 31.76
CA TYR E 232 -67.82 -6.17 31.30
C TYR E 232 -67.72 -6.14 29.78
N PHE E 233 -67.51 -7.30 29.17
CA PHE E 233 -67.29 -7.31 27.73
C PHE E 233 -68.45 -7.93 26.99
N SER E 234 -69.64 -7.95 27.58
CA SER E 234 -70.74 -8.64 26.92
C SER E 234 -71.38 -7.78 25.83
N HIS E 235 -71.39 -6.45 26.03
CA HIS E 235 -71.96 -5.54 25.04
C HIS E 235 -70.87 -5.06 24.08
N LEU E 236 -70.04 -5.99 23.55
CA LEU E 236 -69.09 -5.63 22.50
C LEU E 236 -69.73 -5.97 21.17
N PRO E 237 -69.57 -5.13 20.13
CA PRO E 237 -70.12 -5.45 18.82
C PRO E 237 -69.43 -6.68 18.23
N SER E 238 -70.18 -7.49 17.50
CA SER E 238 -69.58 -8.51 16.65
C SER E 238 -69.45 -7.95 15.24
N SER E 239 -68.39 -8.36 14.52
CA SER E 239 -68.20 -7.95 13.13
C SER E 239 -69.24 -8.66 12.24
N GLN E 240 -69.51 -8.05 11.08
CA GLN E 240 -70.51 -8.51 10.13
C GLN E 240 -70.13 -9.89 9.58
N SER E 241 -68.85 -10.02 9.20
CA SER E 241 -68.27 -11.23 8.63
C SER E 241 -67.18 -11.77 9.56
N PRO E 242 -67.53 -12.60 10.57
CA PRO E 242 -66.53 -13.16 11.49
C PRO E 242 -65.63 -14.20 10.82
N VAL E 243 -64.43 -13.75 10.46
CA VAL E 243 -63.36 -14.65 10.04
C VAL E 243 -62.66 -15.22 11.27
N PRO E 244 -61.91 -16.35 11.15
CA PRO E 244 -61.15 -16.90 12.29
C PRO E 244 -60.03 -15.95 12.73
N LEU E 245 -59.59 -16.09 13.98
CA LEU E 245 -58.49 -15.28 14.49
C LEU E 245 -57.22 -15.58 13.69
N GLY E 246 -56.52 -14.50 13.33
CA GLY E 246 -55.23 -14.55 12.66
C GLY E 246 -55.37 -14.73 11.14
N THR E 247 -56.52 -14.30 10.59
CA THR E 247 -56.74 -14.30 9.16
C THR E 247 -56.24 -12.99 8.57
N PRO E 248 -55.43 -13.01 7.49
CA PRO E 248 -54.93 -11.78 6.85
C PRO E 248 -55.97 -10.66 6.74
N ILE E 260 -52.29 -8.66 -1.09
CA ILE E 260 -51.27 -9.75 -0.95
C ILE E 260 -49.88 -9.14 -1.03
N PRO E 261 -49.04 -9.26 0.02
CA PRO E 261 -47.74 -8.58 0.05
C PRO E 261 -46.84 -9.02 -1.09
N ASN E 262 -46.22 -8.04 -1.72
CA ASN E 262 -45.38 -8.29 -2.87
C ASN E 262 -44.05 -7.65 -2.51
N PHE E 263 -43.09 -8.45 -2.04
CA PHE E 263 -41.82 -7.98 -1.51
C PHE E 263 -41.04 -7.21 -2.59
N VAL E 264 -40.31 -6.14 -2.23
CA VAL E 264 -39.50 -5.44 -3.21
C VAL E 264 -38.04 -5.50 -2.79
N GLY E 265 -37.20 -6.11 -3.63
CA GLY E 265 -35.77 -6.05 -3.39
C GLY E 265 -35.28 -4.61 -3.58
N SER E 266 -34.62 -4.04 -2.59
CA SER E 266 -34.44 -2.60 -2.59
C SER E 266 -33.53 -2.20 -1.46
N GLU E 267 -33.11 -0.94 -1.44
CA GLU E 267 -32.20 -0.51 -0.40
C GLU E 267 -32.54 0.91 0.01
N VAL E 268 -32.26 1.21 1.28
CA VAL E 268 -32.33 2.56 1.83
C VAL E 268 -30.98 2.80 2.47
N ARG E 269 -30.34 3.90 2.10
CA ARG E 269 -29.09 4.24 2.73
C ARG E 269 -29.29 5.54 3.46
N LEU E 270 -28.98 5.57 4.76
CA LEU E 270 -29.13 6.77 5.56
C LEU E 270 -27.75 7.10 6.10
N ARG E 271 -26.90 7.55 5.21
CA ARG E 271 -25.51 7.71 5.61
C ARG E 271 -25.40 8.88 6.59
N ASP E 272 -24.62 8.68 7.66
CA ASP E 272 -24.38 9.74 8.62
C ASP E 272 -22.97 9.55 9.15
N ASP E 273 -22.03 10.31 8.59
CA ASP E 273 -20.62 10.14 8.93
C ASP E 273 -20.32 10.51 10.38
N THR E 274 -21.21 11.29 11.01
CA THR E 274 -20.96 11.71 12.38
C THR E 274 -21.28 10.60 13.39
N MET E 275 -22.07 9.59 13.01
CA MET E 275 -22.35 8.46 13.90
C MET E 275 -21.13 7.57 13.93
N PRO E 276 -20.69 7.08 15.10
CA PRO E 276 -19.62 6.08 15.18
C PRO E 276 -20.00 4.63 14.84
N VAL E 277 -21.28 4.26 14.96
CA VAL E 277 -21.67 2.88 14.78
C VAL E 277 -22.55 2.78 13.54
N ALA E 278 -22.24 1.86 12.62
CA ALA E 278 -23.10 1.57 11.48
C ALA E 278 -24.18 0.57 11.92
N HIS E 279 -25.43 0.77 11.47
CA HIS E 279 -26.50 -0.19 11.74
C HIS E 279 -27.03 -0.66 10.40
N ILE E 280 -27.05 -1.98 10.19
CA ILE E 280 -27.37 -2.52 8.87
C ILE E 280 -28.37 -3.64 9.05
N ALA E 281 -29.47 -3.62 8.31
CA ALA E 281 -30.33 -4.79 8.33
C ALA E 281 -30.43 -5.34 6.92
N ILE E 282 -30.50 -6.67 6.78
CA ILE E 282 -30.62 -7.31 5.48
C ILE E 282 -31.71 -8.35 5.66
N ALA E 283 -32.70 -8.37 4.77
CA ALA E 283 -33.77 -9.34 4.96
C ALA E 283 -34.24 -9.85 3.61
N VAL E 284 -34.82 -11.04 3.60
CA VAL E 284 -35.56 -11.53 2.46
C VAL E 284 -37.00 -11.70 2.92
N GLU E 285 -37.89 -11.93 1.96
CA GLU E 285 -39.23 -12.27 2.36
C GLU E 285 -39.22 -13.58 3.16
N GLY E 286 -39.82 -13.60 4.36
CA GLY E 286 -39.81 -14.78 5.19
C GLY E 286 -41.17 -15.46 5.19
N VAL E 287 -41.63 -15.93 6.35
CA VAL E 287 -42.73 -16.87 6.43
C VAL E 287 -43.80 -16.27 7.33
N SER E 288 -45.05 -16.63 7.06
CA SER E 288 -46.16 -16.21 7.91
C SER E 288 -46.31 -17.14 9.10
N TRP E 289 -47.17 -16.77 10.05
CA TRP E 289 -47.39 -17.57 11.26
C TRP E 289 -47.81 -18.99 10.91
N THR E 290 -48.61 -19.14 9.86
CA THR E 290 -49.16 -20.47 9.65
C THR E 290 -48.49 -21.16 8.48
N SER E 291 -47.41 -20.57 7.94
CA SER E 291 -46.62 -21.28 6.94
C SER E 291 -46.26 -22.69 7.40
N GLU E 292 -46.13 -23.59 6.45
CA GLU E 292 -45.59 -24.91 6.74
C GLU E 292 -44.09 -24.87 6.95
N ASP E 293 -43.46 -23.74 6.62
CA ASP E 293 -42.02 -23.65 6.84
C ASP E 293 -41.70 -22.83 8.07
N TYR E 294 -42.70 -22.54 8.89
CA TYR E 294 -42.51 -21.71 10.06
C TYR E 294 -41.36 -22.20 10.94
N TYR E 295 -41.32 -23.50 11.25
CA TYR E 295 -40.29 -24.00 12.15
C TYR E 295 -38.99 -24.18 11.41
N THR E 296 -39.07 -24.51 10.14
CA THR E 296 -37.85 -24.64 9.38
C THR E 296 -37.15 -23.28 9.32
N ALA E 297 -37.91 -22.19 9.16
CA ALA E 297 -37.28 -20.88 9.13
C ALA E 297 -36.67 -20.53 10.49
N LEU E 298 -37.28 -20.95 11.61
CA LEU E 298 -36.72 -20.68 12.94
C LEU E 298 -35.44 -21.47 13.14
N VAL E 299 -35.42 -22.73 12.68
CA VAL E 299 -34.19 -23.49 12.80
C VAL E 299 -33.08 -22.83 11.97
N ALA E 300 -33.41 -22.39 10.76
CA ALA E 300 -32.37 -21.79 9.93
C ALA E 300 -31.82 -20.54 10.61
N GLN E 301 -32.72 -19.78 11.23
CA GLN E 301 -32.37 -18.55 11.92
C GLN E 301 -31.44 -18.86 13.10
N ALA E 302 -31.70 -19.97 13.81
CA ALA E 302 -30.88 -20.36 14.95
C ALA E 302 -29.49 -20.85 14.55
N ILE E 303 -29.33 -21.41 13.35
CA ILE E 303 -28.01 -21.79 12.87
C ILE E 303 -27.11 -20.56 12.76
N ILE E 304 -27.64 -19.42 12.33
CA ILE E 304 -26.79 -18.24 12.26
C ILE E 304 -26.68 -17.64 13.66
N GLY E 305 -27.83 -17.43 14.31
CA GLY E 305 -27.87 -17.04 15.72
C GLY E 305 -27.53 -15.57 15.93
N ASN E 306 -27.18 -15.24 17.19
CA ASN E 306 -26.94 -13.87 17.61
C ASN E 306 -25.53 -13.75 18.14
N TYR E 307 -25.05 -12.52 18.26
CA TYR E 307 -23.73 -12.35 18.79
C TYR E 307 -23.69 -10.99 19.45
N ASP E 308 -22.95 -10.86 20.55
CA ASP E 308 -22.78 -9.57 21.19
C ASP E 308 -21.44 -9.56 21.89
N ARG E 309 -20.54 -8.64 21.51
CA ARG E 309 -19.19 -8.64 22.07
C ARG E 309 -19.22 -8.38 23.58
N ALA E 310 -20.30 -7.79 24.10
CA ALA E 310 -20.38 -7.46 25.51
C ALA E 310 -20.73 -8.67 26.36
N VAL E 311 -21.24 -9.73 25.76
CA VAL E 311 -21.56 -10.90 26.56
C VAL E 311 -20.33 -11.78 26.56
N GLY E 312 -19.95 -12.31 27.72
CA GLY E 312 -18.72 -13.09 27.87
C GLY E 312 -18.72 -14.38 27.07
N THR E 313 -19.87 -15.06 27.03
CA THR E 313 -19.96 -16.34 26.36
C THR E 313 -19.94 -16.24 24.83
N SER E 314 -20.14 -15.04 24.25
CA SER E 314 -20.39 -14.96 22.81
C SER E 314 -19.18 -15.36 21.97
N ARG E 315 -17.98 -15.17 22.50
CA ARG E 315 -16.80 -15.57 21.75
C ARG E 315 -16.71 -17.10 21.65
N HIS E 316 -17.49 -17.85 22.42
CA HIS E 316 -17.34 -19.30 22.36
C HIS E 316 -18.50 -20.00 21.65
N GLN E 317 -19.37 -19.25 20.97
CA GLN E 317 -20.59 -19.82 20.42
C GLN E 317 -20.22 -20.73 19.24
N GLY E 318 -21.09 -21.71 18.97
CA GLY E 318 -20.90 -22.70 17.92
C GLY E 318 -21.08 -22.17 16.49
N SER E 319 -21.93 -21.15 16.33
CA SER E 319 -22.25 -20.53 15.06
C SER E 319 -20.97 -20.13 14.32
N ARG E 320 -20.88 -20.53 13.06
CA ARG E 320 -19.75 -20.16 12.23
C ARG E 320 -19.63 -18.63 12.07
N LEU E 321 -20.76 -17.94 11.85
CA LEU E 321 -20.67 -16.50 11.65
C LEU E 321 -20.15 -15.84 12.92
N SER E 322 -20.60 -16.34 14.07
CA SER E 322 -20.17 -15.79 15.34
C SER E 322 -18.65 -15.90 15.46
N ASN E 323 -18.09 -17.06 15.09
CA ASN E 323 -16.65 -17.25 15.16
C ASN E 323 -15.91 -16.29 14.22
N ILE E 324 -16.38 -16.16 12.98
CA ILE E 324 -15.72 -15.26 12.03
C ILE E 324 -15.74 -13.83 12.57
N VAL E 325 -16.90 -13.42 13.09
CA VAL E 325 -17.10 -12.03 13.49
C VAL E 325 -16.26 -11.74 14.73
N SER E 326 -16.27 -12.63 15.72
CA SER E 326 -15.52 -12.37 16.94
C SER E 326 -14.01 -12.41 16.68
N GLU E 327 -13.53 -13.40 15.91
CA GLU E 327 -12.09 -13.48 15.68
C GLU E 327 -11.53 -12.28 14.92
N ASN E 328 -12.34 -11.68 14.05
CA ASN E 328 -11.85 -10.62 13.20
C ASN E 328 -12.34 -9.26 13.68
N ASN E 329 -13.07 -9.20 14.80
CA ASN E 329 -13.62 -7.95 15.30
C ASN E 329 -14.47 -7.24 14.25
N LEU E 330 -15.36 -7.98 13.59
CA LEU E 330 -16.03 -7.32 12.50
C LEU E 330 -17.25 -6.56 12.98
N ALA E 331 -17.76 -6.82 14.18
CA ALA E 331 -19.03 -6.19 14.54
C ALA E 331 -19.11 -6.08 16.05
N ASN E 332 -19.96 -5.19 16.55
CA ASN E 332 -20.27 -5.15 17.97
C ASN E 332 -21.33 -6.19 18.27
N SER E 333 -22.22 -6.41 17.32
CA SER E 333 -23.31 -7.35 17.54
C SER E 333 -23.98 -7.74 16.23
N PHE E 334 -24.66 -8.88 16.26
CA PHE E 334 -25.62 -9.16 15.21
C PHE E 334 -26.77 -9.95 15.81
N GLN E 335 -27.95 -9.84 15.23
CA GLN E 335 -29.13 -10.53 15.73
C GLN E 335 -29.89 -11.08 14.53
N SER E 336 -30.07 -12.39 14.46
CA SER E 336 -30.85 -12.96 13.38
C SER E 336 -32.31 -12.82 13.74
N PHE E 337 -33.19 -12.61 12.76
CA PHE E 337 -34.59 -12.53 13.11
C PHE E 337 -35.39 -13.28 12.06
N SER E 338 -36.56 -13.74 12.47
CA SER E 338 -37.54 -14.26 11.54
C SER E 338 -38.89 -13.73 11.99
N THR E 339 -39.26 -12.54 11.51
CA THR E 339 -40.50 -11.86 11.88
C THR E 339 -41.63 -12.38 11.01
N SER E 340 -42.79 -12.67 11.62
CA SER E 340 -43.90 -13.25 10.89
C SER E 340 -45.09 -12.31 10.94
N TYR E 341 -45.89 -12.34 9.88
CA TYR E 341 -47.16 -11.65 9.85
C TYR E 341 -48.18 -12.68 9.42
N SER E 342 -49.42 -12.25 9.19
CA SER E 342 -50.50 -13.16 8.87
C SER E 342 -50.28 -13.73 7.48
N ASP E 343 -49.70 -12.95 6.57
CA ASP E 343 -49.60 -13.42 5.19
C ASP E 343 -48.20 -13.31 4.60
N THR E 344 -47.20 -12.97 5.41
CA THR E 344 -45.85 -12.76 4.90
C THR E 344 -44.91 -12.72 6.09
N GLY E 345 -43.64 -12.38 5.86
CA GLY E 345 -42.72 -12.20 6.99
C GLY E 345 -41.42 -11.60 6.49
N LEU E 346 -40.47 -11.31 7.38
CA LEU E 346 -39.16 -10.90 6.92
C LEU E 346 -38.17 -11.77 7.68
N TRP E 347 -37.18 -12.34 6.98
CA TRP E 347 -36.20 -13.17 7.64
C TRP E 347 -34.85 -12.53 7.35
N GLY E 348 -34.03 -12.26 8.37
CA GLY E 348 -32.77 -11.64 8.01
C GLY E 348 -31.88 -11.44 9.21
N ILE E 349 -31.06 -10.38 9.17
CA ILE E 349 -30.11 -10.17 10.24
C ILE E 349 -29.95 -8.67 10.45
N TYR E 350 -29.64 -8.31 11.69
CA TYR E 350 -29.41 -6.92 12.00
C TYR E 350 -28.02 -6.81 12.59
N LEU E 351 -27.13 -5.98 12.02
CA LEU E 351 -25.73 -5.91 12.42
C LEU E 351 -25.42 -4.52 12.98
N THR E 352 -24.56 -4.45 14.00
CA THR E 352 -24.03 -3.15 14.38
C THR E 352 -22.51 -3.25 14.41
N SER E 353 -21.81 -2.23 13.90
CA SER E 353 -20.37 -2.34 13.77
C SER E 353 -19.72 -0.96 13.86
N GLU E 354 -18.56 -0.89 14.51
CA GLU E 354 -17.75 0.31 14.51
C GLU E 354 -16.60 0.16 13.51
N ASN E 355 -16.48 -1.02 12.90
CA ASN E 355 -15.34 -1.30 12.06
C ASN E 355 -15.69 -0.79 10.67
N THR E 356 -15.47 0.49 10.40
CA THR E 356 -16.08 1.08 9.23
C THR E 356 -15.33 0.72 7.95
N THR E 357 -14.08 0.26 8.05
CA THR E 357 -13.36 -0.14 6.85
C THR E 357 -13.57 -1.63 6.56
N GLN E 358 -14.26 -2.36 7.44
CA GLN E 358 -14.45 -3.77 7.10
C GLN E 358 -15.92 -4.13 7.09
N ILE E 359 -16.77 -3.15 6.80
CA ILE E 359 -18.18 -3.44 6.66
C ILE E 359 -18.38 -4.43 5.51
N ASP E 360 -17.61 -4.25 4.43
CA ASP E 360 -17.61 -5.17 3.31
C ASP E 360 -17.35 -6.61 3.76
N ASP E 361 -16.35 -6.84 4.62
CA ASP E 361 -16.06 -8.18 5.13
C ASP E 361 -17.24 -8.70 5.95
N LEU E 362 -17.76 -7.86 6.84
CA LEU E 362 -18.85 -8.30 7.69
C LEU E 362 -20.02 -8.79 6.82
N VAL E 363 -20.43 -8.00 5.83
CA VAL E 363 -21.58 -8.35 5.02
C VAL E 363 -21.24 -9.56 4.16
N HIS E 364 -20.04 -9.56 3.59
CA HIS E 364 -19.57 -10.68 2.79
C HIS E 364 -19.68 -11.99 3.58
N PHE E 365 -19.09 -12.05 4.78
CA PHE E 365 -19.13 -13.30 5.54
C PHE E 365 -20.52 -13.66 6.01
N THR E 366 -21.35 -12.65 6.30
CA THR E 366 -22.71 -12.96 6.71
C THR E 366 -23.44 -13.67 5.57
N LEU E 367 -23.35 -13.11 4.35
CA LEU E 367 -24.10 -13.72 3.26
C LEU E 367 -23.49 -15.05 2.83
N LYS E 368 -22.19 -15.24 3.05
CA LYS E 368 -21.60 -16.54 2.77
C LYS E 368 -22.07 -17.63 3.75
N GLU E 369 -22.35 -17.26 5.01
CA GLU E 369 -22.99 -18.17 5.95
C GLU E 369 -24.44 -18.47 5.53
N TRP E 370 -25.16 -17.48 5.01
CA TRP E 370 -26.49 -17.78 4.50
C TRP E 370 -26.43 -18.74 3.31
N ASN E 371 -25.42 -18.57 2.44
CA ASN E 371 -25.26 -19.45 1.28
C ASN E 371 -25.13 -20.89 1.75
N ARG E 372 -24.42 -21.12 2.86
CA ARG E 372 -24.20 -22.47 3.37
C ARG E 372 -25.48 -23.13 3.88
N LEU E 373 -26.53 -22.35 4.15
CA LEU E 373 -27.79 -22.98 4.51
C LEU E 373 -28.36 -23.72 3.31
N SER E 374 -27.96 -23.33 2.10
CA SER E 374 -28.43 -23.96 0.87
C SER E 374 -27.46 -25.05 0.42
N THR E 375 -26.17 -24.84 0.67
CA THR E 375 -25.19 -25.69 0.03
C THR E 375 -24.61 -26.75 0.98
N SER E 376 -24.45 -26.43 2.27
CA SER E 376 -23.54 -27.20 3.11
C SER E 376 -24.16 -27.72 4.40
N VAL E 377 -25.31 -27.19 4.84
CA VAL E 377 -25.74 -27.59 6.18
C VAL E 377 -26.09 -29.06 6.19
N SER E 378 -25.74 -29.73 7.27
CA SER E 378 -26.01 -31.14 7.43
C SER E 378 -26.70 -31.32 8.77
N ASN E 379 -26.82 -32.58 9.18
CA ASN E 379 -27.38 -32.95 10.46
C ASN E 379 -26.62 -32.33 11.62
N LEU E 380 -25.34 -32.00 11.42
CA LEU E 380 -24.54 -31.41 12.48
C LEU E 380 -25.14 -30.10 12.98
N GLN E 381 -25.31 -29.11 12.09
CA GLN E 381 -25.81 -27.79 12.44
C GLN E 381 -27.29 -27.88 12.81
N VAL E 382 -28.06 -28.66 12.04
CA VAL E 382 -29.50 -28.70 12.23
C VAL E 382 -29.87 -29.26 13.60
N GLU E 383 -29.24 -30.38 14.00
CA GLU E 383 -29.59 -31.00 15.28
C GLU E 383 -29.18 -30.10 16.44
N ARG E 384 -28.04 -29.42 16.29
CA ARG E 384 -27.60 -28.47 17.29
C ARG E 384 -28.62 -27.35 17.49
N ALA E 385 -29.13 -26.79 16.38
CA ALA E 385 -30.02 -25.64 16.43
C ALA E 385 -31.37 -26.05 17.00
N LYS E 386 -31.82 -27.26 16.65
CA LYS E 386 -33.07 -27.80 17.18
C LYS E 386 -32.97 -27.96 18.69
N SER E 387 -31.84 -28.49 19.18
CA SER E 387 -31.60 -28.64 20.61
C SER E 387 -31.75 -27.31 21.36
N GLN E 388 -31.15 -26.27 20.79
CA GLN E 388 -31.14 -24.93 21.35
C GLN E 388 -32.55 -24.34 21.36
N LEU E 389 -33.38 -24.68 20.37
CA LEU E 389 -34.68 -24.06 20.19
C LEU E 389 -35.74 -24.73 21.07
N LYS E 390 -35.62 -26.05 21.20
CA LYS E 390 -36.52 -26.83 22.01
C LYS E 390 -36.62 -26.21 23.41
N ALA E 391 -35.47 -25.80 23.96
CA ALA E 391 -35.41 -25.11 25.24
C ALA E 391 -35.82 -23.65 25.10
N GLY E 392 -35.25 -22.94 24.12
CA GLY E 392 -35.46 -21.51 23.93
C GLY E 392 -36.94 -21.11 23.90
N LEU E 393 -37.77 -21.91 23.22
CA LEU E 393 -39.18 -21.61 23.05
C LEU E 393 -39.95 -21.70 24.37
N LEU E 394 -39.45 -22.51 25.30
CA LEU E 394 -40.04 -22.64 26.62
C LEU E 394 -39.43 -21.63 27.59
N LEU E 395 -38.12 -21.36 27.43
CA LEU E 395 -37.34 -20.55 28.37
C LEU E 395 -37.88 -19.13 28.41
N SER E 396 -38.21 -18.61 27.22
CA SER E 396 -38.76 -17.28 27.01
C SER E 396 -39.90 -16.95 27.97
N LEU E 397 -40.71 -17.96 28.32
CA LEU E 397 -41.90 -17.74 29.15
C LEU E 397 -41.51 -17.87 30.62
N ASP E 398 -40.96 -16.80 31.21
CA ASP E 398 -40.44 -16.91 32.59
C ASP E 398 -41.12 -15.97 33.60
N GLY E 399 -42.21 -15.28 33.20
CA GLY E 399 -43.04 -14.51 34.11
C GLY E 399 -44.47 -14.39 33.60
N THR E 400 -45.39 -13.83 34.41
CA THR E 400 -46.81 -13.84 34.05
C THR E 400 -47.08 -12.99 32.80
N THR E 401 -46.32 -11.91 32.63
CA THR E 401 -46.50 -11.06 31.48
C THR E 401 -46.04 -11.80 30.22
N TYR E 402 -44.93 -12.56 30.34
CA TYR E 402 -44.42 -13.32 29.21
C TYR E 402 -45.41 -14.40 28.81
N VAL E 403 -46.01 -15.03 29.81
CA VAL E 403 -46.97 -16.10 29.55
C VAL E 403 -48.20 -15.49 28.89
N ALA E 404 -48.69 -14.36 29.42
CA ALA E 404 -49.88 -13.74 28.86
C ALA E 404 -49.61 -13.32 27.42
N GLU E 405 -48.41 -12.79 27.17
CA GLU E 405 -48.05 -12.36 25.82
C GLU E 405 -48.06 -13.57 24.90
N ASP E 406 -47.57 -14.71 25.38
CA ASP E 406 -47.52 -15.92 24.58
C ASP E 406 -48.92 -16.42 24.26
N ILE E 407 -49.78 -16.52 25.26
CA ILE E 407 -51.15 -16.93 25.02
C ILE E 407 -51.79 -15.99 24.01
N GLY E 408 -51.69 -14.68 24.27
CA GLY E 408 -52.37 -13.69 23.44
C GLY E 408 -51.86 -13.70 22.00
N ARG E 409 -50.54 -13.73 21.81
CA ARG E 409 -49.98 -13.76 20.47
C ARG E 409 -50.48 -15.03 19.74
N GLN E 410 -50.32 -16.20 20.36
CA GLN E 410 -50.74 -17.43 19.70
C GLN E 410 -52.23 -17.45 19.40
N LEU E 411 -53.07 -16.88 20.27
CA LEU E 411 -54.52 -16.97 20.03
C LEU E 411 -54.89 -16.01 18.91
N THR E 412 -54.17 -14.89 18.78
CA THR E 412 -54.54 -13.90 17.78
C THR E 412 -53.89 -14.16 16.41
N THR E 413 -52.88 -15.03 16.35
CA THR E 413 -52.20 -15.34 15.10
C THR E 413 -52.54 -16.74 14.60
N LEU E 414 -52.81 -17.69 15.52
CA LEU E 414 -53.02 -19.09 15.11
C LEU E 414 -54.45 -19.54 15.41
N GLY E 415 -55.12 -18.82 16.32
CA GLY E 415 -56.46 -19.21 16.74
C GLY E 415 -56.47 -20.28 17.83
N ARG E 416 -55.28 -20.66 18.33
CA ARG E 416 -55.16 -21.64 19.41
C ARG E 416 -53.80 -21.47 20.09
N ARG E 417 -53.72 -21.97 21.34
CA ARG E 417 -52.44 -22.08 22.02
C ARG E 417 -51.85 -23.42 21.62
N VAL E 418 -50.66 -23.40 21.03
CA VAL E 418 -50.01 -24.67 20.70
C VAL E 418 -49.27 -25.16 21.94
N THR E 419 -49.60 -26.39 22.36
CA THR E 419 -49.02 -27.03 23.53
C THR E 419 -47.54 -27.29 23.28
N PRO E 420 -46.67 -27.26 24.31
CA PRO E 420 -45.25 -27.60 24.15
C PRO E 420 -44.95 -28.94 23.49
N ALA E 421 -45.85 -29.92 23.66
CA ALA E 421 -45.70 -31.22 23.03
C ALA E 421 -45.82 -31.12 21.50
N GLU E 422 -46.77 -30.32 21.03
CA GLU E 422 -46.98 -30.12 19.61
C GLU E 422 -45.79 -29.36 19.02
N VAL E 423 -45.29 -28.39 19.78
CA VAL E 423 -44.16 -27.60 19.34
C VAL E 423 -42.90 -28.47 19.29
N GLU E 424 -42.79 -29.41 20.23
CA GLU E 424 -41.61 -30.26 20.29
C GLU E 424 -41.64 -31.21 19.09
N ALA E 425 -42.84 -31.62 18.69
CA ALA E 425 -43.02 -32.52 17.55
C ALA E 425 -42.74 -31.81 16.22
N LYS E 426 -43.22 -30.56 16.08
CA LYS E 426 -42.99 -29.79 14.86
C LYS E 426 -41.50 -29.48 14.70
N LEU E 427 -40.79 -29.15 15.79
CA LEU E 427 -39.36 -28.95 15.72
C LEU E 427 -38.61 -30.23 15.36
N GLU E 428 -39.03 -31.35 15.94
CA GLU E 428 -38.39 -32.63 15.65
C GLU E 428 -38.54 -33.01 14.18
N ALA E 429 -39.63 -32.58 13.57
CA ALA E 429 -39.84 -32.92 12.18
C ALA E 429 -38.95 -32.11 11.23
N VAL E 430 -38.24 -31.08 11.72
CA VAL E 430 -37.37 -30.32 10.81
C VAL E 430 -36.10 -31.12 10.54
N THR E 431 -35.83 -31.48 9.29
CA THR E 431 -34.61 -32.21 8.94
C THR E 431 -33.63 -31.29 8.22
N GLU E 432 -32.41 -31.77 7.97
CA GLU E 432 -31.43 -30.99 7.23
C GLU E 432 -31.91 -30.82 5.79
N HIS E 433 -32.66 -31.81 5.31
CA HIS E 433 -33.18 -31.71 3.97
C HIS E 433 -34.18 -30.55 3.85
N ASP E 434 -35.03 -30.41 4.87
CA ASP E 434 -35.99 -29.32 4.96
C ASP E 434 -35.29 -27.98 5.01
N VAL E 435 -34.23 -27.85 5.81
CA VAL E 435 -33.54 -26.56 5.88
C VAL E 435 -32.96 -26.22 4.52
N ARG E 436 -32.28 -27.19 3.89
CA ARG E 436 -31.64 -26.92 2.60
C ARG E 436 -32.69 -26.58 1.56
N ALA E 437 -33.81 -27.33 1.56
CA ALA E 437 -34.85 -27.04 0.60
C ALA E 437 -35.43 -25.65 0.81
N TRP E 438 -35.61 -25.26 2.08
CA TRP E 438 -36.21 -23.97 2.40
C TRP E 438 -35.24 -22.86 1.97
N ALA E 439 -33.95 -23.02 2.28
CA ALA E 439 -32.97 -21.98 1.97
C ALA E 439 -32.82 -21.81 0.46
N GLN E 440 -32.90 -22.93 -0.27
CA GLN E 440 -32.74 -22.88 -1.72
C GLN E 440 -33.91 -22.16 -2.38
N LYS E 441 -35.09 -22.15 -1.77
CA LYS E 441 -36.17 -21.40 -2.39
C LYS E 441 -36.37 -20.00 -1.79
N THR E 442 -35.77 -19.71 -0.63
CA THR E 442 -36.09 -18.48 0.09
C THR E 442 -34.88 -17.56 0.13
N LEU E 443 -33.68 -18.13 0.18
CA LEU E 443 -32.52 -17.28 0.33
C LEU E 443 -31.68 -17.26 -0.94
N TYR E 444 -31.48 -18.45 -1.51
CA TYR E 444 -30.43 -18.58 -2.51
C TYR E 444 -30.71 -17.72 -3.72
N ASP E 445 -29.79 -16.81 -4.07
CA ASP E 445 -29.97 -16.00 -5.28
C ASP E 445 -31.28 -15.18 -5.22
N LYS E 446 -31.67 -14.67 -4.04
CA LYS E 446 -32.93 -13.94 -3.95
C LYS E 446 -32.67 -12.47 -3.73
N ASP E 447 -33.68 -11.62 -4.02
CA ASP E 447 -33.60 -10.20 -3.77
C ASP E 447 -33.62 -9.93 -2.27
N ILE E 448 -32.88 -8.93 -1.83
CA ILE E 448 -32.87 -8.61 -0.42
C ILE E 448 -33.42 -7.20 -0.25
N ALA E 449 -33.85 -6.90 0.95
CA ALA E 449 -34.11 -5.54 1.34
C ALA E 449 -32.98 -5.17 2.27
N LEU E 450 -32.42 -3.99 2.06
CA LEU E 450 -31.18 -3.67 2.75
C LEU E 450 -31.34 -2.26 3.30
N VAL E 451 -31.04 -2.07 4.59
CA VAL E 451 -31.08 -0.72 5.13
C VAL E 451 -29.75 -0.49 5.80
N GLY E 452 -29.10 0.63 5.49
CA GLY E 452 -27.91 0.96 6.26
C GLY E 452 -28.05 2.35 6.87
N LEU E 453 -27.55 2.54 8.10
CA LEU E 453 -27.63 3.81 8.77
C LEU E 453 -26.29 4.08 9.45
N GLY E 454 -25.76 5.29 9.28
CA GLY E 454 -24.52 5.64 9.95
C GLY E 454 -23.35 5.72 8.98
N PRO E 455 -22.11 5.44 9.44
CA PRO E 455 -20.94 5.55 8.57
C PRO E 455 -20.82 4.35 7.63
N ILE E 456 -21.59 4.38 6.54
CA ILE E 456 -21.78 3.20 5.71
C ILE E 456 -21.11 3.40 4.34
N GLU E 457 -20.15 4.31 4.26
CA GLU E 457 -19.41 4.48 3.01
C GLU E 457 -18.87 3.14 2.52
N GLY E 458 -18.38 2.29 3.44
CA GLY E 458 -17.88 0.96 3.12
C GLY E 458 -18.95 -0.06 2.73
N LEU E 459 -20.23 0.29 2.80
CA LEU E 459 -21.22 -0.68 2.39
C LEU E 459 -21.31 -0.62 0.86
N TYR E 460 -21.04 -1.71 0.11
CA TYR E 460 -21.05 -1.62 -1.34
C TYR E 460 -22.47 -1.42 -1.88
N ASP E 461 -22.57 -1.07 -3.16
CA ASP E 461 -23.83 -0.90 -3.86
C ASP E 461 -24.67 -2.18 -3.81
N TYR E 462 -25.95 -2.06 -4.15
CA TYR E 462 -26.90 -3.15 -4.12
C TYR E 462 -26.39 -4.41 -4.82
N ASN E 463 -25.86 -4.28 -6.05
CA ASN E 463 -25.49 -5.45 -6.86
C ASN E 463 -24.44 -6.29 -6.15
N ARG E 464 -23.41 -5.64 -5.62
CA ARG E 464 -22.35 -6.40 -4.97
C ARG E 464 -22.86 -7.09 -3.71
N ILE E 465 -23.84 -6.50 -3.01
CA ILE E 465 -24.40 -7.18 -1.86
C ILE E 465 -25.23 -8.35 -2.37
N ARG E 466 -26.15 -8.05 -3.28
CA ARG E 466 -26.99 -9.12 -3.77
C ARG E 466 -26.21 -10.23 -4.49
N ASN E 467 -25.04 -9.95 -5.06
CA ASN E 467 -24.26 -11.02 -5.68
C ASN E 467 -23.75 -12.05 -4.67
N ASP E 468 -23.58 -11.63 -3.41
CA ASP E 468 -23.21 -12.57 -2.37
C ASP E 468 -24.35 -13.50 -1.97
N MET E 469 -25.54 -13.37 -2.58
CA MET E 469 -26.63 -14.28 -2.21
C MET E 469 -26.49 -15.60 -2.96
N SER E 470 -25.43 -15.78 -3.74
CA SER E 470 -25.17 -17.11 -4.30
C SER E 470 -23.69 -17.36 -4.32
N MET E 471 -23.26 -18.59 -4.59
CA MET E 471 -21.85 -18.87 -4.65
C MET E 471 -21.55 -19.35 -6.06
N MET E 472 -20.59 -18.75 -6.74
CA MET E 472 -20.23 -19.25 -8.06
C MET E 472 -19.59 -20.64 -8.02
N ARG E 473 -19.02 -21.04 -6.86
CA ARG E 473 -18.39 -22.35 -6.75
C ARG E 473 -19.41 -23.49 -6.69
N TRP E 474 -20.69 -23.18 -6.43
CA TRP E 474 -21.72 -24.19 -6.27
C TRP E 474 -22.61 -24.22 -7.52
N PHE F 15 -40.04 -21.88 49.27
CA PHE F 15 -38.60 -22.32 49.28
C PHE F 15 -38.25 -23.06 50.57
N SER F 16 -38.22 -24.40 50.49
CA SER F 16 -37.76 -25.23 51.59
C SER F 16 -36.25 -25.12 51.76
N THR F 17 -35.85 -24.38 52.79
CA THR F 17 -34.48 -24.31 53.27
C THR F 17 -34.04 -25.68 53.84
N ALA F 18 -32.88 -26.16 53.38
CA ALA F 18 -32.15 -27.26 54.01
C ALA F 18 -30.64 -27.03 53.96
N GLU F 19 -29.92 -28.10 54.32
CA GLU F 19 -28.47 -28.13 54.34
C GLU F 19 -28.00 -29.42 53.68
N ALA F 20 -27.04 -29.27 52.76
CA ALA F 20 -26.49 -30.41 52.05
C ALA F 20 -24.98 -30.25 52.04
N ALA F 21 -24.30 -31.16 52.74
CA ALA F 21 -22.86 -31.16 52.90
C ALA F 21 -22.35 -29.78 53.31
N GLY F 22 -23.06 -29.13 54.25
CA GLY F 22 -22.54 -27.90 54.85
C GLY F 22 -22.93 -26.67 54.04
N VAL F 23 -23.64 -26.89 52.94
CA VAL F 23 -24.06 -25.82 52.05
C VAL F 23 -25.56 -25.68 52.26
N LYS F 24 -26.00 -24.43 52.43
CA LYS F 24 -27.41 -24.10 52.52
C LYS F 24 -28.09 -24.11 51.15
N VAL F 25 -29.15 -24.92 51.04
CA VAL F 25 -29.83 -25.17 49.78
C VAL F 25 -31.31 -24.86 49.97
N ALA F 26 -31.88 -23.99 49.13
CA ALA F 26 -33.31 -23.69 49.16
C ALA F 26 -33.93 -23.93 47.79
N ALA F 27 -35.00 -24.71 47.77
CA ALA F 27 -35.63 -25.05 46.51
C ALA F 27 -37.14 -25.04 46.67
N GLN F 28 -37.82 -24.78 45.55
CA GLN F 28 -39.26 -24.72 45.48
C GLN F 28 -39.62 -25.43 44.18
N ASP F 29 -40.34 -26.54 44.29
CA ASP F 29 -40.81 -27.24 43.11
C ASP F 29 -41.97 -26.49 42.47
N GLY F 30 -42.13 -26.69 41.15
CA GLY F 30 -43.14 -25.99 40.39
C GLY F 30 -43.71 -26.89 39.31
N GLN F 31 -44.53 -26.30 38.43
CA GLN F 31 -45.10 -27.04 37.32
C GLN F 31 -44.75 -26.29 36.05
N SER F 32 -43.49 -26.43 35.63
CA SER F 32 -43.01 -25.75 34.45
C SER F 32 -41.87 -26.60 33.90
N PRO F 33 -41.59 -26.56 32.57
CA PRO F 33 -40.41 -27.22 32.03
C PRO F 33 -39.09 -26.52 32.30
N ILE F 34 -39.10 -25.34 32.93
CA ILE F 34 -37.90 -24.53 33.05
C ILE F 34 -37.47 -24.39 34.51
N SER F 35 -36.23 -24.77 34.81
CA SER F 35 -35.68 -24.59 36.14
C SER F 35 -34.64 -23.47 36.14
N ASP F 36 -34.58 -22.73 37.24
CA ASP F 36 -33.49 -21.79 37.45
C ASP F 36 -32.67 -22.25 38.65
N LEU F 37 -31.35 -22.40 38.47
CA LEU F 37 -30.50 -22.68 39.60
C LEU F 37 -29.56 -21.50 39.79
N SER F 38 -29.53 -20.96 41.01
CA SER F 38 -28.64 -19.86 41.33
C SER F 38 -27.69 -20.20 42.48
N VAL F 39 -26.42 -19.86 42.29
CA VAL F 39 -25.51 -19.84 43.41
C VAL F 39 -25.42 -18.40 43.90
N VAL F 40 -25.79 -18.17 45.16
CA VAL F 40 -25.60 -16.85 45.73
C VAL F 40 -24.34 -16.87 46.60
N LEU F 41 -23.43 -15.91 46.36
CA LEU F 41 -22.20 -15.90 47.13
C LEU F 41 -22.18 -14.65 47.98
N ARG F 42 -21.70 -14.79 49.21
CA ARG F 42 -21.43 -13.63 50.05
C ARG F 42 -20.15 -12.97 49.56
N GLY F 43 -20.24 -12.18 48.50
CA GLY F 43 -19.00 -11.74 47.94
C GLY F 43 -19.23 -10.43 47.20
N GLY F 44 -20.33 -9.76 47.55
CA GLY F 44 -20.62 -8.51 46.89
C GLY F 44 -19.61 -7.44 47.25
N SER F 45 -19.82 -6.23 46.76
CA SER F 45 -18.78 -5.23 46.80
C SER F 45 -18.46 -4.71 48.20
N ARG F 46 -19.38 -4.90 49.16
CA ARG F 46 -19.14 -4.39 50.49
C ARG F 46 -18.03 -5.23 51.16
N TYR F 47 -17.78 -6.41 50.59
CA TYR F 47 -16.81 -7.31 51.16
C TYR F 47 -15.51 -7.27 50.36
N ALA F 48 -15.51 -6.47 49.28
CA ALA F 48 -14.40 -6.46 48.34
C ALA F 48 -13.12 -6.02 49.05
N THR F 49 -12.10 -6.86 48.93
CA THR F 49 -10.75 -6.57 49.42
C THR F 49 -10.18 -5.34 48.71
N VAL F 50 -10.21 -5.33 47.37
CA VAL F 50 -9.75 -4.22 46.57
C VAL F 50 -10.91 -3.76 45.69
N PRO F 51 -10.99 -2.45 45.33
CA PRO F 51 -12.09 -1.93 44.53
C PRO F 51 -12.25 -2.66 43.19
N GLY F 52 -13.43 -3.26 43.00
CA GLY F 52 -13.80 -3.82 41.71
C GLY F 52 -13.64 -5.32 41.74
N VAL F 53 -13.08 -5.89 42.81
CA VAL F 53 -12.75 -7.29 42.75
C VAL F 53 -14.00 -8.19 42.70
N SER F 54 -15.10 -7.75 43.28
CA SER F 54 -16.28 -8.60 43.28
C SER F 54 -16.90 -8.62 41.88
N HIS F 55 -16.87 -7.50 41.16
CA HIS F 55 -17.27 -7.46 39.76
C HIS F 55 -16.39 -8.36 38.88
N ILE F 56 -15.07 -8.31 39.07
CA ILE F 56 -14.14 -9.16 38.32
C ILE F 56 -14.37 -10.63 38.67
N LEU F 57 -14.54 -10.95 39.96
CA LEU F 57 -14.84 -12.34 40.28
C LEU F 57 -16.11 -12.83 39.60
N GLU F 58 -17.15 -11.99 39.53
CA GLU F 58 -18.41 -12.36 38.89
C GLU F 58 -18.16 -12.66 37.41
N LYS F 59 -17.35 -11.83 36.74
CA LYS F 59 -17.00 -12.02 35.34
C LYS F 59 -16.08 -13.21 35.13
N PHE F 60 -15.41 -13.67 36.20
CA PHE F 60 -14.56 -14.84 36.07
C PHE F 60 -15.33 -16.14 36.24
N ALA F 61 -16.65 -16.09 36.50
CA ALA F 61 -17.38 -17.34 36.63
C ALA F 61 -17.54 -17.98 35.25
N PHE F 62 -17.41 -19.32 35.17
CA PHE F 62 -17.53 -20.05 33.92
C PHE F 62 -16.40 -19.69 32.94
N GLN F 63 -15.23 -19.27 33.46
CA GLN F 63 -14.01 -19.29 32.66
C GLN F 63 -13.42 -20.69 32.71
N ASN F 64 -12.15 -20.84 32.34
CA ASN F 64 -11.59 -22.19 32.27
C ASN F 64 -11.56 -22.78 33.67
N THR F 65 -12.10 -23.98 33.81
CA THR F 65 -11.86 -24.74 35.01
C THR F 65 -10.97 -25.89 34.62
N VAL F 66 -10.47 -26.65 35.60
CA VAL F 66 -9.59 -27.77 35.35
C VAL F 66 -10.33 -28.89 34.61
N PRO F 67 -11.54 -29.32 35.04
CA PRO F 67 -12.29 -30.30 34.26
C PRO F 67 -12.93 -29.82 32.94
N LYS F 68 -13.16 -28.52 32.76
CA LYS F 68 -13.97 -28.09 31.62
C LYS F 68 -13.61 -26.66 31.24
N SER F 69 -13.16 -26.47 30.00
CA SER F 69 -12.79 -25.15 29.53
C SER F 69 -14.04 -24.28 29.35
N ALA F 70 -13.86 -22.97 29.39
CA ALA F 70 -14.93 -22.03 29.09
C ALA F 70 -15.59 -22.38 27.75
N LEU F 71 -14.77 -22.71 26.75
CA LEU F 71 -15.26 -23.01 25.43
C LEU F 71 -16.12 -24.26 25.47
N ARG F 72 -15.64 -25.30 26.14
CA ARG F 72 -16.44 -26.51 26.13
C ARG F 72 -17.76 -26.30 26.89
N PHE F 73 -17.72 -25.53 27.97
CA PHE F 73 -18.94 -25.25 28.70
C PHE F 73 -19.96 -24.54 27.82
N VAL F 74 -19.55 -23.50 27.11
CA VAL F 74 -20.50 -22.76 26.29
C VAL F 74 -21.05 -23.66 25.19
N ARG F 75 -20.23 -24.52 24.60
CA ARG F 75 -20.72 -25.35 23.51
C ARG F 75 -21.74 -26.35 24.07
N GLU F 76 -21.57 -26.79 25.31
CA GLU F 76 -22.47 -27.79 25.85
C GLU F 76 -23.76 -27.13 26.33
N LEU F 77 -23.63 -25.94 26.91
CA LEU F 77 -24.77 -25.14 27.34
C LEU F 77 -25.72 -24.91 26.17
N GLU F 78 -25.19 -24.65 24.97
CA GLU F 78 -25.96 -24.48 23.75
C GLU F 78 -26.72 -25.75 23.36
N LEU F 79 -26.14 -26.93 23.60
CA LEU F 79 -26.79 -28.21 23.32
C LEU F 79 -27.97 -28.48 24.26
N PHE F 80 -27.95 -27.90 25.46
CA PHE F 80 -29.04 -28.02 26.41
C PHE F 80 -30.00 -26.84 26.25
N GLY F 81 -29.59 -25.86 25.45
CA GLY F 81 -30.36 -24.63 25.30
C GLY F 81 -30.41 -23.82 26.59
N GLY F 82 -29.46 -24.04 27.50
CA GLY F 82 -29.46 -23.30 28.76
C GLY F 82 -28.98 -21.86 28.56
N LYS F 83 -29.21 -21.02 29.59
CA LYS F 83 -28.68 -19.67 29.58
C LYS F 83 -28.01 -19.40 30.91
N LEU F 84 -27.13 -18.40 30.91
CA LEU F 84 -26.29 -18.03 32.03
C LEU F 84 -26.50 -16.56 32.31
N TYR F 85 -26.72 -16.21 33.57
CA TYR F 85 -26.88 -14.83 33.98
C TYR F 85 -26.02 -14.64 35.21
N THR F 86 -25.30 -13.54 35.28
CA THR F 86 -24.49 -13.28 36.45
C THR F 86 -24.66 -11.82 36.80
N HIS F 87 -24.65 -11.47 38.09
CA HIS F 87 -24.55 -10.06 38.42
C HIS F 87 -23.94 -9.92 39.81
N THR F 88 -23.49 -8.69 40.11
CA THR F 88 -22.87 -8.35 41.38
C THR F 88 -23.73 -7.28 42.03
N THR F 89 -23.96 -7.39 43.34
CA THR F 89 -24.59 -6.32 44.09
C THR F 89 -23.60 -5.86 45.17
N ARG F 90 -24.07 -5.01 46.10
CA ARG F 90 -23.25 -4.60 47.24
C ARG F 90 -23.12 -5.74 48.22
N GLU F 91 -24.08 -6.69 48.18
CA GLU F 91 -24.09 -7.77 49.11
C GLU F 91 -23.68 -9.12 48.49
N HIS F 92 -24.08 -9.39 47.24
CA HIS F 92 -23.88 -10.73 46.72
C HIS F 92 -23.24 -10.72 45.34
N ILE F 93 -22.69 -11.87 44.96
CA ILE F 93 -22.53 -12.22 43.57
C ILE F 93 -23.56 -13.29 43.30
N VAL F 94 -24.31 -13.14 42.22
CA VAL F 94 -25.34 -14.11 41.87
C VAL F 94 -25.00 -14.72 40.52
N LEU F 95 -24.95 -16.04 40.47
CA LEU F 95 -24.65 -16.76 39.24
C LEU F 95 -25.86 -17.66 38.99
N ARG F 96 -26.55 -17.42 37.88
CA ARG F 96 -27.80 -18.11 37.68
C ARG F 96 -27.76 -18.85 36.35
N THR F 97 -28.34 -20.04 36.33
CA THR F 97 -28.52 -20.73 35.07
C THR F 97 -29.98 -21.08 34.87
N GLN F 98 -30.43 -21.06 33.63
CA GLN F 98 -31.81 -21.41 33.33
C GLN F 98 -31.77 -22.56 32.34
N PHE F 99 -32.52 -23.62 32.59
CA PHE F 99 -32.39 -24.81 31.76
C PHE F 99 -33.68 -25.62 31.83
N LEU F 100 -33.78 -26.71 31.09
CA LEU F 100 -34.91 -27.62 31.23
C LEU F 100 -34.72 -28.47 32.48
N LYS F 101 -35.84 -28.79 33.17
CA LYS F 101 -35.88 -29.45 34.48
C LYS F 101 -34.90 -30.62 34.55
N GLN F 102 -34.98 -31.51 33.55
CA GLN F 102 -34.23 -32.76 33.54
C GLN F 102 -32.71 -32.55 33.50
N ASP F 103 -32.22 -31.37 33.08
CA ASP F 103 -30.78 -31.18 32.95
C ASP F 103 -30.13 -30.71 34.25
N LEU F 104 -30.85 -30.84 35.38
CA LEU F 104 -30.37 -30.34 36.67
C LEU F 104 -28.97 -30.85 37.03
N PRO F 105 -28.63 -32.16 36.95
CA PRO F 105 -27.32 -32.64 37.39
C PRO F 105 -26.13 -31.99 36.70
N TYR F 106 -26.27 -31.72 35.40
CA TYR F 106 -25.22 -31.04 34.65
C TYR F 106 -24.94 -29.66 35.25
N PHE F 107 -25.98 -28.90 35.58
CA PHE F 107 -25.81 -27.55 36.09
C PHE F 107 -25.24 -27.53 37.51
N VAL F 108 -25.60 -28.52 38.31
CA VAL F 108 -25.04 -28.59 39.65
C VAL F 108 -23.55 -28.85 39.54
N ASP F 109 -23.16 -29.76 38.65
CA ASP F 109 -21.76 -30.11 38.47
C ASP F 109 -20.95 -28.94 37.90
N ALA F 110 -21.58 -28.11 37.06
CA ALA F 110 -20.87 -26.98 36.48
C ALA F 110 -20.59 -25.92 37.55
N PHE F 111 -21.56 -25.71 38.44
CA PHE F 111 -21.33 -24.79 39.56
C PHE F 111 -20.21 -25.32 40.45
N ALA F 112 -20.23 -26.62 40.74
CA ALA F 112 -19.17 -27.20 41.54
C ALA F 112 -17.79 -26.99 40.88
N ASN F 113 -17.69 -27.15 39.56
CA ASN F 113 -16.41 -26.97 38.90
C ASN F 113 -15.92 -25.54 39.04
N VAL F 114 -16.85 -24.58 38.97
CA VAL F 114 -16.48 -23.18 39.03
C VAL F 114 -15.93 -22.85 40.41
N LEU F 115 -16.58 -23.36 41.47
CA LEU F 115 -16.25 -23.00 42.84
C LEU F 115 -14.98 -23.72 43.31
N LYS F 116 -14.75 -24.94 42.83
CA LYS F 116 -13.61 -25.73 43.30
C LYS F 116 -12.38 -25.58 42.41
N GLU F 117 -12.56 -25.42 41.09
CA GLU F 117 -11.50 -25.71 40.14
C GLU F 117 -11.28 -24.62 39.07
N THR F 118 -11.64 -23.37 39.35
CA THR F 118 -11.38 -22.30 38.39
C THR F 118 -9.87 -22.04 38.32
N LYS F 119 -9.30 -22.17 37.12
CA LYS F 119 -7.91 -21.84 36.85
C LYS F 119 -7.87 -20.34 36.61
N PHE F 120 -7.32 -19.53 37.52
CA PHE F 120 -7.50 -18.11 37.25
C PHE F 120 -6.27 -17.68 36.46
N GLN F 121 -6.37 -17.67 35.13
CA GLN F 121 -5.20 -17.44 34.31
C GLN F 121 -5.11 -15.97 33.94
N GLN F 122 -3.87 -15.47 33.87
CA GLN F 122 -3.66 -14.06 33.56
C GLN F 122 -4.25 -13.67 32.21
N PHE F 123 -4.13 -14.55 31.20
CA PHE F 123 -4.61 -14.16 29.88
C PHE F 123 -6.14 -14.01 29.89
N GLU F 124 -6.85 -14.82 30.71
CA GLU F 124 -8.29 -14.69 30.79
C GLU F 124 -8.63 -13.33 31.38
N LEU F 125 -7.89 -12.92 32.41
CA LEU F 125 -8.13 -11.61 33.00
C LEU F 125 -7.90 -10.51 31.96
N THR F 126 -6.80 -10.56 31.23
CA THR F 126 -6.48 -9.47 30.32
C THR F 126 -7.38 -9.45 29.09
N GLU F 127 -7.68 -10.63 28.56
CA GLU F 127 -8.29 -10.67 27.23
C GLU F 127 -9.80 -10.88 27.33
N ARG F 128 -10.29 -11.52 28.39
CA ARG F 128 -11.67 -11.94 28.42
C ARG F 128 -12.44 -11.18 29.49
N VAL F 129 -11.96 -11.28 30.72
CA VAL F 129 -12.72 -10.88 31.89
C VAL F 129 -12.70 -9.35 32.02
N ALA F 130 -11.52 -8.73 32.05
CA ALA F 130 -11.51 -7.29 32.26
C ALA F 130 -12.20 -6.53 31.14
N PRO F 131 -12.01 -6.86 29.84
CA PRO F 131 -12.76 -6.17 28.77
C PRO F 131 -14.28 -6.26 28.87
N VAL F 132 -14.78 -7.41 29.31
CA VAL F 132 -16.21 -7.61 29.48
C VAL F 132 -16.69 -6.78 30.68
N ALA F 133 -15.91 -6.74 31.76
CA ALA F 133 -16.24 -5.93 32.93
C ALA F 133 -16.30 -4.46 32.53
N GLU F 134 -15.41 -4.02 31.64
CA GLU F 134 -15.37 -2.63 31.25
C GLU F 134 -16.56 -2.23 30.39
N LEU F 135 -16.99 -3.13 29.48
CA LEU F 135 -18.15 -2.83 28.65
C LEU F 135 -19.43 -2.87 29.50
N ASP F 136 -19.46 -3.75 30.51
CA ASP F 136 -20.60 -3.84 31.42
C ASP F 136 -20.81 -2.48 32.08
N LEU F 137 -19.69 -1.90 32.57
CA LEU F 137 -19.81 -0.65 33.30
C LEU F 137 -20.21 0.49 32.38
N LEU F 138 -19.58 0.58 31.19
CA LEU F 138 -19.90 1.64 30.25
C LEU F 138 -21.38 1.60 29.85
N LYS F 139 -21.95 0.40 29.76
CA LYS F 139 -23.35 0.33 29.37
C LYS F 139 -24.25 0.86 30.49
N ARG F 140 -23.88 0.58 31.74
CA ARG F 140 -24.68 1.04 32.87
C ARG F 140 -24.61 2.55 33.01
N GLU F 141 -23.42 3.09 32.75
CA GLU F 141 -23.16 4.50 32.96
C GLU F 141 -23.80 5.35 31.86
N SER F 142 -24.27 4.70 30.80
CA SER F 142 -24.95 5.44 29.74
C SER F 142 -26.16 6.16 30.33
N ASP F 143 -26.76 5.55 31.37
CA ASP F 143 -27.81 6.15 32.17
C ASP F 143 -27.21 7.02 33.27
N PRO F 144 -27.36 8.37 33.25
CA PRO F 144 -26.78 9.22 34.29
C PRO F 144 -27.41 9.01 35.66
N ALA F 145 -28.62 8.42 35.71
CA ALA F 145 -29.27 8.12 36.98
C ALA F 145 -28.54 7.00 37.72
N PHE F 146 -27.96 6.04 36.98
CA PHE F 146 -27.18 4.96 37.55
C PHE F 146 -25.97 5.57 38.25
N THR F 147 -25.27 6.43 37.52
CA THR F 147 -24.09 7.11 38.01
C THR F 147 -24.41 7.92 39.28
N ALA F 148 -25.53 8.65 39.27
CA ALA F 148 -25.89 9.53 40.38
C ALA F 148 -26.15 8.68 41.62
N LEU F 149 -26.80 7.55 41.43
CA LEU F 149 -27.13 6.77 42.61
C LEU F 149 -25.92 6.02 43.15
N GLU F 150 -24.97 5.65 42.26
CA GLU F 150 -23.72 5.06 42.66
C GLU F 150 -22.88 6.09 43.42
N ALA F 151 -22.83 7.32 42.90
CA ALA F 151 -22.02 8.34 43.55
C ALA F 151 -22.61 8.65 44.94
N ALA F 152 -23.94 8.54 45.08
CA ALA F 152 -24.55 8.86 46.36
C ALA F 152 -24.17 7.81 47.40
N HIS F 153 -24.07 6.54 47.00
CA HIS F 153 -23.62 5.55 47.95
C HIS F 153 -22.18 5.80 48.39
N GLU F 154 -21.38 6.37 47.49
CA GLU F 154 -19.96 6.52 47.75
C GLU F 154 -19.75 7.61 48.78
N VAL F 155 -20.50 8.70 48.62
CA VAL F 155 -20.49 9.80 49.58
C VAL F 155 -21.02 9.35 50.94
N ALA F 156 -22.13 8.60 50.92
CA ALA F 156 -22.84 8.34 52.15
C ALA F 156 -22.06 7.35 53.03
N PHE F 157 -21.39 6.36 52.41
CA PHE F 157 -20.81 5.32 53.23
C PHE F 157 -19.29 5.25 53.17
N ARG F 158 -18.70 5.89 52.16
CA ARG F 158 -17.26 5.91 51.90
C ARG F 158 -16.66 4.55 51.55
N THR F 159 -16.66 3.62 52.51
CA THR F 159 -16.12 2.29 52.30
C THR F 159 -17.26 1.29 52.47
N GLY F 160 -16.99 -0.01 52.32
CA GLY F 160 -18.02 -1.01 52.54
C GLY F 160 -19.13 -0.86 51.51
N LEU F 161 -20.28 -0.36 51.97
CA LEU F 161 -21.38 -0.01 51.09
C LEU F 161 -20.99 1.15 50.19
N GLY F 162 -19.92 1.86 50.52
CA GLY F 162 -19.55 2.96 49.65
C GLY F 162 -18.54 2.55 48.57
N ASN F 163 -18.02 1.31 48.63
CA ASN F 163 -17.16 0.82 47.55
C ASN F 163 -17.94 0.79 46.25
N SER F 164 -17.25 1.01 45.12
CA SER F 164 -17.90 0.84 43.84
C SER F 164 -18.29 -0.61 43.64
N VAL F 165 -19.44 -0.83 43.01
CA VAL F 165 -19.86 -2.18 42.70
C VAL F 165 -19.02 -2.73 41.54
N TYR F 166 -18.66 -1.85 40.61
CA TYR F 166 -18.09 -2.25 39.33
C TYR F 166 -16.62 -1.91 39.32
N ALA F 167 -15.86 -2.67 38.53
CA ALA F 167 -14.46 -2.38 38.29
C ALA F 167 -14.31 -1.09 37.46
N GLN F 168 -13.38 -0.25 37.89
CA GLN F 168 -13.08 0.97 37.14
C GLN F 168 -11.63 0.95 36.68
N GLY F 169 -11.34 1.76 35.67
CA GLY F 169 -10.04 1.78 35.00
C GLY F 169 -8.97 2.38 35.89
N TYR F 170 -9.38 3.32 36.76
CA TYR F 170 -8.44 4.08 37.56
C TYR F 170 -7.82 3.20 38.64
N SER F 171 -8.54 2.15 39.07
CA SER F 171 -8.03 1.23 40.08
C SER F 171 -8.02 -0.18 39.53
N PRO F 172 -6.84 -0.66 39.04
CA PRO F 172 -6.77 -1.95 38.36
C PRO F 172 -6.77 -3.13 39.34
N VAL F 173 -7.57 -4.14 39.00
CA VAL F 173 -7.62 -5.38 39.76
C VAL F 173 -6.60 -6.33 39.15
N THR F 174 -5.78 -6.95 40.01
CA THR F 174 -4.75 -7.86 39.51
C THR F 174 -5.23 -9.29 39.68
N LEU F 175 -4.51 -10.20 39.03
CA LEU F 175 -4.87 -11.61 39.11
C LEU F 175 -4.68 -12.10 40.54
N GLU F 176 -3.77 -11.48 41.29
CA GLU F 176 -3.53 -11.95 42.64
C GLU F 176 -4.66 -11.53 43.58
N ASP F 177 -5.17 -10.31 43.37
CA ASP F 177 -6.36 -9.80 44.03
C ASP F 177 -7.54 -10.74 43.81
N VAL F 178 -7.79 -11.11 42.55
CA VAL F 178 -8.99 -11.89 42.29
C VAL F 178 -8.81 -13.28 42.87
N LYS F 179 -7.58 -13.82 42.84
CA LYS F 179 -7.34 -15.17 43.35
C LYS F 179 -7.53 -15.24 44.86
N GLU F 180 -7.09 -14.19 45.55
CA GLU F 180 -7.20 -14.11 47.00
C GLU F 180 -8.67 -14.01 47.41
N PHE F 181 -9.40 -13.10 46.76
CA PHE F 181 -10.79 -12.92 47.07
C PHE F 181 -11.57 -14.20 46.80
N ALA F 182 -11.28 -14.87 45.69
CA ALA F 182 -11.97 -16.12 45.40
C ALA F 182 -11.66 -17.20 46.43
N ARG F 183 -10.49 -17.13 47.07
CA ARG F 183 -10.11 -18.13 48.06
C ARG F 183 -10.99 -17.98 49.29
N GLN F 184 -11.35 -16.74 49.61
CA GLN F 184 -12.28 -16.42 50.68
C GLN F 184 -13.71 -16.76 50.29
N VAL F 185 -14.14 -16.32 49.11
CA VAL F 185 -15.55 -16.35 48.79
C VAL F 185 -15.96 -17.77 48.38
N TYR F 186 -15.12 -18.45 47.60
CA TYR F 186 -15.59 -19.73 47.09
C TYR F 186 -15.37 -20.79 48.15
N ALA F 187 -16.24 -20.84 49.17
CA ALA F 187 -16.07 -21.64 50.38
C ALA F 187 -17.46 -21.93 50.94
N LYS F 188 -17.65 -23.08 51.59
CA LYS F 188 -18.99 -23.51 52.01
C LYS F 188 -19.71 -22.46 52.86
N GLN F 189 -18.94 -21.62 53.57
CA GLN F 189 -19.52 -20.66 54.49
C GLN F 189 -20.13 -19.47 53.74
N ASN F 190 -19.83 -19.33 52.45
CA ASN F 190 -20.23 -18.11 51.78
C ASN F 190 -21.14 -18.43 50.60
N VAL F 191 -21.62 -19.68 50.55
CA VAL F 191 -22.27 -20.16 49.35
C VAL F 191 -23.67 -20.60 49.72
N ALA F 192 -24.66 -20.16 48.93
CA ALA F 192 -26.03 -20.64 49.05
C ALA F 192 -26.54 -21.03 47.68
N VAL F 193 -27.27 -22.15 47.64
CA VAL F 193 -27.82 -22.62 46.39
C VAL F 193 -29.34 -22.44 46.44
N VAL F 194 -29.90 -21.79 45.40
CA VAL F 194 -31.32 -21.51 45.29
C VAL F 194 -31.89 -22.06 43.99
N GLY F 195 -32.80 -23.03 44.11
CA GLY F 195 -33.42 -23.68 42.96
C GLY F 195 -34.90 -23.35 42.80
N ASN F 196 -35.22 -22.63 41.72
CA ASN F 196 -36.58 -22.34 41.32
C ASN F 196 -37.09 -23.39 40.33
N ASN F 197 -38.20 -24.06 40.68
CA ASN F 197 -38.81 -25.13 39.89
C ASN F 197 -37.83 -26.31 39.85
N VAL F 198 -37.27 -26.59 41.03
CA VAL F 198 -36.34 -27.70 41.19
C VAL F 198 -36.94 -28.54 42.30
N VAL F 199 -37.03 -29.87 42.12
CA VAL F 199 -37.49 -30.74 43.18
C VAL F 199 -36.51 -30.67 44.36
N PRO F 200 -36.94 -30.23 45.56
CA PRO F 200 -36.02 -30.00 46.67
C PRO F 200 -35.20 -31.19 47.14
N ALA F 201 -35.74 -32.40 47.05
CA ALA F 201 -34.99 -33.55 47.55
C ALA F 201 -33.88 -33.92 46.57
N ASP F 202 -34.12 -33.68 45.27
CA ASP F 202 -33.19 -34.04 44.22
C ASP F 202 -32.00 -33.08 44.24
N LEU F 203 -32.28 -31.80 44.50
CA LEU F 203 -31.21 -30.81 44.58
C LEU F 203 -30.29 -31.11 45.76
N GLN F 204 -30.88 -31.46 46.91
CA GLN F 204 -30.09 -31.68 48.12
C GLN F 204 -29.12 -32.84 47.91
N GLN F 205 -29.58 -33.89 47.23
CA GLN F 205 -28.77 -35.05 46.95
C GLN F 205 -27.61 -34.70 46.01
N LEU F 206 -27.86 -33.79 45.06
CA LEU F 206 -26.87 -33.51 44.04
C LEU F 206 -25.82 -32.57 44.61
N VAL F 207 -26.30 -31.54 45.34
CA VAL F 207 -25.40 -30.55 45.91
C VAL F 207 -24.54 -31.24 46.96
N GLY F 208 -25.10 -32.28 47.57
CA GLY F 208 -24.43 -32.98 48.64
C GLY F 208 -23.24 -33.79 48.13
N THR F 209 -23.29 -34.17 46.86
CA THR F 209 -22.23 -35.00 46.31
C THR F 209 -21.23 -34.13 45.58
N ALA F 210 -21.71 -33.02 45.01
CA ALA F 210 -20.90 -32.17 44.16
C ALA F 210 -20.10 -31.16 44.97
N PHE F 211 -20.69 -30.64 46.06
CA PHE F 211 -20.05 -29.57 46.80
C PHE F 211 -19.48 -30.09 48.11
N ALA F 212 -19.18 -31.39 48.18
CA ALA F 212 -18.71 -31.99 49.42
C ALA F 212 -17.25 -31.62 49.70
N ASP F 213 -16.46 -31.47 48.63
CA ASP F 213 -15.02 -31.25 48.71
C ASP F 213 -14.66 -29.77 48.59
N LEU F 214 -15.67 -28.88 48.60
CA LEU F 214 -15.44 -27.45 48.63
C LEU F 214 -14.86 -27.10 50.00
N GLN F 215 -13.90 -26.17 50.06
CA GLN F 215 -13.36 -25.80 51.37
C GLN F 215 -14.51 -25.32 52.25
N GLU F 216 -14.30 -25.42 53.56
CA GLU F 216 -15.24 -24.82 54.49
C GLU F 216 -15.04 -23.31 54.55
N GLY F 217 -13.78 -22.86 54.66
CA GLY F 217 -13.44 -21.45 54.73
C GLY F 217 -14.06 -20.78 55.96
N SER F 218 -14.13 -19.45 55.94
CA SER F 218 -14.79 -18.70 56.99
C SER F 218 -15.68 -17.61 56.38
N LYS F 219 -16.63 -17.08 57.18
CA LYS F 219 -17.48 -16.00 56.73
C LYS F 219 -16.64 -14.77 56.38
N VAL F 220 -16.83 -14.31 55.15
CA VAL F 220 -16.34 -13.03 54.66
C VAL F 220 -17.04 -11.94 55.47
N THR F 221 -16.25 -10.95 55.87
CA THR F 221 -16.78 -9.82 56.64
C THR F 221 -16.40 -8.53 55.94
N GLN F 222 -17.16 -7.48 56.25
CA GLN F 222 -16.83 -6.13 55.82
C GLN F 222 -15.66 -5.66 56.69
N ALA F 223 -14.57 -5.26 56.02
CA ALA F 223 -13.49 -4.56 56.69
C ALA F 223 -14.02 -3.22 57.21
N GLY F 224 -14.20 -3.16 58.54
CA GLY F 224 -14.64 -1.95 59.21
C GLY F 224 -16.15 -1.91 59.41
N THR F 225 -16.59 -1.09 60.37
CA THR F 225 -18.01 -0.89 60.63
C THR F 225 -18.57 0.10 59.61
N THR F 226 -19.85 -0.07 59.25
CA THR F 226 -20.51 0.84 58.33
C THR F 226 -20.69 2.21 58.99
N THR F 227 -20.22 3.26 58.30
CA THR F 227 -20.29 4.64 58.75
C THR F 227 -21.20 5.43 57.81
N LEU F 228 -21.90 6.41 58.41
CA LEU F 228 -22.86 7.24 57.71
C LEU F 228 -22.24 8.62 57.56
N HIS F 229 -22.34 9.22 56.37
CA HIS F 229 -21.75 10.52 56.09
C HIS F 229 -22.72 11.34 55.24
N GLY F 230 -22.46 12.65 55.13
CA GLY F 230 -23.23 13.53 54.27
C GLY F 230 -22.32 14.17 53.23
N GLY F 231 -22.88 14.87 52.23
CA GLY F 231 -21.98 15.64 51.38
C GLY F 231 -22.50 15.83 49.96
N GLU F 232 -21.58 16.03 49.01
CA GLU F 232 -21.90 16.27 47.61
C GLU F 232 -21.00 15.43 46.73
N ALA F 233 -21.47 15.13 45.51
CA ALA F 233 -20.70 14.39 44.53
C ALA F 233 -21.02 14.93 43.13
N ARG F 234 -20.19 15.84 42.63
CA ARG F 234 -20.39 16.42 41.31
C ARG F 234 -19.58 15.65 40.24
N VAL F 235 -20.28 14.89 39.40
CA VAL F 235 -19.65 14.10 38.36
C VAL F 235 -19.93 14.77 37.01
N ARG F 236 -18.96 15.51 36.45
CA ARG F 236 -19.10 16.14 35.13
C ARG F 236 -19.09 15.07 34.04
N THR F 237 -20.27 14.79 33.46
CA THR F 237 -20.38 13.91 32.30
C THR F 237 -21.03 14.68 31.15
N SER F 238 -21.22 14.00 30.02
CA SER F 238 -21.97 14.52 28.88
C SER F 238 -22.95 13.46 28.37
N THR F 239 -23.23 12.46 29.22
CA THR F 239 -24.12 11.36 28.86
C THR F 239 -25.58 11.72 29.15
N GLY F 240 -25.80 12.91 29.74
CA GLY F 240 -27.08 13.34 30.25
C GLY F 240 -26.94 13.94 31.65
N ASN F 241 -28.06 14.31 32.26
CA ASN F 241 -28.06 15.01 33.54
C ASN F 241 -28.93 14.24 34.51
N ALA F 242 -28.48 14.11 35.75
CA ALA F 242 -29.27 13.47 36.78
C ALA F 242 -28.87 14.01 38.16
N LEU F 243 -29.73 13.79 39.16
CA LEU F 243 -29.45 14.25 40.51
C LEU F 243 -30.10 13.31 41.50
N THR F 244 -29.32 12.80 42.47
CA THR F 244 -29.86 11.96 43.52
C THR F 244 -29.88 12.74 44.84
N ILE F 245 -31.05 12.78 45.51
CA ILE F 245 -31.13 13.35 46.84
C ILE F 245 -31.21 12.17 47.81
N ALA F 246 -30.07 11.74 48.34
CA ALA F 246 -30.04 10.55 49.19
C ALA F 246 -30.04 10.92 50.68
N LEU F 247 -30.75 10.12 51.50
CA LEU F 247 -30.77 10.33 52.95
C LEU F 247 -30.37 9.04 53.64
N PRO F 248 -29.13 8.96 54.15
CA PRO F 248 -28.65 7.74 54.80
C PRO F 248 -29.38 7.41 56.10
N ILE F 249 -29.79 6.15 56.27
CA ILE F 249 -30.60 5.75 57.42
C ILE F 249 -29.75 4.84 58.30
N ALA F 250 -29.67 5.19 59.60
CA ALA F 250 -28.90 4.42 60.56
C ALA F 250 -29.75 3.27 61.11
N GLU F 251 -31.07 3.42 61.07
CA GLU F 251 -32.00 2.40 61.57
C GLU F 251 -32.85 1.89 60.41
N PRO F 252 -32.45 0.79 59.73
CA PRO F 252 -33.25 0.24 58.64
C PRO F 252 -34.64 -0.20 59.11
N LYS F 253 -35.70 0.43 58.57
CA LYS F 253 -37.09 0.14 58.92
C LYS F 253 -37.90 -0.20 57.66
N PRO F 254 -38.91 -1.12 57.72
CA PRO F 254 -39.74 -1.44 56.55
C PRO F 254 -40.72 -0.36 56.12
N VAL F 255 -40.85 0.69 56.93
CA VAL F 255 -41.78 1.79 56.66
C VAL F 255 -41.29 2.57 55.44
N TYR F 256 -39.96 2.57 55.21
CA TYR F 256 -39.38 3.33 54.11
C TYR F 256 -39.71 2.68 52.77
N HIS F 257 -40.02 1.37 52.77
CA HIS F 257 -40.53 0.70 51.58
C HIS F 257 -41.87 1.30 51.14
N ALA F 258 -42.81 1.41 52.09
CA ALA F 258 -44.11 2.03 51.80
C ALA F 258 -43.91 3.51 51.45
N LEU F 259 -42.96 4.20 52.11
CA LEU F 259 -42.66 5.60 51.83
C LEU F 259 -42.17 5.78 50.39
N ALA F 260 -41.19 4.97 49.98
CA ALA F 260 -40.68 5.03 48.61
C ALA F 260 -41.80 4.79 47.62
N SER F 261 -42.63 3.75 47.88
CA SER F 261 -43.74 3.40 47.00
C SER F 261 -44.71 4.58 46.92
N PHE F 262 -45.13 5.11 48.07
CA PHE F 262 -46.04 6.26 48.13
C PHE F 262 -45.50 7.44 47.31
N LEU F 263 -44.29 7.91 47.67
CA LEU F 263 -43.69 9.04 46.99
C LEU F 263 -43.67 8.79 45.50
N GLY F 264 -43.31 7.56 45.09
CA GLY F 264 -43.40 7.13 43.71
C GLY F 264 -42.44 7.87 42.78
N GLY F 265 -42.99 8.40 41.69
CA GLY F 265 -42.23 9.00 40.62
C GLY F 265 -42.64 8.46 39.24
N PRO F 266 -42.50 7.14 38.95
CA PRO F 266 -42.92 6.59 37.65
C PRO F 266 -44.45 6.51 37.46
N ALA F 267 -44.86 6.58 36.19
CA ALA F 267 -46.27 6.54 35.83
C ALA F 267 -46.79 5.12 35.95
N SER F 268 -48.05 5.01 36.39
CA SER F 268 -48.71 3.72 36.50
C SER F 268 -49.32 3.27 35.18
N MET F 269 -49.50 4.22 34.23
CA MET F 269 -50.10 3.91 32.94
C MET F 269 -49.31 4.59 31.82
N PRO F 270 -49.43 4.13 30.55
CA PRO F 270 -48.74 4.77 29.43
C PRO F 270 -49.21 6.22 29.19
N TRP F 271 -48.27 7.07 28.73
CA TRP F 271 -48.53 8.47 28.38
C TRP F 271 -49.16 9.26 29.53
N SER F 272 -48.95 8.85 30.79
CA SER F 272 -49.48 9.56 31.95
C SER F 272 -48.32 10.15 32.74
N VAL F 273 -48.63 10.84 33.84
CA VAL F 273 -47.62 11.34 34.75
C VAL F 273 -47.64 10.50 36.03
N GLY F 274 -48.84 10.28 36.58
CA GLY F 274 -48.99 9.51 37.80
C GLY F 274 -49.43 10.40 38.96
N ALA F 275 -50.26 9.83 39.85
CA ALA F 275 -50.89 10.57 40.94
C ALA F 275 -49.93 10.79 42.12
N SER F 276 -48.79 10.09 42.09
CA SER F 276 -47.79 10.13 43.16
C SER F 276 -47.22 11.54 43.31
N PRO F 277 -46.94 11.99 44.55
CA PRO F 277 -46.33 13.31 44.79
C PRO F 277 -45.12 13.64 43.91
N LEU F 278 -44.17 12.71 43.80
CA LEU F 278 -42.96 12.96 43.02
C LEU F 278 -43.26 13.04 41.52
N ALA F 279 -44.25 12.27 41.07
CA ALA F 279 -44.68 12.27 39.67
C ALA F 279 -45.35 13.60 39.34
N GLN F 280 -45.98 14.23 40.34
CA GLN F 280 -46.65 15.51 40.16
C GLN F 280 -45.69 16.67 40.40
N ALA F 281 -44.38 16.39 40.47
CA ALA F 281 -43.34 17.41 40.57
C ALA F 281 -42.64 17.57 39.22
N THR F 282 -42.87 16.61 38.32
CA THR F 282 -42.31 16.63 36.97
C THR F 282 -43.26 17.31 35.99
N VAL F 283 -44.45 17.72 36.44
CA VAL F 283 -45.44 18.25 35.52
C VAL F 283 -44.90 19.52 34.85
N GLY F 284 -44.99 19.56 33.52
CA GLY F 284 -44.51 20.68 32.73
C GLY F 284 -43.09 20.46 32.19
N THR F 285 -42.33 19.58 32.84
CA THR F 285 -40.96 19.31 32.45
C THR F 285 -40.89 17.95 31.74
N HIS F 286 -39.72 17.65 31.17
CA HIS F 286 -39.46 16.36 30.54
C HIS F 286 -38.46 15.55 31.39
N THR F 287 -38.67 15.54 32.70
CA THR F 287 -37.80 14.85 33.63
C THR F 287 -38.54 13.64 34.19
N SER F 288 -37.81 12.78 34.90
CA SER F 288 -38.33 11.55 35.48
C SER F 288 -37.72 11.33 36.86
N VAL F 289 -38.57 11.06 37.86
CA VAL F 289 -38.15 10.89 39.24
C VAL F 289 -38.40 9.44 39.63
N LYS F 290 -37.75 8.99 40.71
CA LYS F 290 -37.90 7.66 41.28
C LYS F 290 -37.40 7.62 42.73
N ALA F 291 -38.34 7.41 43.68
CA ALA F 291 -37.99 7.18 45.07
C ALA F 291 -37.61 5.71 45.26
N THR F 292 -36.47 5.45 45.92
CA THR F 292 -35.99 4.09 46.10
C THR F 292 -35.44 3.94 47.52
N TYR F 293 -35.85 2.88 48.21
CA TYR F 293 -35.27 2.57 49.50
C TYR F 293 -34.32 1.36 49.36
N HIS F 294 -33.10 1.48 49.90
CA HIS F 294 -32.12 0.40 49.85
C HIS F 294 -31.80 -0.10 51.25
N ASN F 295 -32.49 -1.15 51.67
CA ASN F 295 -32.20 -1.77 52.95
C ASN F 295 -30.91 -2.59 52.81
N TYR F 296 -29.96 -2.39 53.73
CA TYR F 296 -28.71 -3.14 53.70
C TYR F 296 -28.45 -3.80 55.05
N GLY F 297 -29.51 -3.97 55.86
CA GLY F 297 -29.39 -4.72 57.10
C GLY F 297 -28.93 -3.84 58.26
N ASP F 298 -27.67 -3.37 58.20
CA ASP F 298 -27.09 -2.56 59.25
C ASP F 298 -27.34 -1.09 58.96
N ALA F 299 -27.45 -0.71 57.69
CA ALA F 299 -27.76 0.68 57.33
C ALA F 299 -28.76 0.67 56.18
N GLY F 300 -29.20 1.86 55.77
CA GLY F 300 -30.25 2.02 54.79
C GLY F 300 -29.96 3.28 53.96
N LEU F 301 -30.64 3.40 52.82
CA LEU F 301 -30.47 4.59 52.01
C LEU F 301 -31.78 4.94 51.31
N PHE F 302 -32.32 6.12 51.63
CA PHE F 302 -33.50 6.59 50.92
C PHE F 302 -33.04 7.53 49.82
N ALA F 303 -33.40 7.25 48.57
CA ALA F 303 -32.87 8.04 47.46
C ALA F 303 -34.00 8.56 46.55
N ILE F 304 -33.92 9.83 46.14
CA ILE F 304 -34.81 10.39 45.13
C ILE F 304 -33.95 10.82 43.95
N THR F 305 -34.01 10.02 42.87
CA THR F 305 -33.20 10.29 41.68
C THR F 305 -34.05 10.98 40.60
N ILE F 306 -33.63 12.18 40.18
CA ILE F 306 -34.31 12.91 39.10
C ILE F 306 -33.37 12.95 37.90
N LYS F 307 -33.75 12.32 36.79
CA LYS F 307 -32.98 12.44 35.56
C LYS F 307 -33.79 13.26 34.57
N GLY F 308 -33.09 13.94 33.66
CA GLY F 308 -33.77 14.67 32.60
C GLY F 308 -32.76 15.30 31.64
N ASP F 309 -33.27 16.02 30.63
CA ASP F 309 -32.45 16.60 29.59
C ASP F 309 -31.92 17.97 30.01
N SER F 310 -32.82 18.79 30.58
CA SER F 310 -32.49 20.15 30.94
C SER F 310 -32.08 20.23 32.41
N PRO F 311 -30.89 20.79 32.75
CA PRO F 311 -30.46 20.94 34.13
C PRO F 311 -31.35 21.88 34.93
N ALA F 312 -31.90 22.91 34.26
CA ALA F 312 -32.84 23.84 34.88
C ALA F 312 -34.11 23.13 35.29
N GLU F 313 -34.62 22.25 34.41
CA GLU F 313 -35.82 21.48 34.69
C GLU F 313 -35.58 20.61 35.92
N ILE F 314 -34.42 19.93 35.97
CA ILE F 314 -34.04 19.07 37.09
C ILE F 314 -34.02 19.89 38.38
N SER F 315 -33.40 21.07 38.35
CA SER F 315 -33.33 21.95 39.51
C SER F 315 -34.74 22.24 40.07
N GLN F 316 -35.70 22.56 39.17
CA GLN F 316 -37.08 22.80 39.57
C GLN F 316 -37.66 21.59 40.29
N VAL F 317 -37.61 20.43 39.64
CA VAL F 317 -38.18 19.21 40.20
C VAL F 317 -37.51 18.87 41.54
N ALA F 318 -36.20 19.16 41.64
CA ALA F 318 -35.45 18.80 42.85
C ALA F 318 -35.99 19.55 44.06
N HIS F 319 -36.32 20.83 43.86
CA HIS F 319 -36.91 21.64 44.92
C HIS F 319 -38.30 21.13 45.29
N LYS F 320 -39.12 20.75 44.29
CA LYS F 320 -40.43 20.17 44.54
C LYS F 320 -40.31 18.82 45.26
N ALA F 321 -39.27 18.05 44.93
CA ALA F 321 -39.03 16.75 45.54
C ALA F 321 -38.83 16.87 47.06
N VAL F 322 -37.98 17.80 47.51
CA VAL F 322 -37.70 17.96 48.93
C VAL F 322 -38.93 18.50 49.65
N GLN F 323 -39.68 19.35 48.95
CA GLN F 323 -40.93 19.89 49.48
C GLN F 323 -41.95 18.77 49.70
N ALA F 324 -42.06 17.87 48.72
CA ALA F 324 -42.98 16.73 48.78
C ALA F 324 -42.68 15.88 50.02
N LEU F 325 -41.39 15.70 50.31
CA LEU F 325 -40.99 14.88 51.45
C LEU F 325 -41.43 15.57 52.75
N LYS F 326 -41.29 16.90 52.80
CA LYS F 326 -41.68 17.70 53.95
C LYS F 326 -43.19 17.66 54.15
N ASP F 327 -43.93 17.77 53.04
CA ASP F 327 -45.39 17.68 53.04
C ASP F 327 -45.86 16.32 53.58
N THR F 328 -45.13 15.25 53.23
CA THR F 328 -45.47 13.93 53.74
C THR F 328 -45.27 13.90 55.25
N GLY F 329 -44.14 14.47 55.70
CA GLY F 329 -43.80 14.56 57.12
C GLY F 329 -44.86 15.32 57.91
N ALA F 330 -45.50 16.31 57.27
CA ALA F 330 -46.60 17.04 57.87
C ALA F 330 -47.82 16.12 58.00
N GLU F 331 -48.38 15.64 56.87
CA GLU F 331 -49.62 14.88 56.90
C GLU F 331 -49.78 13.97 55.68
N VAL F 332 -50.07 12.68 55.96
CA VAL F 332 -50.47 11.72 54.93
C VAL F 332 -51.95 11.43 55.16
N THR F 333 -52.76 11.31 54.09
CA THR F 333 -54.16 10.91 54.25
C THR F 333 -54.25 9.39 54.39
N GLU F 334 -55.41 8.90 54.87
CA GLU F 334 -55.68 7.47 54.98
C GLU F 334 -55.63 6.80 53.60
N GLU F 335 -56.19 7.49 52.59
CA GLU F 335 -56.16 7.03 51.21
C GLU F 335 -54.71 6.88 50.76
N GLN F 336 -53.86 7.86 51.11
CA GLN F 336 -52.48 7.88 50.65
C GLN F 336 -51.75 6.72 51.32
N ALA F 337 -52.09 6.45 52.59
CA ALA F 337 -51.45 5.38 53.33
C ALA F 337 -51.85 4.04 52.74
N ALA F 338 -53.10 3.92 52.26
CA ALA F 338 -53.58 2.67 51.69
C ALA F 338 -52.95 2.42 50.33
N ARG F 339 -52.86 3.48 49.53
CA ARG F 339 -52.15 3.48 48.27
C ARG F 339 -50.67 3.08 48.48
N ALA F 340 -50.05 3.45 49.61
CA ALA F 340 -48.64 3.14 49.84
C ALA F 340 -48.52 1.65 50.10
N TYR F 341 -49.49 1.11 50.83
CA TYR F 341 -49.49 -0.29 51.19
C TYR F 341 -49.69 -1.14 49.92
N ALA F 342 -50.61 -0.70 49.05
CA ALA F 342 -50.94 -1.42 47.84
C ALA F 342 -49.74 -1.44 46.91
N LYS F 343 -49.12 -0.26 46.68
CA LYS F 343 -47.94 -0.13 45.84
C LYS F 343 -46.77 -0.93 46.41
N SER F 344 -46.68 -1.00 47.75
CA SER F 344 -45.53 -1.65 48.35
C SER F 344 -45.72 -3.17 48.32
N LYS F 345 -46.94 -3.66 48.53
CA LYS F 345 -47.23 -5.09 48.45
C LYS F 345 -46.96 -5.60 47.03
N PHE F 346 -47.38 -4.82 46.03
CA PHE F 346 -47.17 -5.20 44.64
C PHE F 346 -45.67 -5.26 44.35
N ALA F 347 -44.92 -4.26 44.85
CA ALA F 347 -43.50 -4.22 44.59
C ALA F 347 -42.81 -5.45 45.19
N ALA F 348 -43.22 -5.83 46.41
CA ALA F 348 -42.66 -7.00 47.07
C ALA F 348 -42.93 -8.25 46.25
N ALA F 349 -44.15 -8.35 45.70
CA ALA F 349 -44.60 -9.54 45.00
C ALA F 349 -43.75 -9.76 43.74
N GLU F 350 -43.63 -8.71 42.93
CA GLU F 350 -42.89 -8.79 41.67
C GLU F 350 -41.39 -8.99 41.90
N ALA F 351 -40.87 -8.53 43.03
CA ALA F 351 -39.46 -8.73 43.34
C ALA F 351 -39.19 -10.21 43.67
N PHE F 352 -40.16 -10.85 44.34
CA PHE F 352 -40.03 -12.25 44.70
C PHE F 352 -40.28 -13.15 43.49
N GLU F 353 -40.84 -12.56 42.43
CA GLU F 353 -41.10 -13.29 41.19
C GLU F 353 -39.88 -13.25 40.26
N ASN F 354 -39.36 -12.03 39.99
CA ASN F 354 -38.19 -11.83 39.17
C ASN F 354 -37.02 -12.71 39.66
N PRO F 355 -36.48 -13.64 38.83
CA PRO F 355 -35.44 -14.57 39.28
C PRO F 355 -34.18 -13.93 39.84
N ASP F 356 -33.76 -12.80 39.24
CA ASP F 356 -32.57 -12.10 39.71
C ASP F 356 -32.74 -11.71 41.17
N SER F 357 -33.88 -11.08 41.49
CA SER F 357 -34.09 -10.54 42.83
C SER F 357 -34.54 -11.63 43.79
N SER F 358 -35.30 -12.60 43.26
CA SER F 358 -35.73 -13.73 44.06
C SER F 358 -34.51 -14.42 44.68
N ALA F 359 -33.53 -14.78 43.83
CA ALA F 359 -32.31 -15.47 44.25
C ALA F 359 -31.64 -14.74 45.42
N SER F 360 -31.55 -13.41 45.32
CA SER F 360 -30.86 -12.65 46.35
C SER F 360 -31.67 -12.54 47.64
N VAL F 361 -33.01 -12.59 47.51
CA VAL F 361 -33.86 -12.49 48.68
C VAL F 361 -33.69 -13.73 49.56
N ILE F 362 -33.80 -14.92 48.96
CA ILE F 362 -33.56 -16.17 49.68
C ILE F 362 -32.09 -16.31 50.05
N GLY F 363 -31.22 -15.77 49.18
CA GLY F 363 -29.79 -15.75 49.45
C GLY F 363 -29.49 -15.02 50.75
N MET F 364 -30.18 -13.90 50.97
CA MET F 364 -30.01 -13.13 52.19
C MET F 364 -30.48 -13.94 53.40
N GLU F 365 -31.59 -14.69 53.22
CA GLU F 365 -32.17 -15.47 54.29
C GLU F 365 -31.22 -16.62 54.66
N LEU F 366 -30.64 -17.25 53.64
CA LEU F 366 -29.75 -18.37 53.86
C LEU F 366 -28.39 -17.91 54.39
N LEU F 367 -27.84 -16.82 53.85
CA LEU F 367 -26.46 -16.50 54.16
C LEU F 367 -26.39 -15.72 55.46
N SER F 368 -27.29 -14.74 55.61
CA SER F 368 -27.45 -14.07 56.89
C SER F 368 -28.42 -14.89 57.74
N GLY F 369 -29.47 -14.29 58.25
CA GLY F 369 -30.50 -15.14 58.81
C GLY F 369 -31.82 -14.38 58.79
N VAL F 370 -31.81 -13.27 58.04
CA VAL F 370 -32.94 -12.36 57.85
C VAL F 370 -34.03 -13.10 57.09
N SER F 371 -35.04 -13.58 57.83
CA SER F 371 -36.19 -14.26 57.25
C SER F 371 -36.86 -13.33 56.24
N ARG F 372 -37.22 -13.89 55.07
CA ARG F 372 -37.88 -13.12 54.04
C ARG F 372 -39.26 -12.67 54.51
N ILE F 373 -39.64 -11.47 54.08
CA ILE F 373 -41.00 -10.99 54.29
C ILE F 373 -41.80 -11.31 53.02
N ALA F 374 -42.69 -12.30 53.16
CA ALA F 374 -43.62 -12.69 52.11
C ALA F 374 -44.48 -11.49 51.70
N PRO F 375 -44.77 -11.29 50.39
CA PRO F 375 -45.61 -10.17 49.95
C PRO F 375 -46.96 -10.07 50.66
N GLU F 376 -47.49 -11.22 51.10
CA GLU F 376 -48.76 -11.29 51.78
C GLU F 376 -48.65 -10.86 53.25
N ASN F 377 -47.43 -10.55 53.72
CA ASN F 377 -47.18 -10.25 55.11
C ASN F 377 -46.56 -8.86 55.27
N VAL F 378 -46.50 -8.15 54.15
CA VAL F 378 -46.07 -6.77 54.09
C VAL F 378 -46.97 -5.95 55.01
N GLN F 379 -46.34 -5.20 55.92
CA GLN F 379 -47.05 -4.48 56.96
C GLN F 379 -47.76 -3.26 56.38
N LYS F 380 -48.97 -2.98 56.87
CA LYS F 380 -49.66 -1.75 56.53
C LYS F 380 -49.28 -0.68 57.54
N PHE F 381 -48.66 0.41 57.04
CA PHE F 381 -48.26 1.54 57.86
C PHE F 381 -49.37 2.58 57.88
N THR F 382 -49.69 3.06 59.08
CA THR F 382 -50.75 4.06 59.26
C THR F 382 -50.26 5.39 58.69
N PRO F 383 -51.15 6.36 58.37
CA PRO F 383 -50.70 7.70 57.97
C PRO F 383 -49.70 8.30 58.95
N ALA F 384 -49.95 8.08 60.26
CA ALA F 384 -49.06 8.55 61.31
C ALA F 384 -47.65 7.99 61.17
N GLU F 385 -47.55 6.68 60.86
CA GLU F 385 -46.29 5.96 60.73
C GLU F 385 -45.49 6.50 59.55
N LEU F 386 -46.19 6.80 58.45
CA LEU F 386 -45.59 7.27 57.22
C LEU F 386 -45.11 8.70 57.39
N SER F 387 -45.89 9.52 58.12
CA SER F 387 -45.53 10.89 58.43
C SER F 387 -44.26 10.91 59.29
N GLU F 388 -44.19 9.99 60.26
CA GLU F 388 -43.03 9.86 61.13
C GLU F 388 -41.78 9.60 60.31
N ALA F 389 -41.91 8.65 59.35
CA ALA F 389 -40.80 8.22 58.52
C ALA F 389 -40.28 9.39 57.69
N ALA F 390 -41.20 10.13 57.05
CA ALA F 390 -40.80 11.21 56.17
C ALA F 390 -40.22 12.39 56.97
N ALA F 391 -40.72 12.59 58.18
CA ALA F 391 -40.26 13.66 59.04
C ALA F 391 -38.80 13.42 59.44
N GLN F 392 -38.47 12.15 59.72
CA GLN F 392 -37.12 11.76 60.09
C GLN F 392 -36.14 12.02 58.95
N LEU F 393 -36.63 11.86 57.70
CA LEU F 393 -35.80 12.07 56.52
C LEU F 393 -35.67 13.56 56.22
N SER F 394 -36.74 14.31 56.45
CA SER F 394 -36.71 15.76 56.28
C SER F 394 -35.78 16.40 57.29
N ALA F 395 -35.61 15.74 58.46
CA ALA F 395 -34.77 16.24 59.54
C ALA F 395 -33.47 15.45 59.64
N SER F 396 -33.04 14.82 58.54
CA SER F 396 -31.75 14.17 58.49
C SER F 396 -30.63 15.21 58.55
N ALA F 397 -29.64 14.95 59.41
CA ALA F 397 -28.50 15.84 59.60
C ALA F 397 -27.39 15.59 58.57
N LYS F 398 -27.60 14.61 57.69
CA LYS F 398 -26.60 14.23 56.71
C LYS F 398 -27.24 14.09 55.33
N PRO F 399 -27.72 15.18 54.68
CA PRO F 399 -28.22 15.04 53.32
C PRO F 399 -27.08 14.88 52.31
N VAL F 400 -27.22 13.90 51.41
CA VAL F 400 -26.23 13.64 50.38
C VAL F 400 -26.80 14.10 49.04
N VAL F 401 -26.01 14.83 48.24
CA VAL F 401 -26.39 15.25 46.89
C VAL F 401 -25.37 14.66 45.91
N ALA F 402 -25.85 14.12 44.78
CA ALA F 402 -24.96 13.63 43.73
C ALA F 402 -25.43 14.13 42.38
N ALA F 403 -24.85 15.24 41.90
CA ALA F 403 -25.13 15.79 40.58
C ALA F 403 -24.27 15.06 39.53
N VAL F 404 -24.88 14.74 38.37
CA VAL F 404 -24.18 14.14 37.24
C VAL F 404 -24.49 14.95 35.98
N GLY F 405 -23.48 15.33 35.19
CA GLY F 405 -23.74 16.05 33.95
C GLY F 405 -23.21 17.47 33.99
N GLN F 406 -24.05 18.44 33.61
CA GLN F 406 -23.67 19.84 33.73
C GLN F 406 -23.82 20.24 35.19
N VAL F 407 -22.81 19.95 35.99
CA VAL F 407 -22.93 20.04 37.44
C VAL F 407 -22.98 21.49 37.91
N HIS F 408 -22.48 22.41 37.09
CA HIS F 408 -22.54 23.84 37.35
C HIS F 408 -23.99 24.35 37.38
N ALA F 409 -24.90 23.65 36.69
CA ALA F 409 -26.28 24.09 36.54
C ALA F 409 -27.23 23.20 37.33
N LEU F 410 -26.67 22.28 38.09
CA LEU F 410 -27.49 21.41 38.91
C LEU F 410 -27.48 21.91 40.35
N PRO F 411 -28.50 21.63 41.18
CA PRO F 411 -28.58 22.15 42.56
C PRO F 411 -27.48 21.62 43.49
N PHE F 412 -27.22 22.34 44.59
CA PHE F 412 -26.28 21.89 45.61
C PHE F 412 -27.05 21.50 46.86
N ALA F 413 -26.39 20.76 47.76
CA ALA F 413 -27.01 20.30 49.00
C ALA F 413 -27.58 21.45 49.83
N ASP F 414 -26.84 22.57 49.90
CA ASP F 414 -27.25 23.74 50.69
C ASP F 414 -28.49 24.41 50.11
N GLU F 415 -28.65 24.36 48.79
CA GLU F 415 -29.79 25.00 48.13
C GLU F 415 -31.08 24.23 48.41
N LEU F 416 -31.00 22.91 48.58
CA LEU F 416 -32.17 22.06 48.79
C LEU F 416 -32.49 21.95 50.29
N MET G 85 -0.75 17.91 -59.22
CA MET G 85 -0.26 17.16 -60.40
C MET G 85 -1.34 17.21 -61.48
N THR G 86 -0.90 17.08 -62.73
CA THR G 86 -1.77 16.92 -63.88
C THR G 86 -2.52 15.59 -63.78
N ALA G 87 -3.71 15.53 -64.39
CA ALA G 87 -4.49 14.31 -64.41
C ALA G 87 -3.73 13.20 -65.16
N ALA G 88 -3.04 13.61 -66.23
CA ALA G 88 -2.18 12.75 -67.00
C ALA G 88 -1.11 12.10 -66.11
N GLU G 89 -0.51 12.89 -65.21
CA GLU G 89 0.54 12.35 -64.37
C GLU G 89 -0.02 11.29 -63.42
N HIS G 90 -1.29 11.45 -63.02
CA HIS G 90 -1.92 10.49 -62.14
C HIS G 90 -2.41 9.27 -62.93
N GLY G 91 -2.83 9.49 -64.17
CA GLY G 91 -3.52 8.44 -64.89
C GLY G 91 -5.02 8.54 -64.65
N LEU G 92 -5.81 8.20 -65.66
CA LEU G 92 -7.25 8.25 -65.57
C LEU G 92 -7.73 7.24 -64.52
N HIS G 93 -8.76 7.58 -63.74
CA HIS G 93 -9.24 6.63 -62.77
C HIS G 93 -10.17 5.62 -63.44
N PRO G 94 -9.98 4.31 -63.17
CA PRO G 94 -10.81 3.29 -63.77
C PRO G 94 -12.23 3.35 -63.21
N ALA G 95 -13.20 3.02 -64.07
CA ALA G 95 -14.58 2.80 -63.70
C ALA G 95 -14.68 1.73 -62.61
N GLU G 96 -15.78 1.77 -61.86
CA GLU G 96 -16.08 0.69 -60.94
C GLU G 96 -16.97 -0.32 -61.64
N TYR G 97 -16.40 -1.47 -61.97
CA TYR G 97 -17.16 -2.49 -62.66
C TYR G 97 -17.83 -3.38 -61.64
N PRO G 98 -19.03 -3.91 -61.91
CA PRO G 98 -19.64 -4.86 -60.97
C PRO G 98 -19.12 -6.30 -61.00
N TRP G 99 -17.94 -6.51 -60.39
CA TRP G 99 -17.34 -7.84 -60.30
C TRP G 99 -18.27 -8.79 -59.53
N PRO G 100 -18.32 -10.09 -59.89
CA PRO G 100 -19.04 -11.07 -59.08
C PRO G 100 -18.61 -11.07 -57.61
N GLN G 101 -17.33 -10.81 -57.36
CA GLN G 101 -16.81 -10.89 -56.00
C GLN G 101 -17.08 -9.60 -55.21
N ASN G 102 -17.61 -8.56 -55.85
CA ASN G 102 -18.00 -7.38 -55.11
C ASN G 102 -19.25 -7.69 -54.32
N GLY G 103 -19.29 -7.32 -53.05
CA GLY G 103 -20.44 -7.81 -52.34
C GLY G 103 -19.95 -8.62 -51.15
N MET G 104 -20.45 -8.21 -49.98
CA MET G 104 -19.99 -8.78 -48.74
C MET G 104 -20.15 -10.30 -48.75
N LEU G 105 -21.16 -10.83 -49.43
CA LEU G 105 -21.40 -12.27 -49.33
C LEU G 105 -21.03 -13.00 -50.61
N SER G 106 -20.22 -12.38 -51.47
CA SER G 106 -20.04 -12.94 -52.80
C SER G 106 -18.68 -13.57 -52.96
N THR G 107 -18.62 -14.76 -53.54
CA THR G 107 -17.33 -15.35 -53.86
C THR G 107 -16.91 -14.88 -55.25
N PHE G 108 -15.69 -15.27 -55.67
CA PHE G 108 -15.30 -15.24 -57.06
C PHE G 108 -16.20 -16.18 -57.87
N ASP G 109 -16.31 -15.92 -59.17
CA ASP G 109 -16.88 -16.90 -60.06
C ASP G 109 -15.76 -17.83 -60.53
N HIS G 110 -15.79 -19.10 -60.11
CA HIS G 110 -14.69 -20.01 -60.36
C HIS G 110 -14.53 -20.36 -61.83
N ALA G 111 -15.62 -20.24 -62.60
CA ALA G 111 -15.56 -20.51 -64.04
C ALA G 111 -14.80 -19.38 -64.74
N SER G 112 -14.98 -18.15 -64.26
CA SER G 112 -14.23 -17.02 -64.76
C SER G 112 -12.76 -17.14 -64.34
N LEU G 113 -12.49 -17.65 -63.13
CA LEU G 113 -11.12 -17.87 -62.68
C LEU G 113 -10.41 -18.84 -63.61
N ARG G 114 -11.07 -19.95 -63.97
CA ARG G 114 -10.50 -20.97 -64.85
C ARG G 114 -10.18 -20.39 -66.22
N ARG G 115 -11.12 -19.64 -66.79
CA ARG G 115 -10.91 -18.98 -68.07
C ARG G 115 -9.78 -17.97 -67.96
N GLY G 116 -9.66 -17.26 -66.83
CA GLY G 116 -8.63 -16.26 -66.67
C GLY G 116 -7.25 -16.92 -66.59
N TYR G 117 -7.19 -18.11 -65.99
CA TYR G 117 -5.95 -18.86 -65.96
C TYR G 117 -5.50 -19.13 -67.39
N GLN G 118 -6.45 -19.49 -68.25
CA GLN G 118 -6.11 -19.82 -69.62
C GLN G 118 -5.61 -18.59 -70.38
N VAL G 119 -6.14 -17.41 -70.08
CA VAL G 119 -5.61 -16.19 -70.70
C VAL G 119 -4.21 -15.91 -70.15
N TYR G 120 -4.00 -16.11 -68.86
CA TYR G 120 -2.66 -15.87 -68.34
C TYR G 120 -1.67 -16.77 -69.09
N LYS G 121 -2.04 -18.04 -69.18
CA LYS G 121 -1.16 -19.06 -69.71
C LYS G 121 -0.84 -18.83 -71.19
N GLU G 122 -1.81 -18.32 -71.96
CA GLU G 122 -1.64 -18.22 -73.41
C GLU G 122 -1.22 -16.83 -73.87
N VAL G 123 -1.38 -15.82 -73.02
CA VAL G 123 -1.03 -14.48 -73.45
C VAL G 123 0.02 -13.88 -72.50
N CYS G 124 -0.34 -13.69 -71.23
CA CYS G 124 0.48 -12.90 -70.33
C CYS G 124 1.80 -13.60 -70.02
N ALA G 125 1.77 -14.94 -69.96
CA ALA G 125 2.89 -15.72 -69.45
C ALA G 125 4.10 -15.62 -70.38
N ALA G 126 3.92 -15.11 -71.60
CA ALA G 126 5.05 -14.85 -72.48
C ALA G 126 5.98 -13.81 -71.86
N CYS G 127 5.43 -12.85 -71.07
CA CYS G 127 6.29 -11.80 -70.56
C CYS G 127 6.25 -11.72 -69.05
N HIS G 128 5.23 -12.30 -68.42
CA HIS G 128 5.01 -12.05 -67.00
C HIS G 128 5.10 -13.34 -66.22
N SER G 129 5.74 -13.26 -65.06
CA SER G 129 5.73 -14.43 -64.19
C SER G 129 4.55 -14.37 -63.22
N LEU G 130 4.32 -15.50 -62.55
CA LEU G 130 3.32 -15.66 -61.52
C LEU G 130 3.97 -16.49 -60.42
N ASP G 131 5.02 -15.93 -59.82
CA ASP G 131 6.00 -16.72 -59.08
C ASP G 131 5.50 -17.18 -57.73
N ARG G 132 4.42 -16.58 -57.24
CA ARG G 132 3.99 -16.88 -55.88
C ARG G 132 2.91 -17.95 -55.92
N ILE G 133 2.59 -18.45 -57.12
CA ILE G 133 1.52 -19.43 -57.22
C ILE G 133 2.16 -20.78 -57.50
N ALA G 134 1.78 -21.83 -56.74
CA ALA G 134 2.29 -23.18 -56.99
C ALA G 134 1.20 -23.95 -57.71
N TRP G 135 1.52 -25.07 -58.38
CA TRP G 135 0.49 -25.85 -59.06
C TRP G 135 -0.62 -26.30 -58.09
N ARG G 136 -0.25 -26.65 -56.86
CA ARG G 136 -1.22 -27.08 -55.85
C ARG G 136 -2.27 -26.00 -55.56
N ASN G 137 -1.92 -24.72 -55.78
CA ASN G 137 -2.85 -23.62 -55.53
C ASN G 137 -4.07 -23.65 -56.44
N LEU G 138 -3.94 -24.20 -57.65
CA LEU G 138 -5.03 -24.21 -58.61
C LEU G 138 -6.02 -25.31 -58.23
N VAL G 139 -5.57 -26.28 -57.44
CA VAL G 139 -6.38 -27.47 -57.28
C VAL G 139 -7.58 -27.16 -56.39
N GLY G 140 -8.79 -27.52 -56.84
CA GLY G 140 -9.98 -27.23 -56.05
C GLY G 140 -10.37 -25.75 -56.11
N VAL G 141 -9.77 -24.99 -57.03
CA VAL G 141 -10.13 -23.60 -57.24
C VAL G 141 -10.53 -23.48 -58.70
N THR G 142 -9.62 -23.88 -59.60
CA THR G 142 -9.83 -23.78 -61.03
C THR G 142 -9.70 -25.14 -61.70
N HIS G 143 -8.97 -26.10 -61.11
CA HIS G 143 -8.61 -27.35 -61.77
C HIS G 143 -8.70 -28.52 -60.80
N THR G 144 -8.76 -29.74 -61.32
CA THR G 144 -8.73 -30.90 -60.44
C THR G 144 -7.28 -31.24 -60.11
N THR G 145 -7.06 -32.16 -59.16
CA THR G 145 -5.70 -32.61 -58.83
C THR G 145 -4.96 -33.11 -60.08
N ASP G 146 -5.67 -33.85 -60.93
CA ASP G 146 -5.08 -34.46 -62.10
C ASP G 146 -4.71 -33.46 -63.17
N GLU G 147 -5.58 -32.49 -63.43
CA GLU G 147 -5.26 -31.46 -64.41
C GLU G 147 -4.02 -30.69 -63.97
N ALA G 148 -3.91 -30.40 -62.67
CA ALA G 148 -2.80 -29.57 -62.23
C ALA G 148 -1.52 -30.40 -62.25
N LYS G 149 -1.62 -31.71 -61.96
CA LYS G 149 -0.43 -32.55 -61.99
C LYS G 149 0.06 -32.64 -63.42
N ALA G 150 -0.89 -32.68 -64.37
CA ALA G 150 -0.54 -32.75 -65.76
C ALA G 150 0.20 -31.48 -66.20
N PHE G 151 -0.28 -30.31 -65.80
CA PHE G 151 0.46 -29.09 -66.08
C PHE G 151 1.88 -29.14 -65.50
N ALA G 152 2.03 -29.65 -64.27
CA ALA G 152 3.33 -29.61 -63.61
C ALA G 152 4.29 -30.56 -64.31
N GLU G 153 3.81 -31.77 -64.65
CA GLU G 153 4.61 -32.87 -65.18
C GLU G 153 5.13 -32.57 -66.59
N GLU G 154 4.53 -31.59 -67.28
CA GLU G 154 5.00 -31.23 -68.61
C GLU G 154 6.28 -30.40 -68.55
N LEU G 155 6.62 -29.87 -67.38
CA LEU G 155 7.78 -28.98 -67.30
C LEU G 155 8.94 -29.73 -66.66
N GLU G 156 10.15 -29.16 -66.81
CA GLU G 156 11.33 -29.69 -66.15
C GLU G 156 11.81 -28.68 -65.11
N TYR G 157 12.14 -29.19 -63.93
CA TYR G 157 12.68 -28.37 -62.88
C TYR G 157 14.04 -28.92 -62.49
N ASP G 158 14.87 -28.07 -61.88
CA ASP G 158 16.15 -28.48 -61.34
C ASP G 158 15.96 -29.47 -60.19
N ASP G 159 16.60 -30.63 -60.33
CA ASP G 159 16.65 -31.62 -59.29
C ASP G 159 17.90 -31.40 -58.44
N GLU G 160 18.07 -32.23 -57.40
CA GLU G 160 19.31 -32.33 -56.65
C GLU G 160 20.38 -32.93 -57.56
N PRO G 161 21.68 -32.58 -57.41
CA PRO G 161 22.71 -33.16 -58.28
C PRO G 161 22.75 -34.68 -58.15
N ASP G 162 23.19 -35.37 -59.21
CA ASP G 162 23.35 -36.81 -59.19
C ASP G 162 24.58 -37.20 -58.35
N ASP G 163 24.99 -38.46 -58.47
CA ASP G 163 25.96 -39.04 -57.55
C ASP G 163 27.38 -38.59 -57.86
N GLU G 164 27.62 -38.14 -59.10
CA GLU G 164 28.89 -37.53 -59.47
C GLU G 164 28.83 -36.03 -59.24
N GLY G 165 27.72 -35.55 -58.67
CA GLY G 165 27.55 -34.13 -58.40
C GLY G 165 27.21 -33.31 -59.64
N ASN G 166 26.76 -33.97 -60.73
CA ASN G 166 26.42 -33.26 -61.95
C ASN G 166 24.96 -32.79 -61.89
N PRO G 167 24.60 -31.62 -62.49
CA PRO G 167 23.19 -31.20 -62.55
C PRO G 167 22.25 -32.17 -63.27
N ARG G 168 21.01 -32.19 -62.79
CA ARG G 168 19.92 -33.02 -63.31
C ARG G 168 18.62 -32.22 -63.32
N LYS G 169 17.71 -32.58 -64.24
CA LYS G 169 16.35 -32.06 -64.25
C LYS G 169 15.38 -33.17 -63.84
N ARG G 170 14.21 -32.77 -63.31
CA ARG G 170 13.14 -33.68 -63.02
C ARG G 170 11.86 -33.10 -63.60
N PRO G 171 10.79 -33.90 -63.82
CA PRO G 171 9.46 -33.36 -64.11
C PRO G 171 8.85 -32.65 -62.91
N GLY G 172 7.95 -31.70 -63.17
CA GLY G 172 7.37 -30.91 -62.11
C GLY G 172 6.39 -31.70 -61.24
N LYS G 173 6.16 -31.18 -60.03
CA LYS G 173 5.25 -31.75 -59.06
C LYS G 173 4.27 -30.67 -58.63
N LEU G 174 3.21 -31.01 -57.88
CA LEU G 174 2.26 -30.03 -57.40
C LEU G 174 2.88 -28.97 -56.50
N ALA G 175 3.96 -29.32 -55.81
CA ALA G 175 4.62 -28.41 -54.88
C ALA G 175 5.38 -27.31 -55.62
N ASP G 176 5.65 -27.52 -56.91
CA ASP G 176 6.51 -26.58 -57.62
C ASP G 176 5.74 -25.30 -57.93
N TYR G 177 6.47 -24.18 -58.04
CA TYR G 177 5.91 -22.90 -58.42
C TYR G 177 5.82 -22.80 -59.94
N ILE G 178 4.84 -22.05 -60.41
CA ILE G 178 4.72 -21.85 -61.84
C ILE G 178 5.96 -21.10 -62.31
N PRO G 179 6.72 -21.63 -63.30
CA PRO G 179 7.97 -20.99 -63.71
C PRO G 179 7.75 -19.80 -64.63
N GLY G 180 8.66 -18.81 -64.53
CA GLY G 180 8.54 -17.56 -65.27
C GLY G 180 9.18 -17.63 -66.66
N PRO G 181 8.89 -16.65 -67.56
CA PRO G 181 9.47 -16.69 -68.89
C PRO G 181 10.95 -16.33 -69.02
N TYR G 182 11.54 -15.69 -68.00
CA TYR G 182 12.90 -15.17 -68.11
C TYR G 182 13.74 -15.65 -66.93
N PRO G 183 15.06 -15.92 -67.14
CA PRO G 183 15.95 -16.28 -66.04
C PRO G 183 16.28 -15.15 -65.05
N ASN G 184 16.20 -13.89 -65.50
CA ASN G 184 16.57 -12.78 -64.64
C ASN G 184 15.99 -11.50 -65.23
N GLU G 185 16.16 -10.40 -64.48
CA GLU G 185 15.67 -9.09 -64.85
C GLU G 185 16.30 -8.61 -66.15
N GLN G 186 17.58 -8.94 -66.35
CA GLN G 186 18.32 -8.41 -67.46
C GLN G 186 17.76 -8.99 -68.76
N ALA G 187 17.50 -10.30 -68.71
CA ALA G 187 16.86 -11.00 -69.82
C ALA G 187 15.45 -10.46 -70.05
N ALA G 188 14.75 -10.10 -68.97
CA ALA G 188 13.37 -9.65 -69.12
C ALA G 188 13.36 -8.29 -69.81
N ARG G 189 14.26 -7.40 -69.38
CA ARG G 189 14.33 -6.06 -69.94
C ARG G 189 14.80 -6.10 -71.39
N ALA G 190 15.70 -7.04 -71.71
CA ALA G 190 16.27 -7.11 -73.04
C ALA G 190 15.20 -7.51 -74.06
N ALA G 191 14.20 -8.28 -73.58
CA ALA G 191 13.13 -8.77 -74.42
C ALA G 191 11.99 -7.74 -74.54
N ASN G 192 12.05 -6.68 -73.75
CA ASN G 192 10.91 -5.78 -73.67
C ASN G 192 11.40 -4.34 -73.78
N GLN G 193 12.38 -4.11 -74.66
CA GLN G 193 12.85 -2.78 -75.00
C GLN G 193 13.19 -2.00 -73.74
N GLY G 194 13.74 -2.68 -72.74
CA GLY G 194 14.19 -1.97 -71.55
C GLY G 194 13.21 -2.03 -70.38
N ALA G 195 11.92 -2.22 -70.67
CA ALA G 195 10.90 -2.25 -69.61
C ALA G 195 10.90 -3.61 -68.92
N LEU G 196 10.54 -3.60 -67.63
CA LEU G 196 10.54 -4.86 -66.92
C LEU G 196 9.09 -5.24 -66.65
N PRO G 197 8.53 -6.30 -67.26
CA PRO G 197 7.16 -6.69 -66.94
C PRO G 197 7.10 -7.20 -65.50
N PRO G 198 6.27 -6.62 -64.61
CA PRO G 198 6.21 -7.06 -63.22
C PRO G 198 5.64 -8.47 -63.10
N ASP G 199 6.02 -9.15 -62.01
CA ASP G 199 5.39 -10.39 -61.60
C ASP G 199 3.94 -10.07 -61.28
N LEU G 200 3.01 -10.95 -61.65
CA LEU G 200 1.62 -10.54 -61.54
C LEU G 200 0.93 -11.13 -60.32
N SER G 201 1.67 -11.83 -59.45
CA SER G 201 1.04 -12.52 -58.32
C SER G 201 0.36 -11.54 -57.37
N LEU G 202 0.85 -10.30 -57.26
CA LEU G 202 0.30 -9.39 -56.27
C LEU G 202 -0.24 -8.14 -56.96
N ILE G 203 -0.25 -8.15 -58.29
CA ILE G 203 -0.49 -6.93 -59.02
C ILE G 203 -1.85 -6.32 -58.70
N ALA G 204 -2.86 -7.16 -58.41
CA ALA G 204 -4.18 -6.64 -58.06
C ALA G 204 -4.15 -5.89 -56.73
N LYS G 205 -3.19 -6.20 -55.85
CA LYS G 205 -3.14 -5.45 -54.61
C LYS G 205 -2.11 -4.33 -54.68
N ALA G 206 -1.23 -4.39 -55.69
CA ALA G 206 -0.09 -3.50 -55.73
C ALA G 206 -0.43 -2.27 -56.56
N ARG G 207 -1.69 -2.15 -57.01
CA ARG G 207 -2.07 -0.99 -57.80
C ARG G 207 -3.39 -0.49 -57.27
N HIS G 208 -3.54 0.83 -57.11
CA HIS G 208 -4.84 1.42 -56.81
C HIS G 208 -5.84 0.97 -57.88
N GLY G 209 -7.00 0.49 -57.45
CA GLY G 209 -7.96 0.14 -58.48
C GLY G 209 -8.19 -1.37 -58.51
N GLY G 210 -7.15 -2.17 -58.25
CA GLY G 210 -7.28 -3.62 -58.23
C GLY G 210 -7.73 -4.19 -59.57
N ALA G 211 -8.71 -5.09 -59.56
CA ALA G 211 -9.30 -5.66 -60.76
C ALA G 211 -9.75 -4.57 -61.72
N ASP G 212 -10.31 -3.47 -61.21
CA ASP G 212 -10.80 -2.45 -62.13
C ASP G 212 -9.65 -1.85 -62.92
N TYR G 213 -8.50 -1.66 -62.25
CA TYR G 213 -7.36 -1.10 -62.94
C TYR G 213 -6.87 -2.06 -64.02
N ILE G 214 -6.80 -3.36 -63.69
CA ILE G 214 -6.29 -4.30 -64.66
C ILE G 214 -7.23 -4.36 -65.87
N PHE G 215 -8.54 -4.44 -65.63
CA PHE G 215 -9.49 -4.46 -66.73
C PHE G 215 -9.40 -3.18 -67.56
N ALA G 216 -9.35 -2.02 -66.88
CA ALA G 216 -9.30 -0.75 -67.60
C ALA G 216 -8.04 -0.66 -68.45
N LEU G 217 -6.90 -1.07 -67.88
CA LEU G 217 -5.64 -0.93 -68.59
C LEU G 217 -5.63 -1.81 -69.84
N LEU G 218 -6.13 -3.05 -69.73
CA LEU G 218 -6.00 -3.99 -70.84
C LEU G 218 -6.93 -3.60 -71.98
N THR G 219 -8.05 -2.95 -71.65
CA THR G 219 -9.07 -2.62 -72.62
C THR G 219 -9.02 -1.14 -72.96
N GLY G 220 -7.99 -0.43 -72.47
CA GLY G 220 -8.03 1.02 -72.64
C GLY G 220 -6.93 1.56 -73.54
N TYR G 221 -6.44 0.76 -74.49
CA TYR G 221 -5.51 1.29 -75.48
C TYR G 221 -6.34 1.90 -76.61
N PRO G 222 -6.33 3.24 -76.79
CA PRO G 222 -7.06 3.85 -77.91
C PRO G 222 -6.30 3.53 -79.19
N ASP G 223 -7.00 3.52 -80.32
CA ASP G 223 -6.36 3.28 -81.60
C ASP G 223 -5.28 4.33 -81.86
N GLU G 224 -5.59 5.58 -81.50
CA GLU G 224 -4.67 6.69 -81.72
C GLU G 224 -4.50 7.45 -80.41
N PRO G 225 -3.26 7.81 -80.02
CA PRO G 225 -3.05 8.70 -78.88
C PRO G 225 -3.69 10.08 -79.14
N PRO G 226 -4.28 10.68 -78.09
CA PRO G 226 -4.81 12.06 -78.15
C PRO G 226 -3.80 12.98 -78.79
N ALA G 227 -4.28 13.84 -79.70
CA ALA G 227 -3.42 14.74 -80.46
C ALA G 227 -2.58 15.58 -79.49
N GLY G 228 -1.28 15.54 -79.72
CA GLY G 228 -0.36 16.38 -78.96
C GLY G 228 0.56 15.58 -78.06
N VAL G 229 0.17 14.34 -77.75
CA VAL G 229 0.95 13.44 -76.91
C VAL G 229 2.14 12.93 -77.72
N VAL G 230 3.34 13.11 -77.16
CA VAL G 230 4.55 12.61 -77.77
C VAL G 230 4.99 11.38 -76.97
N LEU G 231 4.93 10.21 -77.60
CA LEU G 231 5.38 9.02 -76.91
C LEU G 231 6.89 8.87 -77.07
N ALA G 232 7.55 8.54 -75.95
CA ALA G 232 8.92 8.04 -75.94
C ALA G 232 9.04 6.76 -76.78
N PRO G 233 10.24 6.43 -77.33
CA PRO G 233 10.38 5.23 -78.15
C PRO G 233 10.09 3.96 -77.36
N GLY G 234 9.28 3.08 -77.95
CA GLY G 234 8.91 1.80 -77.34
C GLY G 234 7.75 1.91 -76.36
N MET G 235 7.11 3.09 -76.33
CA MET G 235 5.95 3.34 -75.47
C MET G 235 4.67 3.35 -76.30
N ASN G 236 3.58 3.01 -75.61
CA ASN G 236 2.26 2.91 -76.17
C ASN G 236 1.39 3.82 -75.32
N TYR G 237 0.40 4.46 -75.93
CA TYR G 237 -0.42 5.37 -75.15
C TYR G 237 -1.48 4.57 -74.40
N ASN G 238 -1.63 4.78 -73.09
CA ASN G 238 -2.73 4.17 -72.37
C ASN G 238 -3.10 5.14 -71.27
N PRO G 239 -4.30 5.74 -71.28
CA PRO G 239 -4.60 6.79 -70.30
C PRO G 239 -4.65 6.31 -68.85
N TYR G 240 -4.84 5.01 -68.61
CA TYR G 240 -4.95 4.55 -67.23
C TYR G 240 -3.59 4.47 -66.57
N PHE G 241 -2.56 4.40 -67.39
CA PHE G 241 -1.22 4.26 -66.86
C PHE G 241 -0.69 5.65 -66.51
N PRO G 242 -0.13 5.89 -65.30
CA PRO G 242 0.34 7.23 -64.95
C PRO G 242 1.41 7.75 -65.90
N GLY G 243 1.19 8.96 -66.44
CA GLY G 243 2.09 9.49 -67.46
C GLY G 243 1.62 9.17 -68.88
N GLY G 244 0.88 8.08 -69.07
CA GLY G 244 0.24 7.78 -70.35
C GLY G 244 1.04 6.85 -71.28
N GLY G 245 2.37 6.80 -71.12
CA GLY G 245 3.19 5.98 -72.01
C GLY G 245 3.60 4.69 -71.31
N ILE G 246 3.09 3.55 -71.77
CA ILE G 246 3.40 2.30 -71.10
C ILE G 246 4.23 1.43 -72.04
N GLY G 247 5.17 0.66 -71.48
CA GLY G 247 6.02 -0.20 -72.29
C GLY G 247 5.32 -1.47 -72.78
N MET G 248 4.08 -1.74 -72.33
CA MET G 248 3.38 -2.93 -72.75
C MET G 248 2.41 -2.52 -73.84
N ALA G 249 2.41 -3.24 -74.96
CA ALA G 249 1.51 -2.92 -76.05
C ALA G 249 0.16 -3.59 -75.77
N ARG G 250 -0.84 -3.26 -76.57
CA ARG G 250 -2.08 -4.00 -76.47
C ARG G 250 -1.84 -5.46 -76.86
N THR G 251 -2.41 -6.40 -76.11
CA THR G 251 -2.18 -7.81 -76.35
C THR G 251 -3.49 -8.58 -76.53
N LEU G 252 -4.61 -8.03 -76.04
CA LEU G 252 -5.85 -8.77 -76.14
C LEU G 252 -6.60 -8.29 -77.37
N PHE G 253 -6.82 -9.22 -78.31
CA PHE G 253 -7.63 -8.95 -79.48
C PHE G 253 -8.63 -10.07 -79.58
N ASP G 254 -9.81 -9.76 -80.15
CA ASP G 254 -10.87 -10.75 -80.27
C ASP G 254 -10.31 -12.03 -80.89
N GLY G 255 -10.42 -13.11 -80.11
CA GLY G 255 -10.14 -14.48 -80.51
C GLY G 255 -8.66 -14.88 -80.44
N VAL G 256 -7.89 -14.30 -79.51
CA VAL G 256 -6.49 -14.68 -79.37
C VAL G 256 -6.41 -15.98 -78.56
N VAL G 257 -7.48 -16.23 -77.82
CA VAL G 257 -7.62 -17.42 -77.00
C VAL G 257 -8.88 -18.14 -77.49
N GLU G 258 -8.88 -19.47 -77.42
CA GLU G 258 -10.09 -20.22 -77.65
C GLU G 258 -10.48 -20.88 -76.32
N TYR G 259 -11.54 -20.38 -75.69
CA TYR G 259 -11.83 -20.86 -74.37
C TYR G 259 -12.31 -22.30 -74.45
N GLU G 260 -11.95 -23.10 -73.46
CA GLU G 260 -12.28 -24.52 -73.47
C GLU G 260 -13.74 -24.79 -73.09
N ASP G 261 -14.48 -23.74 -72.65
CA ASP G 261 -15.85 -23.87 -72.19
C ASP G 261 -16.82 -23.24 -73.19
N GLY G 262 -16.29 -22.79 -74.34
CA GLY G 262 -17.07 -22.29 -75.46
C GLY G 262 -17.47 -20.81 -75.39
N THR G 263 -17.09 -20.11 -74.31
CA THR G 263 -17.33 -18.68 -74.14
C THR G 263 -16.67 -17.90 -75.28
N PRO G 264 -17.38 -16.94 -75.94
CA PRO G 264 -16.76 -16.09 -76.95
C PRO G 264 -15.62 -15.24 -76.40
N ALA G 265 -14.43 -15.41 -76.95
CA ALA G 265 -13.26 -14.74 -76.40
C ALA G 265 -13.11 -13.35 -77.01
N THR G 266 -13.92 -12.41 -76.55
CA THR G 266 -13.73 -11.02 -76.95
C THR G 266 -12.69 -10.35 -76.05
N THR G 267 -12.18 -9.20 -76.52
CA THR G 267 -11.26 -8.40 -75.72
C THR G 267 -11.80 -8.20 -74.31
N SER G 268 -13.06 -7.78 -74.22
CA SER G 268 -13.67 -7.48 -72.93
C SER G 268 -13.78 -8.74 -72.07
N GLN G 269 -14.16 -9.86 -72.70
CA GLN G 269 -14.35 -11.09 -71.93
C GLN G 269 -13.01 -11.56 -71.37
N MET G 270 -11.96 -11.49 -72.18
CA MET G 270 -10.68 -11.98 -71.74
C MET G 270 -10.10 -11.06 -70.66
N ALA G 271 -10.33 -9.76 -70.78
CA ALA G 271 -9.81 -8.83 -69.79
C ALA G 271 -10.54 -9.04 -68.46
N LYS G 272 -11.83 -9.33 -68.53
CA LYS G 272 -12.58 -9.58 -67.31
C LYS G 272 -12.10 -10.87 -66.65
N ASP G 273 -11.90 -11.92 -67.44
CA ASP G 273 -11.50 -13.20 -66.87
C ASP G 273 -10.09 -13.11 -66.27
N VAL G 274 -9.15 -12.51 -67.01
CA VAL G 274 -7.80 -12.46 -66.49
C VAL G 274 -7.75 -11.53 -65.27
N ALA G 275 -8.54 -10.45 -65.25
CA ALA G 275 -8.53 -9.60 -64.07
C ALA G 275 -9.07 -10.35 -62.86
N ALA G 276 -10.13 -11.14 -63.05
CA ALA G 276 -10.65 -11.98 -61.97
C ALA G 276 -9.58 -12.96 -61.50
N PHE G 277 -8.93 -13.66 -62.43
CA PHE G 277 -7.89 -14.62 -62.07
C PHE G 277 -6.76 -13.96 -61.28
N LEU G 278 -6.31 -12.77 -61.69
CA LEU G 278 -5.20 -12.13 -61.00
C LEU G 278 -5.61 -11.62 -59.63
N THR G 279 -6.88 -11.22 -59.50
CA THR G 279 -7.40 -10.85 -58.20
C THR G 279 -7.37 -12.08 -57.30
N TRP G 280 -7.83 -13.21 -57.81
CA TRP G 280 -7.70 -14.41 -57.01
C TRP G 280 -6.23 -14.65 -56.63
N ALA G 281 -5.29 -14.50 -57.58
CA ALA G 281 -3.90 -14.82 -57.29
C ALA G 281 -3.36 -13.93 -56.17
N ALA G 282 -3.82 -12.68 -56.12
CA ALA G 282 -3.34 -11.77 -55.11
C ALA G 282 -3.96 -12.11 -53.75
N GLU G 283 -5.18 -12.65 -53.73
CA GLU G 283 -5.87 -12.85 -52.46
C GLU G 283 -6.62 -14.17 -52.48
N PRO G 284 -5.93 -15.30 -52.46
CA PRO G 284 -6.62 -16.60 -52.56
C PRO G 284 -7.47 -17.03 -51.37
N GLU G 285 -7.30 -16.35 -50.21
CA GLU G 285 -8.15 -16.57 -49.05
C GLU G 285 -9.52 -15.88 -49.20
N HIS G 286 -9.67 -14.99 -50.17
CA HIS G 286 -10.87 -14.17 -50.36
C HIS G 286 -12.18 -14.88 -49.99
N ASP G 287 -12.49 -16.01 -50.63
CA ASP G 287 -13.79 -16.65 -50.45
C ASP G 287 -13.95 -17.13 -49.02
N GLU G 288 -12.92 -17.75 -48.46
CA GLU G 288 -13.02 -18.25 -47.10
C GLU G 288 -13.14 -17.10 -46.10
N ARG G 289 -12.34 -16.05 -46.33
CA ARG G 289 -12.29 -14.90 -45.45
C ARG G 289 -13.69 -14.29 -45.35
N LYS G 290 -14.39 -14.19 -46.48
CA LYS G 290 -15.63 -13.48 -46.40
C LYS G 290 -16.69 -14.35 -45.72
N LYS G 291 -16.57 -15.66 -45.86
CA LYS G 291 -17.56 -16.49 -45.21
C LYS G 291 -17.32 -16.50 -43.70
N LEU G 292 -16.06 -16.53 -43.28
CA LEU G 292 -15.77 -16.45 -41.86
C LEU G 292 -16.21 -15.10 -41.32
N GLY G 293 -16.05 -14.04 -42.11
CA GLY G 293 -16.51 -12.72 -41.75
C GLY G 293 -18.01 -12.67 -41.45
N LEU G 294 -18.79 -13.40 -42.26
CA LEU G 294 -20.24 -13.43 -42.08
C LEU G 294 -20.55 -14.04 -40.72
N LYS G 295 -19.87 -15.15 -40.40
CA LYS G 295 -20.08 -15.80 -39.11
C LYS G 295 -19.70 -14.87 -37.97
N ALA G 296 -18.56 -14.18 -38.10
CA ALA G 296 -18.08 -13.25 -37.09
C ALA G 296 -19.09 -12.12 -36.89
N ILE G 297 -19.57 -11.55 -38.00
CA ILE G 297 -20.50 -10.43 -37.92
C ILE G 297 -21.73 -10.85 -37.13
N ILE G 298 -22.26 -12.04 -37.39
CA ILE G 298 -23.50 -12.46 -36.77
C ILE G 298 -23.28 -12.66 -35.27
N VAL G 299 -22.26 -13.42 -34.91
CA VAL G 299 -21.98 -13.69 -33.51
C VAL G 299 -21.70 -12.38 -32.76
N ILE G 300 -20.86 -11.52 -33.35
CA ILE G 300 -20.44 -10.32 -32.65
C ILE G 300 -21.64 -9.38 -32.48
N SER G 301 -22.50 -9.28 -33.49
CA SER G 301 -23.69 -8.45 -33.36
C SER G 301 -24.58 -8.94 -32.23
N ALA G 302 -24.82 -10.26 -32.17
CA ALA G 302 -25.65 -10.83 -31.12
C ALA G 302 -25.03 -10.53 -29.75
N MET G 303 -23.71 -10.68 -29.64
CA MET G 303 -23.04 -10.44 -28.38
C MET G 303 -23.09 -8.96 -28.03
N LEU G 304 -23.06 -8.09 -29.03
CA LEU G 304 -23.17 -6.68 -28.74
C LEU G 304 -24.56 -6.37 -28.17
N GLY G 305 -25.62 -6.88 -28.81
CA GLY G 305 -26.97 -6.75 -28.28
C GLY G 305 -27.10 -7.28 -26.85
N LEU G 306 -26.58 -8.47 -26.59
CA LEU G 306 -26.70 -9.03 -25.25
C LEU G 306 -25.87 -8.24 -24.23
N SER G 307 -24.69 -7.76 -24.62
CA SER G 307 -23.89 -6.97 -23.70
C SER G 307 -24.63 -5.67 -23.36
N VAL G 308 -25.43 -5.13 -24.28
CA VAL G 308 -26.19 -3.93 -23.93
C VAL G 308 -27.28 -4.26 -22.91
N TYR G 309 -28.02 -5.35 -23.14
CA TYR G 309 -29.02 -5.76 -22.17
C TYR G 309 -28.37 -5.97 -20.80
N ILE G 310 -27.23 -6.66 -20.75
CA ILE G 310 -26.65 -7.01 -19.46
C ILE G 310 -26.12 -5.76 -18.78
N LYS G 311 -25.52 -4.85 -19.54
CA LYS G 311 -25.06 -3.61 -18.91
C LYS G 311 -26.25 -2.87 -18.32
N LYS G 312 -27.32 -2.68 -19.10
CA LYS G 312 -28.46 -1.95 -18.59
C LYS G 312 -29.09 -2.64 -17.39
N PHE G 313 -29.16 -3.97 -17.41
CA PHE G 313 -29.69 -4.71 -16.29
C PHE G 313 -28.85 -4.41 -15.04
N LYS G 314 -27.53 -4.55 -15.14
CA LYS G 314 -26.72 -4.34 -13.96
C LYS G 314 -26.75 -2.87 -13.51
N TRP G 315 -26.85 -1.92 -14.45
CA TRP G 315 -26.77 -0.52 -14.07
C TRP G 315 -28.09 0.02 -13.53
N SER G 316 -29.22 -0.68 -13.69
CA SER G 316 -30.50 -0.03 -13.39
C SER G 316 -30.59 0.44 -11.93
N PRO G 317 -30.06 -0.25 -10.90
CA PRO G 317 -30.10 0.31 -9.54
C PRO G 317 -29.39 1.66 -9.43
N ILE G 318 -28.34 1.90 -10.21
CA ILE G 318 -27.64 3.18 -10.14
C ILE G 318 -28.49 4.21 -10.89
N LYS G 319 -28.97 3.84 -12.07
CA LYS G 319 -29.70 4.81 -12.86
C LYS G 319 -30.98 5.22 -12.17
N ASN G 320 -31.60 4.29 -11.42
CA ASN G 320 -32.90 4.51 -10.84
C ASN G 320 -32.81 5.12 -9.44
N ARG G 321 -31.61 5.38 -8.95
CA ARG G 321 -31.45 5.85 -7.58
C ARG G 321 -32.18 7.16 -7.34
N LYS G 322 -32.84 7.31 -6.17
CA LYS G 322 -33.49 8.55 -5.80
C LYS G 322 -33.00 9.01 -4.44
N PHE G 323 -33.07 10.32 -4.19
CA PHE G 323 -32.54 10.89 -2.96
C PHE G 323 -33.61 11.73 -2.30
N ILE G 324 -33.56 11.81 -0.97
CA ILE G 324 -34.34 12.80 -0.25
C ILE G 324 -33.33 13.48 0.65
N TYR G 325 -33.23 14.80 0.56
CA TYR G 325 -32.27 15.48 1.41
C TYR G 325 -33.00 16.23 2.51
N ASN G 326 -32.57 16.07 3.77
CA ASN G 326 -33.10 16.93 4.82
C ASN G 326 -31.92 17.65 5.42
N PRO G 327 -31.72 18.96 5.15
CA PRO G 327 -30.51 19.64 5.60
C PRO G 327 -30.40 19.51 7.11
N PRO G 328 -29.26 19.02 7.63
CA PRO G 328 -29.06 18.89 9.08
C PRO G 328 -29.12 20.25 9.79
N TYR H 7 -5.48 12.50 -2.69
CA TYR H 7 -6.86 13.08 -2.96
C TYR H 7 -7.93 12.00 -3.15
N MET H 8 -7.55 10.74 -3.02
CA MET H 8 -8.57 9.72 -2.92
C MET H 8 -8.14 8.75 -1.83
N GLY H 9 -9.06 8.34 -0.96
CA GLY H 9 -8.70 7.31 0.00
C GLY H 9 -9.16 5.95 -0.51
N TRP H 10 -9.95 5.26 0.31
CA TRP H 10 -10.45 3.94 -0.06
C TRP H 10 -11.80 3.76 0.62
N TRP H 11 -12.49 2.63 0.37
CA TRP H 11 -13.79 2.45 0.97
C TRP H 11 -13.75 2.64 2.49
N GLY H 12 -14.66 3.47 3.02
CA GLY H 12 -14.68 3.74 4.45
C GLY H 12 -13.97 5.04 4.81
N HIS H 13 -13.01 5.48 3.98
CA HIS H 13 -12.33 6.75 4.21
C HIS H 13 -11.99 7.35 2.85
N MET H 14 -13.02 7.58 2.04
CA MET H 14 -12.78 7.96 0.66
C MET H 14 -12.22 9.38 0.56
N GLY H 15 -12.45 10.22 1.58
CA GLY H 15 -12.01 11.61 1.56
C GLY H 15 -13.14 12.59 1.28
N SER H 16 -14.39 12.10 1.32
CA SER H 16 -15.59 12.92 1.24
C SER H 16 -15.64 13.85 2.45
N PRO H 17 -16.14 15.10 2.32
CA PRO H 17 -16.58 15.84 3.50
C PRO H 17 -17.65 14.99 4.16
N PRO H 18 -17.88 15.12 5.49
CA PRO H 18 -18.89 14.34 6.19
C PRO H 18 -20.25 14.46 5.49
N GLN H 19 -20.90 13.31 5.34
CA GLN H 19 -22.22 13.31 4.72
C GLN H 19 -23.26 13.10 5.80
N LYS H 20 -24.35 13.84 5.69
CA LYS H 20 -25.43 13.69 6.64
C LYS H 20 -26.70 14.26 6.03
N GLY H 21 -27.83 13.62 6.32
CA GLY H 21 -29.11 14.18 5.94
C GLY H 21 -29.59 13.71 4.57
N ILE H 22 -28.80 12.91 3.85
CA ILE H 22 -29.23 12.45 2.54
C ILE H 22 -29.75 11.02 2.67
N ALA H 23 -30.96 10.72 2.19
CA ALA H 23 -31.40 9.34 2.17
C ALA H 23 -31.38 8.88 0.72
N GLY H 24 -30.72 7.75 0.41
CA GLY H 24 -30.74 7.25 -0.95
C GLY H 24 -31.57 5.97 -1.05
N TYR H 25 -32.29 5.81 -2.16
CA TYR H 25 -33.17 4.67 -2.32
C TYR H 25 -32.91 4.08 -3.68
N THR H 26 -33.01 2.76 -3.80
CA THR H 26 -33.03 2.20 -5.14
C THR H 26 -33.67 0.82 -5.10
N ILE H 27 -33.84 0.20 -6.26
CA ILE H 27 -34.50 -1.09 -6.29
C ILE H 27 -33.60 -2.07 -7.03
N SER H 28 -33.83 -3.35 -6.77
CA SER H 28 -33.07 -4.46 -7.31
C SER H 28 -33.12 -4.46 -8.84
N PRO H 29 -32.04 -4.87 -9.55
CA PRO H 29 -32.11 -5.01 -11.00
C PRO H 29 -33.15 -6.04 -11.40
N PHE H 30 -33.40 -7.06 -10.57
CA PHE H 30 -34.43 -8.04 -10.90
C PHE H 30 -35.83 -7.46 -10.77
N ALA H 31 -36.00 -6.38 -10.01
CA ALA H 31 -37.32 -5.82 -9.77
C ALA H 31 -37.64 -4.73 -10.78
N ALA H 32 -36.63 -4.28 -11.53
CA ALA H 32 -36.79 -3.10 -12.38
C ALA H 32 -36.90 -3.53 -13.83
N ARG H 33 -37.59 -2.74 -14.65
CA ARG H 33 -37.52 -2.93 -16.08
C ARG H 33 -36.29 -2.18 -16.62
N PRO H 34 -35.23 -2.87 -17.09
CA PRO H 34 -34.00 -2.19 -17.50
C PRO H 34 -34.22 -1.23 -18.67
N PHE H 35 -35.20 -1.56 -19.53
CA PHE H 35 -35.46 -0.70 -20.67
C PHE H 35 -36.69 0.16 -20.49
N ALA H 36 -37.15 0.36 -19.25
CA ALA H 36 -38.24 1.30 -19.03
C ALA H 36 -37.91 2.67 -19.63
N GLY H 37 -38.87 3.20 -20.40
CA GLY H 37 -38.80 4.53 -20.98
C GLY H 37 -37.76 4.67 -22.09
N VAL H 38 -37.38 3.55 -22.70
CA VAL H 38 -36.29 3.53 -23.65
C VAL H 38 -36.64 4.31 -24.93
N VAL H 39 -37.91 4.21 -25.34
CA VAL H 39 -38.36 4.82 -26.58
C VAL H 39 -38.36 6.34 -26.42
N HIS H 40 -38.93 6.83 -25.33
CA HIS H 40 -38.89 8.24 -25.03
C HIS H 40 -37.45 8.75 -24.96
N ALA H 41 -36.56 8.00 -24.32
CA ALA H 41 -35.17 8.43 -24.17
C ALA H 41 -34.50 8.50 -25.53
N ALA H 42 -34.69 7.44 -26.32
CA ALA H 42 -34.02 7.29 -27.60
C ALA H 42 -34.40 8.43 -28.53
N ILE H 43 -35.63 8.96 -28.39
CA ILE H 43 -36.10 9.99 -29.29
C ILE H 43 -35.90 11.37 -28.67
N PHE H 44 -36.55 11.60 -27.53
CA PHE H 44 -36.65 12.94 -26.99
C PHE H 44 -35.39 13.33 -26.23
N ASN H 45 -34.85 12.39 -25.45
CA ASN H 45 -33.68 12.73 -24.67
C ASN H 45 -32.51 12.94 -25.63
N THR H 46 -32.40 12.06 -26.64
CA THR H 46 -31.26 12.17 -27.54
C THR H 46 -31.38 13.44 -28.37
N PHE H 47 -32.61 13.82 -28.71
CA PHE H 47 -32.80 15.03 -29.49
C PHE H 47 -32.38 16.25 -28.67
N ARG H 48 -32.82 16.32 -27.41
CA ARG H 48 -32.41 17.41 -26.54
C ARG H 48 -30.88 17.44 -26.42
N ARG H 49 -30.27 16.29 -26.12
CA ARG H 49 -28.82 16.29 -25.92
C ARG H 49 -28.08 16.73 -27.18
N THR H 50 -28.58 16.34 -28.36
CA THR H 50 -27.92 16.61 -29.61
C THR H 50 -28.10 18.07 -30.00
N LYS H 51 -29.32 18.56 -29.87
CA LYS H 51 -29.60 19.94 -30.21
C LYS H 51 -28.70 20.88 -29.41
N ASN H 52 -28.46 20.58 -28.13
CA ASN H 52 -27.70 21.51 -27.30
C ASN H 52 -26.22 21.47 -27.62
N GLN H 53 -25.74 20.44 -28.32
CA GLN H 53 -24.32 20.39 -28.63
C GLN H 53 -24.05 20.67 -30.10
N ALA H 54 -25.10 20.79 -30.93
CA ALA H 54 -24.97 20.77 -32.39
C ALA H 54 -24.02 21.84 -32.92
N LEU H 55 -24.13 23.09 -32.45
CA LEU H 55 -23.30 24.20 -32.92
C LEU H 55 -21.80 23.97 -32.70
N PHE H 56 -21.42 23.31 -31.61
CA PHE H 56 -20.01 23.12 -31.30
C PHE H 56 -19.37 22.11 -32.24
N VAL H 57 -20.21 21.37 -32.97
CA VAL H 57 -19.70 20.46 -33.97
C VAL H 57 -19.83 21.12 -35.34
N ILE H 58 -21.00 21.69 -35.61
CA ILE H 58 -21.31 22.22 -36.93
C ILE H 58 -20.33 23.35 -37.28
N LEU H 59 -20.14 24.32 -36.38
CA LEU H 59 -19.33 25.48 -36.75
C LEU H 59 -17.91 25.09 -37.16
N PRO H 60 -17.08 24.38 -36.34
CA PRO H 60 -15.73 24.04 -36.79
C PRO H 60 -15.70 23.07 -37.96
N VAL H 61 -16.63 22.12 -38.00
CA VAL H 61 -16.58 21.15 -39.09
C VAL H 61 -16.88 21.88 -40.40
N SER H 62 -17.89 22.73 -40.41
CA SER H 62 -18.30 23.42 -41.63
C SER H 62 -17.21 24.39 -42.06
N PHE H 63 -16.52 25.00 -41.11
CA PHE H 63 -15.49 25.94 -41.52
C PHE H 63 -14.32 25.22 -42.17
N PHE H 64 -13.84 24.15 -41.51
CA PHE H 64 -12.67 23.47 -42.03
C PHE H 64 -13.01 22.69 -43.28
N TYR H 65 -14.26 22.27 -43.44
CA TYR H 65 -14.63 21.61 -44.67
C TYR H 65 -14.65 22.60 -45.83
N TYR H 66 -15.11 23.82 -45.55
CA TYR H 66 -15.13 24.87 -46.55
C TYR H 66 -13.72 25.23 -47.01
N VAL H 67 -12.82 25.45 -46.05
CA VAL H 67 -11.43 25.78 -46.32
C VAL H 67 -10.78 24.70 -47.19
N TRP H 68 -11.03 23.43 -46.85
CA TRP H 68 -10.44 22.31 -47.57
C TRP H 68 -10.96 22.28 -49.01
N THR H 69 -12.27 22.43 -49.16
CA THR H 69 -12.96 22.41 -50.44
C THR H 69 -12.43 23.51 -51.35
N GLN H 70 -12.16 24.69 -50.79
CA GLN H 70 -11.65 25.78 -51.60
C GLN H 70 -10.22 25.50 -52.04
N ALA H 71 -9.42 24.96 -51.11
CA ALA H 71 -8.03 24.67 -51.38
C ALA H 71 -7.90 23.57 -52.41
N SER H 72 -8.69 22.49 -52.25
CA SER H 72 -8.58 21.35 -53.14
C SER H 72 -9.11 21.74 -54.52
N GLU H 73 -10.14 22.59 -54.59
CA GLU H 73 -10.63 22.99 -55.90
C GLU H 73 -9.63 23.90 -56.61
N LYS H 74 -8.95 24.77 -55.86
CA LYS H 74 -7.99 25.66 -56.49
C LYS H 74 -6.83 24.84 -57.03
N ASN H 75 -6.38 23.88 -56.22
CA ASN H 75 -5.24 23.07 -56.58
C ASN H 75 -5.57 22.30 -57.84
N GLU H 76 -6.80 21.80 -57.93
CA GLU H 76 -7.18 21.04 -59.11
C GLU H 76 -7.16 21.95 -60.34
N TRP H 77 -7.61 23.18 -60.19
CA TRP H 77 -7.76 24.10 -61.31
C TRP H 77 -6.39 24.57 -61.79
N LEU H 78 -5.44 24.71 -60.86
CA LEU H 78 -4.12 25.21 -61.18
C LEU H 78 -3.37 24.22 -62.07
N TYR H 79 -3.74 22.93 -61.99
CA TYR H 79 -3.05 21.87 -62.72
C TYR H 79 -3.81 21.45 -63.97
N THR H 80 -4.76 22.29 -64.40
CA THR H 80 -5.37 22.14 -65.71
C THR H 80 -4.67 23.09 -66.69
N LYS H 81 -5.04 23.02 -67.97
CA LYS H 81 -4.53 23.88 -69.03
C LYS H 81 -4.89 25.33 -68.75
N ALA H 82 -6.16 25.54 -68.37
CA ALA H 82 -6.70 26.85 -68.05
C ALA H 82 -5.95 27.52 -66.91
N GLY H 83 -5.37 26.72 -66.00
CA GLY H 83 -4.72 27.25 -64.81
C GLY H 83 -3.20 27.40 -64.95
N ARG H 84 -2.69 27.26 -66.18
CA ARG H 84 -1.28 27.25 -66.52
C ARG H 84 -0.56 28.48 -66.01
N HIS H 85 -1.17 29.65 -66.29
CA HIS H 85 -0.56 30.94 -66.06
C HIS H 85 -0.53 31.26 -64.58
N GLU H 86 -1.66 30.97 -63.92
CA GLU H 86 -1.79 31.18 -62.49
C GLU H 86 -0.87 30.19 -61.76
N LEU H 87 -0.63 29.01 -62.34
CA LEU H 87 0.29 28.07 -61.72
C LEU H 87 1.72 28.58 -61.82
N ALA H 88 2.03 29.26 -62.93
CA ALA H 88 3.38 29.73 -63.18
C ALA H 88 3.75 30.80 -62.15
N LYS H 89 2.78 31.64 -61.80
CA LYS H 89 2.95 32.71 -60.81
C LYS H 89 3.02 32.11 -59.41
N ALA H 90 2.20 31.09 -59.14
CA ALA H 90 2.13 30.45 -57.83
C ALA H 90 3.45 29.75 -57.51
N LEU H 91 4.13 29.22 -58.52
CA LEU H 91 5.49 28.71 -58.34
C LEU H 91 6.47 29.84 -58.70
N ALA I 4 -40.99 -23.13 -14.95
CA ALA I 4 -39.99 -22.04 -14.74
C ALA I 4 -39.23 -22.31 -13.46
N THR I 5 -39.95 -22.72 -12.42
CA THR I 5 -39.29 -23.15 -11.19
C THR I 5 -38.44 -24.38 -11.48
N THR I 6 -39.03 -25.34 -12.19
CA THR I 6 -38.34 -26.58 -12.47
C THR I 6 -37.10 -26.29 -13.30
N PHE I 7 -37.29 -25.50 -14.35
CA PHE I 7 -36.18 -25.18 -15.21
C PHE I 7 -35.09 -24.46 -14.42
N TYR I 8 -35.47 -23.46 -13.61
CA TYR I 8 -34.50 -22.71 -12.82
C TYR I 8 -33.72 -23.66 -11.92
N ASN I 9 -34.45 -24.54 -11.23
CA ASN I 9 -33.88 -25.45 -10.24
C ASN I 9 -32.86 -26.41 -10.82
N VAL I 10 -33.13 -26.88 -12.04
CA VAL I 10 -32.29 -27.89 -12.67
C VAL I 10 -31.11 -27.21 -13.35
N PHE I 11 -31.36 -26.15 -14.12
CA PHE I 11 -30.28 -25.72 -15.01
C PHE I 11 -29.59 -24.45 -14.54
N VAL I 12 -30.19 -23.72 -13.61
CA VAL I 12 -29.71 -22.36 -13.38
C VAL I 12 -29.20 -22.19 -11.95
N LYS I 13 -29.92 -22.76 -11.00
CA LYS I 13 -29.69 -22.53 -9.59
C LYS I 13 -28.24 -22.82 -9.20
N ARG I 14 -27.75 -24.02 -9.53
CA ARG I 14 -26.36 -24.34 -9.24
C ARG I 14 -25.51 -23.80 -10.38
N ASN I 15 -24.47 -23.03 -10.06
CA ASN I 15 -23.59 -22.47 -11.09
C ASN I 15 -22.88 -23.59 -11.85
N SER I 16 -22.54 -24.68 -11.16
CA SER I 16 -21.94 -25.81 -11.85
C SER I 16 -22.88 -26.27 -12.97
N ALA I 17 -24.19 -26.32 -12.69
CA ALA I 17 -25.12 -26.81 -13.70
C ALA I 17 -25.32 -25.76 -14.79
N PHE I 18 -25.33 -24.49 -14.39
CA PHE I 18 -25.50 -23.38 -15.31
C PHE I 18 -24.34 -23.34 -16.29
N VAL I 19 -23.12 -23.47 -15.78
CA VAL I 19 -21.95 -23.45 -16.64
C VAL I 19 -21.94 -24.67 -17.56
N ALA I 20 -22.27 -25.85 -17.01
CA ALA I 20 -22.38 -27.06 -17.84
C ALA I 20 -23.39 -26.88 -18.97
N THR I 21 -24.54 -26.26 -18.68
CA THR I 21 -25.59 -26.03 -19.67
C THR I 21 -25.13 -25.02 -20.73
N ILE I 22 -24.44 -23.95 -20.31
CA ILE I 22 -23.93 -22.95 -21.24
C ILE I 22 -22.91 -23.61 -22.18
N LEU I 23 -21.99 -24.43 -21.65
CA LEU I 23 -20.96 -25.04 -22.48
C LEU I 23 -21.56 -26.07 -23.44
N ALA I 24 -22.54 -26.86 -22.99
CA ALA I 24 -23.21 -27.81 -23.86
C ALA I 24 -23.95 -27.08 -24.98
N SER I 25 -24.61 -25.96 -24.65
CA SER I 25 -25.29 -25.13 -25.61
C SER I 25 -24.30 -24.53 -26.61
N ALA I 26 -23.13 -24.13 -26.13
CA ALA I 26 -22.12 -23.55 -27.01
C ALA I 26 -21.67 -24.57 -28.05
N PHE I 27 -21.49 -25.82 -27.60
CA PHE I 27 -21.10 -26.94 -28.44
C PHE I 27 -22.15 -27.15 -29.54
N VAL I 28 -23.43 -27.21 -29.15
CA VAL I 28 -24.51 -27.44 -30.09
C VAL I 28 -24.62 -26.27 -31.06
N PHE I 29 -24.57 -25.04 -30.52
CA PHE I 29 -24.63 -23.85 -31.35
C PHE I 29 -23.52 -23.91 -32.42
N ASP I 30 -22.28 -24.13 -31.98
CA ASP I 30 -21.12 -24.18 -32.84
C ASP I 30 -21.32 -25.15 -34.01
N MET I 31 -21.84 -26.35 -33.75
CA MET I 31 -22.01 -27.36 -34.78
C MET I 31 -23.15 -26.99 -35.74
N THR I 32 -24.26 -26.48 -35.21
CA THR I 32 -25.44 -26.20 -36.02
C THR I 32 -25.23 -24.93 -36.82
N PHE I 33 -24.58 -23.94 -36.20
CA PHE I 33 -24.35 -22.67 -36.88
C PHE I 33 -23.44 -22.86 -38.09
N GLU I 34 -22.39 -23.66 -37.92
CA GLU I 34 -21.49 -24.07 -38.99
C GLU I 34 -22.28 -24.64 -40.17
N THR I 35 -23.14 -25.62 -39.89
CA THR I 35 -23.90 -26.25 -40.96
C THR I 35 -24.85 -25.28 -41.63
N ALA I 36 -25.49 -24.41 -40.84
CA ALA I 36 -26.47 -23.48 -41.39
C ALA I 36 -25.79 -22.44 -42.28
N ILE I 37 -24.61 -21.95 -41.87
CA ILE I 37 -23.93 -20.91 -42.62
C ILE I 37 -23.43 -21.52 -43.92
N ASP I 38 -22.85 -22.72 -43.83
CA ASP I 38 -22.36 -23.44 -44.99
C ASP I 38 -23.46 -23.56 -46.04
N ASN I 39 -24.67 -23.99 -45.65
CA ASN I 39 -25.74 -24.13 -46.62
C ASN I 39 -26.16 -22.78 -47.19
N PHE I 40 -26.21 -21.77 -46.33
CA PHE I 40 -26.68 -20.48 -46.79
C PHE I 40 -25.67 -19.88 -47.79
N TRP I 41 -24.38 -20.04 -47.48
CA TRP I 41 -23.30 -19.47 -48.27
C TRP I 41 -23.29 -20.09 -49.66
N ASP I 42 -23.55 -21.41 -49.70
CA ASP I 42 -23.63 -22.16 -50.94
C ASP I 42 -24.80 -21.74 -51.80
N ARG I 43 -25.93 -21.33 -51.20
CA ARG I 43 -27.12 -20.93 -51.96
C ARG I 43 -26.96 -19.52 -52.54
N ILE I 44 -26.40 -18.59 -51.78
CA ILE I 44 -26.23 -17.25 -52.31
C ILE I 44 -25.11 -17.19 -53.35
N ASN I 45 -24.19 -18.15 -53.34
CA ASN I 45 -23.07 -18.19 -54.27
C ASN I 45 -23.23 -19.42 -55.14
N ALA I 46 -24.45 -19.67 -55.64
CA ALA I 46 -24.73 -20.90 -56.38
C ALA I 46 -24.24 -20.77 -57.81
N GLY I 47 -23.60 -21.83 -58.32
CA GLY I 47 -23.03 -21.84 -59.64
C GLY I 47 -21.65 -21.18 -59.71
N LYS I 48 -21.18 -20.56 -58.62
CA LYS I 48 -19.94 -19.81 -58.72
C LYS I 48 -18.76 -20.62 -58.15
N GLN I 49 -19.03 -21.57 -57.28
CA GLN I 49 -17.93 -22.14 -56.52
C GLN I 49 -17.36 -23.33 -57.29
N TRP I 50 -16.17 -23.77 -56.91
CA TRP I 50 -15.54 -24.95 -57.49
C TRP I 50 -16.46 -26.17 -57.42
N LYS I 51 -17.04 -26.42 -56.24
CA LYS I 51 -17.97 -27.53 -56.03
C LYS I 51 -19.12 -27.51 -57.05
N ASP I 52 -19.46 -26.34 -57.61
CA ASP I 52 -20.52 -26.23 -58.61
C ASP I 52 -20.08 -26.56 -60.03
N ILE I 53 -18.77 -26.48 -60.33
CA ILE I 53 -18.30 -26.64 -61.70
C ILE I 53 -17.42 -27.88 -61.79
N ARG I 54 -17.03 -28.41 -60.64
CA ARG I 54 -16.18 -29.57 -60.52
C ARG I 54 -16.62 -30.71 -61.44
N HIS I 55 -17.95 -30.89 -61.62
CA HIS I 55 -18.49 -32.06 -62.30
C HIS I 55 -18.09 -32.08 -63.79
N LYS I 56 -17.81 -30.92 -64.37
CA LYS I 56 -17.36 -30.84 -65.75
C LYS I 56 -15.96 -31.43 -65.97
N TYR I 57 -15.18 -31.68 -64.91
CA TYR I 57 -13.75 -31.94 -65.05
C TYR I 57 -13.29 -33.27 -64.41
N TYR J 8 -33.68 -37.52 34.72
CA TYR J 8 -32.53 -36.55 34.87
C TYR J 8 -31.36 -36.94 33.95
N VAL J 9 -30.80 -35.91 33.30
CA VAL J 9 -29.73 -36.05 32.32
C VAL J 9 -28.48 -35.46 32.95
N LYS J 10 -27.40 -36.25 33.02
CA LYS J 10 -26.19 -35.86 33.72
C LYS J 10 -25.21 -35.15 32.78
N LYS J 11 -25.26 -35.52 31.49
CA LYS J 11 -24.26 -35.09 30.52
C LYS J 11 -24.93 -34.89 29.18
N PRO J 12 -24.47 -33.93 28.34
CA PRO J 12 -25.00 -33.82 26.98
C PRO J 12 -24.51 -35.01 26.17
N SER J 13 -25.27 -35.39 25.14
CA SER J 13 -25.01 -36.61 24.42
C SER J 13 -24.50 -36.26 23.02
N TYR J 14 -23.23 -36.50 22.76
CA TYR J 14 -22.65 -36.11 21.49
C TYR J 14 -21.37 -36.89 21.25
N LYS J 15 -20.94 -36.90 19.98
CA LYS J 15 -19.66 -37.45 19.57
C LYS J 15 -18.96 -36.43 18.67
N ILE J 16 -17.65 -36.60 18.50
CA ILE J 16 -16.89 -35.86 17.50
C ILE J 16 -16.78 -36.71 16.25
N VAL J 17 -17.23 -36.15 15.12
CA VAL J 17 -17.08 -36.83 13.85
C VAL J 17 -15.64 -36.65 13.37
N PRO J 18 -15.09 -37.62 12.63
CA PRO J 18 -13.76 -37.48 12.03
C PRO J 18 -13.71 -36.29 11.08
N HIS J 19 -12.59 -35.56 11.10
CA HIS J 19 -12.46 -34.37 10.30
C HIS J 19 -11.00 -34.17 9.97
N PHE J 20 -10.73 -33.38 8.93
CA PHE J 20 -9.38 -33.14 8.47
C PHE J 20 -9.40 -31.85 7.67
N LEU J 21 -8.52 -30.91 8.06
CA LEU J 21 -8.39 -29.61 7.42
C LEU J 21 -9.72 -28.88 7.42
N GLY J 22 -10.54 -29.17 8.44
CA GLY J 22 -11.85 -28.55 8.60
C GLY J 22 -12.91 -29.13 7.66
N PHE J 23 -12.68 -30.32 7.11
CA PHE J 23 -13.70 -30.98 6.33
C PHE J 23 -14.15 -32.21 7.09
N ASN J 24 -15.44 -32.53 7.00
CA ASN J 24 -15.93 -33.76 7.57
C ASN J 24 -16.78 -34.44 6.51
N ILE J 25 -17.13 -35.69 6.75
CA ILE J 25 -17.84 -36.49 5.76
C ILE J 25 -19.24 -35.94 5.50
N PRO J 26 -20.08 -35.61 6.51
CA PRO J 26 -21.39 -35.03 6.22
C PRO J 26 -21.34 -33.82 5.28
N THR J 27 -20.38 -32.91 5.49
CA THR J 27 -20.30 -31.74 4.63
C THR J 27 -19.89 -32.11 3.22
N VAL J 28 -18.77 -32.85 3.09
CA VAL J 28 -18.21 -33.23 1.80
C VAL J 28 -19.25 -34.00 0.97
N SER J 29 -20.03 -34.83 1.64
CA SER J 29 -20.99 -35.67 0.94
C SER J 29 -22.05 -34.79 0.26
N LYS J 30 -22.35 -33.62 0.84
CA LYS J 30 -23.28 -32.68 0.20
C LYS J 30 -22.67 -32.10 -1.08
N TRP J 31 -21.35 -32.05 -1.17
CA TRP J 31 -20.70 -31.42 -2.31
C TRP J 31 -20.34 -32.43 -3.41
N ILE J 32 -20.45 -33.73 -3.13
CA ILE J 32 -20.06 -34.76 -4.09
C ILE J 32 -20.77 -34.54 -5.42
N PRO J 33 -22.12 -34.43 -5.47
CA PRO J 33 -22.82 -34.15 -6.72
C PRO J 33 -22.34 -32.89 -7.44
N ILE J 34 -21.92 -31.86 -6.68
CA ILE J 34 -21.46 -30.62 -7.28
C ILE J 34 -20.13 -30.86 -7.99
N PHE J 35 -19.22 -31.64 -7.39
CA PHE J 35 -17.99 -32.01 -8.07
C PHE J 35 -18.31 -32.77 -9.35
N GLY J 36 -19.30 -33.66 -9.28
CA GLY J 36 -19.79 -34.37 -10.46
C GLY J 36 -20.17 -33.43 -11.60
N ILE J 37 -21.02 -32.44 -11.31
CA ILE J 37 -21.46 -31.51 -12.34
C ILE J 37 -20.28 -30.69 -12.84
N TRP J 38 -19.39 -30.24 -11.93
CA TRP J 38 -18.24 -29.49 -12.39
C TRP J 38 -17.38 -30.34 -13.33
N GLY J 39 -17.34 -31.65 -13.06
CA GLY J 39 -16.54 -32.57 -13.84
C GLY J 39 -17.09 -32.71 -15.25
N ALA J 40 -18.42 -32.84 -15.32
CA ALA J 40 -19.14 -32.78 -16.59
C ALA J 40 -18.85 -31.47 -17.33
N ALA J 41 -19.00 -30.33 -16.65
CA ALA J 41 -18.71 -29.04 -17.26
C ALA J 41 -17.30 -29.01 -17.84
N ALA J 42 -16.33 -29.54 -17.08
CA ALA J 42 -14.94 -29.50 -17.50
C ALA J 42 -14.74 -30.45 -18.68
N GLY J 43 -15.41 -31.61 -18.62
CA GLY J 43 -15.37 -32.60 -19.70
C GLY J 43 -15.94 -32.05 -20.99
N ILE J 44 -17.17 -31.52 -20.93
CA ILE J 44 -17.80 -30.93 -22.09
C ILE J 44 -16.90 -29.80 -22.60
N GLY J 45 -16.42 -28.94 -21.70
CA GLY J 45 -15.59 -27.81 -22.11
C GLY J 45 -14.33 -28.25 -22.84
N ALA J 46 -13.64 -29.25 -22.27
CA ALA J 46 -12.36 -29.73 -22.78
C ALA J 46 -12.57 -30.34 -24.17
N LEU J 47 -13.61 -31.19 -24.25
CA LEU J 47 -13.91 -31.86 -25.50
C LEU J 47 -14.27 -30.84 -26.58
N PHE J 48 -15.03 -29.82 -26.18
CA PHE J 48 -15.40 -28.77 -27.11
C PHE J 48 -14.15 -28.03 -27.60
N LEU J 49 -13.17 -27.85 -26.72
CA LEU J 49 -11.95 -27.13 -27.10
C LEU J 49 -11.12 -27.89 -28.13
N ILE J 50 -11.24 -29.21 -28.16
CA ILE J 50 -10.39 -29.98 -29.05
C ILE J 50 -11.25 -30.63 -30.13
N GLU J 51 -12.46 -30.11 -30.32
CA GLU J 51 -13.37 -30.68 -31.31
C GLU J 51 -12.76 -30.58 -32.71
N GLY J 52 -11.91 -29.58 -32.94
CA GLY J 52 -11.27 -29.40 -34.23
C GLY J 52 -10.15 -30.41 -34.49
N VAL J 53 -9.52 -30.90 -33.42
CA VAL J 53 -8.42 -31.86 -33.55
C VAL J 53 -8.93 -33.11 -34.27
N PRO J 54 -8.30 -33.50 -35.40
CA PRO J 54 -8.76 -34.65 -36.19
C PRO J 54 -8.87 -35.98 -35.44
N ARG J 55 -7.97 -36.20 -34.49
CA ARG J 55 -8.02 -37.41 -33.69
C ARG J 55 -9.28 -37.46 -32.81
N THR J 56 -9.68 -36.31 -32.24
CA THR J 56 -10.89 -36.19 -31.45
C THR J 56 -12.10 -36.64 -32.28
N ARG J 57 -12.11 -36.25 -33.56
CA ARG J 57 -13.22 -36.52 -34.46
C ARG J 57 -13.22 -38.01 -34.77
N GLN J 58 -12.03 -38.50 -35.14
CA GLN J 58 -11.85 -39.89 -35.54
C GLN J 58 -12.20 -40.84 -34.40
N ASP J 59 -11.70 -40.56 -33.18
CA ASP J 59 -11.76 -41.50 -32.07
C ASP J 59 -12.98 -41.33 -31.18
N ILE J 60 -13.50 -40.11 -31.04
CA ILE J 60 -14.58 -39.86 -30.11
C ILE J 60 -15.84 -39.47 -30.89
N LEU J 61 -15.79 -38.33 -31.56
CA LEU J 61 -17.00 -37.63 -31.97
C LEU J 61 -17.75 -38.37 -33.07
N SER J 62 -17.01 -39.02 -33.98
CA SER J 62 -17.64 -39.65 -35.13
C SER J 62 -18.32 -40.96 -34.74
N LYS J 63 -18.04 -41.44 -33.51
CA LYS J 63 -18.55 -42.72 -33.03
C LYS J 63 -19.88 -42.54 -32.30
N ILE J 64 -20.21 -41.30 -31.93
CA ILE J 64 -21.49 -41.01 -31.27
C ILE J 64 -22.63 -41.39 -32.22
N PRO J 65 -23.65 -42.16 -31.78
CA PRO J 65 -24.75 -42.57 -32.65
C PRO J 65 -25.59 -41.40 -33.15
N ILE J 66 -26.00 -41.45 -34.43
CA ILE J 66 -26.85 -40.49 -35.11
C ILE J 66 -26.05 -39.23 -35.45
N ILE J 67 -25.63 -38.55 -34.39
CA ILE J 67 -24.95 -37.26 -34.36
C ILE J 67 -23.58 -37.39 -35.03
N GLY J 68 -22.98 -38.58 -34.95
CA GLY J 68 -21.58 -38.82 -35.25
C GLY J 68 -21.22 -38.60 -36.72
N GLU J 69 -22.24 -38.53 -37.58
CA GLU J 69 -21.98 -38.39 -39.00
C GLU J 69 -21.63 -36.94 -39.33
N HIS J 70 -21.90 -36.05 -38.38
CA HIS J 70 -21.50 -34.66 -38.50
C HIS J 70 -20.00 -34.55 -38.72
N TRP J 71 -19.23 -35.52 -38.19
CA TRP J 71 -17.77 -35.40 -38.20
C TRP J 71 -17.11 -36.34 -39.21
N ILE J 72 -17.93 -37.05 -40.00
CA ILE J 72 -17.40 -37.92 -41.05
C ILE J 72 -17.52 -37.15 -42.36
N ARG J 73 -16.43 -36.46 -42.73
CA ARG J 73 -16.42 -35.64 -43.92
C ARG J 73 -15.13 -35.92 -44.71
N GLU J 74 -15.30 -36.23 -46.00
CA GLU J 74 -14.21 -36.57 -46.89
C GLU J 74 -14.04 -35.48 -47.95
N ILE J 75 -12.79 -35.04 -48.14
CA ILE J 75 -12.42 -34.21 -49.27
C ILE J 75 -12.37 -35.12 -50.49
N PRO J 76 -13.06 -34.78 -51.61
CA PRO J 76 -12.93 -35.53 -52.86
C PRO J 76 -11.48 -35.51 -53.32
N ALA J 77 -10.99 -36.66 -53.82
CA ALA J 77 -9.62 -36.82 -54.29
C ALA J 77 -9.27 -35.81 -55.39
N SER J 78 -10.28 -35.32 -56.11
CA SER J 78 -10.10 -34.36 -57.19
C SER J 78 -9.75 -32.96 -56.66
N ASP J 79 -10.01 -32.71 -55.37
CA ASP J 79 -9.97 -31.37 -54.83
C ASP J 79 -8.82 -31.26 -53.82
N ASN J 80 -8.03 -32.33 -53.72
CA ASN J 80 -7.03 -32.43 -52.67
C ASN J 80 -5.64 -32.40 -53.29
N PRO J 81 -4.84 -31.32 -53.10
CA PRO J 81 -3.48 -31.30 -53.66
C PRO J 81 -2.54 -32.27 -52.95
N PHE J 82 -2.82 -32.56 -51.68
CA PHE J 82 -1.95 -33.42 -50.89
C PHE J 82 -2.51 -34.85 -50.89
N MET K 1 6.89 15.51 4.54
CA MET K 1 7.23 14.10 4.04
C MET K 1 8.22 14.10 2.87
N ALA K 2 9.23 13.21 2.95
CA ALA K 2 10.18 13.05 1.86
C ALA K 2 9.49 12.63 0.55
N LEU K 3 9.98 13.17 -0.57
CA LEU K 3 9.40 12.85 -1.87
C LEU K 3 9.40 11.35 -2.14
N ARG K 4 10.47 10.64 -1.73
CA ARG K 4 10.57 9.22 -1.96
C ARG K 4 9.41 8.46 -1.30
N LYS K 5 8.75 9.07 -0.31
CA LYS K 5 7.68 8.39 0.41
C LYS K 5 6.34 8.89 -0.08
N LYS K 6 6.29 10.15 -0.54
CA LYS K 6 5.05 10.85 -0.86
C LYS K 6 4.56 10.42 -2.24
N ASN K 7 5.46 10.46 -3.23
CA ASN K 7 5.11 10.13 -4.60
C ASN K 7 4.92 8.62 -4.73
N SER K 8 3.77 8.18 -5.27
CA SER K 8 3.47 6.75 -5.27
C SER K 8 4.45 5.95 -6.13
N LEU K 9 4.90 6.48 -7.27
CA LEU K 9 5.84 5.72 -8.09
C LEU K 9 7.17 5.58 -7.36
N LEU K 10 7.75 6.69 -6.91
CA LEU K 10 9.00 6.70 -6.16
C LEU K 10 8.88 5.81 -4.92
N ASN K 11 7.70 5.82 -4.30
CA ASN K 11 7.51 5.05 -3.08
C ASN K 11 7.61 3.54 -3.33
N MET K 12 7.16 3.08 -4.49
CA MET K 12 7.30 1.67 -4.82
C MET K 12 8.77 1.30 -4.99
N ALA K 13 9.55 2.14 -5.69
CA ALA K 13 10.96 1.84 -5.81
C ALA K 13 11.62 1.88 -4.43
N ASN K 14 11.27 2.92 -3.64
CA ASN K 14 11.78 3.14 -2.29
C ASN K 14 11.57 1.89 -1.45
N SER K 15 10.38 1.31 -1.56
CA SER K 15 10.01 0.15 -0.76
C SER K 15 10.87 -1.07 -1.08
N TYR K 16 11.49 -1.12 -2.27
CA TYR K 16 12.21 -2.33 -2.63
C TYR K 16 13.71 -2.09 -2.57
N VAL K 17 14.17 -0.87 -2.83
CA VAL K 17 15.61 -0.80 -3.01
C VAL K 17 16.23 0.14 -1.98
N LEU K 18 15.43 0.84 -1.19
CA LEU K 18 16.05 1.83 -0.34
C LEU K 18 15.63 1.65 1.11
N ASP K 19 14.39 2.01 1.45
CA ASP K 19 13.94 1.90 2.83
C ASP K 19 13.59 0.46 3.19
N SER K 20 13.51 -0.46 2.21
CA SER K 20 13.12 -1.83 2.49
C SER K 20 13.80 -2.35 3.76
N PRO K 21 13.07 -2.70 4.85
CA PRO K 21 13.74 -3.18 6.07
C PRO K 21 14.20 -4.62 5.96
N GLN K 22 15.50 -4.84 6.15
CA GLN K 22 16.04 -6.18 6.01
C GLN K 22 16.60 -6.66 7.35
N PRO K 23 16.75 -7.98 7.60
CA PRO K 23 17.43 -8.47 8.80
C PRO K 23 18.86 -7.94 8.76
N SER K 24 19.48 -7.74 9.92
CA SER K 24 20.82 -7.19 9.92
C SER K 24 21.88 -8.28 9.74
N ASN K 25 21.51 -9.57 9.68
CA ASN K 25 22.52 -10.62 9.73
C ASN K 25 22.47 -11.50 8.48
N LEU K 26 22.07 -11.00 7.30
CA LEU K 26 22.11 -11.85 6.11
C LEU K 26 23.56 -12.17 5.75
N ASN K 27 23.85 -13.43 5.40
CA ASN K 27 25.22 -13.81 5.04
C ASN K 27 25.35 -13.70 3.51
N TYR K 28 26.49 -14.09 2.93
CA TYR K 28 26.71 -13.96 1.50
C TYR K 28 25.83 -14.89 0.66
N PHE K 29 25.19 -15.89 1.25
CA PHE K 29 24.25 -16.65 0.45
C PHE K 29 22.98 -15.88 0.15
N TRP K 30 22.78 -14.69 0.74
CA TRP K 30 21.65 -13.84 0.38
C TRP K 30 22.04 -12.97 -0.80
N ASN K 31 23.24 -13.13 -1.37
CA ASN K 31 23.61 -12.32 -2.51
C ASN K 31 23.16 -12.91 -3.85
N PHE K 32 22.68 -14.16 -3.89
CA PHE K 32 22.35 -14.79 -5.16
C PHE K 32 21.14 -14.16 -5.84
N GLY K 33 20.22 -13.60 -5.06
CA GLY K 33 19.07 -12.97 -5.66
C GLY K 33 19.48 -11.82 -6.58
N SER K 34 20.41 -10.97 -6.15
CA SER K 34 20.80 -9.84 -6.97
C SER K 34 21.74 -10.35 -8.07
N LEU K 35 22.48 -11.44 -7.85
CA LEU K 35 23.25 -11.98 -8.96
C LEU K 35 22.30 -12.51 -10.04
N LEU K 36 21.17 -13.09 -9.64
CA LEU K 36 20.23 -13.58 -10.63
C LEU K 36 19.64 -12.39 -11.37
N ALA K 37 19.42 -11.26 -10.68
CA ALA K 37 18.93 -10.07 -11.38
C ALA K 37 19.98 -9.60 -12.39
N LEU K 38 21.26 -9.64 -12.01
CA LEU K 38 22.36 -9.28 -12.91
C LEU K 38 22.40 -10.21 -14.14
N CYS K 39 22.33 -11.54 -13.95
CA CYS K 39 22.28 -12.45 -15.09
C CYS K 39 21.10 -12.10 -15.99
N LEU K 40 19.95 -11.80 -15.40
CA LEU K 40 18.80 -11.49 -16.22
C LEU K 40 19.06 -10.22 -17.03
N VAL K 41 19.68 -9.21 -16.42
CA VAL K 41 19.91 -7.96 -17.14
C VAL K 41 20.93 -8.23 -18.25
N ILE K 42 21.97 -9.02 -17.99
CA ILE K 42 22.94 -9.31 -19.04
C ILE K 42 22.26 -10.08 -20.18
N GLN K 43 21.43 -11.09 -19.85
CA GLN K 43 20.78 -11.86 -20.91
C GLN K 43 19.85 -10.95 -21.71
N LEU K 44 19.16 -10.01 -21.07
CA LEU K 44 18.28 -9.16 -21.87
C LEU K 44 19.12 -8.29 -22.79
N ALA K 45 20.20 -7.69 -22.26
CA ALA K 45 20.99 -6.78 -23.07
C ALA K 45 21.68 -7.53 -24.19
N THR K 46 22.28 -8.69 -23.89
CA THR K 46 23.03 -9.40 -24.92
C THR K 46 22.04 -10.06 -25.87
N GLY K 47 20.91 -10.55 -25.34
CA GLY K 47 19.98 -11.30 -26.16
C GLY K 47 19.31 -10.39 -27.19
N ILE K 48 18.91 -9.20 -26.76
CA ILE K 48 18.26 -8.28 -27.68
C ILE K 48 19.29 -7.84 -28.73
N THR K 49 20.54 -7.71 -28.32
CA THR K 49 21.55 -7.35 -29.30
C THR K 49 21.81 -8.47 -30.30
N LEU K 50 21.93 -9.71 -29.82
CA LEU K 50 22.03 -10.82 -30.76
C LEU K 50 20.84 -10.85 -31.71
N ALA K 51 19.62 -10.62 -31.21
CA ALA K 51 18.44 -10.63 -32.06
C ALA K 51 18.57 -9.58 -33.18
N MET K 52 19.36 -8.53 -33.01
CA MET K 52 19.53 -7.58 -34.11
C MET K 52 20.42 -8.13 -35.24
N HIS K 53 21.09 -9.26 -35.04
CA HIS K 53 22.05 -9.72 -36.04
C HIS K 53 21.76 -11.17 -36.39
N TYR K 54 20.79 -11.79 -35.73
CA TYR K 54 20.60 -13.21 -35.90
C TYR K 54 19.48 -13.44 -36.92
N THR K 55 19.49 -14.54 -37.66
CA THR K 55 18.39 -14.78 -38.58
C THR K 55 17.77 -16.11 -38.20
N SER K 56 16.45 -16.19 -38.01
CA SER K 56 15.88 -17.39 -37.41
C SER K 56 15.58 -18.47 -38.45
N HIS K 57 15.70 -18.15 -39.74
CA HIS K 57 15.43 -19.11 -40.80
C HIS K 57 16.51 -20.21 -40.82
N ALA K 58 16.11 -21.49 -40.90
CA ALA K 58 17.05 -22.62 -40.81
C ALA K 58 18.13 -22.57 -41.88
N SER K 59 17.88 -21.89 -42.99
CA SER K 59 18.92 -21.85 -44.01
C SER K 59 20.02 -20.86 -43.65
N LEU K 60 19.75 -19.97 -42.69
CA LEU K 60 20.67 -18.89 -42.41
C LEU K 60 21.10 -18.84 -40.94
N ALA K 61 20.47 -19.64 -40.07
CA ALA K 61 20.61 -19.45 -38.63
C ALA K 61 22.06 -19.64 -38.19
N PHE K 62 22.60 -20.82 -38.48
CA PHE K 62 23.96 -21.17 -38.09
C PHE K 62 24.92 -20.16 -38.71
N ASP K 63 24.73 -19.82 -39.98
CA ASP K 63 25.61 -18.81 -40.57
C ASP K 63 25.43 -17.43 -39.95
N SER K 64 24.25 -17.09 -39.42
CA SER K 64 24.11 -15.77 -38.83
C SER K 64 24.90 -15.74 -37.52
N VAL K 65 25.01 -16.90 -36.86
CA VAL K 65 25.79 -16.92 -35.64
C VAL K 65 27.28 -16.81 -35.97
N GLU K 66 27.75 -17.45 -37.04
CA GLU K 66 29.12 -17.22 -37.50
C GLU K 66 29.36 -15.78 -37.94
N HIS K 67 28.39 -15.12 -38.55
CA HIS K 67 28.53 -13.72 -38.90
C HIS K 67 28.68 -12.85 -37.65
N ILE K 68 27.89 -13.14 -36.61
CA ILE K 68 28.04 -12.46 -35.33
C ILE K 68 29.46 -12.63 -34.81
N MET K 69 29.98 -13.85 -34.75
CA MET K 69 31.31 -14.15 -34.24
C MET K 69 32.37 -13.43 -35.07
N ARG K 70 32.21 -13.36 -36.40
CA ARG K 70 33.33 -12.95 -37.25
C ARG K 70 33.26 -11.49 -37.70
N ASP K 71 32.07 -10.95 -37.96
CA ASP K 71 31.96 -9.67 -38.67
C ASP K 71 31.39 -8.54 -37.82
N VAL K 72 30.52 -8.86 -36.87
CA VAL K 72 29.85 -7.83 -36.09
C VAL K 72 30.87 -7.32 -35.07
N ASN K 73 31.01 -6.01 -34.94
CA ASN K 73 31.97 -5.49 -33.99
C ASN K 73 31.61 -5.94 -32.58
N PHE K 74 32.57 -6.56 -31.88
CA PHE K 74 32.35 -7.13 -30.57
C PHE K 74 31.28 -8.20 -30.58
N GLY K 75 30.94 -8.73 -31.75
CA GLY K 75 29.94 -9.78 -31.81
C GLY K 75 30.38 -11.02 -31.05
N TRP K 76 31.70 -11.29 -31.05
CA TRP K 76 32.20 -12.47 -30.38
C TRP K 76 31.90 -12.32 -28.88
N PHE K 77 32.05 -11.10 -28.37
CA PHE K 77 31.90 -10.88 -26.94
C PHE K 77 30.43 -11.04 -26.59
N ILE K 78 29.57 -10.43 -27.39
CA ILE K 78 28.17 -10.45 -27.08
C ILE K 78 27.68 -11.90 -27.13
N ARG K 79 28.14 -12.67 -28.10
CA ARG K 79 27.72 -14.06 -28.19
C ARG K 79 28.29 -14.84 -27.00
N TYR K 80 29.59 -14.68 -26.71
CA TYR K 80 30.15 -15.50 -25.64
C TYR K 80 29.55 -15.12 -24.27
N ALA K 81 29.30 -13.83 -24.08
CA ALA K 81 28.66 -13.35 -22.86
C ALA K 81 27.29 -14.02 -22.74
N HIS K 82 26.53 -14.06 -23.83
CA HIS K 82 25.19 -14.60 -23.72
C HIS K 82 25.23 -16.09 -23.41
N ALA K 83 26.15 -16.82 -24.04
CA ALA K 83 26.23 -18.26 -23.90
C ALA K 83 26.73 -18.63 -22.50
N ASN K 84 27.73 -17.92 -21.98
CA ASN K 84 28.30 -18.24 -20.67
C ASN K 84 27.39 -17.77 -19.53
N THR K 85 26.75 -16.62 -19.71
CA THR K 85 25.86 -16.13 -18.70
C THR K 85 24.67 -17.07 -18.54
N ALA K 86 24.27 -17.78 -19.60
CA ALA K 86 23.23 -18.77 -19.43
C ALA K 86 23.69 -19.83 -18.41
N SER K 87 24.95 -20.26 -18.44
CA SER K 87 25.46 -21.19 -17.44
C SER K 87 25.52 -20.54 -16.06
N PHE K 88 25.97 -19.28 -15.99
CA PHE K 88 26.08 -18.63 -14.69
C PHE K 88 24.71 -18.45 -14.07
N PHE K 89 23.70 -18.19 -14.91
CA PHE K 89 22.33 -18.06 -14.46
C PHE K 89 21.94 -19.33 -13.70
N PHE K 90 22.34 -20.50 -14.21
CA PHE K 90 21.96 -21.73 -13.53
C PHE K 90 22.78 -22.00 -12.28
N ILE K 91 24.06 -21.62 -12.28
CA ILE K 91 24.85 -21.74 -11.07
C ILE K 91 24.19 -20.91 -9.97
N CYS K 92 23.83 -19.66 -10.29
CA CYS K 92 23.26 -18.77 -9.29
C CYS K 92 21.91 -19.27 -8.83
N ILE K 93 21.12 -19.86 -9.74
CA ILE K 93 19.79 -20.28 -9.38
C ILE K 93 19.86 -21.52 -8.48
N TYR K 94 20.80 -22.43 -8.74
CA TYR K 94 20.97 -23.58 -7.86
C TYR K 94 21.48 -23.13 -6.50
N ALA K 95 22.39 -22.14 -6.43
CA ALA K 95 22.85 -21.63 -5.15
C ALA K 95 21.69 -21.01 -4.38
N HIS K 96 20.89 -20.21 -5.08
CA HIS K 96 19.75 -19.52 -4.50
C HIS K 96 18.75 -20.54 -3.97
N MET K 97 18.42 -21.57 -4.76
CA MET K 97 17.53 -22.62 -4.28
C MET K 97 18.16 -23.43 -3.16
N GLY K 98 19.47 -23.66 -3.20
CA GLY K 98 20.14 -24.39 -2.13
C GLY K 98 20.04 -23.62 -0.82
N ARG K 99 20.26 -22.30 -0.88
CA ARG K 99 20.13 -21.46 0.30
C ARG K 99 18.69 -21.60 0.79
N ASN K 100 17.71 -21.51 -0.11
CA ASN K 100 16.33 -21.52 0.33
C ASN K 100 16.00 -22.85 1.03
N ILE K 101 16.51 -23.98 0.53
CA ILE K 101 16.19 -25.25 1.16
C ILE K 101 16.93 -25.37 2.49
N TYR K 102 18.20 -24.98 2.56
CA TYR K 102 18.96 -25.12 3.80
C TYR K 102 18.36 -24.25 4.91
N TYR K 103 17.94 -23.03 4.58
CA TYR K 103 17.52 -22.09 5.62
C TYR K 103 16.02 -22.14 5.82
N GLY K 104 15.31 -23.07 5.16
CA GLY K 104 13.89 -23.18 5.49
C GLY K 104 13.13 -21.99 4.91
N SER K 105 13.64 -21.34 3.87
CA SER K 105 12.94 -20.23 3.26
C SER K 105 11.59 -20.66 2.69
N TYR K 106 11.34 -21.96 2.50
CA TYR K 106 10.07 -22.35 1.94
C TYR K 106 8.99 -22.44 3.02
N LYS K 107 9.33 -22.37 4.32
CA LYS K 107 8.32 -22.54 5.36
C LYS K 107 7.40 -21.34 5.44
N THR K 108 6.21 -21.55 5.98
CA THR K 108 5.33 -20.44 6.31
C THR K 108 6.14 -19.40 7.10
N PRO K 109 5.99 -18.09 6.88
CA PRO K 109 4.96 -17.56 5.98
C PRO K 109 5.50 -17.25 4.58
N ARG K 110 6.38 -18.10 4.05
CA ARG K 110 6.95 -17.75 2.75
C ARG K 110 6.66 -18.84 1.73
N VAL K 111 5.55 -19.57 1.87
CA VAL K 111 5.20 -20.59 0.90
C VAL K 111 4.96 -19.96 -0.47
N LEU K 112 4.31 -18.80 -0.52
CA LEU K 112 3.95 -18.26 -1.82
C LEU K 112 5.18 -17.81 -2.62
N PRO K 113 6.14 -17.02 -2.09
CA PRO K 113 7.33 -16.71 -2.87
C PRO K 113 8.10 -17.96 -3.29
N TRP K 114 8.13 -18.98 -2.44
CA TRP K 114 8.82 -20.22 -2.81
C TRP K 114 8.12 -20.89 -3.99
N SER K 115 6.78 -20.95 -3.97
CA SER K 115 6.00 -21.61 -5.01
C SER K 115 6.10 -20.85 -6.33
N ILE K 116 6.05 -19.53 -6.29
CA ILE K 116 6.28 -18.79 -7.52
C ILE K 116 7.73 -19.04 -7.98
N GLY K 117 8.67 -19.14 -7.03
CA GLY K 117 10.04 -19.47 -7.37
C GLY K 117 10.14 -20.78 -8.15
N VAL K 118 9.40 -21.81 -7.75
CA VAL K 118 9.45 -23.05 -8.52
C VAL K 118 9.02 -22.81 -9.99
N ILE K 119 8.02 -21.99 -10.24
CA ILE K 119 7.65 -21.67 -11.62
C ILE K 119 8.76 -20.90 -12.34
N ILE K 120 9.38 -19.92 -11.68
CA ILE K 120 10.51 -19.23 -12.27
C ILE K 120 11.53 -20.25 -12.77
N PHE K 121 11.81 -21.27 -11.94
CA PHE K 121 12.85 -22.22 -12.31
C PHE K 121 12.46 -22.99 -13.58
N LEU K 122 11.18 -23.41 -13.67
CA LEU K 122 10.67 -24.05 -14.87
C LEU K 122 10.75 -23.14 -16.09
N LEU K 123 10.41 -21.86 -15.93
CA LEU K 123 10.51 -20.94 -17.05
C LEU K 123 11.96 -20.77 -17.51
N LEU K 124 12.91 -20.76 -16.56
CA LEU K 124 14.32 -20.65 -16.92
C LEU K 124 14.73 -21.84 -17.78
N ILE K 125 14.25 -23.04 -17.40
CA ILE K 125 14.63 -24.24 -18.13
C ILE K 125 14.12 -24.17 -19.57
N ILE K 126 12.84 -23.81 -19.74
CA ILE K 126 12.29 -23.70 -21.08
C ILE K 126 13.02 -22.62 -21.87
N THR K 127 13.26 -21.45 -21.26
CA THR K 127 13.95 -20.38 -21.95
C THR K 127 15.29 -20.90 -22.45
N ALA K 128 16.07 -21.56 -21.59
CA ALA K 128 17.42 -21.93 -21.99
C ALA K 128 17.38 -23.04 -23.03
N PHE K 129 16.41 -23.95 -22.91
CA PHE K 129 16.27 -25.02 -23.89
C PHE K 129 16.04 -24.43 -25.28
N MET K 130 15.08 -23.51 -25.41
CA MET K 130 14.80 -22.93 -26.71
C MET K 130 15.99 -22.10 -27.21
N GLY K 131 16.70 -21.40 -26.32
CA GLY K 131 17.78 -20.56 -26.82
C GLY K 131 18.88 -21.43 -27.42
N TYR K 132 19.11 -22.61 -26.82
CA TYR K 132 20.19 -23.46 -27.30
C TYR K 132 19.88 -23.99 -28.69
N VAL K 133 18.60 -24.25 -29.00
CA VAL K 133 18.23 -24.74 -30.32
C VAL K 133 18.56 -23.69 -31.39
N LEU K 134 18.59 -22.41 -31.05
CA LEU K 134 18.64 -21.37 -32.07
C LEU K 134 19.94 -21.39 -32.86
N VAL K 135 21.01 -21.97 -32.31
CA VAL K 135 22.27 -22.02 -33.01
C VAL K 135 22.10 -22.90 -34.25
N PHE K 136 21.26 -23.92 -34.13
CA PHE K 136 21.06 -24.87 -35.21
C PHE K 136 22.35 -25.59 -35.57
N GLY K 137 23.17 -25.93 -34.56
CA GLY K 137 24.25 -26.88 -34.78
C GLY K 137 23.77 -28.32 -34.55
N GLN K 138 24.68 -29.28 -34.50
CA GLN K 138 24.30 -30.67 -34.29
C GLN K 138 23.59 -30.89 -32.95
N MET K 139 24.13 -30.32 -31.87
CA MET K 139 23.49 -30.56 -30.58
C MET K 139 22.15 -29.84 -30.50
N SER K 140 22.07 -28.62 -31.05
CA SER K 140 20.81 -27.90 -31.15
C SER K 140 19.73 -28.80 -31.73
N LEU K 141 19.99 -29.34 -32.93
CA LEU K 141 18.97 -30.09 -33.63
C LEU K 141 18.63 -31.39 -32.88
N TRP K 142 19.66 -32.13 -32.49
CA TRP K 142 19.41 -33.46 -31.95
C TRP K 142 18.86 -33.37 -30.53
N GLY K 143 19.29 -32.36 -29.77
CA GLY K 143 18.71 -32.14 -28.46
C GLY K 143 17.24 -31.76 -28.60
N ALA K 144 16.92 -30.87 -29.55
CA ALA K 144 15.50 -30.56 -29.76
C ALA K 144 14.73 -31.82 -30.13
N THR K 145 15.29 -32.67 -30.98
CA THR K 145 14.56 -33.84 -31.43
C THR K 145 14.21 -34.76 -30.25
N VAL K 146 15.20 -35.05 -29.40
CA VAL K 146 14.97 -36.05 -28.36
C VAL K 146 14.09 -35.46 -27.26
N ILE K 147 14.26 -34.17 -26.95
CA ILE K 147 13.51 -33.58 -25.86
C ILE K 147 12.07 -33.40 -26.29
N CYS K 148 11.83 -32.95 -27.52
CA CYS K 148 10.46 -32.76 -27.98
C CYS K 148 9.76 -34.11 -28.18
N ASN K 149 10.50 -35.20 -28.44
CA ASN K 149 9.85 -36.49 -28.58
C ASN K 149 9.37 -37.08 -27.26
N LEU K 150 9.79 -36.49 -26.13
CA LEU K 150 9.28 -36.88 -24.81
C LEU K 150 7.78 -36.61 -24.69
N VAL K 151 7.31 -35.56 -25.36
CA VAL K 151 5.91 -35.19 -25.42
C VAL K 151 5.08 -36.29 -26.11
N SER K 152 5.70 -37.09 -27.00
CA SER K 152 5.01 -38.19 -27.63
C SER K 152 4.49 -39.21 -26.61
N ALA K 153 4.93 -39.08 -25.36
CA ALA K 153 4.60 -40.06 -24.34
C ALA K 153 3.22 -39.76 -23.75
N ILE K 154 2.80 -38.48 -23.85
CA ILE K 154 1.45 -38.11 -23.46
C ILE K 154 0.51 -39.07 -24.16
N PRO K 155 -0.37 -39.76 -23.43
CA PRO K 155 -1.22 -40.80 -24.01
C PRO K 155 -2.22 -40.19 -24.98
N TRP K 156 -2.55 -40.97 -26.03
CA TRP K 156 -3.59 -40.63 -27.00
C TRP K 156 -3.18 -39.51 -27.93
N LEU K 157 -2.86 -38.31 -27.40
CA LEU K 157 -2.66 -37.13 -28.22
C LEU K 157 -1.19 -36.76 -28.41
N GLY K 158 -0.28 -37.54 -27.83
CA GLY K 158 1.12 -37.17 -27.72
C GLY K 158 1.80 -36.88 -29.06
N GLU K 159 1.61 -37.78 -30.03
CA GLU K 159 2.20 -37.64 -31.35
C GLU K 159 1.69 -36.38 -32.06
N ASP K 160 0.38 -36.16 -31.98
CA ASP K 160 -0.27 -34.99 -32.55
C ASP K 160 0.31 -33.72 -31.91
N ILE K 161 0.56 -33.77 -30.60
CA ILE K 161 1.07 -32.58 -29.94
C ILE K 161 2.49 -32.30 -30.44
N VAL K 162 3.28 -33.36 -30.67
CA VAL K 162 4.65 -33.12 -31.11
C VAL K 162 4.67 -32.47 -32.49
N HIS K 163 3.83 -32.97 -33.41
CA HIS K 163 3.80 -32.42 -34.75
C HIS K 163 3.33 -30.97 -34.71
N PHE K 164 2.45 -30.70 -33.77
CA PHE K 164 1.96 -29.36 -33.60
C PHE K 164 3.06 -28.44 -33.05
N LEU K 165 3.86 -28.93 -32.09
CA LEU K 165 4.98 -28.13 -31.58
C LEU K 165 6.02 -27.87 -32.66
N TRP K 166 6.34 -28.89 -33.45
CA TRP K 166 7.37 -28.76 -34.47
C TRP K 166 6.91 -27.90 -35.64
N GLY K 167 5.60 -27.89 -35.92
CA GLY K 167 5.08 -27.28 -37.13
C GLY K 167 5.40 -28.13 -38.35
N GLY K 168 5.52 -29.44 -38.17
CA GLY K 168 5.87 -30.32 -39.27
C GLY K 168 6.18 -31.70 -38.73
N PHE K 169 6.96 -32.49 -39.46
CA PHE K 169 7.10 -33.89 -39.10
C PHE K 169 8.44 -34.21 -38.48
N SER K 170 9.29 -33.19 -38.42
CA SER K 170 10.54 -33.31 -37.71
C SER K 170 10.93 -31.88 -37.33
N VAL K 171 12.02 -31.75 -36.57
CA VAL K 171 12.52 -30.44 -36.21
C VAL K 171 13.11 -29.83 -37.47
N GLY K 172 12.64 -28.63 -37.82
CA GLY K 172 13.10 -27.97 -39.02
C GLY K 172 12.92 -26.46 -38.91
N ASN K 173 12.78 -25.80 -40.06
CA ASN K 173 12.63 -24.35 -40.08
C ASN K 173 11.44 -23.88 -39.24
N PRO K 174 10.21 -24.44 -39.35
CA PRO K 174 9.08 -23.94 -38.55
C PRO K 174 9.42 -23.98 -37.07
N THR K 175 10.16 -25.00 -36.66
CA THR K 175 10.44 -25.18 -35.24
C THR K 175 11.41 -24.08 -34.79
N LEU K 176 12.41 -23.85 -35.62
CA LEU K 176 13.42 -22.87 -35.27
C LEU K 176 12.81 -21.48 -35.18
N GLN K 177 11.95 -21.11 -36.13
CA GLN K 177 11.39 -19.77 -36.10
C GLN K 177 10.43 -19.59 -34.92
N ARG K 178 9.73 -20.65 -34.54
CA ARG K 178 8.88 -20.47 -33.39
C ARG K 178 9.71 -20.43 -32.10
N PHE K 179 10.82 -21.17 -32.04
CA PHE K 179 11.65 -21.14 -30.86
C PHE K 179 12.28 -19.77 -30.72
N PHE K 180 12.60 -19.13 -31.84
CA PHE K 180 13.13 -17.79 -31.69
C PHE K 180 12.11 -16.86 -31.04
N ALA K 181 10.86 -16.91 -31.52
CA ALA K 181 9.87 -15.96 -31.02
C ALA K 181 9.61 -16.22 -29.54
N LEU K 182 9.55 -17.51 -29.16
CA LEU K 182 9.28 -17.86 -27.78
C LEU K 182 10.48 -17.61 -26.88
N HIS K 183 11.69 -17.84 -27.38
CA HIS K 183 12.89 -17.51 -26.64
C HIS K 183 12.96 -16.01 -26.36
N TYR K 184 12.51 -15.18 -27.29
CA TYR K 184 12.55 -13.75 -27.05
C TYR K 184 11.55 -13.40 -25.95
N LEU K 185 10.38 -14.05 -25.97
CA LEU K 185 9.29 -13.72 -25.06
C LEU K 185 9.58 -14.19 -23.63
N MET K 186 9.96 -15.47 -23.47
CA MET K 186 10.02 -16.13 -22.18
C MET K 186 10.79 -15.34 -21.12
N PRO K 187 11.95 -14.71 -21.41
CA PRO K 187 12.63 -13.88 -20.42
C PRO K 187 11.77 -12.74 -19.88
N PHE K 188 10.86 -12.18 -20.68
CA PHE K 188 9.99 -11.13 -20.16
C PHE K 188 9.00 -11.72 -19.17
N VAL K 189 8.51 -12.92 -19.47
CA VAL K 189 7.62 -13.60 -18.56
C VAL K 189 8.37 -13.91 -17.26
N LEU K 190 9.61 -14.35 -17.38
CA LEU K 190 10.44 -14.70 -16.24
C LEU K 190 10.68 -13.46 -15.38
N ALA K 191 10.93 -12.30 -15.98
CA ALA K 191 11.09 -11.08 -15.20
C ALA K 191 9.82 -10.72 -14.42
N VAL K 192 8.65 -10.92 -15.02
CA VAL K 192 7.41 -10.68 -14.30
C VAL K 192 7.33 -11.62 -13.09
N PHE K 193 7.58 -12.93 -13.30
CA PHE K 193 7.45 -13.83 -12.16
C PHE K 193 8.50 -13.54 -11.09
N ALA K 194 9.68 -13.06 -11.50
CA ALA K 194 10.68 -12.72 -10.51
C ALA K 194 10.14 -11.57 -9.67
N LEU K 195 9.52 -10.59 -10.33
CA LEU K 195 8.98 -9.49 -9.57
C LEU K 195 7.84 -9.98 -8.66
N LEU K 196 6.98 -10.85 -9.18
CA LEU K 196 5.90 -11.37 -8.35
C LEU K 196 6.43 -12.07 -7.10
N HIS K 197 7.51 -12.86 -7.23
CA HIS K 197 7.91 -13.59 -6.05
C HIS K 197 8.48 -12.62 -5.00
N LEU K 198 9.04 -11.48 -5.43
CA LEU K 198 9.50 -10.49 -4.45
C LEU K 198 8.34 -9.72 -3.84
N ILE K 199 7.30 -9.43 -4.61
CA ILE K 199 6.15 -8.79 -4.00
C ILE K 199 5.56 -9.75 -2.98
N ALA K 200 5.44 -11.04 -3.32
CA ALA K 200 4.92 -11.97 -2.34
C ALA K 200 5.82 -12.01 -1.10
N LEU K 201 7.14 -11.94 -1.28
CA LEU K 201 8.03 -12.02 -0.12
C LEU K 201 7.87 -10.80 0.79
N HIS K 202 7.48 -9.67 0.22
CA HIS K 202 7.59 -8.40 0.92
C HIS K 202 6.64 -8.34 2.09
N THR K 203 5.64 -9.25 2.11
CA THR K 203 4.73 -9.31 3.24
C THR K 203 5.40 -9.83 4.51
N ALA K 204 6.28 -10.84 4.42
CA ALA K 204 6.96 -11.37 5.59
C ALA K 204 8.37 -10.79 5.74
N GLY K 205 8.92 -10.21 4.66
CA GLY K 205 10.34 -9.88 4.60
C GLY K 205 11.23 -11.11 4.40
N SER K 206 12.50 -10.85 4.09
CA SER K 206 13.54 -11.87 4.04
C SER K 206 13.60 -12.67 5.32
N SER K 207 13.87 -13.97 5.19
CA SER K 207 14.25 -14.78 6.32
C SER K 207 15.70 -14.43 6.64
N ASN K 208 16.33 -15.10 7.60
CA ASN K 208 17.71 -14.80 7.92
C ASN K 208 18.37 -16.10 8.36
N PRO K 209 19.71 -16.18 8.45
CA PRO K 209 20.35 -17.45 8.73
C PRO K 209 20.04 -18.05 10.09
N LEU K 210 19.51 -17.30 11.06
CA LEU K 210 19.20 -17.91 12.36
C LEU K 210 17.80 -18.51 12.33
N GLY K 211 16.96 -18.11 11.37
CA GLY K 211 15.61 -18.67 11.34
C GLY K 211 14.65 -17.99 12.31
N ILE K 212 15.07 -16.92 13.00
CA ILE K 212 14.20 -16.25 13.95
C ILE K 212 13.63 -15.01 13.29
N THR K 213 12.76 -14.28 14.00
CA THR K 213 12.23 -13.02 13.49
C THR K 213 13.34 -11.97 13.40
N SER K 214 13.25 -11.11 12.40
CA SER K 214 14.14 -9.96 12.38
C SER K 214 13.38 -8.68 12.70
N ASN K 215 12.08 -8.80 13.05
CA ASN K 215 11.31 -7.60 13.35
C ASN K 215 11.94 -6.83 14.51
N VAL K 216 12.78 -7.49 15.31
CA VAL K 216 13.44 -6.85 16.44
C VAL K 216 14.59 -5.93 16.01
N ASP K 217 15.16 -6.11 14.80
CA ASP K 217 16.44 -5.50 14.43
C ASP K 217 16.63 -5.39 12.91
N LYS K 218 16.14 -4.31 12.33
CA LYS K 218 16.14 -4.18 10.89
C LYS K 218 17.21 -3.20 10.44
N LEU K 219 17.65 -3.35 9.19
CA LEU K 219 18.60 -2.46 8.55
C LEU K 219 17.98 -2.05 7.22
N SER K 220 18.16 -0.82 6.76
CA SER K 220 17.73 -0.42 5.43
C SER K 220 18.48 -1.22 4.38
N MET K 221 17.80 -1.57 3.30
CA MET K 221 18.39 -2.21 2.15
C MET K 221 19.58 -1.38 1.64
N HIS K 222 19.41 -0.06 1.54
CA HIS K 222 20.50 0.81 1.15
C HIS K 222 20.86 1.66 2.37
N PRO K 223 22.14 1.89 2.71
CA PRO K 223 23.26 1.41 1.91
C PRO K 223 23.81 0.02 2.19
N TYR K 224 23.30 -0.68 3.21
CA TYR K 224 23.99 -1.88 3.68
C TYR K 224 24.02 -2.99 2.65
N TYR K 225 22.87 -3.37 2.12
CA TYR K 225 22.87 -4.52 1.24
C TYR K 225 23.22 -4.12 -0.19
N SER K 226 22.93 -2.88 -0.60
CA SER K 226 23.45 -2.34 -1.84
C SER K 226 24.96 -2.56 -1.96
N PHE K 227 25.70 -2.16 -0.91
CA PHE K 227 27.16 -2.23 -0.99
C PHE K 227 27.61 -3.67 -0.80
N LYS K 228 26.86 -4.47 -0.04
CA LYS K 228 27.23 -5.86 0.07
C LYS K 228 27.03 -6.59 -1.27
N ASP K 229 25.96 -6.26 -2.00
CA ASP K 229 25.70 -6.84 -3.31
C ASP K 229 26.78 -6.49 -4.34
N LEU K 230 27.40 -5.29 -4.25
CA LEU K 230 28.47 -4.91 -5.17
C LEU K 230 29.65 -5.84 -5.07
N ILE K 231 29.97 -6.32 -3.87
CA ILE K 231 31.10 -7.23 -3.74
C ILE K 231 30.86 -8.44 -4.64
N THR K 232 29.67 -9.04 -4.57
CA THR K 232 29.52 -10.25 -5.34
C THR K 232 29.28 -9.92 -6.80
N VAL K 233 28.77 -8.72 -7.11
CA VAL K 233 28.71 -8.33 -8.52
C VAL K 233 30.12 -8.39 -9.09
N PHE K 234 31.12 -7.82 -8.40
CA PHE K 234 32.47 -7.83 -8.96
C PHE K 234 33.09 -9.21 -8.91
N ALA K 235 32.76 -10.03 -7.89
CA ALA K 235 33.27 -11.40 -7.92
C ALA K 235 32.68 -12.15 -9.11
N PHE K 236 31.40 -11.94 -9.37
CA PHE K 236 30.78 -12.57 -10.52
C PHE K 236 31.46 -12.10 -11.82
N LEU K 237 31.69 -10.78 -11.95
CA LEU K 237 32.29 -10.25 -13.17
C LEU K 237 33.68 -10.79 -13.40
N LEU K 238 34.42 -11.11 -12.34
CA LEU K 238 35.72 -11.71 -12.47
C LEU K 238 35.60 -13.14 -13.02
N MET K 239 34.66 -13.92 -12.49
CA MET K 239 34.42 -15.26 -13.02
C MET K 239 33.97 -15.15 -14.49
N PHE K 240 33.09 -14.20 -14.78
CA PHE K 240 32.56 -14.02 -16.11
C PHE K 240 33.70 -13.71 -17.06
N THR K 241 34.57 -12.78 -16.66
CA THR K 241 35.75 -12.39 -17.42
C THR K 241 36.61 -13.60 -17.74
N LEU K 242 36.88 -14.47 -16.77
CA LEU K 242 37.76 -15.59 -17.04
C LEU K 242 37.15 -16.54 -18.06
N PHE K 243 35.83 -16.74 -18.06
CA PHE K 243 35.24 -17.59 -19.07
C PHE K 243 35.14 -16.85 -20.40
N VAL K 244 34.56 -15.68 -20.41
CA VAL K 244 34.27 -15.04 -21.69
C VAL K 244 35.55 -14.67 -22.43
N PHE K 245 36.58 -14.20 -21.72
CA PHE K 245 37.75 -13.73 -22.44
C PHE K 245 38.84 -14.80 -22.59
N PHE K 246 38.92 -15.74 -21.65
CA PHE K 246 40.06 -16.64 -21.65
C PHE K 246 39.70 -18.07 -21.98
N SER K 247 38.43 -18.48 -21.78
CA SER K 247 38.08 -19.86 -22.04
C SER K 247 36.63 -19.91 -22.53
N PRO K 248 36.26 -19.17 -23.61
CA PRO K 248 34.86 -18.93 -23.89
C PRO K 248 34.06 -20.17 -24.26
N ASP K 249 34.73 -21.30 -24.55
CA ASP K 249 34.05 -22.49 -25.03
C ASP K 249 34.13 -23.64 -24.04
N LYS K 250 34.68 -23.40 -22.86
CA LYS K 250 34.86 -24.46 -21.88
C LYS K 250 33.54 -25.15 -21.53
N LEU K 251 32.45 -24.40 -21.44
CA LEU K 251 31.21 -24.98 -20.91
C LEU K 251 30.35 -25.53 -22.03
N GLY K 252 30.82 -25.45 -23.27
CA GLY K 252 30.02 -25.83 -24.42
C GLY K 252 30.40 -27.19 -25.00
N HIS K 253 29.64 -27.61 -26.01
CA HIS K 253 29.87 -28.87 -26.70
C HIS K 253 30.41 -28.56 -28.09
N PRO K 254 31.60 -29.08 -28.46
CA PRO K 254 32.17 -28.89 -29.80
C PRO K 254 31.23 -29.22 -30.96
N ASP K 255 30.32 -30.18 -30.74
CA ASP K 255 29.43 -30.58 -31.82
C ASP K 255 28.48 -29.47 -32.22
N ASN K 256 28.32 -28.46 -31.36
CA ASN K 256 27.43 -27.39 -31.77
C ASN K 256 28.13 -26.43 -32.72
N TYR K 257 29.38 -26.73 -33.08
CA TYR K 257 30.02 -25.97 -34.15
C TYR K 257 29.97 -26.75 -35.45
N ILE K 258 29.22 -27.84 -35.46
CA ILE K 258 28.95 -28.50 -36.73
C ILE K 258 27.52 -28.12 -37.14
N PRO K 259 27.22 -27.66 -38.38
CA PRO K 259 25.83 -27.35 -38.74
C PRO K 259 24.88 -28.53 -38.60
N ALA K 260 23.64 -28.29 -38.14
CA ALA K 260 22.65 -29.35 -37.96
C ALA K 260 22.58 -30.24 -39.20
N ASN K 261 22.56 -31.56 -39.01
CA ASN K 261 22.46 -32.50 -40.11
C ASN K 261 21.49 -33.59 -39.70
N PRO K 262 20.25 -33.63 -40.22
CA PRO K 262 19.28 -34.66 -39.81
C PRO K 262 19.68 -36.11 -40.09
N MET K 263 20.62 -36.29 -41.03
CA MET K 263 21.09 -37.61 -41.40
C MET K 263 22.06 -38.14 -40.35
N VAL K 264 23.17 -37.45 -40.15
CA VAL K 264 24.18 -37.87 -39.18
C VAL K 264 23.72 -37.62 -37.74
N THR K 265 23.79 -38.68 -36.93
CA THR K 265 23.49 -38.60 -35.52
C THR K 265 24.79 -38.43 -34.74
N PRO K 266 24.89 -37.45 -33.84
CA PRO K 266 26.10 -37.26 -33.03
C PRO K 266 26.32 -38.48 -32.15
N ALA K 267 27.58 -38.71 -31.80
CA ALA K 267 28.01 -39.82 -30.96
C ALA K 267 27.15 -39.90 -29.70
N SER K 268 27.06 -38.79 -28.96
CA SER K 268 26.23 -38.71 -27.77
C SER K 268 25.43 -37.43 -27.74
N ILE K 269 24.12 -37.60 -27.53
CA ILE K 269 23.21 -36.47 -27.41
C ILE K 269 22.99 -36.27 -25.92
N VAL K 270 23.56 -35.19 -25.38
CA VAL K 270 23.38 -34.87 -23.98
C VAL K 270 22.83 -33.45 -23.87
N PRO K 271 22.02 -33.16 -22.84
CA PRO K 271 21.61 -31.78 -22.58
C PRO K 271 22.79 -30.95 -22.06
N GLU K 272 22.58 -29.64 -22.06
CA GLU K 272 23.47 -28.73 -21.35
C GLU K 272 23.61 -29.17 -19.89
N TRP K 273 24.78 -28.90 -19.31
CA TRP K 273 25.13 -29.46 -18.01
C TRP K 273 24.03 -29.19 -17.00
N TYR K 274 23.39 -28.01 -17.06
CA TYR K 274 22.50 -27.66 -15.97
C TYR K 274 21.23 -28.49 -15.99
N LEU K 275 20.97 -29.23 -17.08
CA LEU K 275 19.79 -30.08 -17.13
C LEU K 275 20.16 -31.53 -16.82
N LEU K 276 21.45 -31.81 -16.62
CA LEU K 276 21.85 -33.21 -16.56
C LEU K 276 21.17 -33.98 -15.42
N PRO K 277 20.98 -33.44 -14.20
CA PRO K 277 20.39 -34.26 -13.15
C PRO K 277 18.98 -34.75 -13.51
N PHE K 278 18.23 -33.91 -14.23
CA PHE K 278 16.86 -34.24 -14.58
C PHE K 278 16.87 -35.32 -15.66
N TYR K 279 17.89 -35.27 -16.51
CA TYR K 279 18.05 -36.29 -17.51
C TYR K 279 18.41 -37.63 -16.88
N ALA K 280 19.27 -37.64 -15.85
CA ALA K 280 19.56 -38.90 -15.19
C ALA K 280 18.32 -39.48 -14.53
N ILE K 281 17.45 -38.61 -13.99
CA ILE K 281 16.25 -39.10 -13.33
C ILE K 281 15.35 -39.75 -14.38
N LEU K 282 15.23 -39.12 -15.56
CA LEU K 282 14.41 -39.67 -16.63
C LEU K 282 14.93 -41.05 -17.05
N ARG K 283 16.25 -41.19 -17.30
CA ARG K 283 16.83 -42.46 -17.69
C ARG K 283 16.57 -43.57 -16.67
N ALA K 284 16.44 -43.21 -15.38
CA ALA K 284 16.35 -44.22 -14.33
C ALA K 284 15.08 -45.05 -14.48
N ILE K 285 14.00 -44.42 -14.96
CA ILE K 285 12.74 -45.13 -15.08
C ILE K 285 12.72 -45.78 -16.46
N PRO K 286 12.52 -47.11 -16.59
CA PRO K 286 12.53 -47.74 -17.91
C PRO K 286 11.41 -47.32 -18.87
N ASP K 287 10.20 -47.15 -18.35
CA ASP K 287 9.05 -46.66 -19.11
C ASP K 287 9.26 -45.24 -19.63
N LYS K 288 8.81 -44.98 -20.86
CA LYS K 288 8.89 -43.65 -21.48
C LYS K 288 8.06 -42.63 -20.69
N LEU K 289 6.77 -42.94 -20.50
CA LEU K 289 5.89 -42.01 -19.80
C LEU K 289 6.30 -41.89 -18.34
N GLY K 290 6.66 -43.02 -17.72
CA GLY K 290 7.19 -43.08 -16.37
C GLY K 290 8.35 -42.10 -16.21
N GLY K 291 9.30 -42.18 -17.15
CA GLY K 291 10.49 -41.34 -17.10
C GLY K 291 10.13 -39.87 -17.20
N VAL K 292 9.14 -39.55 -18.04
CA VAL K 292 8.76 -38.15 -18.21
C VAL K 292 8.14 -37.63 -16.92
N ILE K 293 7.26 -38.43 -16.34
CA ILE K 293 6.57 -38.04 -15.13
C ILE K 293 7.59 -37.83 -14.01
N ALA K 294 8.54 -38.76 -13.85
CA ALA K 294 9.54 -38.66 -12.80
C ALA K 294 10.35 -37.39 -12.99
N MET K 295 10.66 -37.06 -14.25
CA MET K 295 11.51 -35.92 -14.49
C MET K 295 10.78 -34.63 -14.12
N VAL K 296 9.49 -34.56 -14.43
CA VAL K 296 8.71 -33.37 -14.09
C VAL K 296 8.49 -33.31 -12.58
N ALA K 297 8.13 -34.46 -12.00
CA ALA K 297 7.92 -34.63 -10.57
C ALA K 297 9.16 -34.20 -9.77
N ALA K 298 10.36 -34.42 -10.33
CA ALA K 298 11.60 -34.06 -9.65
C ALA K 298 11.64 -32.55 -9.42
N ILE K 299 10.96 -31.78 -10.27
CA ILE K 299 10.94 -30.36 -10.02
C ILE K 299 9.70 -30.00 -9.21
N LEU K 300 8.56 -30.59 -9.57
CA LEU K 300 7.32 -30.21 -8.90
C LEU K 300 7.32 -30.62 -7.43
N ILE K 301 8.08 -31.66 -7.07
CA ILE K 301 8.13 -32.11 -5.69
C ILE K 301 8.68 -31.02 -4.75
N LEU K 302 9.42 -30.04 -5.26
CA LEU K 302 9.85 -28.91 -4.44
C LEU K 302 8.65 -28.22 -3.79
N LEU K 303 7.48 -28.30 -4.42
CA LEU K 303 6.29 -27.64 -3.90
C LEU K 303 5.80 -28.28 -2.61
N ILE K 304 6.27 -29.48 -2.27
CA ILE K 304 5.73 -30.10 -1.07
C ILE K 304 6.66 -29.92 0.12
N LEU K 305 7.82 -29.30 -0.07
CA LEU K 305 8.69 -29.07 1.08
C LEU K 305 7.94 -28.40 2.24
N PRO K 306 7.08 -27.38 2.05
CA PRO K 306 6.38 -26.75 3.17
C PRO K 306 5.56 -27.76 3.99
N ILE K 307 5.16 -28.87 3.38
CA ILE K 307 4.38 -29.88 4.08
C ILE K 307 5.25 -30.95 4.74
N VAL K 308 6.26 -31.47 4.02
CA VAL K 308 6.98 -32.62 4.52
C VAL K 308 7.99 -32.23 5.59
N ASP K 309 8.39 -30.95 5.63
CA ASP K 309 9.26 -30.49 6.72
C ASP K 309 8.42 -30.30 7.99
N ARG K 310 8.57 -31.18 8.99
CA ARG K 310 7.71 -31.12 10.15
C ARG K 310 8.35 -30.34 11.29
N SER K 311 9.46 -29.63 11.03
CA SER K 311 10.24 -29.07 12.13
C SER K 311 9.46 -27.92 12.76
N ILE K 312 9.63 -27.70 14.06
CA ILE K 312 9.07 -26.51 14.67
C ILE K 312 10.06 -25.35 14.56
N ILE K 313 11.23 -25.57 13.95
CA ILE K 313 12.26 -24.55 13.86
C ILE K 313 12.59 -24.29 12.39
N ARG K 314 12.80 -23.04 11.99
CA ARG K 314 13.04 -22.75 10.59
C ARG K 314 14.52 -22.90 10.31
N GLY K 315 14.89 -23.77 9.35
CA GLY K 315 16.22 -23.77 8.75
C GLY K 315 17.16 -24.70 9.48
N ASN K 316 18.39 -24.88 8.97
CA ASN K 316 19.22 -25.98 9.44
C ASN K 316 20.37 -25.49 10.31
N ALA K 317 20.51 -24.19 10.51
CA ALA K 317 21.69 -23.71 11.25
C ALA K 317 21.92 -24.48 12.56
N PHE K 318 20.85 -24.89 13.25
CA PHE K 318 20.98 -25.51 14.57
C PHE K 318 20.56 -26.97 14.53
N LYS K 319 20.57 -27.61 13.35
CA LYS K 319 20.06 -28.96 13.29
C LYS K 319 21.15 -29.86 12.71
N PRO K 320 22.05 -30.43 13.53
CA PRO K 320 23.12 -31.27 13.00
C PRO K 320 22.69 -32.43 12.09
N ILE K 321 21.61 -33.14 12.41
CA ILE K 321 21.22 -34.26 11.57
C ILE K 321 20.63 -33.74 10.25
N SER K 322 19.77 -32.73 10.30
CA SER K 322 19.28 -32.14 9.06
C SER K 322 20.44 -31.65 8.19
N LYS K 323 21.49 -31.11 8.81
CA LYS K 323 22.61 -30.60 8.01
C LYS K 323 23.29 -31.73 7.28
N LEU K 324 23.43 -32.90 7.93
CA LEU K 324 24.08 -34.02 7.29
C LEU K 324 23.21 -34.53 6.14
N LEU K 325 21.92 -34.67 6.39
CA LEU K 325 21.03 -35.10 5.34
C LEU K 325 21.08 -34.12 4.16
N PHE K 326 21.14 -32.82 4.44
CA PHE K 326 21.13 -31.86 3.35
C PHE K 326 22.39 -32.05 2.50
N GLY K 327 23.52 -32.29 3.17
CA GLY K 327 24.79 -32.49 2.49
C GLY K 327 24.73 -33.70 1.56
N PHE K 328 24.15 -34.82 2.02
CA PHE K 328 23.96 -35.98 1.17
C PHE K 328 23.03 -35.69 -0.01
N PHE K 329 21.94 -34.96 0.25
CA PHE K 329 21.00 -34.61 -0.79
C PHE K 329 21.71 -33.79 -1.88
N ILE K 330 22.52 -32.80 -1.47
CA ILE K 330 23.21 -31.97 -2.47
C ILE K 330 24.19 -32.79 -3.30
N CYS K 331 25.00 -33.62 -2.62
CA CYS K 331 26.02 -34.38 -3.34
C CYS K 331 25.39 -35.42 -4.27
N ASN K 332 24.26 -36.00 -3.84
CA ASN K 332 23.50 -36.88 -4.69
C ASN K 332 23.01 -36.14 -5.93
N PHE K 333 22.56 -34.90 -5.77
CA PHE K 333 22.10 -34.15 -6.93
C PHE K 333 23.25 -33.88 -7.89
N LEU K 334 24.46 -33.66 -7.39
CA LEU K 334 25.62 -33.49 -8.26
C LEU K 334 25.99 -34.81 -8.94
N LEU K 335 25.94 -35.94 -8.19
CA LEU K 335 26.19 -37.24 -8.81
C LEU K 335 25.18 -37.53 -9.91
N LEU K 336 23.89 -37.26 -9.68
CA LEU K 336 22.90 -37.40 -10.74
C LEU K 336 23.33 -36.60 -11.96
N GLY K 337 23.86 -35.38 -11.74
CA GLY K 337 24.33 -34.58 -12.85
C GLY K 337 25.44 -35.27 -13.64
N VAL K 338 26.44 -35.80 -12.94
CA VAL K 338 27.49 -36.54 -13.61
C VAL K 338 26.91 -37.76 -14.33
N LEU K 339 25.96 -38.48 -13.74
CA LEU K 339 25.43 -39.67 -14.39
C LEU K 339 24.56 -39.33 -15.60
N GLY K 340 24.13 -38.07 -15.69
CA GLY K 340 23.35 -37.63 -16.83
C GLY K 340 24.19 -37.60 -18.11
N GLN K 341 25.52 -37.58 -17.99
CA GLN K 341 26.34 -37.48 -19.20
C GLN K 341 27.29 -38.66 -19.39
N VAL K 342 27.19 -39.71 -18.56
CA VAL K 342 27.88 -40.96 -18.87
C VAL K 342 27.09 -41.72 -19.94
N HIS K 343 27.71 -42.74 -20.54
CA HIS K 343 27.02 -43.60 -21.47
C HIS K 343 26.09 -44.53 -20.69
N ILE K 344 25.00 -44.93 -21.33
CA ILE K 344 24.10 -45.91 -20.71
C ILE K 344 24.77 -47.27 -20.69
N GLU K 345 25.56 -47.50 -19.63
CA GLU K 345 26.42 -48.68 -19.54
C GLU K 345 26.48 -49.13 -18.09
N PRO K 346 26.80 -50.42 -17.79
CA PRO K 346 27.09 -50.81 -16.41
C PRO K 346 28.38 -50.15 -15.93
N PRO K 347 28.52 -49.82 -14.63
CA PRO K 347 27.43 -49.97 -13.66
C PRO K 347 26.64 -48.68 -13.44
N PHE K 348 26.67 -47.78 -14.42
CA PHE K 348 26.05 -46.49 -14.21
C PHE K 348 24.53 -46.59 -14.26
N ILE K 349 24.01 -47.69 -14.83
CA ILE K 349 22.57 -47.78 -14.96
C ILE K 349 21.92 -47.94 -13.59
N VAL K 350 22.41 -48.89 -12.80
CA VAL K 350 21.90 -49.15 -11.47
C VAL K 350 22.21 -48.00 -10.51
N LEU K 351 23.43 -47.44 -10.62
CA LEU K 351 23.77 -46.28 -9.82
C LEU K 351 22.75 -45.15 -10.04
N GLY K 352 22.33 -44.94 -11.29
CA GLY K 352 21.42 -43.84 -11.57
C GLY K 352 20.07 -44.07 -10.91
N GLN K 353 19.69 -45.34 -10.78
CA GLN K 353 18.43 -45.71 -10.17
C GLN K 353 18.50 -45.54 -8.66
N ILE K 354 19.62 -45.93 -8.06
CA ILE K 354 19.74 -45.72 -6.63
C ILE K 354 19.75 -44.23 -6.31
N CYS K 355 20.54 -43.44 -7.05
CA CYS K 355 20.53 -42.00 -6.83
C CYS K 355 19.16 -41.38 -7.05
N THR K 356 18.40 -41.89 -8.03
CA THR K 356 17.05 -41.37 -8.26
C THR K 356 16.14 -41.67 -7.06
N ILE K 357 16.25 -42.87 -6.51
CA ILE K 357 15.46 -43.21 -5.35
C ILE K 357 15.83 -42.31 -4.18
N PHE K 358 17.13 -42.10 -4.00
CA PHE K 358 17.51 -41.25 -2.90
C PHE K 358 16.99 -39.83 -3.08
N TYR K 359 17.03 -39.31 -4.32
CA TYR K 359 16.52 -37.97 -4.56
C TYR K 359 15.08 -37.85 -4.06
N PHE K 360 14.22 -38.81 -4.42
CA PHE K 360 12.81 -38.69 -4.07
C PHE K 360 12.57 -39.01 -2.60
N SER K 361 13.40 -39.88 -2.02
CA SER K 361 13.15 -40.30 -0.66
C SER K 361 13.54 -39.19 0.32
N TYR K 362 14.36 -38.24 -0.12
CA TYR K 362 14.65 -37.10 0.72
C TYR K 362 13.35 -36.37 1.03
N PHE K 363 12.56 -36.08 -0.01
CA PHE K 363 11.30 -35.38 0.21
C PHE K 363 10.27 -36.27 0.91
N LEU K 364 10.24 -37.55 0.58
CA LEU K 364 9.04 -38.28 0.95
C LEU K 364 9.22 -39.01 2.27
N ILE K 365 10.46 -39.31 2.63
CA ILE K 365 10.67 -40.16 3.80
C ILE K 365 11.64 -39.48 4.75
N LEU K 366 12.83 -39.13 4.28
CA LEU K 366 13.93 -38.80 5.18
C LEU K 366 13.67 -37.47 5.87
N LEU K 367 13.29 -36.45 5.11
CA LEU K 367 13.09 -35.15 5.73
C LEU K 367 11.94 -35.22 6.72
N PRO K 368 10.76 -35.80 6.40
CA PRO K 368 9.73 -35.94 7.43
C PRO K 368 10.19 -36.74 8.64
N MET K 369 11.00 -37.80 8.47
CA MET K 369 11.44 -38.56 9.64
C MET K 369 12.43 -37.74 10.48
N VAL K 370 13.41 -37.15 9.81
CA VAL K 370 14.49 -36.50 10.53
C VAL K 370 13.93 -35.27 11.24
N SER K 371 13.04 -34.54 10.56
CA SER K 371 12.50 -33.34 11.18
C SER K 371 11.62 -33.68 12.37
N THR K 372 10.90 -34.82 12.33
CA THR K 372 10.11 -35.27 13.48
C THR K 372 10.98 -35.62 14.67
N ILE K 373 12.03 -36.40 14.44
CA ILE K 373 12.95 -36.80 15.50
C ILE K 373 13.68 -35.59 16.06
N GLU K 374 14.08 -34.65 15.21
CA GLU K 374 14.80 -33.51 15.79
C GLU K 374 13.90 -32.68 16.70
N ASN K 375 12.62 -32.55 16.35
CA ASN K 375 11.68 -31.86 17.23
C ASN K 375 11.75 -32.48 18.62
N ILE K 376 11.69 -33.81 18.70
CA ILE K 376 11.69 -34.50 19.98
C ILE K 376 13.04 -34.30 20.68
N PHE K 377 14.14 -34.36 19.93
CA PHE K 377 15.45 -34.18 20.52
C PHE K 377 15.61 -32.77 21.11
N PHE K 378 15.11 -31.73 20.42
CA PHE K 378 15.21 -30.39 20.97
C PHE K 378 14.45 -30.26 22.29
N TYR K 379 13.26 -30.87 22.35
CA TYR K 379 12.45 -30.74 23.53
C TYR K 379 13.04 -31.54 24.69
N ILE K 380 13.36 -32.81 24.45
CA ILE K 380 13.89 -33.61 25.54
C ILE K 380 15.28 -33.12 25.94
N GLY K 381 16.08 -32.73 24.94
CA GLY K 381 17.46 -32.37 25.17
C GLY K 381 17.60 -31.12 26.03
N SER K 382 16.58 -30.25 25.98
CA SER K 382 16.69 -28.99 26.71
C SER K 382 15.85 -28.99 27.98
N LEU K 383 15.13 -30.08 28.28
CA LEU K 383 14.43 -30.22 29.55
C LEU K 383 15.44 -30.13 30.71
N GLY L 39 -39.79 14.48 0.19
CA GLY L 39 -39.60 15.95 0.52
C GLY L 39 -39.00 16.19 1.90
N LYS L 40 -39.47 15.39 2.89
CA LYS L 40 -38.97 15.45 4.26
C LYS L 40 -38.97 14.05 4.91
N SER L 41 -40.10 13.35 4.96
CA SER L 41 -40.13 12.05 5.62
C SER L 41 -39.29 11.04 4.84
N THR L 42 -38.38 10.34 5.51
CA THR L 42 -37.58 9.36 4.79
C THR L 42 -38.25 8.00 4.75
N TYR L 43 -39.43 7.84 5.38
CA TYR L 43 -40.15 6.58 5.36
C TYR L 43 -41.10 6.54 4.17
N LYS L 44 -41.30 7.68 3.53
CA LYS L 44 -42.11 7.63 2.34
C LYS L 44 -41.17 7.36 1.16
N ILE L 45 -41.20 6.12 0.65
CA ILE L 45 -40.26 5.74 -0.39
C ILE L 45 -40.57 6.57 -1.62
N PRO L 46 -39.56 7.12 -2.32
CA PRO L 46 -39.79 7.77 -3.61
C PRO L 46 -40.49 6.85 -4.60
N ASP L 47 -41.04 7.44 -5.65
CA ASP L 47 -41.89 6.68 -6.54
C ASP L 47 -41.05 5.82 -7.48
N PHE L 48 -41.21 4.50 -7.38
CA PHE L 48 -40.51 3.60 -8.27
C PHE L 48 -41.44 2.87 -9.22
N THR L 49 -42.74 3.25 -9.23
CA THR L 49 -43.76 2.62 -10.07
C THR L 49 -43.40 2.66 -11.57
N PRO L 50 -42.84 3.74 -12.16
CA PRO L 50 -42.37 3.67 -13.54
C PRO L 50 -41.39 2.54 -13.87
N TYR L 51 -40.73 1.94 -12.86
CA TYR L 51 -39.71 0.93 -13.13
C TYR L 51 -40.08 -0.45 -12.60
N LEU L 52 -40.93 -0.53 -11.58
CA LEU L 52 -41.13 -1.79 -10.88
C LEU L 52 -41.88 -2.80 -11.75
N LYS L 53 -41.40 -4.04 -11.80
CA LYS L 53 -42.21 -5.11 -12.39
C LYS L 53 -43.15 -5.71 -11.35
N LYS L 54 -44.39 -6.04 -11.75
CA LYS L 54 -45.33 -6.67 -10.83
C LYS L 54 -44.87 -8.10 -10.46
N ASP L 55 -44.36 -8.85 -11.44
CA ASP L 55 -43.92 -10.22 -11.20
C ASP L 55 -42.40 -10.15 -11.05
N ARG L 56 -41.95 -9.61 -9.91
CA ARG L 56 -40.51 -9.47 -9.70
C ARG L 56 -39.97 -10.62 -8.85
N ASN L 57 -40.86 -11.29 -8.10
CA ASN L 57 -40.43 -12.33 -7.18
C ASN L 57 -40.54 -13.72 -7.80
N THR L 58 -41.07 -13.82 -9.03
CA THR L 58 -41.34 -15.10 -9.69
C THR L 58 -40.06 -15.70 -10.27
N ASP L 59 -40.07 -17.04 -10.38
CA ASP L 59 -39.00 -17.76 -11.05
C ASP L 59 -38.91 -17.40 -12.52
N ALA L 60 -40.06 -17.15 -13.16
CA ALA L 60 -40.06 -16.77 -14.56
C ALA L 60 -39.26 -15.49 -14.76
N ASN L 61 -39.42 -14.55 -13.82
CA ASN L 61 -38.74 -13.27 -13.90
C ASN L 61 -37.23 -13.47 -13.85
N ARG L 62 -36.76 -14.25 -12.88
CA ARG L 62 -35.32 -14.46 -12.74
C ARG L 62 -34.77 -15.22 -13.93
N LEU L 63 -35.51 -16.24 -14.36
CA LEU L 63 -35.10 -17.14 -15.43
C LEU L 63 -34.88 -16.33 -16.69
N PHE L 64 -35.72 -15.32 -16.95
CA PHE L 64 -35.50 -14.57 -18.16
C PHE L 64 -34.15 -13.87 -18.18
N SER L 65 -33.80 -13.24 -17.05
CA SER L 65 -32.54 -12.52 -17.02
C SER L 65 -31.36 -13.50 -17.10
N TYR L 66 -31.52 -14.71 -16.55
CA TYR L 66 -30.45 -15.69 -16.62
C TYR L 66 -30.36 -16.30 -18.02
N PHE L 67 -31.47 -16.24 -18.75
CA PHE L 67 -31.43 -16.65 -20.15
C PHE L 67 -30.56 -15.69 -20.95
N MET L 68 -30.68 -14.38 -20.70
CA MET L 68 -29.85 -13.40 -21.37
C MET L 68 -28.39 -13.58 -20.97
N ILE L 69 -28.12 -13.72 -19.66
CA ILE L 69 -26.75 -13.92 -19.20
C ILE L 69 -26.20 -15.22 -19.79
N GLY L 70 -27.01 -16.28 -19.79
CA GLY L 70 -26.61 -17.57 -20.30
C GLY L 70 -26.29 -17.56 -21.80
N SER L 71 -27.14 -16.89 -22.60
CA SER L 71 -26.94 -16.76 -24.04
C SER L 71 -25.65 -16.03 -24.34
N PHE L 72 -25.40 -15.02 -23.51
CA PHE L 72 -24.21 -14.23 -23.70
C PHE L 72 -22.98 -15.07 -23.35
N GLY L 73 -23.09 -15.87 -22.28
CA GLY L 73 -21.99 -16.75 -21.93
C GLY L 73 -21.79 -17.81 -23.01
N MET L 74 -22.91 -18.20 -23.63
CA MET L 74 -22.87 -19.27 -24.61
C MET L 74 -22.14 -18.78 -25.85
N LEU L 75 -22.54 -17.60 -26.34
CA LEU L 75 -21.90 -17.03 -27.53
C LEU L 75 -20.44 -16.69 -27.25
N SER L 76 -20.13 -16.25 -26.03
CA SER L 76 -18.75 -15.96 -25.67
C SER L 76 -17.90 -17.24 -25.67
N ALA L 77 -18.46 -18.35 -25.15
CA ALA L 77 -17.77 -19.64 -25.19
C ALA L 77 -17.59 -20.13 -26.62
N ALA L 78 -18.63 -20.02 -27.46
CA ALA L 78 -18.51 -20.48 -28.84
C ALA L 78 -17.53 -19.60 -29.62
N GLY L 79 -17.57 -18.28 -29.39
CA GLY L 79 -16.66 -17.33 -30.03
C GLY L 79 -15.22 -17.53 -29.59
N ALA L 80 -15.01 -17.79 -28.28
CA ALA L 80 -13.68 -18.09 -27.79
C ALA L 80 -13.13 -19.37 -28.42
N LYS L 81 -13.96 -20.42 -28.49
CA LYS L 81 -13.51 -21.68 -29.04
C LYS L 81 -13.11 -21.48 -30.50
N ALA L 82 -13.95 -20.79 -31.30
CA ALA L 82 -13.67 -20.56 -32.70
C ALA L 82 -12.34 -19.81 -32.84
N THR L 83 -12.20 -18.78 -32.00
CA THR L 83 -11.06 -17.88 -32.07
C THR L 83 -9.81 -18.68 -31.75
N VAL L 84 -9.84 -19.42 -30.65
CA VAL L 84 -8.67 -20.17 -30.20
C VAL L 84 -8.27 -21.20 -31.26
N GLN L 85 -9.24 -21.97 -31.75
CA GLN L 85 -8.98 -23.02 -32.73
C GLN L 85 -8.37 -22.42 -34.00
N ASP L 86 -8.99 -21.37 -34.55
CA ASP L 86 -8.55 -20.84 -35.83
C ASP L 86 -7.17 -20.23 -35.64
N PHE L 87 -7.02 -19.48 -34.55
CA PHE L 87 -5.77 -18.80 -34.34
C PHE L 87 -4.62 -19.77 -34.09
N LEU L 88 -4.81 -20.77 -33.22
CA LEU L 88 -3.70 -21.66 -32.87
C LEU L 88 -3.32 -22.59 -34.02
N SER L 89 -4.25 -22.82 -34.95
CA SER L 89 -3.95 -23.63 -36.12
C SER L 89 -2.77 -23.07 -36.92
N ASN L 90 -2.42 -21.78 -36.78
CA ASN L 90 -1.21 -21.25 -37.41
C ASN L 90 0.02 -22.11 -37.05
N MET L 91 -0.02 -22.82 -35.92
CA MET L 91 1.18 -23.51 -35.50
C MET L 91 1.30 -24.91 -36.10
N SER L 92 0.19 -25.40 -36.65
CA SER L 92 0.19 -26.68 -37.32
C SER L 92 0.87 -26.53 -38.68
N ALA L 93 1.39 -27.63 -39.27
CA ALA L 93 2.13 -27.57 -40.53
C ALA L 93 1.43 -26.69 -41.56
N SER L 94 2.18 -25.74 -42.12
CA SER L 94 1.65 -24.86 -43.15
C SER L 94 1.56 -25.61 -44.47
N ALA L 95 0.86 -25.04 -45.47
CA ALA L 95 0.57 -25.69 -46.74
C ALA L 95 1.86 -26.11 -47.48
N ASP L 96 2.89 -25.28 -47.38
CA ASP L 96 4.13 -25.58 -48.08
C ASP L 96 4.86 -26.74 -47.39
N VAL L 97 4.69 -26.89 -46.07
CA VAL L 97 5.28 -28.01 -45.36
C VAL L 97 4.53 -29.29 -45.70
N LEU L 98 3.19 -29.23 -45.73
CA LEU L 98 2.40 -30.41 -46.09
C LEU L 98 2.62 -30.85 -47.53
N ALA L 99 2.99 -29.92 -48.42
CA ALA L 99 3.20 -30.24 -49.83
C ALA L 99 4.42 -31.15 -50.01
N MET L 100 5.40 -31.01 -49.12
CA MET L 100 6.68 -31.72 -49.20
C MET L 100 6.68 -33.00 -48.36
N ALA L 101 5.51 -33.51 -47.98
CA ALA L 101 5.44 -34.61 -47.03
C ALA L 101 5.32 -36.01 -47.66
N ALA M 2 4.75 -29.41 12.42
CA ALA M 2 4.20 -30.16 13.64
C ALA M 2 3.78 -29.19 14.75
N SER M 3 2.74 -29.58 15.49
CA SER M 3 2.27 -28.76 16.59
C SER M 3 3.15 -28.99 17.82
N ILE M 4 3.32 -27.94 18.64
CA ILE M 4 4.03 -28.10 19.89
C ILE M 4 3.38 -29.21 20.72
N THR M 5 2.04 -29.27 20.69
CA THR M 5 1.30 -30.31 21.39
C THR M 5 1.83 -31.70 21.02
N SER M 6 1.93 -31.99 19.71
CA SER M 6 2.40 -33.27 19.23
C SER M 6 3.78 -33.60 19.80
N VAL M 7 4.67 -32.60 19.78
CA VAL M 7 6.05 -32.81 20.15
C VAL M 7 6.10 -33.13 21.65
N VAL M 8 5.31 -32.39 22.41
CA VAL M 8 5.32 -32.54 23.86
C VAL M 8 4.71 -33.89 24.23
N LYS M 9 3.64 -34.30 23.58
CA LYS M 9 3.02 -35.57 23.93
C LYS M 9 3.88 -36.77 23.56
N THR M 10 4.48 -36.74 22.37
CA THR M 10 5.36 -37.81 21.95
C THR M 10 6.55 -37.92 22.89
N SER M 11 7.12 -36.77 23.26
CA SER M 11 8.24 -36.77 24.20
C SER M 11 7.82 -37.37 25.53
N GLU M 12 6.58 -37.11 25.97
CA GLU M 12 6.13 -37.64 27.25
C GLU M 12 5.96 -39.16 27.18
N LEU M 13 5.48 -39.69 26.05
CA LEU M 13 5.43 -41.13 25.85
C LEU M 13 6.81 -41.78 26.02
N ILE M 14 7.84 -41.12 25.49
CA ILE M 14 9.20 -41.64 25.51
C ILE M 14 9.74 -41.57 26.94
N LEU M 15 9.47 -40.47 27.63
CA LEU M 15 10.03 -40.29 28.96
C LEU M 15 9.40 -41.27 29.94
N LYS M 16 8.19 -41.74 29.63
CA LYS M 16 7.50 -42.73 30.45
C LYS M 16 8.21 -44.07 30.35
N SER M 17 8.44 -44.55 29.11
CA SER M 17 9.08 -45.84 28.86
C SER M 17 10.51 -45.84 29.40
N PRO M 18 10.88 -46.72 30.36
CA PRO M 18 12.23 -46.74 30.93
C PRO M 18 13.30 -47.01 29.87
N LEU M 19 13.10 -48.06 29.08
CA LEU M 19 13.98 -48.43 27.98
C LEU M 19 14.20 -47.24 27.04
N LEU M 20 13.08 -46.68 26.55
CA LEU M 20 13.12 -45.60 25.59
C LEU M 20 13.88 -44.42 26.16
N SER M 21 13.57 -44.01 27.39
CA SER M 21 14.23 -42.85 27.97
C SER M 21 15.73 -43.11 28.13
N LYS M 22 16.08 -44.35 28.48
CA LYS M 22 17.48 -44.69 28.72
C LYS M 22 18.30 -44.50 27.44
N ILE M 23 17.67 -44.68 26.28
CA ILE M 23 18.39 -44.58 25.02
C ILE M 23 18.21 -43.21 24.37
N VAL M 24 17.09 -42.51 24.64
CA VAL M 24 16.75 -41.29 23.91
C VAL M 24 17.29 -40.07 24.64
N VAL M 25 17.20 -40.07 25.95
CA VAL M 25 17.61 -38.88 26.70
C VAL M 25 19.09 -38.54 26.48
N PRO M 26 20.04 -39.51 26.53
CA PRO M 26 21.43 -39.18 26.20
C PRO M 26 21.64 -38.69 24.77
N LEU M 27 20.92 -39.27 23.80
CA LEU M 27 21.05 -38.79 22.44
C LEU M 27 20.55 -37.35 22.34
N ALA M 28 19.43 -37.04 23.02
CA ALA M 28 18.83 -35.73 22.93
C ALA M 28 19.76 -34.69 23.55
N LYS M 29 20.45 -35.09 24.62
CA LYS M 29 21.36 -34.15 25.27
C LYS M 29 22.59 -33.88 24.41
N THR M 30 23.08 -34.90 23.69
CA THR M 30 24.21 -34.70 22.79
C THR M 30 23.77 -33.83 21.61
N TYR M 31 22.60 -34.15 21.07
CA TYR M 31 22.05 -33.38 19.98
C TYR M 31 22.05 -31.89 20.34
N VAL M 32 21.58 -31.58 21.55
CA VAL M 32 21.44 -30.20 21.95
C VAL M 32 22.82 -29.55 22.10
N LYS M 33 23.81 -30.30 22.54
CA LYS M 33 25.17 -29.78 22.64
C LYS M 33 25.73 -29.47 21.25
N PHE M 34 25.56 -30.38 20.29
CA PHE M 34 26.06 -30.12 18.95
C PHE M 34 25.21 -29.12 18.18
N SER M 35 23.94 -28.97 18.56
CA SER M 35 23.12 -27.97 17.91
C SER M 35 23.78 -26.60 18.00
N GLY M 36 24.29 -26.27 19.19
CA GLY M 36 25.09 -25.07 19.37
C GLY M 36 24.28 -23.78 19.47
N TYR M 37 22.94 -23.85 19.65
CA TYR M 37 22.18 -22.62 19.84
C TYR M 37 22.55 -21.94 21.15
N ARG M 38 23.02 -22.69 22.14
CA ARG M 38 23.36 -22.07 23.42
C ARG M 38 24.61 -21.20 23.28
N GLN M 39 25.43 -21.47 22.27
CA GLN M 39 26.62 -20.66 22.04
C GLN M 39 26.30 -19.32 21.39
N LEU M 40 25.02 -19.06 21.07
CA LEU M 40 24.61 -17.73 20.66
C LEU M 40 23.72 -17.10 21.73
N GLY M 41 23.64 -17.75 22.89
CA GLY M 41 22.92 -17.20 24.03
C GLY M 41 21.41 -17.36 23.90
N PHE M 42 20.98 -18.28 23.03
CA PHE M 42 19.56 -18.55 22.89
C PHE M 42 19.09 -19.56 23.93
N LYS M 43 17.81 -19.52 24.24
CA LYS M 43 17.15 -20.65 24.86
C LYS M 43 16.45 -21.42 23.76
N MET M 44 16.22 -22.71 23.94
CA MET M 44 15.60 -23.51 22.89
C MET M 44 14.31 -22.86 22.38
N ASN M 45 13.48 -22.37 23.27
CA ASN M 45 12.17 -21.87 22.85
C ASN M 45 12.31 -20.61 21.99
N ASP M 46 13.46 -19.92 22.03
CA ASP M 46 13.66 -18.75 21.19
C ASP M 46 13.68 -19.14 19.71
N LEU M 47 13.89 -20.43 19.42
CA LEU M 47 14.04 -20.84 18.03
C LEU M 47 12.71 -21.23 17.41
N ILE M 48 11.65 -21.33 18.21
CA ILE M 48 10.41 -21.83 17.64
C ILE M 48 9.83 -20.82 16.64
N ILE M 49 9.34 -21.33 15.49
CA ILE M 49 8.76 -20.50 14.45
C ILE M 49 7.63 -19.65 15.06
N GLU M 50 7.64 -18.34 14.83
CA GLU M 50 6.66 -17.54 15.52
C GLU M 50 5.59 -16.99 14.57
N GLU M 51 5.74 -17.18 13.24
CA GLU M 51 4.87 -16.49 12.30
C GLU M 51 3.63 -17.33 12.04
N THR M 52 2.85 -17.54 13.09
CA THR M 52 1.59 -18.26 13.02
C THR M 52 0.65 -17.51 13.93
N PRO M 53 -0.68 -17.53 13.69
CA PRO M 53 -1.64 -16.95 14.64
C PRO M 53 -1.46 -17.50 16.05
N ASN M 54 -1.35 -18.83 16.19
CA ASN M 54 -1.22 -19.46 17.50
C ASN M 54 0.01 -18.93 18.23
N MET M 55 1.15 -18.87 17.55
CA MET M 55 2.38 -18.45 18.20
C MET M 55 2.37 -16.97 18.54
N GLN M 56 1.75 -16.15 17.67
CA GLN M 56 1.66 -14.72 17.96
C GLN M 56 0.79 -14.51 19.21
N LEU M 57 -0.27 -15.32 19.34
CA LEU M 57 -1.09 -15.25 20.55
C LEU M 57 -0.29 -15.68 21.78
N ALA M 58 0.47 -16.76 21.70
CA ALA M 58 1.23 -17.19 22.86
C ALA M 58 2.29 -16.15 23.23
N LEU M 59 2.88 -15.47 22.24
CA LEU M 59 3.91 -14.48 22.56
C LEU M 59 3.30 -13.25 23.26
N ARG M 60 2.08 -12.86 22.87
CA ARG M 60 1.36 -11.77 23.51
C ARG M 60 1.01 -12.09 24.96
N ARG M 61 0.90 -13.38 25.30
CA ARG M 61 0.54 -13.77 26.66
C ARG M 61 1.75 -13.88 27.56
N LEU M 62 2.97 -13.75 27.03
CA LEU M 62 4.14 -13.85 27.90
C LEU M 62 4.09 -12.74 28.93
N PRO M 63 4.50 -12.99 30.19
CA PRO M 63 4.71 -11.90 31.14
C PRO M 63 5.71 -10.87 30.59
N PRO M 64 5.50 -9.56 30.83
CA PRO M 64 6.34 -8.51 30.23
C PRO M 64 7.84 -8.71 30.41
N THR M 65 8.27 -9.21 31.58
CA THR M 65 9.66 -9.46 31.85
C THR M 65 10.24 -10.53 30.92
N GLU M 66 9.54 -11.66 30.80
CA GLU M 66 9.98 -12.71 29.90
C GLU M 66 10.04 -12.17 28.48
N SER M 67 9.06 -11.34 28.13
CA SER M 67 8.96 -10.81 26.79
C SER M 67 10.15 -9.87 26.52
N TYR M 68 10.52 -9.03 27.49
CA TYR M 68 11.61 -8.11 27.25
C TYR M 68 12.92 -8.86 27.17
N ASP M 69 13.06 -9.94 27.96
CA ASP M 69 14.33 -10.66 27.94
C ASP M 69 14.47 -11.43 26.62
N ARG M 70 13.35 -11.92 26.09
CA ARG M 70 13.42 -12.63 24.83
C ARG M 70 13.85 -11.67 23.74
N VAL M 71 13.27 -10.46 23.71
CA VAL M 71 13.70 -9.47 22.74
C VAL M 71 15.21 -9.28 22.82
N TYR M 72 15.75 -9.13 24.02
CA TYR M 72 17.17 -8.90 24.13
C TYR M 72 17.97 -10.09 23.59
N ARG M 73 17.57 -11.32 23.94
CA ARG M 73 18.32 -12.47 23.45
C ARG M 73 18.26 -12.55 21.93
N LEU M 74 17.16 -12.15 21.28
CA LEU M 74 17.12 -12.22 19.83
C LEU M 74 18.07 -11.19 19.23
N ILE M 75 18.11 -10.00 19.82
CA ILE M 75 18.93 -8.93 19.29
C ILE M 75 20.39 -9.32 19.51
N ARG M 76 20.69 -9.86 20.68
CA ARG M 76 22.06 -10.26 20.96
C ARG M 76 22.50 -11.40 20.02
N ALA M 77 21.64 -12.38 19.75
CA ALA M 77 22.04 -13.47 18.85
C ALA M 77 22.22 -12.93 17.44
N THR M 78 21.35 -12.00 17.01
CA THR M 78 21.48 -11.40 15.69
C THR M 78 22.82 -10.68 15.56
N GLN M 79 23.24 -10.00 16.62
CA GLN M 79 24.53 -9.33 16.58
C GLN M 79 25.69 -10.33 16.56
N PHE M 80 25.60 -11.47 17.27
CA PHE M 80 26.65 -12.49 17.13
C PHE M 80 26.69 -13.10 15.73
N SER M 81 25.53 -13.35 15.15
CA SER M 81 25.41 -13.92 13.82
C SER M 81 26.05 -12.99 12.80
N LEU M 82 25.75 -11.69 12.85
CA LEU M 82 26.26 -10.85 11.78
C LEU M 82 27.76 -10.62 11.93
N SER M 83 28.27 -10.73 13.16
CA SER M 83 29.69 -10.54 13.41
C SER M 83 30.46 -11.84 13.24
N HIS M 84 29.79 -12.99 13.02
CA HIS M 84 30.47 -14.28 13.03
C HIS M 84 31.24 -14.55 14.32
N LYS M 85 30.63 -14.22 15.46
CA LYS M 85 31.20 -14.49 16.76
C LYS M 85 30.31 -15.45 17.54
N LEU M 86 30.86 -16.08 18.57
CA LEU M 86 30.07 -16.87 19.50
C LEU M 86 30.02 -16.15 20.84
N ALA M 87 28.96 -16.41 21.63
CA ALA M 87 28.87 -15.90 22.98
C ALA M 87 30.06 -16.39 23.82
N THR M 88 30.48 -15.59 24.79
CA THR M 88 31.47 -16.04 25.74
C THR M 88 30.95 -15.68 27.12
N GLY M 89 31.47 -16.36 28.15
CA GLY M 89 31.20 -16.04 29.53
C GLY M 89 29.73 -16.18 29.89
N ASN M 90 29.16 -15.09 30.40
CA ASN M 90 27.78 -15.10 30.86
C ASN M 90 26.78 -15.11 29.70
N ASP M 91 27.24 -14.82 28.49
CA ASP M 91 26.30 -14.81 27.38
C ASP M 91 25.95 -16.24 26.94
N ILE M 92 26.80 -17.22 27.28
CA ILE M 92 26.50 -18.58 26.86
C ILE M 92 25.33 -19.08 27.70
N THR M 93 24.33 -19.72 27.06
CA THR M 93 23.24 -20.22 27.87
C THR M 93 23.68 -21.49 28.59
N LYS M 94 23.61 -21.49 29.92
CA LYS M 94 23.94 -22.68 30.68
C LYS M 94 22.76 -23.64 30.64
N PRO M 95 22.95 -24.97 30.71
CA PRO M 95 21.81 -25.92 30.68
C PRO M 95 20.67 -25.65 31.66
N GLU M 96 21.00 -25.09 32.84
CA GLU M 96 20.06 -24.73 33.89
C GLU M 96 19.28 -23.46 33.55
N GLU M 97 19.78 -22.66 32.60
CA GLU M 97 19.06 -21.47 32.19
C GLU M 97 18.17 -21.75 30.98
N ASP M 98 18.23 -22.96 30.41
CA ASP M 98 17.52 -23.18 29.16
C ASP M 98 16.09 -23.60 29.49
N ASP M 99 15.30 -22.69 30.03
CA ASP M 99 13.98 -23.03 30.53
C ASP M 99 12.91 -22.89 29.44
N HIS M 100 11.87 -23.73 29.53
CA HIS M 100 10.80 -23.75 28.56
C HIS M 100 9.77 -22.66 28.90
N TYR M 101 10.17 -21.40 28.80
CA TYR M 101 9.31 -20.30 29.25
C TYR M 101 8.08 -20.21 28.34
N LEU M 102 8.16 -20.69 27.09
CA LEU M 102 7.06 -20.40 26.18
C LEU M 102 6.12 -21.59 26.06
N ILE M 103 6.63 -22.80 26.29
CA ILE M 103 5.87 -24.02 26.04
C ILE M 103 4.50 -23.97 26.70
N PRO M 104 4.36 -23.59 28.00
CA PRO M 104 3.03 -23.59 28.63
C PRO M 104 2.03 -22.66 27.96
N TYR M 105 2.48 -21.51 27.48
CA TYR M 105 1.56 -20.60 26.81
C TYR M 105 1.09 -21.19 25.49
N ILE M 106 2.00 -21.77 24.71
CA ILE M 106 1.58 -22.28 23.42
C ILE M 106 0.73 -23.54 23.59
N LEU M 107 1.03 -24.37 24.59
CA LEU M 107 0.18 -25.52 24.82
C LEU M 107 -1.24 -25.10 25.18
N ASP M 108 -1.44 -24.00 25.93
CA ASP M 108 -2.79 -23.54 26.22
C ASP M 108 -3.49 -22.99 24.99
N VAL M 109 -2.75 -22.22 24.17
CA VAL M 109 -3.34 -21.69 22.95
C VAL M 109 -3.80 -22.85 22.06
N GLU M 110 -2.94 -23.86 21.91
CA GLU M 110 -3.23 -24.97 21.00
C GLU M 110 -4.34 -25.84 21.59
N ALA M 111 -4.40 -25.99 22.91
CA ALA M 111 -5.45 -26.79 23.51
C ALA M 111 -6.81 -26.20 23.14
N GLU M 112 -6.95 -24.88 23.27
CA GLU M 112 -8.19 -24.23 22.88
C GLU M 112 -8.48 -24.40 21.39
N ALA M 113 -7.46 -24.19 20.55
CA ALA M 113 -7.61 -24.25 19.10
C ALA M 113 -8.07 -25.66 18.70
N PHE M 114 -7.48 -26.69 19.32
CA PHE M 114 -7.82 -28.06 18.96
C PHE M 114 -9.19 -28.43 19.50
N GLU M 115 -9.56 -27.92 20.68
CA GLU M 115 -10.89 -28.22 21.19
C GLU M 115 -11.94 -27.56 20.31
N LYS M 116 -11.66 -26.32 19.88
CA LYS M 116 -12.57 -25.63 18.99
C LYS M 116 -12.80 -26.46 17.72
N ASP M 117 -11.72 -27.00 17.13
CA ASP M 117 -11.86 -27.83 15.94
C ASP M 117 -12.70 -29.07 16.23
N ALA M 118 -12.45 -29.74 17.35
CA ALA M 118 -13.25 -30.92 17.67
C ALA M 118 -14.72 -30.53 17.84
N LEU M 119 -14.99 -29.47 18.59
CA LEU M 119 -16.37 -29.11 18.93
C LEU M 119 -17.15 -28.61 17.72
N ASP M 120 -16.45 -28.03 16.72
CA ASP M 120 -17.04 -27.64 15.45
C ASP M 120 -17.56 -28.87 14.68
N ASN M 121 -17.14 -30.06 15.10
CA ASN M 121 -17.51 -31.28 14.41
C ASN M 121 -18.29 -32.19 15.33
N LEU M 122 -18.99 -31.63 16.33
CA LEU M 122 -19.73 -32.52 17.21
C LEU M 122 -21.07 -32.90 16.59
N GLU M 123 -21.49 -34.13 16.88
CA GLU M 123 -22.75 -34.66 16.41
C GLU M 123 -23.62 -35.03 17.60
N VAL M 124 -24.75 -34.34 17.73
CA VAL M 124 -25.76 -34.65 18.72
C VAL M 124 -26.20 -36.10 18.54
N VAL M 125 -26.11 -36.87 19.61
CA VAL M 125 -26.53 -38.25 19.57
C VAL M 125 -27.94 -38.35 20.16
N PRO N 66 65.55 -34.42 -41.30
CA PRO N 66 64.37 -35.28 -41.14
C PRO N 66 63.45 -34.87 -39.98
N ASP N 67 62.29 -35.53 -39.92
CA ASP N 67 61.26 -35.20 -38.94
C ASP N 67 61.83 -35.45 -37.55
N PRO N 68 61.90 -34.42 -36.67
CA PRO N 68 62.47 -34.57 -35.34
C PRO N 68 61.71 -35.61 -34.51
N ALA N 69 60.44 -35.79 -34.84
CA ALA N 69 59.54 -36.66 -34.12
C ALA N 69 60.00 -38.12 -34.21
N ILE N 70 60.55 -38.50 -35.37
CA ILE N 70 60.96 -39.88 -35.62
C ILE N 70 61.93 -40.34 -34.55
N ALA N 71 62.97 -39.54 -34.30
CA ALA N 71 64.01 -39.88 -33.35
C ALA N 71 63.49 -39.78 -31.91
N LEU N 72 62.68 -38.75 -31.62
CA LEU N 72 62.23 -38.54 -30.25
C LEU N 72 61.33 -39.70 -29.82
N HIS N 73 60.48 -40.15 -30.76
CA HIS N 73 59.52 -41.21 -30.53
C HIS N 73 60.25 -42.54 -30.35
N GLU N 74 61.35 -42.72 -31.08
CA GLU N 74 62.08 -43.98 -31.06
C GLU N 74 62.77 -44.12 -29.71
N ALA N 75 63.37 -43.01 -29.27
CA ALA N 75 64.08 -42.87 -28.02
C ALA N 75 63.16 -43.12 -26.83
N ALA N 76 61.94 -42.57 -26.91
CA ALA N 76 60.96 -42.70 -25.85
C ALA N 76 60.43 -44.12 -25.77
N ALA N 77 60.42 -44.83 -26.90
CA ALA N 77 59.86 -46.19 -26.90
C ALA N 77 60.86 -47.16 -26.28
N GLU N 78 62.15 -46.94 -26.56
CA GLU N 78 63.21 -47.82 -26.10
C GLU N 78 63.54 -47.53 -24.64
N GLY N 79 63.24 -46.31 -24.20
CA GLY N 79 63.61 -45.82 -22.87
C GLY N 79 62.45 -45.88 -21.90
N PRO N 80 61.77 -44.74 -21.60
CA PRO N 80 60.74 -44.66 -20.56
C PRO N 80 59.47 -45.47 -20.81
N CYS N 81 59.28 -45.88 -22.07
CA CYS N 81 58.04 -46.56 -22.45
C CYS N 81 58.36 -47.96 -22.92
N HIS N 82 59.37 -48.59 -22.30
CA HIS N 82 59.87 -49.87 -22.76
C HIS N 82 58.92 -51.01 -22.37
N ASP N 83 58.26 -50.87 -21.21
CA ASP N 83 57.34 -51.86 -20.69
C ASP N 83 56.14 -51.97 -21.64
N PHE N 84 55.66 -50.81 -22.09
CA PHE N 84 54.50 -50.71 -22.96
C PHE N 84 54.86 -51.20 -24.35
N LYS N 85 56.11 -50.92 -24.77
CA LYS N 85 56.63 -51.37 -26.05
C LYS N 85 56.62 -52.90 -26.11
N HIS N 86 57.12 -53.54 -25.04
CA HIS N 86 57.14 -54.99 -24.93
C HIS N 86 55.76 -55.61 -25.00
N HIS N 87 54.79 -54.99 -24.29
CA HIS N 87 53.44 -55.53 -24.25
C HIS N 87 52.83 -55.49 -25.65
N PHE N 88 53.00 -54.36 -26.36
CA PHE N 88 52.50 -54.21 -27.71
C PHE N 88 53.12 -55.27 -28.63
N ASP N 89 54.45 -55.42 -28.53
CA ASP N 89 55.18 -56.41 -29.32
C ASP N 89 54.64 -57.81 -29.08
N GLU N 90 54.52 -58.22 -27.80
CA GLU N 90 54.02 -59.54 -27.46
C GLU N 90 52.61 -59.73 -28.04
N CYS N 91 51.76 -58.71 -27.90
CA CYS N 91 50.39 -58.76 -28.41
C CYS N 91 50.42 -59.02 -29.92
N VAL N 92 51.22 -58.24 -30.66
CA VAL N 92 51.24 -58.38 -32.11
C VAL N 92 51.65 -59.80 -32.51
N GLU N 93 52.70 -60.33 -31.86
CA GLU N 93 53.16 -61.70 -32.08
C GLU N 93 52.02 -62.69 -31.95
N ARG N 94 51.25 -62.60 -30.85
CA ARG N 94 50.14 -63.51 -30.57
C ARG N 94 49.06 -63.41 -31.65
N VAL N 95 48.70 -62.17 -32.02
CA VAL N 95 47.57 -61.96 -32.91
C VAL N 95 47.91 -62.47 -34.31
N THR N 96 49.14 -62.17 -34.78
CA THR N 96 49.60 -62.58 -36.09
C THR N 96 49.62 -64.10 -36.19
N LYS N 97 50.12 -64.76 -35.13
CA LYS N 97 50.17 -66.21 -35.01
C LYS N 97 48.76 -66.80 -35.06
N ALA N 98 47.81 -66.09 -34.45
CA ALA N 98 46.45 -66.56 -34.34
C ALA N 98 45.76 -66.44 -35.71
N GLN N 99 46.17 -65.43 -36.48
CA GLN N 99 45.62 -65.18 -37.81
C GLN N 99 46.17 -66.21 -38.78
N GLU N 100 47.41 -66.66 -38.52
CA GLU N 100 48.12 -67.65 -39.32
C GLU N 100 47.40 -69.00 -39.27
N ALA N 101 46.90 -69.34 -38.08
CA ALA N 101 46.18 -70.58 -37.84
C ALA N 101 44.86 -70.58 -38.60
N GLU N 102 44.47 -71.75 -39.11
CA GLU N 102 43.28 -71.91 -39.93
C GLU N 102 42.04 -71.95 -39.03
N ASP N 103 40.88 -71.66 -39.64
CA ASP N 103 39.60 -71.54 -38.96
C ASP N 103 39.64 -70.36 -37.97
N TYR N 104 40.43 -69.35 -38.34
CA TYR N 104 40.48 -68.09 -37.62
C TYR N 104 39.32 -67.21 -38.06
N ASP N 105 38.94 -67.32 -39.34
CA ASP N 105 37.87 -66.52 -39.92
C ASP N 105 36.52 -66.90 -39.32
N HIS N 106 36.41 -68.17 -38.88
CA HIS N 106 35.21 -68.69 -38.23
C HIS N 106 35.44 -68.83 -36.73
N ALA N 107 36.07 -67.80 -36.14
CA ALA N 107 36.22 -67.70 -34.69
C ALA N 107 35.25 -66.65 -34.18
N GLU N 108 34.89 -66.77 -32.89
CA GLU N 108 33.92 -65.89 -32.28
C GLU N 108 34.61 -64.57 -31.96
N TYR N 109 35.73 -64.69 -31.22
CA TYR N 109 36.48 -63.55 -30.74
C TYR N 109 37.81 -63.46 -31.48
N LYS N 110 37.98 -62.35 -32.21
CA LYS N 110 39.26 -62.00 -32.81
C LYS N 110 39.90 -60.87 -32.01
N GLU N 111 41.04 -61.15 -31.37
CA GLU N 111 41.78 -60.19 -30.59
C GLU N 111 42.47 -59.17 -31.49
N ASP N 112 42.50 -57.89 -31.06
CA ASP N 112 43.35 -56.86 -31.64
C ASP N 112 44.43 -56.43 -30.65
N CYS N 113 45.24 -55.44 -31.05
CA CYS N 113 46.25 -54.87 -30.17
C CYS N 113 46.09 -53.37 -30.01
N VAL N 114 44.86 -52.90 -30.23
CA VAL N 114 44.57 -51.49 -30.11
C VAL N 114 44.87 -51.01 -28.69
N GLU N 115 44.44 -51.76 -27.67
CA GLU N 115 44.59 -51.33 -26.29
C GLU N 115 46.06 -51.09 -25.96
N GLU N 116 46.91 -52.05 -26.34
CA GLU N 116 48.33 -52.00 -26.02
C GLU N 116 48.98 -50.87 -26.79
N PHE N 117 48.52 -50.68 -28.04
CA PHE N 117 48.98 -49.59 -28.89
C PHE N 117 48.67 -48.26 -28.21
N PHE N 118 47.44 -48.11 -27.73
CA PHE N 118 47.07 -46.86 -27.08
C PHE N 118 47.92 -46.62 -25.84
N HIS N 119 48.19 -47.67 -25.05
CA HIS N 119 48.97 -47.45 -23.85
C HIS N 119 50.39 -47.01 -24.20
N LEU N 120 50.93 -47.57 -25.28
CA LEU N 120 52.26 -47.20 -25.70
C LEU N 120 52.28 -45.76 -26.25
N GLN N 121 51.31 -45.43 -27.11
CA GLN N 121 51.29 -44.12 -27.75
C GLN N 121 51.07 -43.04 -26.69
N HIS N 122 50.18 -43.34 -25.75
CA HIS N 122 49.90 -42.38 -24.70
C HIS N 122 51.18 -42.08 -23.91
N CYS N 123 51.98 -43.13 -23.71
CA CYS N 123 53.22 -43.01 -22.97
C CYS N 123 54.23 -42.21 -23.80
N ILE N 124 54.43 -42.57 -25.06
CA ILE N 124 55.33 -41.82 -25.91
C ILE N 124 54.96 -40.33 -25.94
N ASN N 125 53.65 -40.03 -26.04
CA ASN N 125 53.21 -38.65 -26.16
C ASN N 125 53.58 -37.85 -24.91
N ASP N 126 53.45 -38.49 -23.74
CA ASP N 126 53.76 -37.87 -22.46
C ASP N 126 55.25 -37.54 -22.35
N ASN N 127 56.10 -38.31 -23.04
CA ASN N 127 57.54 -38.12 -22.91
C ASN N 127 58.13 -37.31 -24.05
N THR N 128 57.30 -36.73 -24.92
CA THR N 128 57.83 -36.24 -26.19
C THR N 128 57.22 -34.89 -26.55
N ALA N 129 55.94 -34.72 -26.21
CA ALA N 129 55.17 -33.56 -26.64
C ALA N 129 55.98 -32.26 -26.48
N ASP N 130 56.47 -32.00 -25.27
CA ASP N 130 57.21 -30.79 -24.94
C ASP N 130 58.53 -30.71 -25.72
N LYS N 131 59.23 -31.84 -25.84
CA LYS N 131 60.52 -31.88 -26.50
C LYS N 131 60.35 -31.56 -27.98
N LEU N 132 59.30 -32.11 -28.59
CA LEU N 132 59.08 -31.91 -30.01
C LEU N 132 58.80 -30.45 -30.32
N PHE N 133 57.88 -29.84 -29.55
CA PHE N 133 57.52 -28.47 -29.88
C PHE N 133 58.68 -27.50 -29.61
N ARG N 134 59.65 -27.96 -28.83
CA ARG N 134 60.79 -27.12 -28.49
C ARG N 134 61.74 -26.98 -29.68
N VAL N 135 61.70 -27.96 -30.60
CA VAL N 135 62.58 -27.96 -31.76
C VAL N 135 61.81 -27.64 -33.05
N LEU N 136 60.66 -26.96 -32.95
CA LEU N 136 59.92 -26.49 -34.12
C LEU N 136 59.81 -24.96 -34.07
N VAL O 26 20.55 51.94 28.16
CA VAL O 26 21.95 51.65 28.65
C VAL O 26 21.93 51.28 30.12
N SER O 27 22.26 50.01 30.39
CA SER O 27 22.39 49.46 31.73
C SER O 27 23.58 50.07 32.46
N PRO O 28 23.57 50.16 33.81
CA PRO O 28 24.75 50.61 34.57
C PRO O 28 25.97 49.72 34.33
N LYS O 29 27.14 50.33 34.44
CA LYS O 29 28.44 49.69 34.35
C LYS O 29 28.62 48.61 35.42
N THR O 30 29.20 47.47 35.01
CA THR O 30 29.66 46.45 35.95
C THR O 30 30.99 46.90 36.56
N ARG O 31 30.98 47.14 37.87
CA ARG O 31 32.21 47.45 38.58
C ARG O 31 32.92 46.15 38.96
N THR O 32 34.25 46.18 38.91
CA THR O 32 35.08 45.02 39.19
C THR O 32 36.26 45.45 40.05
N SER O 33 36.49 44.72 41.16
CA SER O 33 37.67 44.89 41.99
C SER O 33 38.25 43.52 42.30
N ASN O 34 39.51 43.52 42.73
CA ASN O 34 40.21 42.33 43.18
C ASN O 34 40.58 42.51 44.66
N LEU O 35 40.79 41.38 45.35
CA LEU O 35 41.48 41.36 46.63
C LEU O 35 42.93 40.94 46.38
N LYS O 36 43.72 40.88 47.46
CA LYS O 36 45.13 40.52 47.41
C LYS O 36 45.31 39.04 47.05
N ASN O 37 44.45 38.17 47.60
CA ASN O 37 44.54 36.75 47.32
C ASN O 37 44.23 36.46 45.85
N GLY O 38 43.43 37.33 45.22
CA GLY O 38 43.13 37.19 43.81
C GLY O 38 41.64 36.96 43.58
N LEU O 39 40.85 37.15 44.64
CA LEU O 39 39.41 37.02 44.52
C LEU O 39 38.87 38.23 43.77
N THR O 40 38.09 37.99 42.72
CA THR O 40 37.43 39.05 41.98
C THR O 40 36.09 39.37 42.62
N ILE O 41 35.78 40.66 42.74
CA ILE O 41 34.45 41.13 43.13
C ILE O 41 33.85 41.90 41.97
N ALA O 42 32.64 41.53 41.55
CA ALA O 42 32.04 42.13 40.37
C ALA O 42 30.58 42.43 40.70
N SER O 43 30.12 43.64 40.39
CA SER O 43 28.80 44.02 40.85
C SER O 43 28.10 44.87 39.80
N GLU O 44 26.78 44.77 39.73
CA GLU O 44 25.99 45.61 38.85
C GLU O 44 24.74 46.08 39.59
N SER O 45 24.73 47.38 39.95
CA SER O 45 23.69 47.94 40.81
C SER O 45 22.43 48.31 40.02
N ASN O 46 21.29 48.23 40.70
CA ASN O 46 20.00 48.59 40.15
C ASN O 46 19.15 49.27 41.23
N PRO O 47 18.80 50.57 41.10
CA PRO O 47 18.08 51.29 42.16
C PRO O 47 16.59 50.98 42.29
N LEU O 48 15.97 50.50 41.21
CA LEU O 48 14.54 50.23 41.17
C LEU O 48 14.15 49.06 42.07
N VAL O 49 14.99 48.01 42.12
CA VAL O 49 14.68 46.81 42.90
C VAL O 49 14.97 47.07 44.37
N GLN O 50 14.39 46.21 45.21
CA GLN O 50 14.55 46.29 46.66
C GLN O 50 15.23 45.03 47.18
N THR O 51 15.45 44.06 46.28
CA THR O 51 15.99 42.76 46.62
C THR O 51 17.29 42.57 45.84
N ALA O 52 18.27 41.86 46.40
CA ALA O 52 19.60 41.74 45.82
C ALA O 52 20.07 40.28 45.82
N THR O 53 20.62 39.80 44.69
CA THR O 53 21.23 38.49 44.62
C THR O 53 22.74 38.62 44.82
N VAL O 54 23.30 38.00 45.86
CA VAL O 54 24.75 37.96 46.07
C VAL O 54 25.17 36.50 46.08
N GLY O 55 26.25 36.14 45.37
CA GLY O 55 26.72 34.77 45.43
C GLY O 55 28.15 34.60 44.93
N VAL O 56 28.67 33.36 44.94
CA VAL O 56 30.04 33.05 44.58
C VAL O 56 30.03 32.16 43.35
N TRP O 57 30.58 32.65 42.23
CA TRP O 57 30.70 31.86 41.02
C TRP O 57 32.11 31.27 40.99
N ILE O 58 32.22 29.94 40.90
CA ILE O 58 33.51 29.26 40.95
C ILE O 58 33.81 28.63 39.60
N ASP O 59 35.05 28.81 39.14
CA ASP O 59 35.47 28.20 37.89
C ASP O 59 35.99 26.79 38.17
N ALA O 60 35.11 25.89 38.63
CA ALA O 60 35.46 24.51 38.94
C ALA O 60 34.17 23.72 38.80
N GLY O 61 34.24 22.45 38.40
CA GLY O 61 33.04 21.64 38.41
C GLY O 61 33.39 20.16 38.40
N SER O 62 32.53 19.35 37.78
CA SER O 62 32.73 17.91 37.77
C SER O 62 33.88 17.51 36.86
N ARG O 63 34.22 18.37 35.91
CA ARG O 63 35.33 18.11 35.02
C ARG O 63 36.65 18.04 35.79
N ASN O 64 36.73 18.66 36.97
CA ASN O 64 37.96 18.73 37.72
C ASN O 64 38.17 17.47 38.55
N GLU O 65 37.14 16.61 38.61
CA GLU O 65 37.27 15.31 39.26
C GLU O 65 37.98 14.34 38.32
N ASN O 66 38.51 13.23 38.85
CA ASN O 66 38.93 12.10 38.03
C ASN O 66 37.82 11.03 38.01
N ALA O 67 38.16 9.80 37.60
CA ALA O 67 37.17 8.74 37.51
C ALA O 67 36.95 8.04 38.85
N TYR O 68 37.71 8.42 39.88
CA TYR O 68 37.71 7.73 41.17
C TYR O 68 37.02 8.59 42.22
N ASN O 69 36.92 9.89 41.92
CA ASN O 69 36.20 10.80 42.79
C ASN O 69 35.08 11.47 42.01
N ASN O 70 34.70 10.93 40.85
CA ASN O 70 33.61 11.47 40.07
C ASN O 70 32.34 11.52 40.91
N GLY O 71 31.79 12.73 41.07
CA GLY O 71 30.60 12.91 41.88
C GLY O 71 30.89 13.68 43.16
N THR O 72 32.15 14.07 43.39
CA THR O 72 32.57 14.75 44.60
C THR O 72 31.97 16.16 44.68
N ALA O 73 32.09 16.93 43.60
CA ALA O 73 31.52 18.27 43.47
C ALA O 73 30.03 18.28 43.81
N HIS O 74 29.29 17.32 43.27
CA HIS O 74 27.87 17.22 43.54
C HIS O 74 27.62 16.86 45.00
N PHE O 75 28.42 15.92 45.52
CA PHE O 75 28.34 15.50 46.92
C PHE O 75 28.56 16.69 47.85
N PHE O 76 29.56 17.53 47.54
CA PHE O 76 29.84 18.70 48.35
C PHE O 76 28.65 19.66 48.38
N GLU O 77 28.02 19.88 47.25
CA GLU O 77 26.86 20.76 47.19
C GLU O 77 25.81 20.34 48.23
N HIS O 78 25.58 19.03 48.39
CA HIS O 78 24.68 18.51 49.42
C HIS O 78 25.18 18.85 50.82
N LEU O 79 26.47 18.61 51.07
CA LEU O 79 27.03 18.76 52.41
C LEU O 79 27.27 20.22 52.80
N ALA O 80 27.30 21.13 51.82
CA ALA O 80 27.47 22.55 52.09
C ALA O 80 26.30 23.06 52.92
N PHE O 81 25.14 22.41 52.82
CA PHE O 81 23.94 22.83 53.54
C PHE O 81 23.58 21.76 54.58
N LYS O 82 24.61 21.23 55.23
CA LYS O 82 24.42 20.16 56.23
C LYS O 82 25.04 20.55 57.55
N GLY O 83 25.52 21.79 57.68
CA GLY O 83 26.04 22.31 58.93
C GLY O 83 27.49 22.74 58.82
N THR O 84 27.84 23.82 59.54
CA THR O 84 29.17 24.39 59.47
C THR O 84 29.89 24.17 60.79
N ASP O 85 31.14 24.64 60.88
CA ASP O 85 31.95 24.57 62.10
C ASP O 85 31.22 25.15 63.31
N LYS O 86 30.47 26.25 63.11
CA LYS O 86 29.76 26.94 64.17
C LYS O 86 28.31 26.51 64.19
N ARG O 87 27.53 26.92 63.18
CA ARG O 87 26.09 26.67 63.15
C ARG O 87 25.83 25.24 62.71
N SER O 88 24.81 24.60 63.33
CA SER O 88 24.38 23.27 62.93
C SER O 88 23.46 23.39 61.72
N GLN O 89 22.96 22.25 61.23
CA GLN O 89 22.04 22.28 60.10
C GLN O 89 20.79 23.08 60.47
N HIS O 90 20.27 22.84 61.69
CA HIS O 90 19.08 23.50 62.19
C HIS O 90 19.31 25.01 62.31
N GLN O 91 20.45 25.38 62.90
CA GLN O 91 20.80 26.78 63.06
C GLN O 91 20.91 27.46 61.69
N LEU O 92 21.58 26.79 60.74
CA LEU O 92 21.72 27.26 59.38
C LEU O 92 20.34 27.58 58.77
N GLU O 93 19.42 26.60 58.85
CA GLU O 93 18.05 26.75 58.37
C GLU O 93 17.42 28.01 58.98
N LEU O 94 17.51 28.12 60.32
CA LEU O 94 16.89 29.23 61.03
C LEU O 94 17.46 30.56 60.54
N ASP O 95 18.78 30.63 60.39
CA ASP O 95 19.45 31.86 60.03
C ASP O 95 18.96 32.40 58.69
N ILE O 96 18.83 31.50 57.70
CA ILE O 96 18.39 31.87 56.36
C ILE O 96 16.92 32.31 56.38
N GLU O 97 16.10 31.56 57.13
CA GLU O 97 14.70 31.88 57.29
C GLU O 97 14.53 33.23 57.97
N ASN O 98 15.44 33.57 58.90
CA ASN O 98 15.38 34.83 59.62
C ASN O 98 15.73 36.00 58.70
N MET O 99 16.62 35.77 57.72
CA MET O 99 16.92 36.80 56.75
C MET O 99 15.68 37.08 55.89
N GLY O 100 14.97 36.00 55.53
CA GLY O 100 13.74 36.11 54.77
C GLY O 100 13.87 35.65 53.33
N GLY O 101 15.12 35.60 52.82
CA GLY O 101 15.36 35.19 51.46
C GLY O 101 15.62 33.70 51.37
N HIS O 102 16.29 33.29 50.30
CA HIS O 102 16.58 31.89 50.03
C HIS O 102 18.03 31.77 49.58
N LEU O 103 18.61 30.58 49.77
CA LEU O 103 19.92 30.23 49.27
C LEU O 103 19.76 29.16 48.20
N ASN O 104 20.62 29.18 47.18
CA ASN O 104 20.51 28.20 46.10
C ASN O 104 21.90 27.92 45.57
N ALA O 105 22.10 26.73 44.97
CA ALA O 105 23.39 26.29 44.48
C ALA O 105 23.20 25.33 43.32
N TYR O 106 24.15 25.32 42.38
CA TYR O 106 24.14 24.34 41.32
C TYR O 106 25.56 24.06 40.85
N THR O 107 25.80 22.80 40.50
CA THR O 107 27.10 22.34 40.03
C THR O 107 26.92 21.87 38.60
N SER O 108 27.75 22.39 37.68
CA SER O 108 27.77 21.87 36.31
C SER O 108 29.11 21.22 36.03
N ARG O 109 29.44 21.05 34.76
CA ARG O 109 30.67 20.37 34.39
C ARG O 109 31.88 21.25 34.65
N GLU O 110 31.72 22.57 34.46
CA GLU O 110 32.83 23.47 34.59
C GLU O 110 32.57 24.64 35.52
N SER O 111 31.38 24.70 36.12
CA SER O 111 31.07 25.84 36.95
C SER O 111 30.28 25.40 38.17
N THR O 112 30.62 25.96 39.34
CA THR O 112 29.80 25.76 40.53
C THR O 112 29.34 27.13 41.04
N VAL O 113 28.07 27.26 41.43
CA VAL O 113 27.52 28.54 41.87
C VAL O 113 26.88 28.36 43.24
N TYR O 114 27.08 29.32 44.15
CA TYR O 114 26.36 29.32 45.42
C TYR O 114 25.84 30.73 45.68
N TYR O 115 24.53 30.97 45.50
CA TYR O 115 24.05 32.33 45.64
C TYR O 115 23.04 32.48 46.77
N ALA O 116 22.70 33.73 47.13
CA ALA O 116 21.75 34.01 48.19
C ALA O 116 20.88 35.22 47.80
N LYS O 117 19.64 34.97 47.38
CA LYS O 117 18.72 36.08 47.15
C LYS O 117 18.16 36.55 48.49
N SER O 118 18.39 37.82 48.82
CA SER O 118 17.92 38.41 50.07
C SER O 118 17.36 39.81 49.80
N PHE O 119 16.88 40.47 50.86
CA PHE O 119 16.47 41.85 50.82
C PHE O 119 17.72 42.74 50.83
N LYS O 120 17.53 44.02 50.49
CA LYS O 120 18.60 45.01 50.42
C LYS O 120 19.43 45.02 51.71
N ASP O 121 18.76 44.93 52.85
CA ASP O 121 19.38 45.11 54.15
C ASP O 121 19.90 43.78 54.69
N ASP O 122 19.54 42.67 54.02
CA ASP O 122 19.93 41.34 54.46
C ASP O 122 21.07 40.82 53.58
N VAL O 123 21.79 41.73 52.89
CA VAL O 123 22.90 41.35 52.04
C VAL O 123 24.10 40.93 52.91
N PRO O 124 24.55 41.74 53.91
CA PRO O 124 25.72 41.37 54.70
C PRO O 124 25.63 40.02 55.41
N LYS O 125 24.43 39.69 55.91
CA LYS O 125 24.26 38.44 56.63
C LYS O 125 24.33 37.26 55.67
N SER O 126 23.75 37.41 54.47
CA SER O 126 23.82 36.35 53.47
C SER O 126 25.25 36.13 52.99
N VAL O 127 26.03 37.21 52.83
CA VAL O 127 27.43 37.08 52.47
C VAL O 127 28.18 36.27 53.53
N GLU O 128 27.91 36.55 54.80
CA GLU O 128 28.52 35.84 55.92
C GLU O 128 28.20 34.34 55.87
N ILE O 129 26.95 33.99 55.57
CA ILE O 129 26.57 32.59 55.51
C ILE O 129 27.32 31.86 54.40
N LEU O 130 27.50 32.50 53.22
CA LEU O 130 28.18 31.85 52.11
C LEU O 130 29.63 31.56 52.45
N ALA O 131 30.35 32.57 52.97
CA ALA O 131 31.76 32.41 53.28
C ALA O 131 31.98 31.24 54.24
N ASP O 132 30.98 31.01 55.10
CA ASP O 132 31.08 29.98 56.11
C ASP O 132 30.92 28.59 55.52
N ILE O 133 29.90 28.43 54.67
CA ILE O 133 29.61 27.11 54.11
C ILE O 133 30.71 26.70 53.12
N LEU O 134 31.41 27.68 52.53
CA LEU O 134 32.43 27.38 51.53
C LEU O 134 33.79 27.10 52.17
N GLN O 135 34.11 27.81 53.26
CA GLN O 135 35.45 27.77 53.80
C GLN O 135 35.51 26.82 54.98
N HIS O 136 34.41 26.74 55.74
CA HIS O 136 34.48 25.98 56.98
C HIS O 136 33.22 25.15 57.14
N SER O 137 32.95 24.22 56.23
CA SER O 137 31.84 23.29 56.37
C SER O 137 32.29 22.12 57.23
N LYS O 138 31.41 21.58 58.08
CA LYS O 138 31.80 20.53 59.01
C LYS O 138 32.21 19.23 58.30
N LEU O 139 31.44 18.83 57.27
CA LEU O 139 31.60 17.56 56.57
C LEU O 139 31.69 16.40 57.56
N ALA O 140 30.68 16.28 58.41
CA ALA O 140 30.60 15.21 59.40
C ALA O 140 30.33 13.86 58.73
N GLU O 141 30.99 12.81 59.23
CA GLU O 141 30.88 11.45 58.69
C GLU O 141 29.43 10.97 58.71
N SER O 142 28.71 11.27 59.80
CA SER O 142 27.30 10.93 59.92
C SER O 142 26.46 11.56 58.82
N ALA O 143 26.76 12.84 58.52
CA ALA O 143 26.05 13.62 57.50
C ALA O 143 26.34 13.08 56.10
N ILE O 144 27.58 12.63 55.89
CA ILE O 144 27.99 12.01 54.64
C ILE O 144 27.15 10.77 54.39
N ASP O 145 27.01 9.93 55.43
CA ASP O 145 26.28 8.68 55.30
C ASP O 145 24.79 8.93 55.03
N ARG O 146 24.24 9.96 55.69
CA ARG O 146 22.87 10.36 55.45
C ARG O 146 22.66 10.83 54.00
N GLU O 147 23.65 11.52 53.42
CA GLU O 147 23.54 12.05 52.07
C GLU O 147 23.75 10.95 51.03
N ARG O 148 24.49 9.91 51.40
CA ARG O 148 24.77 8.82 50.48
C ARG O 148 23.46 8.23 49.95
N GLU O 149 22.50 8.03 50.86
CA GLU O 149 21.21 7.45 50.49
C GLU O 149 20.42 8.40 49.59
N VAL O 150 20.49 9.70 49.90
CA VAL O 150 19.76 10.73 49.16
C VAL O 150 20.25 10.73 47.72
N ILE O 151 21.59 10.72 47.55
CA ILE O 151 22.18 10.83 46.24
C ILE O 151 21.91 9.55 45.44
N THR O 152 21.94 8.41 46.15
CA THR O 152 21.65 7.11 45.55
C THR O 152 20.24 7.09 44.99
N ARG O 153 19.27 7.64 45.73
CA ARG O 153 17.89 7.75 45.28
C ARG O 153 17.81 8.61 44.02
N GLU O 154 18.54 9.73 43.97
CA GLU O 154 18.49 10.67 42.86
C GLU O 154 19.03 10.04 41.57
N LEU O 155 20.00 9.12 41.72
CA LEU O 155 20.55 8.37 40.60
C LEU O 155 19.50 7.54 39.88
N GLU O 156 18.57 6.95 40.63
CA GLU O 156 17.48 6.19 40.02
C GLU O 156 16.19 7.01 39.95
N GLU O 157 16.31 8.34 39.83
CA GLU O 157 15.17 9.23 39.69
C GLU O 157 15.39 10.24 38.56
N VAL O 158 16.63 10.30 38.03
CA VAL O 158 16.96 11.20 36.95
C VAL O 158 16.31 10.71 35.66
N ASN O 159 15.98 9.41 35.62
CA ASN O 159 15.35 8.75 34.48
C ASN O 159 14.11 9.52 34.02
N LYS O 160 13.36 10.07 35.00
CA LYS O 160 12.12 10.79 34.72
C LYS O 160 12.37 12.01 33.82
N GLN O 161 13.43 12.78 34.12
CA GLN O 161 13.76 13.99 33.38
C GLN O 161 14.40 13.60 32.05
N TYR O 162 13.57 13.48 31.01
CA TYR O 162 14.00 12.90 29.76
C TYR O 162 15.07 13.76 29.10
N GLU O 163 14.88 15.08 29.13
CA GLU O 163 15.83 15.98 28.51
C GLU O 163 17.21 15.82 29.15
N GLU O 164 17.26 15.76 30.48
CA GLU O 164 18.53 15.55 31.17
C GLU O 164 19.16 14.21 30.78
N VAL O 165 18.35 13.15 30.69
CA VAL O 165 18.87 11.85 30.30
C VAL O 165 19.53 11.96 28.93
N VAL O 166 18.83 12.59 27.99
CA VAL O 166 19.32 12.73 26.64
C VAL O 166 20.64 13.50 26.62
N PHE O 167 20.70 14.62 27.35
CA PHE O 167 21.91 15.42 27.29
C PHE O 167 23.07 14.78 28.05
N ASP O 168 22.79 14.03 29.12
CA ASP O 168 23.89 13.33 29.78
C ASP O 168 24.45 12.25 28.87
N HIS O 169 23.59 11.54 28.14
CA HIS O 169 24.11 10.52 27.23
C HIS O 169 24.85 11.20 26.08
N LEU O 170 24.38 12.37 25.65
CA LEU O 170 25.03 13.07 24.56
C LEU O 170 26.47 13.42 24.92
N HIS O 171 26.72 13.94 26.12
CA HIS O 171 28.07 14.26 26.53
C HIS O 171 28.89 12.99 26.66
N ALA O 172 28.27 11.95 27.22
CA ALA O 172 28.98 10.70 27.47
C ALA O 172 29.51 10.13 26.16
N THR O 173 28.73 10.26 25.08
CA THR O 173 29.11 9.64 23.81
C THR O 173 30.02 10.58 23.01
N ALA O 174 29.67 11.86 22.94
CA ALA O 174 30.48 12.83 22.23
C ALA O 174 31.88 12.88 22.82
N PHE O 175 32.04 12.85 24.14
CA PHE O 175 33.38 12.96 24.72
C PHE O 175 33.69 11.63 25.38
N MET O 176 33.65 10.57 24.58
CA MET O 176 33.77 9.21 25.07
C MET O 176 35.06 9.07 25.88
N ASN O 177 34.93 8.58 27.13
CA ASN O 177 36.03 8.32 28.04
C ASN O 177 36.89 9.55 28.29
N GLN O 178 36.26 10.73 28.32
CA GLN O 178 36.96 11.97 28.62
C GLN O 178 36.26 12.63 29.81
N PRO O 179 36.93 13.57 30.54
CA PRO O 179 36.28 14.25 31.67
C PRO O 179 34.96 14.96 31.36
N LEU O 180 34.82 15.57 30.16
CA LEU O 180 33.55 16.18 29.76
C LEU O 180 32.47 15.14 29.47
N GLY O 181 32.85 13.86 29.39
CA GLY O 181 31.86 12.84 29.11
C GLY O 181 31.31 12.21 30.38
N ARG O 182 31.77 12.66 31.55
CA ARG O 182 31.33 12.07 32.81
C ARG O 182 30.10 12.83 33.30
N THR O 183 29.26 12.12 34.04
CA THR O 183 28.05 12.68 34.63
C THR O 183 28.47 13.47 35.87
N ILE O 184 27.67 14.48 36.24
CA ILE O 184 27.89 15.27 37.45
C ILE O 184 27.67 14.43 38.72
N LEU O 185 26.59 13.63 38.76
CA LEU O 185 26.25 12.81 39.92
C LEU O 185 27.34 11.77 40.17
N GLY O 186 27.92 11.25 39.09
CA GLY O 186 28.94 10.24 39.22
C GLY O 186 28.36 8.84 39.29
N PRO O 187 29.22 7.80 39.19
CA PRO O 187 28.76 6.42 39.28
C PRO O 187 28.39 6.01 40.71
N ARG O 188 27.47 5.04 40.84
CA ARG O 188 27.03 4.45 42.10
C ARG O 188 28.22 4.00 42.97
N GLU O 189 29.24 3.46 42.31
CA GLU O 189 30.40 2.92 43.01
C GLU O 189 31.15 4.01 43.78
N ASN O 190 31.24 5.21 43.18
CA ASN O 190 32.01 6.31 43.74
C ASN O 190 31.19 6.91 44.89
N ILE O 191 29.88 6.93 44.69
CA ILE O 191 29.00 7.48 45.70
C ILE O 191 29.15 6.70 47.01
N GLN O 192 29.37 5.39 46.93
CA GLN O 192 29.53 4.58 48.12
C GLN O 192 30.93 4.71 48.73
N THR O 193 31.88 5.31 48.01
CA THR O 193 33.26 5.33 48.49
C THR O 193 33.80 6.74 48.68
N ILE O 194 32.98 7.79 48.52
CA ILE O 194 33.52 9.14 48.66
C ILE O 194 33.70 9.43 50.15
N THR O 195 34.91 9.79 50.59
CA THR O 195 35.18 10.06 52.00
C THR O 195 35.35 11.56 52.25
N ASN O 196 35.38 11.97 53.54
CA ASN O 196 35.59 13.35 53.90
C ASN O 196 36.96 13.83 53.41
N THR O 197 37.91 12.90 53.25
CA THR O 197 39.26 13.24 52.84
C THR O 197 39.23 13.71 51.39
N GLU O 198 38.55 12.94 50.55
CA GLU O 198 38.43 13.24 49.13
C GLU O 198 37.67 14.54 48.93
N LEU O 199 36.63 14.73 49.74
CA LEU O 199 35.84 15.94 49.69
C LEU O 199 36.68 17.17 50.00
N ARG O 200 37.51 17.06 51.06
CA ARG O 200 38.30 18.15 51.57
C ARG O 200 39.37 18.46 50.52
N LYS O 201 39.93 17.40 49.93
CA LYS O 201 41.01 17.58 48.97
C LYS O 201 40.46 18.31 47.74
N PHE O 202 39.22 17.98 47.35
CA PHE O 202 38.67 18.51 46.12
C PHE O 202 38.50 20.01 46.28
N ILE O 203 37.90 20.41 47.40
CA ILE O 203 37.56 21.81 47.59
C ILE O 203 38.78 22.63 47.99
N THR O 204 39.86 21.97 48.39
CA THR O 204 41.06 22.70 48.77
C THR O 204 41.87 22.99 47.51
N GLU O 205 41.83 22.07 46.57
CA GLU O 205 42.56 22.20 45.32
C GLU O 205 41.84 23.16 44.38
N ASN O 206 40.50 23.18 44.42
CA ASN O 206 39.75 23.79 43.34
C ASN O 206 39.12 25.11 43.74
N TYR O 207 38.61 25.21 44.98
CA TYR O 207 37.96 26.43 45.46
C TYR O 207 39.01 27.41 45.98
N THR O 208 39.84 27.89 45.07
CA THR O 208 40.86 28.87 45.41
C THR O 208 40.42 30.25 44.93
N ALA O 209 41.04 31.26 45.51
CA ALA O 209 40.57 32.63 45.39
C ALA O 209 40.70 33.10 43.95
N ASP O 210 41.72 32.59 43.24
CA ASP O 210 41.95 33.05 41.88
C ASP O 210 40.96 32.37 40.93
N ARG O 211 40.13 31.47 41.46
CA ARG O 211 39.18 30.78 40.61
C ARG O 211 37.76 31.19 40.94
N MET O 212 37.62 32.15 41.87
CA MET O 212 36.35 32.51 42.45
C MET O 212 36.01 33.96 42.14
N VAL O 213 34.74 34.22 41.92
CA VAL O 213 34.28 35.58 41.69
C VAL O 213 33.12 35.80 42.64
N LEU O 214 33.20 36.82 43.49
CA LEU O 214 32.06 37.24 44.29
C LEU O 214 31.24 38.26 43.49
N VAL O 215 29.97 37.92 43.25
CA VAL O 215 29.19 38.67 42.30
C VAL O 215 28.00 39.26 43.05
N GLY O 216 27.69 40.53 42.83
CA GLY O 216 26.49 41.17 43.34
C GLY O 216 25.68 41.81 42.22
N ALA O 217 24.37 41.58 42.23
CA ALA O 217 23.49 42.26 41.30
C ALA O 217 22.26 42.72 42.06
N GLY O 218 21.74 43.90 41.69
CA GLY O 218 20.52 44.46 42.25
C GLY O 218 20.89 45.57 43.22
N ALA O 219 20.32 45.52 44.41
CA ALA O 219 20.49 46.54 45.41
C ALA O 219 21.77 46.30 46.23
N VAL O 220 22.92 46.46 45.58
CA VAL O 220 24.20 46.25 46.25
C VAL O 220 25.03 47.49 45.99
N ASP O 221 25.80 47.92 46.99
CA ASP O 221 26.83 48.90 46.72
C ASP O 221 28.12 48.13 46.49
N HIS O 222 28.86 48.49 45.44
CA HIS O 222 30.10 47.79 45.13
C HIS O 222 31.09 47.93 46.29
N ASP O 223 31.17 49.13 46.87
CA ASP O 223 32.20 49.42 47.85
C ASP O 223 31.92 48.66 49.13
N ALA O 224 30.62 48.45 49.41
CA ALA O 224 30.15 47.68 50.56
C ALA O 224 30.46 46.19 50.36
N LEU O 225 30.30 45.71 49.13
CA LEU O 225 30.54 44.31 48.77
C LEU O 225 32.03 43.99 48.85
N VAL O 226 32.88 44.95 48.49
CA VAL O 226 34.32 44.73 48.53
C VAL O 226 34.81 44.66 49.97
N GLU O 227 34.15 45.43 50.86
CA GLU O 227 34.48 45.44 52.27
C GLU O 227 34.10 44.11 52.90
N LEU O 228 32.93 43.58 52.52
CA LEU O 228 32.44 42.31 53.00
C LEU O 228 33.33 41.16 52.52
N ALA O 229 33.93 41.34 51.35
CA ALA O 229 34.81 40.33 50.78
C ALA O 229 36.13 40.30 51.53
N GLU O 230 36.57 41.49 51.96
CA GLU O 230 37.81 41.65 52.70
C GLU O 230 37.65 41.08 54.11
N LYS O 231 36.39 41.02 54.57
CA LYS O 231 36.07 40.61 55.91
C LYS O 231 35.91 39.09 55.99
N TYR O 232 35.46 38.48 54.90
CA TYR O 232 35.02 37.09 54.97
C TYR O 232 35.86 36.20 54.07
N PHE O 233 36.30 36.73 52.93
CA PHE O 233 36.99 35.88 51.99
C PHE O 233 38.46 36.22 51.90
N SER O 234 39.04 36.82 52.94
CA SER O 234 40.43 37.25 52.81
C SER O 234 41.40 36.09 53.04
N HIS O 235 41.02 35.13 53.91
CA HIS O 235 41.85 33.98 54.19
C HIS O 235 41.47 32.82 53.28
N LEU O 236 41.33 33.07 51.97
CA LEU O 236 41.13 31.99 51.01
C LEU O 236 42.49 31.63 50.43
N PRO O 237 42.81 30.35 50.22
CA PRO O 237 44.09 29.98 49.61
C PRO O 237 44.16 30.48 48.17
N SER O 238 45.36 30.89 47.75
CA SER O 238 45.62 31.07 46.34
C SER O 238 46.23 29.79 45.76
N SER O 239 45.92 29.48 44.49
CA SER O 239 46.52 28.34 43.82
C SER O 239 48.00 28.59 43.54
N GLN O 240 48.76 27.51 43.36
CA GLN O 240 50.21 27.55 43.18
C GLN O 240 50.55 28.24 41.86
N SER O 241 49.81 27.89 40.80
CA SER O 241 49.98 28.43 39.47
C SER O 241 48.70 29.15 39.03
N PRO O 242 48.55 30.46 39.36
CA PRO O 242 47.36 31.22 38.98
C PRO O 242 47.31 31.50 37.48
N VAL O 243 46.52 30.70 36.77
CA VAL O 243 46.17 30.96 35.38
C VAL O 243 44.99 31.93 35.34
N PRO O 244 44.73 32.63 34.20
CA PRO O 244 43.57 33.53 34.09
C PRO O 244 42.24 32.76 34.18
N LEU O 245 41.18 33.47 34.56
CA LEU O 245 39.85 32.87 34.63
C LEU O 245 39.42 32.41 33.23
N GLY O 246 38.86 31.19 33.20
CA GLY O 246 38.31 30.61 31.97
C GLY O 246 39.38 29.92 31.13
N THR O 247 40.47 29.50 31.76
CA THR O 247 41.52 28.75 31.10
C THR O 247 41.17 27.26 31.15
N PRO O 248 41.27 26.54 30.01
CA PRO O 248 40.96 25.10 29.97
C PRO O 248 41.57 24.31 31.13
N ILE O 260 42.88 17.50 25.79
CA ILE O 260 42.24 18.25 24.66
C ILE O 260 41.08 17.42 24.12
N PRO O 261 39.83 17.92 24.15
CA PRO O 261 38.66 17.12 23.76
C PRO O 261 38.75 16.66 22.31
N ASN O 262 38.44 15.39 22.12
CA ASN O 262 38.52 14.77 20.82
C ASN O 262 37.14 14.17 20.62
N PHE O 263 36.28 14.86 19.88
CA PHE O 263 34.89 14.49 19.69
C PHE O 263 34.76 13.12 19.04
N VAL O 264 33.76 12.31 19.41
CA VAL O 264 33.56 11.02 18.76
C VAL O 264 32.20 11.00 18.10
N GLY O 265 32.18 10.82 16.77
CA GLY O 265 30.92 10.59 16.10
C GLY O 265 30.35 9.23 16.51
N SER O 266 29.11 9.20 17.00
CA SER O 266 28.67 8.00 17.69
C SER O 266 27.19 8.12 17.99
N GLU O 267 26.59 7.03 18.46
CA GLU O 267 25.18 7.10 18.80
C GLU O 267 24.91 6.27 20.04
N VAL O 268 23.87 6.69 20.76
CA VAL O 268 23.32 5.93 21.87
C VAL O 268 21.84 5.82 21.57
N ARG O 269 21.33 4.59 21.58
CA ARG O 269 19.91 4.41 21.36
C ARG O 269 19.34 3.81 22.64
N LEU O 270 18.31 4.45 23.20
CA LEU O 270 17.70 3.97 24.42
C LEU O 270 16.24 3.71 24.09
N ARG O 271 16.02 2.67 23.32
CA ARG O 271 14.68 2.47 22.83
C ARG O 271 13.74 2.07 23.97
N ASP O 272 12.55 2.66 24.00
CA ASP O 272 11.56 2.30 25.00
C ASP O 272 10.19 2.44 24.34
N ASP O 273 9.64 1.33 23.90
CA ASP O 273 8.39 1.35 23.14
C ASP O 273 7.20 1.80 24.01
N THR O 274 7.34 1.74 25.33
CA THR O 274 6.24 2.12 26.20
C THR O 274 6.13 3.64 26.34
N MET O 275 7.18 4.40 26.02
CA MET O 275 7.10 5.87 26.06
C MET O 275 6.33 6.33 24.84
N PRO O 276 5.39 7.29 24.98
CA PRO O 276 4.74 7.90 23.82
C PRO O 276 5.55 8.95 23.04
N VAL O 277 6.55 9.58 23.68
CA VAL O 277 7.26 10.67 23.02
C VAL O 277 8.70 10.24 22.80
N ALA O 278 9.21 10.39 21.56
CA ALA O 278 10.61 10.16 21.28
C ALA O 278 11.40 11.43 21.60
N HIS O 279 12.59 11.30 22.21
CA HIS O 279 13.46 12.44 22.46
C HIS O 279 14.77 12.18 21.73
N ILE O 280 15.19 13.11 20.88
CA ILE O 280 16.35 12.86 20.02
C ILE O 280 17.24 14.08 20.10
N ALA O 281 18.54 13.89 20.35
CA ALA O 281 19.43 15.02 20.22
C ALA O 281 20.48 14.68 19.17
N ILE O 282 20.89 15.68 18.39
CA ILE O 282 21.91 15.50 17.37
C ILE O 282 22.87 16.66 17.53
N ALA O 283 24.17 16.38 17.62
CA ALA O 283 25.08 17.50 17.82
C ALA O 283 26.36 17.24 17.03
N VAL O 284 27.07 18.32 16.70
CA VAL O 284 28.43 18.22 16.23
C VAL O 284 29.30 18.92 17.24
N GLU O 285 30.61 18.76 17.11
CA GLU O 285 31.49 19.55 17.95
C GLU O 285 31.27 21.04 17.65
N GLY O 286 31.03 21.85 18.70
CA GLY O 286 30.77 23.27 18.50
C GLY O 286 31.97 24.10 18.93
N VAL O 287 31.72 25.23 19.60
CA VAL O 287 32.74 26.25 19.77
C VAL O 287 32.90 26.52 21.26
N SER O 288 34.10 26.92 21.65
CA SER O 288 34.36 27.30 23.04
C SER O 288 33.95 28.76 23.27
N TRP O 289 33.98 29.18 24.54
CA TRP O 289 33.59 30.53 24.91
C TRP O 289 34.43 31.56 24.18
N THR O 290 35.71 31.27 23.97
CA THR O 290 36.54 32.33 23.43
C THR O 290 36.87 32.08 21.97
N SER O 291 36.24 31.09 21.35
CA SER O 291 36.37 30.92 19.90
C SER O 291 36.12 32.23 19.17
N GLU O 292 36.79 32.38 18.03
CA GLU O 292 36.48 33.49 17.13
C GLU O 292 35.18 33.24 16.38
N ASP O 293 34.65 32.02 16.46
CA ASP O 293 33.40 31.76 15.77
C ASP O 293 32.23 31.73 16.73
N TYR O 294 32.46 32.17 17.97
CA TYR O 294 31.42 32.12 18.99
C TYR O 294 30.12 32.76 18.53
N TYR O 295 30.18 33.97 17.96
CA TYR O 295 28.96 34.65 17.58
C TYR O 295 28.43 34.10 16.26
N THR O 296 29.33 33.66 15.40
CA THR O 296 28.87 33.07 14.17
C THR O 296 28.07 31.81 14.47
N ALA O 297 28.52 31.01 15.46
CA ALA O 297 27.77 29.81 15.80
C ALA O 297 26.41 30.16 16.39
N LEU O 298 26.31 31.26 17.18
CA LEU O 298 25.02 31.67 17.75
C LEU O 298 24.08 32.15 16.65
N VAL O 299 24.60 32.89 15.68
CA VAL O 299 23.75 33.29 14.57
C VAL O 299 23.26 32.06 13.81
N ALA O 300 24.13 31.09 13.55
CA ALA O 300 23.70 29.93 12.79
C ALA O 300 22.60 29.19 13.56
N GLN O 301 22.76 29.13 14.88
CA GLN O 301 21.81 28.46 15.75
C GLN O 301 20.47 29.17 15.70
N ALA O 302 20.47 30.51 15.64
CA ALA O 302 19.25 31.29 15.58
C ALA O 302 18.51 31.16 14.24
N ILE O 303 19.22 30.90 13.14
CA ILE O 303 18.57 30.67 11.87
C ILE O 303 17.69 29.42 11.94
N ILE O 304 18.11 28.38 12.66
CA ILE O 304 17.26 27.22 12.77
C ILE O 304 16.20 27.50 13.85
N GLY O 305 16.64 27.94 15.03
CA GLY O 305 15.75 28.42 16.06
C GLY O 305 15.04 27.30 16.81
N ASN O 306 13.95 27.66 17.51
CA ASN O 306 13.21 26.76 18.38
C ASN O 306 11.77 26.66 17.91
N TYR O 307 11.08 25.64 18.38
CA TYR O 307 9.71 25.52 17.99
C TYR O 307 8.99 24.80 19.10
N ASP O 308 7.73 25.15 19.36
CA ASP O 308 6.94 24.44 20.35
C ASP O 308 5.48 24.54 19.94
N ARG O 309 4.82 23.40 19.72
CA ARG O 309 3.45 23.42 19.23
C ARG O 309 2.51 24.07 20.25
N ALA O 310 2.90 24.12 21.53
CA ALA O 310 2.03 24.67 22.56
C ALA O 310 2.06 26.20 22.57
N VAL O 311 3.04 26.81 21.94
CA VAL O 311 3.07 28.25 21.93
C VAL O 311 2.31 28.70 20.69
N GLY O 312 1.42 29.69 20.83
CA GLY O 312 0.55 30.13 19.75
C GLY O 312 1.31 30.72 18.57
N THR O 313 2.37 31.49 18.86
CA THR O 313 3.12 32.16 17.79
C THR O 313 3.98 31.20 16.98
N SER O 314 4.24 29.96 17.44
CA SER O 314 5.29 29.15 16.81
C SER O 314 4.94 28.73 15.38
N ARG O 315 3.64 28.63 15.07
CA ARG O 315 3.28 28.27 13.72
C ARG O 315 3.59 29.41 12.73
N HIS O 316 3.89 30.61 13.23
CA HIS O 316 4.13 31.71 12.29
C HIS O 316 5.59 32.11 12.18
N GLN O 317 6.51 31.33 12.75
CA GLN O 317 7.91 31.73 12.82
C GLN O 317 8.53 31.70 11.43
N GLY O 318 9.57 32.53 11.25
CA GLY O 318 10.26 32.68 9.97
C GLY O 318 11.13 31.50 9.56
N SER O 319 11.68 30.78 10.55
CA SER O 319 12.55 29.64 10.37
C SER O 319 11.92 28.63 9.40
N ARG O 320 12.70 28.22 8.40
CA ARG O 320 12.26 27.20 7.47
C ARG O 320 11.92 25.87 8.17
N LEU O 321 12.76 25.43 9.10
CA LEU O 321 12.50 24.15 9.75
C LEU O 321 11.20 24.23 10.53
N SER O 322 10.97 25.37 11.18
CA SER O 322 9.76 25.56 11.96
C SER O 322 8.54 25.39 11.04
N ASN O 323 8.58 25.99 9.85
CA ASN O 323 7.47 25.88 8.92
C ASN O 323 7.25 24.43 8.48
N ILE O 324 8.32 23.72 8.13
CA ILE O 324 8.20 22.33 7.70
C ILE O 324 7.58 21.49 8.82
N VAL O 325 8.07 21.70 10.04
CA VAL O 325 7.69 20.87 11.17
C VAL O 325 6.24 21.15 11.54
N SER O 326 5.85 22.42 11.61
CA SER O 326 4.48 22.73 12.00
C SER O 326 3.49 22.30 10.93
N GLU O 327 3.77 22.56 9.65
CA GLU O 327 2.83 22.18 8.60
C GLU O 327 2.59 20.67 8.52
N ASN O 328 3.61 19.88 8.84
CA ASN O 328 3.51 18.45 8.65
C ASN O 328 3.32 17.73 9.99
N ASN O 329 3.19 18.48 11.09
CA ASN O 329 3.06 17.87 12.41
C ASN O 329 4.20 16.90 12.72
N LEU O 330 5.44 17.32 12.47
CA LEU O 330 6.47 16.33 12.61
C LEU O 330 6.95 16.24 14.06
N ALA O 331 6.67 17.23 14.90
CA ALA O 331 7.30 17.21 16.21
C ALA O 331 6.42 17.97 17.18
N ASN O 332 6.61 17.73 18.48
CA ASN O 332 5.98 18.56 19.50
C ASN O 332 6.84 19.79 19.72
N SER O 333 8.16 19.63 19.58
CA SER O 333 9.06 20.74 19.84
C SER O 333 10.45 20.45 19.26
N PHE O 334 11.21 21.52 19.06
CA PHE O 334 12.63 21.37 18.88
C PHE O 334 13.32 22.58 19.46
N GLN O 335 14.57 22.42 19.90
CA GLN O 335 15.32 23.50 20.49
C GLN O 335 16.74 23.43 19.97
N SER O 336 17.20 24.47 19.28
CA SER O 336 18.57 24.49 18.82
C SER O 336 19.46 24.89 19.98
N PHE O 337 20.67 24.37 20.06
CA PHE O 337 21.51 24.79 21.15
C PHE O 337 22.93 24.97 20.63
N SER O 338 23.69 25.83 21.31
CA SER O 338 25.11 25.94 21.07
C SER O 338 25.78 26.05 22.42
N THR O 339 26.09 24.91 23.04
CA THR O 339 26.68 24.84 24.36
C THR O 339 28.19 25.01 24.27
N SER O 340 28.78 25.83 25.14
CA SER O 340 30.21 26.12 25.06
C SER O 340 30.91 25.66 26.32
N TYR O 341 32.17 25.27 26.17
CA TYR O 341 33.03 24.99 27.31
C TYR O 341 34.29 25.78 27.08
N SER O 342 35.31 25.58 27.93
CA SER O 342 36.52 26.36 27.86
C SER O 342 37.30 25.99 26.60
N ASP O 343 37.23 24.72 26.19
CA ASP O 343 38.06 24.30 25.06
C ASP O 343 37.29 23.56 23.97
N THR O 344 35.96 23.53 24.05
CA THR O 344 35.18 22.78 23.07
C THR O 344 33.73 23.22 23.21
N GLY O 345 32.81 22.55 22.52
CA GLY O 345 31.40 22.84 22.73
C GLY O 345 30.56 21.80 21.99
N LEU O 346 29.23 21.87 22.09
CA LEU O 346 28.40 21.01 21.28
C LEU O 346 27.37 21.90 20.62
N TRP O 347 27.15 21.76 19.31
CA TRP O 347 26.17 22.59 18.64
C TRP O 347 25.17 21.62 18.03
N GLY O 348 23.86 21.80 18.27
CA GLY O 348 22.97 20.84 17.64
C GLY O 348 21.52 21.16 17.92
N ILE O 349 20.69 20.12 17.98
CA ILE O 349 19.26 20.34 18.14
C ILE O 349 18.69 19.24 19.03
N TYR O 350 17.63 19.57 19.75
CA TYR O 350 16.98 18.57 20.57
C TYR O 350 15.51 18.52 20.15
N LEU O 351 15.01 17.36 19.71
CA LEU O 351 13.66 17.25 19.18
C LEU O 351 12.79 16.36 20.08
N THR O 352 11.50 16.69 20.19
CA THR O 352 10.59 15.76 20.83
C THR O 352 9.43 15.52 19.87
N SER O 353 8.98 14.27 19.74
CA SER O 353 7.96 13.98 18.74
C SER O 353 7.11 12.80 19.17
N GLU O 354 5.81 12.86 18.87
CA GLU O 354 4.92 11.72 19.05
C GLU O 354 4.68 11.04 17.71
N ASN O 355 5.20 11.62 16.63
CA ASN O 355 4.92 11.10 15.31
C ASN O 355 5.96 10.02 15.02
N THR O 356 5.65 8.80 15.45
CA THR O 356 6.69 7.78 15.49
C THR O 356 6.96 7.21 14.10
N THR O 357 6.02 7.35 13.17
CA THR O 357 6.22 6.84 11.82
C THR O 357 6.89 7.88 10.93
N GLN O 358 7.02 9.13 11.40
CA GLN O 358 7.66 10.13 10.57
C GLN O 358 8.89 10.71 11.24
N ILE O 359 9.51 9.93 12.12
CA ILE O 359 10.73 10.38 12.76
C ILE O 359 11.79 10.58 11.68
N ASP O 360 11.82 9.67 10.69
CA ASP O 360 12.72 9.77 9.56
C ASP O 360 12.57 11.13 8.84
N ASP O 361 11.34 11.57 8.60
CA ASP O 361 11.08 12.85 7.97
C ASP O 361 11.60 13.99 8.84
N LEU O 362 11.28 13.95 10.14
CA LEU O 362 11.71 15.00 11.02
C LEU O 362 13.24 15.17 10.96
N VAL O 363 13.97 14.07 11.08
CA VAL O 363 15.43 14.13 11.11
C VAL O 363 15.95 14.55 9.74
N HIS O 364 15.37 13.97 8.70
CA HIS O 364 15.72 14.31 7.33
C HIS O 364 15.62 15.82 7.11
N PHE O 365 14.46 16.42 7.40
CA PHE O 365 14.30 17.85 7.15
C PHE O 365 15.17 18.71 8.06
N THR O 366 15.42 18.25 9.27
CA THR O 366 16.29 19.01 10.16
C THR O 366 17.69 19.10 9.55
N LEU O 367 18.23 17.97 9.11
CA LEU O 367 19.59 17.98 8.58
C LEU O 367 19.67 18.67 7.22
N LYS O 368 18.56 18.67 6.46
CA LYS O 368 18.53 19.44 5.23
C LYS O 368 18.56 20.95 5.46
N GLU O 369 17.96 21.42 6.57
CA GLU O 369 18.10 22.81 6.98
C GLU O 369 19.52 23.13 7.45
N TRP O 370 20.18 22.18 8.13
CA TRP O 370 21.58 22.41 8.47
C TRP O 370 22.44 22.51 7.21
N ASN O 371 22.13 21.70 6.19
CA ASN O 371 22.88 21.73 4.94
C ASN O 371 22.79 23.11 4.31
N ARG O 372 21.62 23.75 4.39
CA ARG O 372 21.43 25.09 3.83
C ARG O 372 22.27 26.16 4.51
N LEU O 373 22.74 25.90 5.73
CA LEU O 373 23.61 26.87 6.37
C LEU O 373 24.93 26.97 5.62
N SER O 374 25.28 25.90 4.88
CA SER O 374 26.53 25.83 4.14
C SER O 374 26.30 26.15 2.67
N THR O 375 25.10 25.91 2.16
CA THR O 375 24.90 25.98 0.71
C THR O 375 24.07 27.18 0.28
N SER O 376 23.13 27.66 1.12
CA SER O 376 22.09 28.56 0.62
C SER O 376 21.92 29.84 1.44
N VAL O 377 22.42 29.90 2.67
CA VAL O 377 22.05 31.05 3.49
C VAL O 377 22.59 32.33 2.85
N SER O 378 21.76 33.37 2.91
CA SER O 378 22.09 34.62 2.28
C SER O 378 21.97 35.70 3.34
N ASN O 379 22.12 36.95 2.90
CA ASN O 379 21.98 38.11 3.77
C ASN O 379 20.62 38.10 4.48
N LEU O 380 19.59 37.60 3.78
CA LEU O 380 18.24 37.59 4.33
C LEU O 380 18.16 36.90 5.69
N GLN O 381 18.49 35.59 5.71
CA GLN O 381 18.41 34.76 6.92
C GLN O 381 19.36 35.32 7.98
N VAL O 382 20.57 35.71 7.57
CA VAL O 382 21.58 36.16 8.52
C VAL O 382 21.14 37.44 9.22
N GLU O 383 20.64 38.42 8.46
CA GLU O 383 20.26 39.70 9.04
C GLU O 383 19.06 39.54 9.96
N ARG O 384 18.15 38.65 9.58
CA ARG O 384 16.99 38.36 10.42
C ARG O 384 17.43 37.78 11.76
N ALA O 385 18.38 36.84 11.74
CA ALA O 385 18.80 36.15 12.95
C ALA O 385 19.57 37.10 13.85
N LYS O 386 20.39 37.96 13.25
CA LYS O 386 21.14 38.96 13.99
C LYS O 386 20.20 39.93 14.70
N SER O 387 19.14 40.36 14.00
CA SER O 387 18.13 41.25 14.56
C SER O 387 17.49 40.65 15.80
N GLN O 388 17.17 39.36 15.74
CA GLN O 388 16.55 38.62 16.83
C GLN O 388 17.52 38.49 18.00
N LEU O 389 18.82 38.28 17.71
CA LEU O 389 19.81 38.00 18.75
C LEU O 389 20.19 39.28 19.49
N LYS O 390 20.25 40.39 18.75
CA LYS O 390 20.59 41.69 19.31
C LYS O 390 19.72 41.96 20.53
N ALA O 391 18.42 41.68 20.41
CA ALA O 391 17.48 41.82 21.51
C ALA O 391 17.63 40.66 22.49
N GLY O 392 17.59 39.41 22.00
CA GLY O 392 17.59 38.22 22.84
C GLY O 392 18.72 38.21 23.87
N LEU O 393 19.91 38.67 23.49
CA LEU O 393 21.07 38.63 24.36
C LEU O 393 20.93 39.59 25.54
N LEU O 394 20.17 40.67 25.36
CA LEU O 394 19.89 41.63 26.42
C LEU O 394 18.63 41.20 27.18
N LEU O 395 17.66 40.61 26.46
CA LEU O 395 16.36 40.22 26.98
C LEU O 395 16.50 39.17 28.08
N SER O 396 17.44 38.23 27.86
CA SER O 396 17.76 37.17 28.81
C SER O 396 17.97 37.71 30.23
N LEU O 397 18.54 38.91 30.37
CA LEU O 397 18.88 39.45 31.68
C LEU O 397 17.68 40.18 32.28
N ASP O 398 16.76 39.40 32.87
CA ASP O 398 15.52 39.94 33.43
C ASP O 398 15.77 40.42 34.86
N GLY O 399 15.61 39.50 35.83
CA GLY O 399 15.68 39.83 37.25
C GLY O 399 17.12 39.86 37.75
N THR O 400 17.26 40.07 39.07
CA THR O 400 18.56 40.24 39.69
C THR O 400 19.37 38.95 39.61
N THR O 401 18.69 37.80 39.74
CA THR O 401 19.35 36.52 39.62
C THR O 401 19.90 36.33 38.20
N TYR O 402 19.12 36.72 37.19
CA TYR O 402 19.54 36.60 35.80
C TYR O 402 20.76 37.46 35.54
N VAL O 403 20.77 38.66 36.12
CA VAL O 403 21.90 39.56 35.92
C VAL O 403 23.13 38.98 36.62
N ALA O 404 22.95 38.49 37.86
CA ALA O 404 24.06 37.93 38.61
C ALA O 404 24.63 36.72 37.87
N GLU O 405 23.76 35.88 37.29
CA GLU O 405 24.20 34.73 36.56
C GLU O 405 25.03 35.18 35.36
N ASP O 406 24.60 36.24 34.67
CA ASP O 406 25.35 36.74 33.52
C ASP O 406 26.73 37.23 33.95
N ILE O 407 26.78 38.10 34.97
CA ILE O 407 28.06 38.61 35.43
C ILE O 407 28.97 37.44 35.79
N GLY O 408 28.45 36.51 36.61
CA GLY O 408 29.24 35.39 37.08
C GLY O 408 29.76 34.50 35.96
N ARG O 409 28.86 34.12 35.05
CA ARG O 409 29.22 33.31 33.90
C ARG O 409 30.31 34.01 33.08
N GLN O 410 30.11 35.26 32.71
CA GLN O 410 31.07 35.97 31.87
C GLN O 410 32.41 36.12 32.60
N LEU O 411 32.39 36.32 33.92
CA LEU O 411 33.63 36.54 34.63
C LEU O 411 34.41 35.24 34.74
N THR O 412 33.70 34.11 34.84
CA THR O 412 34.38 32.84 35.05
C THR O 412 34.77 32.17 33.73
N THR O 413 34.15 32.57 32.61
CA THR O 413 34.42 31.95 31.32
C THR O 413 35.25 32.86 30.42
N LEU O 414 35.10 34.18 30.53
CA LEU O 414 35.80 35.11 29.65
C LEU O 414 36.81 35.95 30.41
N GLY O 415 36.65 36.01 31.74
CA GLY O 415 37.54 36.83 32.55
C GLY O 415 37.09 38.29 32.64
N ARG O 416 35.93 38.62 32.03
CA ARG O 416 35.45 40.00 32.03
C ARG O 416 33.96 40.04 31.68
N ARG O 417 33.25 41.10 32.10
CA ARG O 417 31.87 41.30 31.68
C ARG O 417 31.94 42.06 30.35
N VAL O 418 31.45 41.46 29.27
CA VAL O 418 31.48 42.13 27.98
C VAL O 418 30.30 43.10 27.92
N THR O 419 30.59 44.36 27.62
CA THR O 419 29.59 45.42 27.54
C THR O 419 28.63 45.13 26.39
N PRO O 420 27.33 45.49 26.49
CA PRO O 420 26.39 45.35 25.37
C PRO O 420 26.84 45.98 24.05
N ALA O 421 27.64 47.05 24.12
CA ALA O 421 28.16 47.70 22.94
C ALA O 421 29.14 46.80 22.19
N GLU O 422 30.00 46.09 22.94
CA GLU O 422 30.98 45.18 22.36
C GLU O 422 30.25 43.99 21.76
N VAL O 423 29.20 43.53 22.44
CA VAL O 423 28.43 42.40 21.96
C VAL O 423 27.68 42.79 20.70
N GLU O 424 27.21 44.04 20.63
CA GLU O 424 26.46 44.49 19.48
C GLU O 424 27.39 44.59 18.27
N ALA O 425 28.65 44.95 18.53
CA ALA O 425 29.65 45.07 17.49
C ALA O 425 30.09 43.70 16.96
N LYS O 426 30.28 42.72 17.87
CA LYS O 426 30.67 41.37 17.48
C LYS O 426 29.57 40.71 16.65
N LEU O 427 28.29 40.92 17.04
CA LEU O 427 27.18 40.40 16.25
C LEU O 427 27.10 41.06 14.89
N GLU O 428 27.31 42.38 14.83
CA GLU O 428 27.26 43.10 13.56
C GLU O 428 28.34 42.61 12.61
N ALA O 429 29.46 42.15 13.15
CA ALA O 429 30.53 41.68 12.29
C ALA O 429 30.23 40.31 11.68
N VAL O 430 29.17 39.61 12.11
CA VAL O 430 28.87 38.31 11.50
C VAL O 430 28.23 38.53 10.13
N THR O 431 28.85 38.04 9.05
CA THR O 431 28.30 38.17 7.72
C THR O 431 27.75 36.83 7.24
N GLU O 432 27.07 36.81 6.09
CA GLU O 432 26.59 35.58 5.49
C GLU O 432 27.78 34.73 5.08
N HIS O 433 28.87 35.39 4.72
CA HIS O 433 30.05 34.66 4.31
C HIS O 433 30.62 33.89 5.50
N ASP O 434 30.62 34.53 6.68
CA ASP O 434 31.09 33.92 7.92
C ASP O 434 30.23 32.72 8.28
N VAL O 435 28.90 32.84 8.16
CA VAL O 435 28.06 31.71 8.51
C VAL O 435 28.34 30.55 7.56
N ARG O 436 28.42 30.83 6.24
CA ARG O 436 28.63 29.76 5.29
C ARG O 436 29.99 29.13 5.52
N ALA O 437 31.01 29.95 5.78
CA ALA O 437 32.34 29.41 6.00
C ALA O 437 32.35 28.53 7.27
N TRP O 438 31.65 28.98 8.31
CA TRP O 438 31.64 28.26 9.57
C TRP O 438 30.92 26.93 9.37
N ALA O 439 29.77 26.95 8.68
CA ALA O 439 28.97 25.74 8.50
C ALA O 439 29.73 24.71 7.66
N GLN O 440 30.46 25.21 6.66
CA GLN O 440 31.19 24.32 5.77
C GLN O 440 32.33 23.63 6.49
N LYS O 441 32.86 24.21 7.56
CA LYS O 441 33.94 23.58 8.30
C LYS O 441 33.43 22.80 9.52
N THR O 442 32.21 23.07 9.98
CA THR O 442 31.76 22.57 11.28
C THR O 442 30.61 21.60 11.10
N LEU O 443 29.77 21.81 10.08
CA LEU O 443 28.60 20.97 9.94
C LEU O 443 28.71 20.06 8.73
N TYR O 444 29.15 20.64 7.62
CA TYR O 444 28.97 19.96 6.35
C TYR O 444 29.72 18.64 6.31
N ASP O 445 29.03 17.52 6.08
CA ASP O 445 29.72 16.24 5.95
C ASP O 445 30.51 15.89 7.23
N LYS O 446 30.02 16.23 8.42
CA LYS O 446 30.77 15.98 9.65
C LYS O 446 30.11 14.87 10.44
N ASP O 447 30.87 14.26 11.36
CA ASP O 447 30.37 13.23 12.25
C ASP O 447 29.43 13.87 13.26
N ILE O 448 28.37 13.15 13.63
CA ILE O 448 27.46 13.69 14.61
C ILE O 448 27.48 12.78 15.83
N ALA O 449 27.03 13.31 16.94
CA ALA O 449 26.70 12.48 18.08
C ALA O 449 25.18 12.47 18.14
N LEU O 450 24.62 11.31 18.35
CA LEU O 450 23.19 11.17 18.19
C LEU O 450 22.68 10.39 19.39
N VAL O 451 21.64 10.90 20.05
CA VAL O 451 21.07 10.14 21.14
C VAL O 451 19.58 10.04 20.87
N GLY O 452 19.03 8.84 20.92
CA GLY O 452 17.58 8.74 20.84
C GLY O 452 17.03 8.00 22.05
N LEU O 453 15.86 8.44 22.54
CA LEU O 453 15.24 7.82 23.70
C LEU O 453 13.76 7.69 23.43
N GLY O 454 13.18 6.52 23.70
CA GLY O 454 11.75 6.35 23.53
C GLY O 454 11.41 5.49 22.32
N PRO O 455 10.24 5.70 21.69
CA PRO O 455 9.83 4.88 20.54
C PRO O 455 10.57 5.29 19.27
N ILE O 456 11.82 4.82 19.13
CA ILE O 456 12.71 5.32 18.10
C ILE O 456 12.97 4.25 17.04
N GLU O 457 12.08 3.27 16.93
CA GLU O 457 12.21 2.28 15.87
C GLU O 457 12.38 2.96 14.50
N GLY O 458 11.63 4.05 14.27
CA GLY O 458 11.71 4.81 13.03
C GLY O 458 12.99 5.64 12.87
N LEU O 459 13.86 5.68 13.88
CA LEU O 459 15.09 6.44 13.68
C LEU O 459 16.06 5.56 12.90
N TYR O 460 16.53 5.94 11.70
CA TYR O 460 17.40 5.05 10.93
C TYR O 460 18.76 4.90 11.59
N ASP O 461 19.53 3.92 11.13
CA ASP O 461 20.89 3.67 11.59
C ASP O 461 21.78 4.90 11.38
N TYR O 462 22.95 4.88 12.04
CA TYR O 462 23.89 5.98 12.01
C TYR O 462 24.19 6.47 10.60
N ASN O 463 24.49 5.57 9.65
CA ASN O 463 24.95 5.96 8.32
C ASN O 463 23.89 6.80 7.61
N ARG O 464 22.64 6.37 7.65
CA ARG O 464 21.60 7.12 6.96
C ARG O 464 21.38 8.48 7.60
N ILE O 465 21.59 8.60 8.92
CA ILE O 465 21.48 9.93 9.52
C ILE O 465 22.68 10.75 9.08
N ARG O 466 23.86 10.20 9.27
CA ARG O 466 25.04 10.96 8.90
C ARG O 466 25.10 11.27 7.40
N ASN O 467 24.49 10.47 6.53
CA ASN O 467 24.49 10.82 5.11
C ASN O 467 23.71 12.09 4.80
N ASP O 468 22.73 12.42 5.64
CA ASP O 468 22.02 13.68 5.49
C ASP O 468 22.86 14.89 5.87
N MET O 469 24.11 14.71 6.31
CA MET O 469 24.92 15.88 6.65
C MET O 469 25.55 16.48 5.40
N SER O 470 25.24 15.95 4.22
CA SER O 470 25.67 16.64 3.01
C SER O 470 24.58 16.51 1.95
N MET O 471 24.69 17.25 0.86
CA MET O 471 23.70 17.13 -0.19
C MET O 471 24.44 16.67 -1.43
N MET O 472 23.97 15.61 -2.07
CA MET O 472 24.58 15.18 -3.32
C MET O 472 24.37 16.19 -4.46
N ARG O 473 23.33 17.04 -4.37
CA ARG O 473 23.04 18.01 -5.41
C ARG O 473 24.03 19.18 -5.40
N TRP O 474 24.79 19.34 -4.31
CA TRP O 474 25.71 20.47 -4.16
C TRP O 474 27.15 19.98 -4.35
N PHE P 15 6.11 53.78 39.78
CA PHE P 15 5.09 53.85 38.68
C PHE P 15 4.22 55.09 38.83
N SER P 16 4.49 56.08 37.96
CA SER P 16 3.67 57.27 37.84
C SER P 16 2.38 56.94 37.10
N THR P 17 1.29 56.86 37.87
CA THR P 17 -0.07 56.77 37.37
C THR P 17 -0.45 58.08 36.66
N ALA P 18 -0.96 57.97 35.42
CA ALA P 18 -1.67 59.04 34.72
C ALA P 18 -2.83 58.49 33.91
N GLU P 19 -3.40 59.39 33.08
CA GLU P 19 -4.53 59.10 32.24
C GLU P 19 -4.25 59.68 30.85
N ALA P 20 -4.48 58.84 29.83
CA ALA P 20 -4.23 59.23 28.47
C ALA P 20 -5.41 58.78 27.63
N ALA P 21 -6.15 59.75 27.11
CA ALA P 21 -7.38 59.53 26.35
C ALA P 21 -8.31 58.56 27.06
N GLY P 22 -8.45 58.71 28.38
CA GLY P 22 -9.44 57.97 29.14
C GLY P 22 -8.96 56.60 29.57
N VAL P 23 -7.71 56.30 29.23
CA VAL P 23 -7.08 55.04 29.58
C VAL P 23 -6.07 55.36 30.67
N LYS P 24 -6.10 54.56 31.74
CA LYS P 24 -5.12 54.65 32.81
C LYS P 24 -3.78 54.03 32.42
N VAL P 25 -2.72 54.84 32.55
CA VAL P 25 -1.39 54.50 32.10
C VAL P 25 -0.43 54.67 33.28
N ALA P 26 0.33 53.62 33.63
CA ALA P 26 1.34 53.70 34.67
C ALA P 26 2.69 53.26 34.11
N ALA P 27 3.70 54.10 34.30
CA ALA P 27 5.02 53.81 33.77
C ALA P 27 6.09 54.21 34.78
N GLN P 28 7.22 53.52 34.69
CA GLN P 28 8.36 53.73 35.54
C GLN P 28 9.57 53.65 34.62
N ASP P 29 10.30 54.76 34.48
CA ASP P 29 11.51 54.74 33.70
C ASP P 29 12.64 54.03 34.45
N GLY P 30 13.59 53.49 33.68
CA GLY P 30 14.69 52.74 34.25
C GLY P 30 15.97 52.96 33.46
N GLN P 31 17.01 52.20 33.79
CA GLN P 31 18.27 52.29 33.07
C GLN P 31 18.61 50.92 32.55
N SER P 32 17.90 50.49 31.51
CA SER P 32 18.12 49.19 30.93
C SER P 32 17.72 49.27 29.46
N PRO P 33 18.25 48.42 28.57
CA PRO P 33 17.84 48.43 27.18
C PRO P 33 16.48 47.78 26.89
N ILE P 34 15.89 47.12 27.90
CA ILE P 34 14.69 46.32 27.64
C ILE P 34 13.49 46.91 28.38
N SER P 35 12.41 47.12 27.63
CA SER P 35 11.15 47.60 28.17
C SER P 35 10.13 46.47 28.19
N ASP P 36 9.22 46.52 29.18
CA ASP P 36 8.07 45.65 29.18
C ASP P 36 6.80 46.50 29.11
N LEU P 37 5.96 46.26 28.12
CA LEU P 37 4.67 46.93 28.08
C LEU P 37 3.58 45.89 28.30
N SER P 38 2.72 46.14 29.28
CA SER P 38 1.60 45.24 29.55
C SER P 38 0.26 45.96 29.46
N VAL P 39 -0.69 45.32 28.77
CA VAL P 39 -2.06 45.73 28.88
C VAL P 39 -2.73 44.83 29.90
N VAL P 40 -3.26 45.44 30.96
CA VAL P 40 -4.02 44.66 31.92
C VAL P 40 -5.51 44.89 31.66
N LEU P 41 -6.28 43.81 31.52
CA LEU P 41 -7.69 43.96 31.23
C LEU P 41 -8.49 43.43 32.40
N ARG P 42 -9.56 44.14 32.74
CA ARG P 42 -10.52 43.64 33.71
C ARG P 42 -11.36 42.56 33.04
N GLY P 43 -10.83 41.35 32.94
CA GLY P 43 -11.54 40.41 32.11
C GLY P 43 -11.20 39.01 32.57
N GLY P 44 -10.69 38.90 33.80
CA GLY P 44 -10.34 37.59 34.29
C GLY P 44 -11.57 36.72 34.50
N SER P 45 -11.37 35.52 35.03
CA SER P 45 -12.43 34.53 34.97
C SER P 45 -13.60 34.85 35.90
N ARG P 46 -13.41 35.72 36.89
CA ARG P 46 -14.51 36.03 37.81
C ARG P 46 -15.57 36.84 37.06
N TYR P 47 -15.17 37.42 35.93
CA TYR P 47 -16.07 38.28 35.17
C TYR P 47 -16.62 37.53 33.98
N ALA P 48 -16.19 36.28 33.80
CA ALA P 48 -16.53 35.50 32.63
C ALA P 48 -18.03 35.28 32.58
N THR P 49 -18.58 35.24 31.36
CA THR P 49 -20.00 35.17 31.05
C THR P 49 -20.34 33.70 30.81
N VAL P 50 -19.36 33.03 30.19
CA VAL P 50 -19.42 31.62 29.87
C VAL P 50 -18.13 31.03 30.43
N PRO P 51 -18.15 29.80 31.00
CA PRO P 51 -16.94 29.16 31.51
C PRO P 51 -15.85 29.05 30.45
N GLY P 52 -14.70 29.67 30.72
CA GLY P 52 -13.53 29.49 29.89
C GLY P 52 -13.34 30.67 28.95
N VAL P 53 -14.31 31.60 28.90
CA VAL P 53 -14.18 32.62 27.87
C VAL P 53 -13.00 33.55 28.12
N SER P 54 -12.60 33.77 29.38
CA SER P 54 -11.51 34.71 29.59
C SER P 54 -10.18 34.07 29.16
N HIS P 55 -10.03 32.76 29.37
CA HIS P 55 -8.89 32.02 28.81
C HIS P 55 -8.84 32.06 27.28
N ILE P 56 -9.99 31.85 26.61
CA ILE P 56 -10.08 31.90 25.16
C ILE P 56 -9.80 33.32 24.67
N LEU P 57 -10.36 34.33 25.33
CA LEU P 57 -10.04 35.69 24.92
C LEU P 57 -8.54 35.98 25.01
N GLU P 58 -7.88 35.48 26.06
CA GLU P 58 -6.44 35.70 26.24
C GLU P 58 -5.68 35.05 25.08
N LYS P 59 -6.09 33.84 24.68
CA LYS P 59 -5.47 33.11 23.59
C LYS P 59 -5.81 33.76 22.23
N PHE P 60 -6.86 34.58 22.18
CA PHE P 60 -7.19 35.25 20.94
C PHE P 60 -6.42 36.56 20.77
N ALA P 61 -5.58 36.95 21.72
CA ALA P 61 -4.82 38.18 21.54
C ALA P 61 -3.73 37.95 20.48
N PHE P 62 -3.51 38.94 19.61
CA PHE P 62 -2.51 38.85 18.55
C PHE P 62 -2.86 37.77 17.53
N GLN P 63 -4.15 37.44 17.37
CA GLN P 63 -4.61 36.76 16.16
C GLN P 63 -4.81 37.80 15.07
N ASN P 64 -5.52 37.44 13.98
CA ASN P 64 -5.62 38.35 12.86
C ASN P 64 -6.37 39.61 13.30
N THR P 65 -5.78 40.76 13.02
CA THR P 65 -6.52 42.01 13.15
C THR P 65 -6.72 42.51 11.73
N VAL P 66 -7.53 43.54 11.58
CA VAL P 66 -7.82 44.12 10.28
C VAL P 66 -6.57 44.76 9.67
N PRO P 67 -5.79 45.60 10.40
CA PRO P 67 -4.53 46.09 9.86
C PRO P 67 -3.35 45.12 9.74
N LYS P 68 -3.35 44.03 10.52
CA LYS P 68 -2.14 43.21 10.60
C LYS P 68 -2.49 41.78 10.98
N SER P 69 -2.14 40.84 10.10
CA SER P 69 -2.42 39.43 10.35
C SER P 69 -1.54 38.91 11.49
N ALA P 70 -1.98 37.84 12.13
CA ALA P 70 -1.18 37.15 13.13
C ALA P 70 0.22 36.83 12.58
N LEU P 71 0.25 36.34 11.33
CA LEU P 71 1.48 35.96 10.68
C LEU P 71 2.39 37.16 10.54
N ARG P 72 1.85 38.27 10.05
CA ARG P 72 2.72 39.40 9.84
C ARG P 72 3.25 39.92 11.18
N PHE P 73 2.40 39.91 12.20
CA PHE P 73 2.83 40.37 13.51
C PHE P 73 4.01 39.54 14.02
N VAL P 74 3.89 38.21 13.95
CA VAL P 74 4.96 37.37 14.46
C VAL P 74 6.24 37.58 13.67
N ARG P 75 6.14 37.76 12.35
CA ARG P 75 7.35 37.92 11.57
C ARG P 75 8.03 39.25 11.94
N GLU P 76 7.24 40.26 12.29
CA GLU P 76 7.83 41.56 12.58
C GLU P 76 8.39 41.58 13.99
N LEU P 77 7.68 40.93 14.91
CA LEU P 77 8.12 40.77 16.29
C LEU P 77 9.51 40.14 16.34
N GLU P 78 9.76 39.14 15.47
CA GLU P 78 11.06 38.49 15.34
C GLU P 78 12.15 39.45 14.86
N LEU P 79 11.82 40.39 13.98
CA LEU P 79 12.75 41.39 13.49
C LEU P 79 13.16 42.40 14.57
N PHE P 80 12.30 42.61 15.58
CA PHE P 80 12.60 43.47 16.71
C PHE P 80 13.18 42.63 17.85
N GLY P 81 13.13 41.31 17.71
CA GLY P 81 13.55 40.41 18.75
C GLY P 81 12.65 40.50 19.99
N GLY P 82 11.42 40.99 19.82
CA GLY P 82 10.50 41.11 20.95
C GLY P 82 9.95 39.75 21.36
N LYS P 83 9.33 39.70 22.55
CA LYS P 83 8.64 38.50 22.99
C LYS P 83 7.26 38.89 23.50
N LEU P 84 6.37 37.90 23.51
CA LEU P 84 4.98 38.08 23.87
C LEU P 84 4.64 37.08 24.97
N TYR P 85 3.99 37.57 26.03
CA TYR P 85 3.58 36.72 27.14
C TYR P 85 2.14 37.08 27.44
N THR P 86 1.31 36.08 27.66
CA THR P 86 -0.07 36.37 27.99
C THR P 86 -0.47 35.43 29.11
N HIS P 87 -1.32 35.87 30.04
CA HIS P 87 -1.91 34.91 30.95
C HIS P 87 -3.25 35.44 31.45
N THR P 88 -4.02 34.54 32.04
CA THR P 88 -5.34 34.83 32.58
C THR P 88 -5.29 34.54 34.07
N THR P 89 -5.87 35.41 34.89
CA THR P 89 -6.07 35.11 36.30
C THR P 89 -7.57 35.14 36.58
N ARG P 90 -7.95 35.08 37.87
CA ARG P 90 -9.35 35.22 38.27
C ARG P 90 -9.78 36.67 38.12
N GLU P 91 -8.83 37.59 38.13
CA GLU P 91 -9.14 38.99 38.06
C GLU P 91 -8.81 39.62 36.70
N HIS P 92 -7.68 39.23 36.08
CA HIS P 92 -7.25 39.96 34.90
C HIS P 92 -6.93 39.05 33.74
N ILE P 93 -6.87 39.64 32.55
CA ILE P 93 -6.09 39.10 31.45
C ILE P 93 -4.91 40.03 31.32
N VAL P 94 -3.71 39.46 31.24
CA VAL P 94 -2.51 40.26 31.11
C VAL P 94 -1.83 39.91 29.79
N LEU P 95 -1.55 40.93 28.99
CA LEU P 95 -0.89 40.75 27.72
C LEU P 95 0.39 41.57 27.78
N ARG P 96 1.53 40.91 27.72
CA ARG P 96 2.78 41.62 27.96
C ARG P 96 3.69 41.44 26.77
N THR P 97 4.41 42.52 26.43
CA THR P 97 5.44 42.41 25.42
C THR P 97 6.76 42.89 25.98
N GLN P 98 7.85 42.27 25.57
CA GLN P 98 9.17 42.67 26.02
C GLN P 98 9.98 43.02 24.79
N PHE P 99 10.63 44.18 24.78
CA PHE P 99 11.28 44.63 23.55
C PHE P 99 12.40 45.59 23.92
N LEU P 100 13.16 46.06 22.93
CA LEU P 100 14.16 47.11 23.18
C LEU P 100 13.44 48.45 23.30
N LYS P 101 13.95 49.33 24.19
CA LYS P 101 13.34 50.59 24.60
C LYS P 101 12.79 51.36 23.39
N GLN P 102 13.63 51.53 22.36
CA GLN P 102 13.32 52.36 21.22
C GLN P 102 12.14 51.83 20.39
N ASP P 103 11.78 50.56 20.53
CA ASP P 103 10.70 50.02 19.70
C ASP P 103 9.31 50.26 20.32
N LEU P 104 9.22 51.15 21.31
CA LEU P 104 7.97 51.38 22.03
C LEU P 104 6.78 51.68 21.12
N PRO P 105 6.86 52.61 20.13
CA PRO P 105 5.69 52.97 19.32
C PRO P 105 5.05 51.81 18.55
N TYR P 106 5.88 50.87 18.08
CA TYR P 106 5.37 49.69 17.41
C TYR P 106 4.48 48.88 18.35
N PHE P 107 4.93 48.69 19.60
CA PHE P 107 4.21 47.84 20.54
C PHE P 107 2.91 48.49 21.02
N VAL P 108 2.91 49.81 21.14
CA VAL P 108 1.69 50.49 21.55
C VAL P 108 0.66 50.33 20.44
N ASP P 109 1.10 50.48 19.19
CA ASP P 109 0.21 50.35 18.04
C ASP P 109 -0.33 48.93 17.89
N ALA P 110 0.47 47.93 18.25
CA ALA P 110 0.04 46.55 18.14
C ALA P 110 -1.05 46.23 19.16
N PHE P 111 -0.89 46.77 20.38
CA PHE P 111 -1.91 46.63 21.38
C PHE P 111 -3.20 47.31 20.94
N ALA P 112 -3.09 48.51 20.37
CA ALA P 112 -4.27 49.19 19.87
C ALA P 112 -4.97 48.36 18.79
N ASN P 113 -4.22 47.73 17.88
CA ASN P 113 -4.85 46.94 16.84
C ASN P 113 -5.62 45.78 17.43
N VAL P 114 -5.07 45.17 18.48
CA VAL P 114 -5.69 44.01 19.09
C VAL P 114 -7.02 44.39 19.73
N LEU P 115 -7.04 45.53 20.43
CA LEU P 115 -8.19 45.95 21.22
C LEU P 115 -9.30 46.51 20.33
N LYS P 116 -8.93 47.18 19.23
CA LYS P 116 -9.92 47.82 18.37
C LYS P 116 -10.37 46.94 17.21
N GLU P 117 -9.47 46.10 16.65
CA GLU P 117 -9.66 45.58 15.31
C GLU P 117 -9.43 44.06 15.18
N THR P 118 -9.58 43.29 16.26
CA THR P 118 -9.44 41.85 16.15
C THR P 118 -10.61 41.28 15.36
N LYS P 119 -10.30 40.58 14.26
CA LYS P 119 -11.29 39.86 13.46
C LYS P 119 -11.51 38.53 14.14
N PHE P 120 -12.64 38.28 14.80
CA PHE P 120 -12.64 37.03 15.54
C PHE P 120 -13.21 35.98 14.60
N GLN P 121 -12.33 35.23 13.91
CA GLN P 121 -12.80 34.34 12.87
C GLN P 121 -12.96 32.94 13.43
N GLN P 122 -13.99 32.23 12.94
CA GLN P 122 -14.26 30.89 13.42
C GLN P 122 -13.08 29.94 13.22
N PHE P 123 -12.38 30.05 12.08
CA PHE P 123 -11.31 29.10 11.85
C PHE P 123 -10.17 29.33 12.84
N GLU P 124 -9.94 30.57 13.28
CA GLU P 124 -8.89 30.83 14.26
C GLU P 124 -9.27 30.14 15.57
N LEU P 125 -10.56 30.23 15.94
CA LEU P 125 -11.00 29.57 17.16
C LEU P 125 -10.79 28.06 17.04
N THR P 126 -11.21 27.46 15.94
CA THR P 126 -11.14 26.00 15.84
C THR P 126 -9.71 25.49 15.69
N GLU P 127 -8.91 26.19 14.90
CA GLU P 127 -7.63 25.61 14.49
C GLU P 127 -6.48 26.15 15.33
N ARG P 128 -6.60 27.37 15.87
CA ARG P 128 -5.45 28.01 16.47
C ARG P 128 -5.68 28.17 17.97
N VAL P 129 -6.77 28.84 18.33
CA VAL P 129 -6.96 29.34 19.68
C VAL P 129 -7.38 28.20 20.60
N ALA P 130 -8.44 27.47 20.26
CA ALA P 130 -8.89 26.44 21.18
C ALA P 130 -7.85 25.33 21.39
N PRO P 131 -7.15 24.83 20.35
CA PRO P 131 -6.08 23.84 20.58
C PRO P 131 -4.94 24.28 21.50
N VAL P 132 -4.57 25.56 21.40
CA VAL P 132 -3.53 26.11 22.24
C VAL P 132 -4.05 26.23 23.67
N ALA P 133 -5.31 26.65 23.84
CA ALA P 133 -5.93 26.72 25.17
C ALA P 133 -5.96 25.34 25.80
N GLU P 134 -6.22 24.31 25.00
CA GLU P 134 -6.32 22.96 25.54
C GLU P 134 -4.95 22.43 25.99
N LEU P 135 -3.89 22.72 25.23
CA LEU P 135 -2.56 22.27 25.61
C LEU P 135 -2.07 23.05 26.84
N ASP P 136 -2.46 24.33 26.95
CA ASP P 136 -2.12 25.15 28.09
C ASP P 136 -2.65 24.48 29.36
N LEU P 137 -3.92 24.05 29.30
CA LEU P 137 -4.53 23.48 30.48
C LEU P 137 -3.90 22.13 30.83
N LEU P 138 -3.70 21.27 29.82
CA LEU P 138 -3.09 19.97 30.07
C LEU P 138 -1.71 20.11 30.71
N LYS P 139 -0.96 21.13 30.32
CA LYS P 139 0.36 21.28 30.90
C LYS P 139 0.27 21.68 32.37
N ARG P 140 -0.70 22.52 32.71
CA ARG P 140 -0.85 22.97 34.09
C ARG P 140 -1.31 21.82 34.97
N GLU P 141 -2.19 20.98 34.43
CA GLU P 141 -2.81 19.91 35.19
C GLU P 141 -1.83 18.76 35.42
N SER P 142 -0.69 18.80 34.71
CA SER P 142 0.32 17.76 34.94
C SER P 142 0.75 17.80 36.40
N ASP P 143 0.71 19.00 37.00
CA ASP P 143 0.92 19.19 38.43
C ASP P 143 -0.38 18.96 39.19
N PRO P 144 -0.53 17.90 40.02
CA PRO P 144 -1.78 17.66 40.74
C PRO P 144 -2.09 18.74 41.79
N ALA P 145 -1.07 19.49 42.22
CA ALA P 145 -1.26 20.58 43.17
C ALA P 145 -2.04 21.73 42.53
N PHE P 146 -1.83 21.97 41.23
CA PHE P 146 -2.55 22.99 40.47
C PHE P 146 -4.03 22.63 40.48
N THR P 147 -4.31 21.38 40.13
CA THR P 147 -5.67 20.86 40.09
C THR P 147 -6.35 20.98 41.45
N ALA P 148 -5.63 20.63 42.53
CA ALA P 148 -6.21 20.63 43.87
C ALA P 148 -6.57 22.05 44.25
N LEU P 149 -5.71 23.01 43.91
CA LEU P 149 -5.99 24.35 44.35
C LEU P 149 -7.09 25.00 43.50
N GLU P 150 -7.21 24.59 42.23
CA GLU P 150 -8.30 25.04 41.37
C GLU P 150 -9.61 24.46 41.88
N ALA P 151 -9.60 23.17 42.24
CA ALA P 151 -10.84 22.56 42.71
C ALA P 151 -11.27 23.21 44.02
N ALA P 152 -10.31 23.64 44.83
CA ALA P 152 -10.64 24.24 46.11
C ALA P 152 -11.32 25.58 45.89
N HIS P 153 -10.89 26.36 44.89
CA HIS P 153 -11.58 27.60 44.63
C HIS P 153 -13.01 27.34 44.15
N GLU P 154 -13.23 26.22 43.48
CA GLU P 154 -14.53 25.97 42.87
C GLU P 154 -15.54 25.62 43.96
N VAL P 155 -15.10 24.82 44.93
CA VAL P 155 -15.91 24.48 46.08
C VAL P 155 -16.17 25.71 46.94
N ALA P 156 -15.14 26.52 47.15
CA ALA P 156 -15.23 27.58 48.13
C ALA P 156 -16.12 28.70 47.63
N PHE P 157 -16.08 29.01 46.32
CA PHE P 157 -16.79 30.20 45.88
C PHE P 157 -17.93 29.91 44.91
N ARG P 158 -17.95 28.70 44.33
CA ARG P 158 -18.95 28.23 43.37
C ARG P 158 -18.93 28.99 42.05
N THR P 159 -19.29 30.27 42.07
CA THR P 159 -19.31 31.09 40.87
C THR P 159 -18.32 32.22 41.07
N GLY P 160 -18.16 33.12 40.07
CA GLY P 160 -17.28 34.26 40.25
C GLY P 160 -15.84 33.79 40.39
N LEU P 161 -15.30 33.90 41.62
CA LEU P 161 -14.01 33.35 41.96
C LEU P 161 -14.02 31.83 41.84
N GLY P 162 -15.21 31.23 41.82
CA GLY P 162 -15.21 29.78 41.73
C GLY P 162 -15.30 29.30 40.27
N ASN P 163 -15.49 30.19 39.30
CA ASN P 163 -15.40 29.79 37.90
C ASN P 163 -14.02 29.24 37.59
N SER P 164 -13.93 28.28 36.66
CA SER P 164 -12.63 27.83 36.21
C SER P 164 -11.90 28.97 35.51
N VAL P 165 -10.59 29.02 35.71
CA VAL P 165 -9.78 30.03 35.02
C VAL P 165 -9.63 29.62 33.55
N TYR P 166 -9.54 28.31 33.30
CA TYR P 166 -9.13 27.81 32.00
C TYR P 166 -10.34 27.21 31.30
N ALA P 167 -10.28 27.22 29.98
CA ALA P 167 -11.28 26.54 29.17
C ALA P 167 -11.17 25.03 29.34
N GLN P 168 -12.31 24.36 29.48
CA GLN P 168 -12.32 22.90 29.52
C GLN P 168 -13.15 22.37 28.36
N GLY P 169 -12.94 21.09 28.02
CA GLY P 169 -13.59 20.46 26.88
C GLY P 169 -15.09 20.28 27.11
N TYR P 170 -15.45 20.06 28.37
CA TYR P 170 -16.82 19.77 28.74
C TYR P 170 -17.72 20.99 28.59
N SER P 171 -17.13 22.19 28.64
CA SER P 171 -17.90 23.42 28.43
C SER P 171 -17.35 24.20 27.24
N PRO P 172 -17.89 23.99 26.04
CA PRO P 172 -17.33 24.59 24.82
C PRO P 172 -17.67 26.06 24.69
N VAL P 173 -16.64 26.85 24.41
CA VAL P 173 -16.79 28.29 24.20
C VAL P 173 -17.01 28.49 22.71
N THR P 174 -18.02 29.27 22.35
CA THR P 174 -18.33 29.52 20.95
C THR P 174 -17.74 30.85 20.52
N LEU P 175 -17.71 31.06 19.21
CA LEU P 175 -17.19 32.31 18.68
C LEU P 175 -18.08 33.47 19.11
N GLU P 176 -19.37 33.19 19.34
CA GLU P 176 -20.25 34.29 19.70
C GLU P 176 -20.03 34.71 21.16
N ASP P 177 -19.79 33.73 22.02
CA ASP P 177 -19.38 33.94 23.40
C ASP P 177 -18.13 34.82 23.46
N VAL P 178 -17.11 34.46 22.68
CA VAL P 178 -15.86 35.19 22.82
C VAL P 178 -16.04 36.60 22.27
N LYS P 179 -16.85 36.75 21.21
CA LYS P 179 -17.04 38.05 20.60
C LYS P 179 -17.81 39.00 21.52
N GLU P 180 -18.79 38.46 22.24
CA GLU P 180 -19.58 39.23 23.19
C GLU P 180 -18.73 39.70 24.36
N PHE P 181 -17.96 38.78 24.93
CA PHE P 181 -17.11 39.11 26.05
C PHE P 181 -16.08 40.14 25.64
N ALA P 182 -15.49 39.98 24.45
CA ALA P 182 -14.52 40.96 23.99
C ALA P 182 -15.14 42.35 23.79
N ARG P 183 -16.44 42.40 23.49
CA ARG P 183 -17.11 43.67 23.26
C ARG P 183 -17.19 44.45 24.57
N GLN P 184 -17.37 43.71 25.67
CA GLN P 184 -17.36 44.28 27.00
C GLN P 184 -15.95 44.62 27.45
N VAL P 185 -15.02 43.68 27.29
CA VAL P 185 -13.72 43.83 27.93
C VAL P 185 -12.85 44.81 27.15
N TYR P 186 -12.88 44.74 25.82
CA TYR P 186 -11.94 45.57 25.10
C TYR P 186 -12.53 46.98 24.97
N ALA P 187 -12.45 47.77 26.03
CA ALA P 187 -13.14 49.05 26.18
C ALA P 187 -12.35 49.89 27.16
N LYS P 188 -12.34 51.22 27.02
CA LYS P 188 -11.48 52.09 27.82
C LYS P 188 -11.66 51.88 29.31
N GLN P 189 -12.85 51.45 29.74
CA GLN P 189 -13.15 51.31 31.15
C GLN P 189 -12.48 50.08 31.75
N ASN P 190 -11.97 49.18 30.92
CA ASN P 190 -11.53 47.92 31.46
C ASN P 190 -10.05 47.71 31.15
N VAL P 191 -9.38 48.77 30.71
CA VAL P 191 -8.06 48.63 30.14
C VAL P 191 -7.10 49.49 30.94
N ALA P 192 -5.96 48.91 31.32
CA ALA P 192 -4.87 49.65 31.94
C ALA P 192 -3.56 49.30 31.25
N VAL P 193 -2.74 50.32 31.03
CA VAL P 193 -1.46 50.12 30.39
C VAL P 193 -0.36 50.33 31.43
N VAL P 194 0.56 49.34 31.53
CA VAL P 194 1.66 49.37 32.48
C VAL P 194 2.99 49.19 31.77
N GLY P 195 3.84 50.23 31.85
CA GLY P 195 5.14 50.24 31.20
C GLY P 195 6.31 50.20 32.19
N ASN P 196 7.05 49.09 32.17
CA ASN P 196 8.27 48.92 32.92
C ASN P 196 9.48 49.31 32.07
N ASN P 197 10.28 50.28 32.56
CA ASN P 197 11.44 50.81 31.86
C ASN P 197 10.98 51.53 30.59
N VAL P 198 9.90 52.29 30.76
CA VAL P 198 9.32 53.07 29.68
C VAL P 198 9.29 54.50 30.18
N VAL P 199 9.74 55.47 29.39
CA VAL P 199 9.66 56.86 29.77
C VAL P 199 8.18 57.27 29.90
N PRO P 200 7.71 57.68 31.10
CA PRO P 200 6.28 57.92 31.31
C PRO P 200 5.62 58.96 30.42
N ALA P 201 6.35 60.00 30.02
CA ALA P 201 5.72 61.03 29.21
C ALA P 201 5.51 60.54 27.78
N ASP P 202 6.43 59.68 27.32
CA ASP P 202 6.42 59.17 25.96
C ASP P 202 5.28 58.16 25.80
N LEU P 203 5.07 57.34 26.82
CA LEU P 203 3.99 56.37 26.79
C LEU P 203 2.64 57.07 26.75
N GLN P 204 2.47 58.12 27.56
CA GLN P 204 1.18 58.81 27.65
C GLN P 204 0.82 59.41 26.30
N GLN P 205 1.80 59.97 25.60
CA GLN P 205 1.59 60.58 24.29
C GLN P 205 1.18 59.51 23.27
N LEU P 206 1.74 58.31 23.38
CA LEU P 206 1.53 57.30 22.36
C LEU P 206 0.18 56.64 22.60
N VAL P 207 -0.10 56.34 23.88
CA VAL P 207 -1.35 55.66 24.22
C VAL P 207 -2.50 56.62 23.91
N GLY P 208 -2.21 57.92 24.02
CA GLY P 208 -3.23 58.94 23.83
C GLY P 208 -3.66 59.04 22.38
N THR P 209 -2.77 58.64 21.47
CA THR P 209 -3.09 58.77 20.05
C THR P 209 -3.62 57.44 19.52
N ALA P 210 -3.13 56.35 20.11
CA ALA P 210 -3.42 55.02 19.61
C ALA P 210 -4.74 54.48 20.16
N PHE P 211 -5.06 54.80 21.43
CA PHE P 211 -6.22 54.23 22.07
C PHE P 211 -7.33 55.26 22.18
N ALA P 212 -7.33 56.27 21.31
CA ALA P 212 -8.32 57.34 21.39
C ALA P 212 -9.69 56.90 20.88
N ASP P 213 -9.69 56.01 19.89
CA ASP P 213 -10.90 55.57 19.20
C ASP P 213 -11.42 54.25 19.76
N LEU P 214 -10.83 53.76 20.86
CA LEU P 214 -11.35 52.57 21.54
C LEU P 214 -12.68 52.94 22.17
N GLN P 215 -13.66 52.04 22.16
CA GLN P 215 -14.94 52.36 22.79
C GLN P 215 -14.69 52.71 24.25
N GLU P 216 -15.62 53.48 24.82
CA GLU P 216 -15.57 53.70 26.25
C GLU P 216 -16.09 52.49 27.02
N GLY P 217 -17.22 51.94 26.57
CA GLY P 217 -17.82 50.77 27.20
C GLY P 217 -18.23 51.03 28.65
N SER P 218 -18.43 49.96 29.42
CA SER P 218 -18.73 50.10 30.84
C SER P 218 -17.90 49.08 31.64
N LYS P 219 -17.77 49.31 32.96
CA LYS P 219 -17.06 48.37 33.82
C LYS P 219 -17.75 47.02 33.84
N VAL P 220 -17.01 45.98 33.47
CA VAL P 220 -17.47 44.61 33.58
C VAL P 220 -17.64 44.26 35.06
N THR P 221 -18.78 43.68 35.43
CA THR P 221 -19.06 43.36 36.82
C THR P 221 -19.23 41.85 36.97
N GLN P 222 -19.02 41.35 38.18
CA GLN P 222 -19.25 39.95 38.50
C GLN P 222 -20.76 39.76 38.59
N ALA P 223 -21.29 38.84 37.78
CA ALA P 223 -22.67 38.41 37.89
C ALA P 223 -22.87 37.71 39.24
N GLY P 224 -23.55 38.42 40.15
CA GLY P 224 -23.84 37.91 41.48
C GLY P 224 -22.80 38.37 42.50
N THR P 225 -23.19 38.38 43.77
CA THR P 225 -22.30 38.68 44.88
C THR P 225 -21.47 37.44 45.21
N THR P 226 -20.23 37.64 45.68
CA THR P 226 -19.38 36.55 46.12
C THR P 226 -19.98 35.88 47.36
N THR P 227 -20.31 34.58 47.24
CA THR P 227 -20.85 33.78 48.33
C THR P 227 -19.82 32.72 48.70
N LEU P 228 -19.74 32.41 50.00
CA LEU P 228 -18.74 31.51 50.54
C LEU P 228 -19.44 30.23 50.95
N HIS P 229 -18.85 29.08 50.60
CA HIS P 229 -19.43 27.77 50.87
C HIS P 229 -18.31 26.84 51.31
N GLY P 230 -18.67 25.69 51.90
CA GLY P 230 -17.71 24.67 52.30
C GLY P 230 -18.04 23.38 51.55
N GLY P 231 -17.23 22.33 51.72
CA GLY P 231 -17.54 21.08 51.03
C GLY P 231 -16.28 20.33 50.63
N GLU P 232 -16.41 19.34 49.74
CA GLU P 232 -15.30 18.52 49.28
C GLU P 232 -15.35 18.40 47.76
N ALA P 233 -14.19 18.14 47.16
CA ALA P 233 -14.07 17.87 45.74
C ALA P 233 -13.04 16.77 45.53
N ARG P 234 -13.49 15.55 45.24
CA ARG P 234 -12.58 14.44 44.95
C ARG P 234 -12.36 14.31 43.43
N VAL P 235 -11.15 14.65 42.98
CA VAL P 235 -10.81 14.52 41.56
C VAL P 235 -9.92 13.29 41.36
N ARG P 236 -10.49 12.20 40.82
CA ARG P 236 -9.72 11.02 40.41
C ARG P 236 -8.85 11.34 39.19
N THR P 237 -7.53 11.40 39.41
CA THR P 237 -6.53 11.34 38.35
C THR P 237 -5.68 10.08 38.56
N SER P 238 -4.92 9.67 37.53
CA SER P 238 -3.92 8.62 37.67
C SER P 238 -2.52 9.21 37.61
N THR P 239 -2.44 10.54 37.66
CA THR P 239 -1.22 11.30 37.43
C THR P 239 -0.86 12.06 38.70
N GLY P 240 -0.69 11.34 39.81
CA GLY P 240 -0.08 11.87 41.03
C GLY P 240 -1.12 12.41 42.01
N ASN P 241 -0.67 12.76 43.22
CA ASN P 241 -1.57 12.92 44.34
C ASN P 241 -1.36 14.30 44.95
N ALA P 242 -2.45 14.97 45.30
CA ALA P 242 -2.33 16.21 46.04
C ALA P 242 -3.56 16.44 46.89
N LEU P 243 -3.43 17.36 47.85
CA LEU P 243 -4.51 17.69 48.76
C LEU P 243 -4.38 19.15 49.16
N THR P 244 -5.45 19.90 48.95
CA THR P 244 -5.55 21.27 49.40
C THR P 244 -6.50 21.37 50.58
N ILE P 245 -6.06 22.00 51.67
CA ILE P 245 -6.96 22.30 52.78
C ILE P 245 -7.15 23.82 52.80
N ALA P 246 -8.23 24.29 52.16
CA ALA P 246 -8.48 25.70 51.99
C ALA P 246 -9.54 26.19 52.98
N LEU P 247 -9.48 27.49 53.31
CA LEU P 247 -10.40 28.15 54.23
C LEU P 247 -10.84 29.48 53.61
N PRO P 248 -12.08 29.59 53.10
CA PRO P 248 -12.56 30.85 52.54
C PRO P 248 -12.73 31.94 53.59
N ILE P 249 -12.22 33.15 53.32
CA ILE P 249 -12.27 34.25 54.27
C ILE P 249 -13.20 35.32 53.70
N ALA P 250 -14.16 35.79 54.51
CA ALA P 250 -15.10 36.82 54.10
C ALA P 250 -14.49 38.22 54.24
N GLU P 251 -13.52 38.37 55.15
CA GLU P 251 -12.85 39.65 55.35
C GLU P 251 -11.35 39.49 55.09
N PRO P 252 -10.86 39.63 53.83
CA PRO P 252 -9.45 39.38 53.56
C PRO P 252 -8.56 40.38 54.29
N LYS P 253 -7.73 39.90 55.19
CA LYS P 253 -6.84 40.72 55.99
C LYS P 253 -5.40 40.48 55.52
N PRO P 254 -4.51 41.52 55.58
CA PRO P 254 -3.10 41.37 55.23
C PRO P 254 -2.28 40.52 56.20
N VAL P 255 -2.87 40.19 57.35
CA VAL P 255 -2.20 39.36 58.34
C VAL P 255 -2.07 37.94 57.82
N TYR P 256 -2.97 37.54 56.91
CA TYR P 256 -2.94 36.20 56.35
C TYR P 256 -1.73 36.00 55.43
N HIS P 257 -1.23 37.11 54.85
CA HIS P 257 0.01 37.09 54.08
C HIS P 257 1.18 36.66 54.97
N ALA P 258 1.33 37.32 56.12
CA ALA P 258 2.34 36.98 57.11
C ALA P 258 2.14 35.54 57.60
N LEU P 259 0.88 35.12 57.79
CA LEU P 259 0.53 33.77 58.24
C LEU P 259 0.99 32.72 57.23
N ALA P 260 0.69 32.94 55.94
CA ALA P 260 1.15 32.03 54.90
C ALA P 260 2.68 31.93 54.91
N SER P 261 3.35 33.09 54.98
CA SER P 261 4.82 33.14 54.96
C SER P 261 5.40 32.40 56.16
N PHE P 262 4.77 32.59 57.33
CA PHE P 262 5.18 31.92 58.55
C PHE P 262 5.02 30.40 58.40
N LEU P 263 3.77 29.95 58.23
CA LEU P 263 3.46 28.54 58.06
C LEU P 263 4.38 27.89 57.03
N GLY P 264 4.59 28.57 55.90
CA GLY P 264 5.59 28.18 54.91
C GLY P 264 5.23 26.89 54.20
N GLY P 265 6.18 25.93 54.22
CA GLY P 265 6.05 24.69 53.47
C GLY P 265 7.33 24.37 52.69
N PRO P 266 7.80 25.24 51.75
CA PRO P 266 9.07 25.00 51.04
C PRO P 266 10.33 25.30 51.86
N ALA P 267 11.47 24.87 51.31
CA ALA P 267 12.78 25.08 51.92
C ALA P 267 13.38 26.37 51.35
N SER P 268 14.23 27.01 52.14
CA SER P 268 14.94 28.20 51.72
C SER P 268 16.42 27.89 51.39
N MET P 269 16.81 26.62 51.46
CA MET P 269 18.12 26.20 50.97
C MET P 269 18.01 24.84 50.31
N PRO P 270 18.97 24.47 49.43
CA PRO P 270 18.92 23.17 48.75
C PRO P 270 19.08 21.98 49.71
N TRP P 271 18.47 20.83 49.37
CA TRP P 271 18.59 19.57 50.10
C TRP P 271 18.28 19.76 51.59
N SER P 272 17.12 20.36 51.86
CA SER P 272 16.73 20.71 53.22
C SER P 272 15.21 20.62 53.34
N VAL P 273 14.71 20.56 54.58
CA VAL P 273 13.26 20.57 54.80
C VAL P 273 12.82 22.01 55.02
N GLY P 274 13.45 22.71 55.97
CA GLY P 274 13.04 24.05 56.33
C GLY P 274 12.45 24.12 57.73
N ALA P 275 12.66 25.26 58.39
CA ALA P 275 12.31 25.50 59.78
C ALA P 275 10.84 25.89 59.94
N SER P 276 10.13 26.07 58.82
CA SER P 276 8.72 26.46 58.84
C SER P 276 7.88 25.32 59.42
N PRO P 277 6.80 25.61 60.19
CA PRO P 277 5.88 24.58 60.69
C PRO P 277 5.44 23.53 59.68
N LEU P 278 5.01 23.96 58.49
CA LEU P 278 4.50 23.02 57.48
C LEU P 278 5.63 22.20 56.88
N ALA P 279 6.84 22.80 56.78
CA ALA P 279 8.01 22.10 56.29
C ALA P 279 8.44 21.02 57.30
N GLN P 280 8.14 21.25 58.58
CA GLN P 280 8.44 20.28 59.62
C GLN P 280 7.27 19.30 59.81
N ALA P 281 6.30 19.30 58.88
CA ALA P 281 5.18 18.35 58.90
C ALA P 281 5.44 17.26 57.85
N THR P 282 6.33 17.56 56.90
CA THR P 282 6.69 16.64 55.83
C THR P 282 7.83 15.72 56.26
N VAL P 283 8.43 15.95 57.43
CA VAL P 283 9.61 15.19 57.83
C VAL P 283 9.30 13.69 57.85
N GLY P 284 10.13 12.91 57.15
CA GLY P 284 9.98 11.48 57.04
C GLY P 284 9.18 11.03 55.82
N THR P 285 8.69 11.97 55.01
CA THR P 285 7.93 11.66 53.80
C THR P 285 8.58 12.31 52.57
N HIS P 286 8.05 12.01 51.38
CA HIS P 286 8.49 12.63 50.14
C HIS P 286 7.41 13.59 49.61
N THR P 287 6.84 14.41 50.50
CA THR P 287 5.75 15.28 50.16
C THR P 287 6.25 16.73 50.19
N SER P 288 5.44 17.66 49.65
CA SER P 288 5.75 19.07 49.70
C SER P 288 4.50 19.88 50.04
N VAL P 289 4.66 20.83 50.98
CA VAL P 289 3.57 21.66 51.46
C VAL P 289 3.77 23.08 50.94
N LYS P 290 2.67 23.85 50.88
CA LYS P 290 2.68 25.24 50.47
C LYS P 290 1.44 25.98 50.99
N ALA P 291 1.64 26.89 51.96
CA ALA P 291 0.59 27.77 52.43
C ALA P 291 0.44 28.96 51.50
N THR P 292 -0.76 29.26 51.03
CA THR P 292 -0.98 30.32 50.05
C THR P 292 -2.24 31.11 50.39
N TYR P 293 -2.09 32.43 50.57
CA TYR P 293 -3.24 33.30 50.78
C TYR P 293 -3.61 34.01 49.48
N HIS P 294 -4.90 33.99 49.12
CA HIS P 294 -5.37 34.62 47.89
C HIS P 294 -6.35 35.74 48.21
N ASN P 295 -5.86 36.97 48.36
CA ASN P 295 -6.71 38.15 48.49
C ASN P 295 -7.44 38.40 47.17
N TYR P 296 -8.76 38.58 47.22
CA TYR P 296 -9.59 38.77 46.04
C TYR P 296 -10.53 39.97 46.20
N GLY P 297 -10.17 40.91 47.08
CA GLY P 297 -10.96 42.11 47.26
C GLY P 297 -12.14 41.91 48.21
N ASP P 298 -13.23 41.34 47.70
CA ASP P 298 -14.43 41.12 48.51
C ASP P 298 -14.28 39.88 49.37
N ALA P 299 -13.48 38.91 48.91
CA ALA P 299 -13.30 37.65 49.60
C ALA P 299 -11.84 37.25 49.56
N GLY P 300 -11.51 36.10 50.16
CA GLY P 300 -10.15 35.61 50.29
C GLY P 300 -10.18 34.09 50.42
N LEU P 301 -9.00 33.48 50.26
CA LEU P 301 -8.88 32.05 50.44
C LEU P 301 -7.50 31.72 51.01
N PHE P 302 -7.46 31.10 52.18
CA PHE P 302 -6.20 30.64 52.74
C PHE P 302 -6.09 29.15 52.44
N ALA P 303 -5.05 28.72 51.73
CA ALA P 303 -4.96 27.33 51.32
C ALA P 303 -3.64 26.68 51.74
N ILE P 304 -3.70 25.40 52.10
CA ILE P 304 -2.54 24.59 52.43
C ILE P 304 -2.53 23.41 51.46
N THR P 305 -1.71 23.53 50.42
CA THR P 305 -1.59 22.48 49.40
C THR P 305 -0.42 21.56 49.70
N ILE P 306 -0.73 20.26 49.81
CA ILE P 306 0.22 19.18 50.06
C ILE P 306 0.20 18.24 48.86
N LYS P 307 1.30 18.20 48.10
CA LYS P 307 1.43 17.23 47.02
C LYS P 307 2.38 16.13 47.47
N GLY P 308 2.37 15.01 46.75
CA GLY P 308 3.26 13.90 47.05
C GLY P 308 2.90 12.70 46.19
N ASP P 309 3.66 11.61 46.36
CA ASP P 309 3.49 10.40 45.58
C ASP P 309 2.53 9.46 46.31
N SER P 310 2.85 9.13 47.56
CA SER P 310 2.07 8.19 48.36
C SER P 310 0.87 8.91 48.98
N PRO P 311 -0.38 8.41 48.78
CA PRO P 311 -1.55 9.02 49.39
C PRO P 311 -1.54 8.94 50.90
N ALA P 312 -0.96 7.86 51.46
CA ALA P 312 -0.82 7.69 52.90
C ALA P 312 0.12 8.75 53.48
N GLU P 313 1.22 9.02 52.77
CA GLU P 313 2.17 10.04 53.19
C GLU P 313 1.45 11.39 53.25
N ILE P 314 0.64 11.71 52.23
CA ILE P 314 -0.13 12.95 52.18
C ILE P 314 -1.08 13.00 53.38
N SER P 315 -1.80 11.91 53.66
CA SER P 315 -2.70 11.81 54.79
C SER P 315 -1.99 12.17 56.10
N GLN P 316 -0.77 11.62 56.28
CA GLN P 316 0.04 11.90 57.46
C GLN P 316 0.33 13.41 57.56
N VAL P 317 0.94 13.98 56.52
CA VAL P 317 1.31 15.38 56.52
C VAL P 317 0.06 16.27 56.72
N ALA P 318 -1.08 15.83 56.18
CA ALA P 318 -2.31 16.63 56.25
C ALA P 318 -2.74 16.82 57.70
N HIS P 319 -2.63 15.74 58.49
CA HIS P 319 -2.94 15.82 59.90
C HIS P 319 -1.98 16.74 60.64
N LYS P 320 -0.66 16.64 60.33
CA LYS P 320 0.34 17.51 60.92
C LYS P 320 0.12 18.97 60.51
N ALA P 321 -0.31 19.18 59.26
CA ALA P 321 -0.63 20.51 58.74
C ALA P 321 -1.73 21.19 59.56
N VAL P 322 -2.83 20.46 59.85
CA VAL P 322 -3.97 21.02 60.57
C VAL P 322 -3.55 21.32 62.01
N GLN P 323 -2.72 20.43 62.57
CA GLN P 323 -2.21 20.60 63.92
C GLN P 323 -1.34 21.84 63.99
N ALA P 324 -0.46 22.04 62.99
CA ALA P 324 0.44 23.18 62.92
C ALA P 324 -0.38 24.48 62.98
N LEU P 325 -1.51 24.50 62.28
CA LEU P 325 -2.33 25.70 62.24
C LEU P 325 -2.93 25.97 63.62
N LYS P 326 -3.33 24.90 64.32
CA LYS P 326 -3.90 24.99 65.66
C LYS P 326 -2.84 25.46 66.66
N ASP P 327 -1.65 24.88 66.56
CA ASP P 327 -0.50 25.25 67.37
C ASP P 327 -0.14 26.72 67.18
N THR P 328 -0.27 27.22 65.95
CA THR P 328 0.01 28.61 65.67
C THR P 328 -1.01 29.48 66.38
N GLY P 329 -2.27 29.05 66.30
CA GLY P 329 -3.41 29.74 66.89
C GLY P 329 -3.30 29.88 68.40
N ALA P 330 -2.73 28.86 69.06
CA ALA P 330 -2.47 28.91 70.48
C ALA P 330 -1.59 30.11 70.85
N GLU P 331 -0.38 30.18 70.26
CA GLU P 331 0.60 31.24 70.54
C GLU P 331 1.80 31.04 69.61
N VAL P 332 2.38 32.15 69.13
CA VAL P 332 3.64 32.15 68.40
C VAL P 332 4.65 33.03 69.13
N THR P 333 5.95 32.80 68.91
CA THR P 333 6.98 33.56 69.63
C THR P 333 7.35 34.81 68.84
N GLU P 334 8.15 35.69 69.48
CA GLU P 334 8.65 36.90 68.84
C GLU P 334 9.55 36.56 67.64
N GLU P 335 10.37 35.52 67.79
CA GLU P 335 11.22 35.02 66.71
C GLU P 335 10.38 34.64 65.50
N GLN P 336 9.30 33.91 65.77
CA GLN P 336 8.41 33.39 64.73
C GLN P 336 7.73 34.57 64.05
N ALA P 337 7.38 35.59 64.84
CA ALA P 337 6.71 36.77 64.31
C ALA P 337 7.66 37.55 63.40
N ALA P 338 8.94 37.66 63.79
CA ALA P 338 9.94 38.38 63.03
C ALA P 338 10.23 37.67 61.71
N ARG P 339 10.33 36.33 61.80
CA ARG P 339 10.47 35.49 60.62
C ARG P 339 9.31 35.72 59.65
N ALA P 340 8.07 35.78 60.17
CA ALA P 340 6.88 35.91 59.33
C ALA P 340 7.01 37.22 58.56
N TYR P 341 7.42 38.30 59.25
CA TYR P 341 7.46 39.60 58.63
C TYR P 341 8.57 39.65 57.58
N ALA P 342 9.75 39.13 57.92
CA ALA P 342 10.90 39.12 57.02
C ALA P 342 10.56 38.39 55.72
N LYS P 343 9.94 37.21 55.85
CA LYS P 343 9.61 36.37 54.70
C LYS P 343 8.47 37.00 53.90
N SER P 344 7.55 37.70 54.58
CA SER P 344 6.44 38.33 53.86
C SER P 344 6.92 39.56 53.10
N LYS P 345 7.87 40.31 53.67
CA LYS P 345 8.42 41.47 52.99
C LYS P 345 9.20 41.02 51.75
N PHE P 346 9.96 39.93 51.85
CA PHE P 346 10.68 39.38 50.72
C PHE P 346 9.70 38.95 49.62
N ALA P 347 8.60 38.32 50.03
CA ALA P 347 7.61 37.85 49.09
C ALA P 347 7.02 39.03 48.30
N ALA P 348 6.70 40.10 49.02
CA ALA P 348 6.15 41.29 48.42
C ALA P 348 7.14 41.89 47.41
N ALA P 349 8.42 41.89 47.78
CA ALA P 349 9.46 42.50 46.97
C ALA P 349 9.57 41.81 45.63
N GLU P 350 9.70 40.49 45.65
CA GLU P 350 9.88 39.71 44.43
C GLU P 350 8.60 39.68 43.58
N ALA P 351 7.43 39.85 44.20
CA ALA P 351 6.18 39.93 43.44
C ALA P 351 6.11 41.23 42.64
N PHE P 352 6.64 42.31 43.23
CA PHE P 352 6.65 43.61 42.58
C PHE P 352 7.78 43.68 41.56
N GLU P 353 8.72 42.72 41.63
CA GLU P 353 9.85 42.67 40.72
C GLU P 353 9.49 41.90 39.46
N ASN P 354 9.06 40.63 39.60
CA ASN P 354 8.65 39.77 38.49
C ASN P 354 7.61 40.49 37.63
N PRO P 355 7.89 40.76 36.33
CA PRO P 355 6.96 41.50 35.46
C PRO P 355 5.55 40.93 35.34
N ASP P 356 5.45 39.59 35.36
CA ASP P 356 4.17 38.91 35.34
C ASP P 356 3.25 39.43 36.44
N SER P 357 3.76 39.48 37.68
CA SER P 357 2.96 39.84 38.83
C SER P 357 2.98 41.35 39.06
N SER P 358 4.09 42.00 38.69
CA SER P 358 4.17 43.44 38.77
C SER P 358 3.00 44.08 38.00
N ALA P 359 2.84 43.70 36.73
CA ALA P 359 1.78 44.18 35.85
C ALA P 359 0.42 44.10 36.53
N SER P 360 0.14 42.96 37.18
CA SER P 360 -1.17 42.76 37.78
C SER P 360 -1.34 43.58 39.07
N VAL P 361 -0.23 43.86 39.76
CA VAL P 361 -0.30 44.60 41.01
C VAL P 361 -0.72 46.05 40.70
N ILE P 362 -0.02 46.70 39.76
CA ILE P 362 -0.38 48.04 39.34
C ILE P 362 -1.70 48.04 38.57
N GLY P 363 -1.95 46.93 37.86
CA GLY P 363 -3.21 46.75 37.17
C GLY P 363 -4.39 46.81 38.15
N MET P 364 -4.22 46.22 39.31
CA MET P 364 -5.25 46.26 40.34
C MET P 364 -5.42 47.66 40.96
N GLU P 365 -4.34 48.42 40.98
CA GLU P 365 -4.37 49.77 41.51
C GLU P 365 -5.08 50.69 40.50
N LEU P 366 -4.80 50.48 39.22
CA LEU P 366 -5.36 51.32 38.17
C LEU P 366 -6.83 50.97 37.93
N LEU P 367 -7.14 49.68 37.86
CA LEU P 367 -8.49 49.32 37.44
C LEU P 367 -9.43 49.40 38.64
N SER P 368 -9.03 48.75 39.72
CA SER P 368 -9.88 48.59 40.89
C SER P 368 -9.77 49.82 41.78
N GLY P 369 -8.55 50.14 42.23
CA GLY P 369 -8.39 51.33 43.04
C GLY P 369 -7.58 51.06 44.30
N VAL P 370 -7.29 49.77 44.51
CA VAL P 370 -6.54 49.23 45.63
C VAL P 370 -5.09 49.70 45.50
N SER P 371 -4.72 50.73 46.27
CA SER P 371 -3.36 51.27 46.26
C SER P 371 -2.37 50.17 46.63
N ARG P 372 -1.27 50.08 45.88
CA ARG P 372 -0.28 49.03 46.10
C ARG P 372 0.41 49.22 47.45
N ILE P 373 0.74 48.10 48.10
CA ILE P 373 1.55 48.12 49.30
C ILE P 373 2.99 47.84 48.89
N ALA P 374 3.84 48.88 48.99
CA ALA P 374 5.26 48.79 48.75
C ALA P 374 5.89 47.76 49.69
N PRO P 375 6.86 46.93 49.22
CA PRO P 375 7.56 45.98 50.09
C PRO P 375 8.16 46.60 51.35
N GLU P 376 8.52 47.89 51.29
CA GLU P 376 9.09 48.59 52.42
C GLU P 376 8.02 49.03 53.42
N ASN P 377 6.75 48.78 53.11
CA ASN P 377 5.63 49.23 53.94
C ASN P 377 4.79 48.06 54.43
N VAL P 378 5.29 46.85 54.16
CA VAL P 378 4.77 45.61 54.68
C VAL P 378 4.77 45.70 56.20
N GLN P 379 3.60 45.44 56.80
CA GLN P 379 3.39 45.64 58.22
C GLN P 379 4.06 44.51 59.00
N LYS P 380 4.66 44.84 60.16
CA LYS P 380 5.15 43.83 61.09
C LYS P 380 4.02 43.46 62.05
N PHE P 381 3.62 42.17 62.02
CA PHE P 381 2.60 41.63 62.89
C PHE P 381 3.23 41.07 64.15
N THR P 382 2.65 41.43 65.29
CA THR P 382 3.07 40.95 66.59
C THR P 382 2.70 39.48 66.71
N PRO P 383 3.33 38.70 67.62
CA PRO P 383 2.94 37.31 67.84
C PRO P 383 1.44 37.20 68.16
N ALA P 384 0.87 38.19 68.85
CA ALA P 384 -0.54 38.19 69.20
C ALA P 384 -1.42 38.19 67.95
N GLU P 385 -1.11 39.06 66.99
CA GLU P 385 -1.94 39.25 65.80
C GLU P 385 -1.85 38.02 64.89
N LEU P 386 -0.69 37.35 64.86
CA LEU P 386 -0.49 36.19 64.01
C LEU P 386 -1.28 35.00 64.57
N SER P 387 -1.22 34.86 65.90
CA SER P 387 -1.84 33.74 66.58
C SER P 387 -3.36 33.88 66.48
N GLU P 388 -3.84 35.12 66.56
CA GLU P 388 -5.26 35.41 66.44
C GLU P 388 -5.77 35.08 65.04
N ALA P 389 -4.96 35.38 64.01
CA ALA P 389 -5.30 35.08 62.63
C ALA P 389 -5.38 33.58 62.42
N ALA P 390 -4.44 32.82 62.99
CA ALA P 390 -4.45 31.36 62.83
C ALA P 390 -5.63 30.74 63.57
N ALA P 391 -6.01 31.37 64.68
CA ALA P 391 -7.09 30.89 65.54
C ALA P 391 -8.43 31.04 64.82
N GLN P 392 -8.55 32.10 64.04
CA GLN P 392 -9.72 32.43 63.25
C GLN P 392 -9.88 31.47 62.07
N LEU P 393 -8.80 30.78 61.69
CA LEU P 393 -8.80 29.86 60.56
C LEU P 393 -9.09 28.43 61.04
N SER P 394 -8.47 28.03 62.15
CA SER P 394 -8.69 26.73 62.74
C SER P 394 -10.14 26.53 63.17
N ALA P 395 -10.83 27.65 63.43
CA ALA P 395 -12.19 27.67 63.92
C ALA P 395 -13.12 28.21 62.83
N SER P 396 -12.90 27.78 61.59
CA SER P 396 -13.75 28.19 60.48
C SER P 396 -14.91 27.22 60.32
N ALA P 397 -16.07 27.77 59.95
CA ALA P 397 -17.31 27.00 59.82
C ALA P 397 -17.44 26.38 58.43
N LYS P 398 -16.52 26.74 57.52
CA LYS P 398 -16.64 26.29 56.13
C LYS P 398 -15.30 25.79 55.62
N PRO P 399 -14.70 24.71 56.16
CA PRO P 399 -13.43 24.23 55.64
C PRO P 399 -13.60 23.52 54.30
N VAL P 400 -12.68 23.81 53.38
CA VAL P 400 -12.68 23.17 52.07
C VAL P 400 -11.50 22.20 52.01
N VAL P 401 -11.76 20.98 51.51
CA VAL P 401 -10.71 20.00 51.24
C VAL P 401 -10.84 19.52 49.79
N ALA P 402 -9.77 19.61 48.98
CA ALA P 402 -9.82 19.10 47.62
C ALA P 402 -8.73 18.03 47.47
N ALA P 403 -9.17 16.79 47.26
CA ALA P 403 -8.28 15.66 47.05
C ALA P 403 -8.13 15.40 45.55
N VAL P 404 -6.90 15.14 45.09
CA VAL P 404 -6.62 14.82 43.69
C VAL P 404 -5.79 13.54 43.64
N GLY P 405 -6.18 12.57 42.80
CA GLY P 405 -5.37 11.37 42.64
C GLY P 405 -6.11 10.13 43.15
N GLN P 406 -5.43 9.35 44.00
CA GLN P 406 -6.09 8.20 44.60
C GLN P 406 -6.96 8.71 45.74
N VAL P 407 -8.19 9.13 45.39
CA VAL P 407 -8.99 9.93 46.31
C VAL P 407 -9.56 9.06 47.43
N HIS P 408 -9.65 7.74 47.18
CA HIS P 408 -10.13 6.82 48.20
C HIS P 408 -9.14 6.73 49.38
N ALA P 409 -7.87 7.10 49.15
CA ALA P 409 -6.81 6.94 50.14
C ALA P 409 -6.37 8.30 50.67
N LEU P 410 -7.06 9.36 50.25
CA LEU P 410 -6.71 10.69 50.72
C LEU P 410 -7.70 11.10 51.81
N PRO P 411 -7.35 12.02 52.74
CA PRO P 411 -8.24 12.38 53.85
C PRO P 411 -9.54 13.05 53.43
N PHE P 412 -10.55 13.03 54.30
CA PHE P 412 -11.79 13.76 54.10
C PHE P 412 -11.86 14.94 55.06
N ALA P 413 -12.75 15.89 54.79
CA ALA P 413 -12.89 17.08 55.62
C ALA P 413 -13.19 16.74 57.08
N ASP P 414 -14.06 15.74 57.30
CA ASP P 414 -14.52 15.33 58.61
C ASP P 414 -13.40 14.62 59.38
N GLU P 415 -12.42 14.03 58.68
CA GLU P 415 -11.26 13.47 59.36
C GLU P 415 -10.30 14.56 59.84
N LEU P 416 -10.34 15.77 59.24
CA LEU P 416 -9.33 16.80 59.50
C LEU P 416 -9.82 17.85 60.52
N MET Q 85 32.25 -47.39 -23.20
CA MET Q 85 32.73 -47.59 -24.59
C MET Q 85 34.19 -47.98 -24.54
N THR Q 86 34.64 -48.70 -25.57
CA THR Q 86 36.05 -49.04 -25.69
C THR Q 86 36.85 -47.79 -26.05
N ALA Q 87 38.14 -47.79 -25.73
CA ALA Q 87 39.01 -46.66 -25.97
C ALA Q 87 39.10 -46.37 -27.47
N ALA Q 88 39.12 -47.46 -28.26
CA ALA Q 88 39.10 -47.40 -29.71
C ALA Q 88 37.89 -46.61 -30.21
N GLU Q 89 36.72 -46.85 -29.62
CA GLU Q 89 35.51 -46.18 -30.08
C GLU Q 89 35.60 -44.69 -29.78
N HIS Q 90 36.30 -44.32 -28.71
CA HIS Q 90 36.47 -42.92 -28.36
C HIS Q 90 37.57 -42.28 -29.20
N GLY Q 91 38.60 -43.05 -29.54
CA GLY Q 91 39.79 -42.46 -30.13
C GLY Q 91 40.77 -42.09 -29.03
N LEU Q 92 42.07 -42.21 -29.34
CA LEU Q 92 43.11 -41.89 -28.39
C LEU Q 92 43.07 -40.40 -28.08
N HIS Q 93 43.33 -40.01 -26.83
CA HIS Q 93 43.32 -38.60 -26.52
C HIS Q 93 44.65 -37.97 -26.91
N PRO Q 94 44.62 -36.82 -27.60
CA PRO Q 94 45.85 -36.16 -28.01
C PRO Q 94 46.60 -35.60 -26.81
N ALA Q 95 47.92 -35.60 -26.91
CA ALA Q 95 48.81 -34.93 -25.99
C ALA Q 95 48.47 -33.43 -25.91
N GLU Q 96 48.86 -32.81 -24.80
CA GLU Q 96 48.77 -31.36 -24.71
C GLU Q 96 50.10 -30.76 -25.15
N TYR Q 97 50.11 -30.15 -26.33
CA TYR Q 97 51.33 -29.56 -26.84
C TYR Q 97 51.42 -28.12 -26.35
N PRO Q 98 52.62 -27.60 -26.08
CA PRO Q 98 52.73 -26.18 -25.71
C PRO Q 98 52.66 -25.17 -26.84
N TRP Q 99 51.44 -24.91 -27.34
CA TRP Q 99 51.20 -23.92 -28.38
C TRP Q 99 51.65 -22.53 -27.94
N PRO Q 100 52.19 -21.68 -28.83
CA PRO Q 100 52.47 -20.28 -28.48
C PRO Q 100 51.26 -19.55 -27.91
N GLN Q 101 50.06 -19.89 -28.38
CA GLN Q 101 48.86 -19.18 -27.97
C GLN Q 101 48.33 -19.70 -26.64
N ASN Q 102 48.89 -20.79 -26.09
CA ASN Q 102 48.50 -21.22 -24.77
C ASN Q 102 49.06 -20.26 -23.74
N GLY Q 103 48.24 -19.84 -22.80
CA GLY Q 103 48.81 -18.80 -21.97
C GLY Q 103 47.90 -17.59 -22.04
N MET Q 104 47.50 -17.16 -20.85
CA MET Q 104 46.52 -16.10 -20.74
C MET Q 104 46.97 -14.86 -21.50
N LEU Q 105 48.27 -14.60 -21.58
CA LEU Q 105 48.70 -13.35 -22.18
C LEU Q 105 49.34 -13.56 -23.55
N SER Q 106 49.10 -14.72 -24.18
CA SER Q 106 49.88 -15.05 -25.35
C SER Q 106 49.06 -14.93 -26.62
N THR Q 107 49.62 -14.32 -27.66
CA THR Q 107 48.94 -14.30 -28.94
C THR Q 107 49.35 -15.55 -29.72
N PHE Q 108 48.75 -15.72 -30.90
CA PHE Q 108 49.27 -16.62 -31.92
C PHE Q 108 50.65 -16.13 -32.37
N ASP Q 109 51.46 -17.05 -32.90
CA ASP Q 109 52.65 -16.64 -33.62
C ASP Q 109 52.26 -16.41 -35.08
N HIS Q 110 52.31 -15.15 -35.53
CA HIS Q 110 51.79 -14.80 -36.85
C HIS Q 110 52.64 -15.39 -37.97
N ALA Q 111 53.91 -15.68 -37.71
CA ALA Q 111 54.78 -16.29 -38.71
C ALA Q 111 54.37 -17.75 -38.93
N SER Q 112 53.96 -18.41 -37.85
CA SER Q 112 53.43 -19.76 -37.96
C SER Q 112 52.07 -19.74 -38.66
N LEU Q 113 51.25 -18.71 -38.42
CA LEU Q 113 49.98 -18.58 -39.11
C LEU Q 113 50.20 -18.48 -40.62
N ARG Q 114 51.16 -17.65 -41.04
CA ARG Q 114 51.46 -17.46 -42.46
C ARG Q 114 51.91 -18.76 -43.10
N ARG Q 115 52.82 -19.49 -42.44
CA ARG Q 115 53.27 -20.77 -42.93
C ARG Q 115 52.12 -21.77 -42.97
N GLY Q 116 51.21 -21.71 -42.00
CA GLY Q 116 50.09 -22.64 -41.98
C GLY Q 116 49.13 -22.37 -43.12
N TYR Q 117 48.98 -21.09 -43.49
CA TYR Q 117 48.16 -20.74 -44.64
C TYR Q 117 48.74 -21.43 -45.88
N GLN Q 118 50.06 -21.42 -45.98
CA GLN Q 118 50.69 -22.01 -47.16
C GLN Q 118 50.50 -23.51 -47.20
N VAL Q 119 50.47 -24.18 -46.05
CA VAL Q 119 50.17 -25.61 -46.03
C VAL Q 119 48.71 -25.83 -46.40
N TYR Q 120 47.80 -24.98 -45.91
CA TYR Q 120 46.41 -25.17 -46.28
C TYR Q 120 46.29 -25.09 -47.80
N LYS Q 121 46.91 -24.05 -48.36
CA LYS Q 121 46.75 -23.72 -49.75
C LYS Q 121 47.36 -24.81 -50.65
N GLU Q 122 48.46 -25.44 -50.22
CA GLU Q 122 49.16 -26.37 -51.10
C GLU Q 122 48.82 -27.83 -50.82
N VAL Q 123 48.22 -28.12 -49.67
CA VAL Q 123 47.92 -29.51 -49.37
C VAL Q 123 46.42 -29.68 -49.13
N CYS Q 124 45.88 -29.03 -48.09
CA CYS Q 124 44.54 -29.33 -47.63
C CYS Q 124 43.49 -28.88 -48.63
N ALA Q 125 43.76 -27.78 -49.34
CA ALA Q 125 42.76 -27.11 -50.15
C ALA Q 125 42.37 -27.97 -51.35
N ALA Q 126 43.13 -29.03 -51.65
CA ALA Q 126 42.73 -29.97 -52.68
C ALA Q 126 41.41 -30.66 -52.30
N CYS Q 127 41.17 -30.86 -51.00
CA CYS Q 127 39.97 -31.59 -50.62
C CYS Q 127 39.07 -30.80 -49.68
N HIS Q 128 39.61 -29.76 -49.04
CA HIS Q 128 38.87 -29.12 -47.96
C HIS Q 128 38.61 -27.67 -48.30
N SER Q 129 37.41 -27.21 -47.97
CA SER Q 129 37.14 -25.80 -48.13
C SER Q 129 37.46 -25.05 -46.83
N LEU Q 130 37.48 -23.72 -46.95
CA LEU Q 130 37.67 -22.81 -45.85
C LEU Q 130 36.68 -21.66 -46.08
N ASP Q 131 35.38 -21.99 -46.05
CA ASP Q 131 34.36 -21.16 -46.66
C ASP Q 131 34.05 -19.91 -45.85
N ARG Q 132 34.45 -19.89 -44.59
CA ARG Q 132 34.04 -18.80 -43.74
C ARG Q 132 35.12 -17.74 -43.72
N ILE Q 133 36.20 -17.93 -44.48
CA ILE Q 133 37.29 -16.98 -44.45
C ILE Q 133 37.26 -16.19 -45.75
N ALA Q 134 37.31 -14.85 -45.67
CA ALA Q 134 37.36 -14.02 -46.88
C ALA Q 134 38.81 -13.58 -47.07
N TRP Q 135 39.19 -13.13 -48.28
CA TRP Q 135 40.56 -12.66 -48.49
C TRP Q 135 40.93 -11.53 -47.53
N ARG Q 136 39.99 -10.62 -47.24
CA ARG Q 136 40.23 -9.51 -46.33
C ARG Q 136 40.62 -9.98 -44.92
N ASN Q 137 40.22 -11.21 -44.54
CA ASN Q 137 40.54 -11.74 -43.22
C ASN Q 137 42.04 -11.97 -43.03
N LEU Q 138 42.78 -12.24 -44.10
CA LEU Q 138 44.20 -12.53 -44.00
C LEU Q 138 44.97 -11.24 -43.81
N VAL Q 139 44.37 -10.11 -44.17
CA VAL Q 139 45.14 -8.89 -44.27
C VAL Q 139 45.47 -8.39 -42.87
N GLY Q 140 46.74 -8.09 -42.60
CA GLY Q 140 47.14 -7.63 -41.28
C GLY Q 140 47.16 -8.76 -40.24
N VAL Q 141 47.08 -10.01 -40.70
CA VAL Q 141 47.18 -11.16 -39.82
C VAL Q 141 48.34 -11.99 -40.34
N THR Q 142 48.25 -12.37 -41.63
CA THR Q 142 49.25 -13.21 -42.26
C THR Q 142 49.85 -12.53 -43.48
N HIS Q 143 49.14 -11.59 -44.12
CA HIS Q 143 49.53 -11.04 -45.42
C HIS Q 143 49.27 -9.54 -45.47
N THR Q 144 49.89 -8.84 -46.43
CA THR Q 144 49.58 -7.43 -46.58
C THR Q 144 48.34 -7.28 -47.46
N THR Q 145 47.80 -6.06 -47.58
CA THR Q 145 46.65 -5.80 -48.45
C THR Q 145 46.93 -6.27 -49.88
N ASP Q 146 48.16 -6.02 -50.35
CA ASP Q 146 48.53 -6.29 -51.73
C ASP Q 146 48.66 -7.78 -52.00
N GLU Q 147 49.29 -8.52 -51.07
CA GLU Q 147 49.40 -9.96 -51.24
C GLU Q 147 48.02 -10.59 -51.31
N ALA Q 148 47.09 -10.12 -50.46
CA ALA Q 148 45.80 -10.76 -50.42
C ALA Q 148 44.99 -10.40 -51.67
N LYS Q 149 45.18 -9.16 -52.18
CA LYS Q 149 44.46 -8.76 -53.38
C LYS Q 149 44.96 -9.60 -54.55
N ALA Q 150 46.27 -9.89 -54.54
CA ALA Q 150 46.86 -10.70 -55.58
C ALA Q 150 46.27 -12.12 -55.56
N PHE Q 151 46.14 -12.73 -54.37
CA PHE Q 151 45.49 -14.02 -54.29
C PHE Q 151 44.06 -13.96 -54.84
N ALA Q 152 43.31 -12.89 -54.51
CA ALA Q 152 41.90 -12.82 -54.90
C ALA Q 152 41.78 -12.68 -56.42
N GLU Q 153 42.62 -11.80 -57.00
CA GLU Q 153 42.56 -11.40 -58.39
C GLU Q 153 42.94 -12.53 -59.34
N GLU Q 154 43.60 -13.58 -58.83
CA GLU Q 154 43.96 -14.71 -59.67
C GLU Q 154 42.76 -15.62 -59.92
N LEU Q 155 41.68 -15.46 -59.16
CA LEU Q 155 40.55 -16.37 -59.31
C LEU Q 155 39.43 -15.66 -60.06
N GLU Q 156 38.46 -16.45 -60.55
CA GLU Q 156 37.27 -15.92 -61.18
C GLU Q 156 36.07 -16.23 -60.30
N TYR Q 157 35.22 -15.23 -60.13
CA TYR Q 157 33.99 -15.42 -59.39
C TYR Q 157 32.82 -15.04 -60.29
N ASP Q 158 31.64 -15.56 -59.97
CA ASP Q 158 30.42 -15.20 -60.66
C ASP Q 158 30.09 -13.73 -60.45
N ASP Q 159 29.92 -13.02 -61.57
CA ASP Q 159 29.48 -11.64 -61.56
C ASP Q 159 27.95 -11.62 -61.69
N GLU Q 160 27.38 -10.41 -61.67
CA GLU Q 160 25.99 -10.17 -62.04
C GLU Q 160 25.85 -10.43 -63.54
N PRO Q 161 24.69 -10.91 -64.04
CA PRO Q 161 24.52 -11.16 -65.47
C PRO Q 161 24.74 -9.88 -66.28
N ASP Q 162 25.18 -10.04 -67.54
CA ASP Q 162 25.34 -8.91 -68.44
C ASP Q 162 23.97 -8.39 -68.90
N ASP Q 163 23.98 -7.55 -69.94
CA ASP Q 163 22.82 -6.77 -70.33
C ASP Q 163 21.81 -7.62 -71.09
N GLU Q 164 22.28 -8.73 -71.69
CA GLU Q 164 21.38 -9.70 -72.31
C GLU Q 164 20.97 -10.76 -71.29
N GLY Q 165 21.39 -10.57 -70.03
CA GLY Q 165 21.06 -11.51 -68.98
C GLY Q 165 21.90 -12.80 -69.02
N ASN Q 166 23.03 -12.79 -69.75
CA ASN Q 166 23.88 -13.96 -69.83
C ASN Q 166 24.87 -13.98 -68.66
N PRO Q 167 25.26 -15.16 -68.13
CA PRO Q 167 26.29 -15.24 -67.09
C PRO Q 167 27.65 -14.66 -67.48
N ARG Q 168 28.34 -14.10 -66.48
CA ARG Q 168 29.66 -13.50 -66.60
C ARG Q 168 30.50 -13.85 -65.36
N LYS Q 169 31.83 -13.90 -65.55
CA LYS Q 169 32.77 -14.03 -64.44
C LYS Q 169 33.52 -12.71 -64.25
N ARG Q 170 34.00 -12.48 -63.03
CA ARG Q 170 34.87 -11.36 -62.73
C ARG Q 170 36.08 -11.87 -61.97
N PRO Q 171 37.20 -11.12 -61.91
CA PRO Q 171 38.28 -11.45 -60.97
C PRO Q 171 37.88 -11.18 -59.53
N GLY Q 172 38.53 -11.90 -58.60
CA GLY Q 172 38.17 -11.82 -57.20
C GLY Q 172 38.57 -10.49 -56.57
N LYS Q 173 37.92 -10.18 -55.44
CA LYS Q 173 38.15 -8.97 -54.66
C LYS Q 173 38.42 -9.39 -53.22
N LEU Q 174 38.86 -8.46 -52.36
CA LEU Q 174 39.11 -8.78 -50.96
C LEU Q 174 37.85 -9.25 -50.22
N ALA Q 175 36.68 -8.82 -50.66
CA ALA Q 175 35.43 -9.16 -50.01
C ALA Q 175 35.05 -10.62 -50.28
N ASP Q 176 35.66 -11.23 -51.29
CA ASP Q 176 35.22 -12.57 -51.68
C ASP Q 176 35.72 -13.60 -50.68
N TYR Q 177 34.99 -14.71 -50.55
CA TYR Q 177 35.37 -15.82 -49.71
C TYR Q 177 36.32 -16.74 -50.47
N ILE Q 178 37.20 -17.40 -49.74
CA ILE Q 178 38.11 -18.33 -50.36
C ILE Q 178 37.28 -19.47 -50.95
N PRO Q 179 37.40 -19.76 -52.27
CA PRO Q 179 36.55 -20.77 -52.90
C PRO Q 179 37.00 -22.19 -52.61
N GLY Q 180 36.03 -23.11 -52.54
CA GLY Q 180 36.29 -24.50 -52.19
C GLY Q 180 36.66 -25.37 -53.40
N PRO Q 181 37.20 -26.59 -53.19
CA PRO Q 181 37.57 -27.44 -54.32
C PRO Q 181 36.42 -28.11 -55.08
N TYR Q 182 35.22 -28.18 -54.50
CA TYR Q 182 34.12 -28.95 -55.07
C TYR Q 182 32.87 -28.08 -55.18
N PRO Q 183 32.04 -28.26 -56.24
CA PRO Q 183 30.77 -27.54 -56.34
C PRO Q 183 29.69 -27.95 -55.35
N ASN Q 184 29.75 -29.19 -54.85
CA ASN Q 184 28.70 -29.68 -53.96
C ASN Q 184 29.22 -30.91 -53.22
N GLU Q 185 28.41 -31.41 -52.28
CA GLU Q 185 28.73 -32.56 -51.46
C GLU Q 185 28.92 -33.81 -52.31
N GLN Q 186 28.12 -33.92 -53.38
CA GLN Q 186 28.10 -35.15 -54.16
C GLN Q 186 29.43 -35.28 -54.89
N ALA Q 187 29.89 -34.16 -55.44
CA ALA Q 187 31.19 -34.08 -56.08
C ALA Q 187 32.31 -34.34 -55.06
N ALA Q 188 32.13 -33.87 -53.82
CA ALA Q 188 33.18 -34.02 -52.83
C ALA Q 188 33.31 -35.49 -52.45
N ARG Q 189 32.17 -36.15 -52.24
CA ARG Q 189 32.16 -37.55 -51.85
C ARG Q 189 32.67 -38.44 -52.98
N ALA Q 190 32.37 -38.06 -54.24
CA ALA Q 190 32.75 -38.88 -55.38
C ALA Q 190 34.27 -38.89 -55.53
N ALA Q 191 34.91 -37.80 -55.11
CA ALA Q 191 36.36 -37.65 -55.21
C ALA Q 191 37.08 -38.30 -54.03
N ASN Q 192 36.34 -38.72 -53.01
CA ASN Q 192 36.97 -39.14 -51.78
C ASN Q 192 36.36 -40.45 -51.32
N GLN Q 193 36.07 -41.34 -52.28
CA GLN Q 193 35.62 -42.70 -52.01
C GLN Q 193 34.45 -42.69 -51.04
N GLY Q 194 33.57 -41.70 -51.19
CA GLY Q 194 32.36 -41.70 -50.39
C GLY Q 194 32.42 -40.78 -49.17
N ALA Q 195 33.63 -40.51 -48.66
CA ALA Q 195 33.79 -39.68 -47.47
C ALA Q 195 33.67 -38.20 -47.83
N LEU Q 196 33.17 -37.41 -46.88
CA LEU Q 196 33.02 -36.00 -47.19
C LEU Q 196 34.06 -35.23 -46.38
N PRO Q 197 35.08 -34.61 -46.99
CA PRO Q 197 36.03 -33.83 -46.21
C PRO Q 197 35.32 -32.60 -45.63
N PRO Q 198 35.31 -32.38 -44.30
CA PRO Q 198 34.61 -31.24 -43.73
C PRO Q 198 35.29 -29.92 -44.10
N ASP Q 199 34.49 -28.85 -44.10
CA ASP Q 199 34.99 -27.49 -44.18
C ASP Q 199 35.85 -27.25 -42.95
N LEU Q 200 36.98 -26.57 -43.10
CA LEU Q 200 37.90 -26.53 -41.97
C LEU Q 200 37.82 -25.22 -41.19
N SER Q 201 36.88 -24.33 -41.53
CA SER Q 201 36.84 -23.02 -40.90
C SER Q 201 36.59 -23.12 -39.40
N LEU Q 202 35.87 -24.15 -38.93
CA LEU Q 202 35.51 -24.20 -37.53
C LEU Q 202 36.07 -25.47 -36.89
N ILE Q 203 36.88 -26.20 -37.65
CA ILE Q 203 37.24 -27.55 -37.24
C ILE Q 203 37.97 -27.55 -35.90
N ALA Q 204 38.75 -26.51 -35.60
CA ALA Q 204 39.45 -26.45 -34.32
C ALA Q 204 38.47 -26.29 -33.16
N LYS Q 205 37.26 -25.76 -33.40
CA LYS Q 205 36.31 -25.67 -32.31
C LYS Q 205 35.33 -26.83 -32.33
N ALA Q 206 35.26 -27.53 -33.47
CA ALA Q 206 34.22 -28.51 -33.67
C ALA Q 206 34.72 -29.89 -33.25
N ARG Q 207 35.93 -29.97 -32.69
CA ARG Q 207 36.45 -31.26 -32.26
C ARG Q 207 37.04 -31.07 -30.87
N HIS Q 208 36.78 -32.01 -29.96
CA HIS Q 208 37.47 -32.03 -28.68
C HIS Q 208 38.98 -32.06 -28.93
N GLY Q 209 39.73 -31.19 -28.27
CA GLY Q 209 41.16 -31.28 -28.48
C GLY Q 209 41.68 -30.05 -29.21
N GLY Q 210 40.88 -29.48 -30.12
CA GLY Q 210 41.29 -28.29 -30.86
C GLY Q 210 42.56 -28.50 -31.67
N ALA Q 211 43.51 -27.55 -31.58
CA ALA Q 211 44.80 -27.64 -32.24
C ALA Q 211 45.50 -28.95 -31.90
N ASP Q 212 45.38 -29.43 -30.66
CA ASP Q 212 46.10 -30.65 -30.32
C ASP Q 212 45.55 -31.83 -31.11
N TYR Q 213 44.22 -31.84 -31.33
CA TYR Q 213 43.63 -32.94 -32.08
C TYR Q 213 44.11 -32.87 -33.53
N ILE Q 214 44.14 -31.66 -34.11
CA ILE Q 214 44.52 -31.56 -35.50
C ILE Q 214 45.98 -32.00 -35.66
N PHE Q 215 46.87 -31.52 -34.79
CA PHE Q 215 48.27 -31.91 -34.85
C PHE Q 215 48.43 -33.42 -34.66
N ALA Q 216 47.73 -33.99 -33.66
CA ALA Q 216 47.85 -35.41 -33.38
C ALA Q 216 47.35 -36.23 -34.57
N LEU Q 217 46.23 -35.82 -35.15
CA LEU Q 217 45.66 -36.61 -36.23
C LEU Q 217 46.59 -36.61 -37.44
N LEU Q 218 47.17 -35.45 -37.78
CA LEU Q 218 47.94 -35.35 -39.02
C LEU Q 218 49.25 -36.10 -38.90
N THR Q 219 49.77 -36.19 -37.68
CA THR Q 219 51.09 -36.78 -37.43
C THR Q 219 50.92 -38.17 -36.82
N GLY Q 220 49.69 -38.68 -36.75
CA GLY Q 220 49.50 -39.93 -36.01
C GLY Q 220 49.07 -41.09 -36.89
N TYR Q 221 49.45 -41.10 -38.17
CA TYR Q 221 49.20 -42.28 -38.99
C TYR Q 221 50.38 -43.23 -38.80
N PRO Q 222 50.20 -44.40 -38.16
CA PRO Q 222 51.30 -45.35 -38.01
C PRO Q 222 51.54 -45.99 -39.37
N ASP Q 223 52.77 -46.47 -39.60
CA ASP Q 223 53.10 -47.13 -40.85
C ASP Q 223 52.19 -48.35 -41.06
N GLU Q 224 51.93 -49.09 -39.98
CA GLU Q 224 51.11 -50.29 -40.03
C GLU Q 224 50.03 -50.20 -38.96
N PRO Q 225 48.76 -50.54 -39.28
CA PRO Q 225 47.73 -50.66 -38.25
C PRO Q 225 48.10 -51.76 -37.25
N PRO Q 226 47.80 -51.52 -35.94
CA PRO Q 226 47.95 -52.54 -34.90
C PRO Q 226 47.33 -53.87 -35.35
N ALA Q 227 48.06 -54.95 -35.09
CA ALA Q 227 47.66 -56.29 -35.52
C ALA Q 227 46.24 -56.58 -35.01
N GLY Q 228 45.37 -56.95 -35.94
CA GLY Q 228 44.04 -57.40 -35.59
C GLY Q 228 42.96 -56.44 -36.08
N VAL Q 229 43.36 -55.19 -36.38
CA VAL Q 229 42.45 -54.16 -36.88
C VAL Q 229 42.12 -54.48 -38.33
N VAL Q 230 40.82 -54.55 -38.62
CA VAL Q 230 40.35 -54.75 -39.98
C VAL Q 230 39.80 -53.42 -40.46
N LEU Q 231 40.47 -52.83 -41.45
CA LEU Q 231 39.97 -51.58 -42.00
C LEU Q 231 38.94 -51.87 -43.08
N ALA Q 232 37.83 -51.13 -43.03
CA ALA Q 232 36.87 -51.02 -44.12
C ALA Q 232 37.56 -50.50 -45.39
N PRO Q 233 37.04 -50.79 -46.61
CA PRO Q 233 37.69 -50.34 -47.85
C PRO Q 233 37.72 -48.81 -47.93
N GLY Q 234 38.90 -48.27 -48.27
CA GLY Q 234 39.09 -46.84 -48.43
C GLY Q 234 39.37 -46.11 -47.10
N MET Q 235 39.59 -46.90 -46.03
CA MET Q 235 39.91 -46.38 -44.71
C MET Q 235 41.40 -46.57 -44.41
N ASN Q 236 41.89 -45.68 -43.56
CA ASN Q 236 43.27 -45.63 -43.13
C ASN Q 236 43.24 -45.68 -41.62
N TYR Q 237 44.24 -46.33 -41.01
CA TYR Q 237 44.21 -46.43 -39.56
C TYR Q 237 44.75 -45.14 -38.95
N ASN Q 238 44.03 -44.56 -38.00
CA ASN Q 238 44.58 -43.43 -37.28
C ASN Q 238 43.99 -43.51 -35.87
N PRO Q 239 44.80 -43.73 -34.82
CA PRO Q 239 44.22 -43.96 -33.50
C PRO Q 239 43.48 -42.76 -32.91
N TYR Q 240 43.76 -41.53 -33.38
CA TYR Q 240 43.13 -40.37 -32.79
C TYR Q 240 41.70 -40.22 -33.28
N PHE Q 241 41.41 -40.85 -34.40
CA PHE Q 241 40.09 -40.74 -34.97
C PHE Q 241 39.18 -41.77 -34.32
N PRO Q 242 37.97 -41.40 -33.83
CA PRO Q 242 37.12 -42.37 -33.15
C PRO Q 242 36.74 -43.55 -34.04
N GLY Q 243 36.98 -44.78 -33.55
CA GLY Q 243 36.79 -45.96 -34.36
C GLY Q 243 38.07 -46.41 -35.08
N GLY Q 244 38.99 -45.47 -35.36
CA GLY Q 244 40.31 -45.81 -35.87
C GLY Q 244 40.45 -45.77 -37.39
N GLY Q 245 39.34 -45.93 -38.14
CA GLY Q 245 39.41 -45.94 -39.58
C GLY Q 245 38.95 -44.61 -40.16
N ILE Q 246 39.86 -43.85 -40.76
CA ILE Q 246 39.49 -42.53 -41.27
C ILE Q 246 39.60 -42.54 -42.79
N GLY Q 247 38.70 -41.82 -43.47
CA GLY Q 247 38.72 -41.77 -44.92
C GLY Q 247 39.82 -40.88 -45.50
N MET Q 248 40.57 -40.16 -44.66
CA MET Q 248 41.62 -39.28 -45.14
C MET Q 248 42.93 -40.02 -44.95
N ALA Q 249 43.75 -40.06 -46.00
CA ALA Q 249 45.03 -40.73 -45.90
C ALA Q 249 46.04 -39.76 -45.30
N ARG Q 250 47.22 -40.26 -44.97
CA ARG Q 250 48.28 -39.35 -44.59
C ARG Q 250 48.64 -38.46 -45.77
N THR Q 251 48.84 -37.15 -45.52
CA THR Q 251 49.10 -36.21 -46.60
C THR Q 251 50.39 -35.42 -46.35
N LEU Q 252 50.84 -35.35 -45.09
CA LEU Q 252 52.02 -34.55 -44.82
C LEU Q 252 53.23 -35.46 -44.80
N PHE Q 253 54.16 -35.21 -45.72
CA PHE Q 253 55.42 -35.90 -45.76
C PHE Q 253 56.51 -34.85 -45.86
N ASP Q 254 57.69 -35.15 -45.29
CA ASP Q 254 58.79 -34.20 -45.29
C ASP Q 254 58.99 -33.66 -46.70
N GLY Q 255 58.85 -32.34 -46.80
CA GLY Q 255 59.16 -31.52 -47.97
C GLY Q 255 58.07 -31.49 -49.03
N VAL Q 256 56.78 -31.59 -48.63
CA VAL Q 256 55.71 -31.50 -49.62
C VAL Q 256 55.45 -30.03 -49.92
N VAL Q 257 55.88 -29.18 -49.00
CA VAL Q 257 55.75 -27.74 -49.11
C VAL Q 257 57.17 -27.18 -49.04
N GLU Q 258 57.41 -26.08 -49.75
CA GLU Q 258 58.65 -25.34 -49.59
C GLU Q 258 58.30 -24.00 -48.96
N TYR Q 259 58.64 -23.80 -47.69
CA TYR Q 259 58.17 -22.62 -47.02
C TYR Q 259 58.90 -21.41 -47.60
N GLU Q 260 58.19 -20.28 -47.69
CA GLU Q 260 58.75 -19.09 -48.31
C GLU Q 260 59.71 -18.35 -47.36
N ASP Q 261 59.80 -18.77 -46.09
CA ASP Q 261 60.61 -18.13 -45.08
C ASP Q 261 61.82 -18.98 -44.72
N GLY Q 262 61.99 -20.11 -45.43
CA GLY Q 262 63.18 -20.96 -45.31
C GLY Q 262 63.12 -22.02 -44.19
N THR Q 263 62.03 -22.05 -43.42
CA THR Q 263 61.80 -23.04 -42.38
C THR Q 263 61.81 -24.46 -42.97
N PRO Q 264 62.54 -25.44 -42.39
CA PRO Q 264 62.49 -26.83 -42.86
C PRO Q 264 61.10 -27.43 -42.73
N ALA Q 265 60.55 -27.86 -43.87
CA ALA Q 265 59.18 -28.33 -43.89
C ALA Q 265 59.12 -29.82 -43.55
N THR Q 266 59.25 -30.13 -42.27
CA THR Q 266 59.07 -31.50 -41.83
C THR Q 266 57.59 -31.77 -41.56
N THR Q 267 57.23 -33.06 -41.47
CA THR Q 267 55.87 -33.45 -41.13
C THR Q 267 55.40 -32.70 -39.89
N SER Q 268 56.22 -32.71 -38.84
CA SER Q 268 55.86 -32.09 -37.58
C SER Q 268 55.70 -30.58 -37.73
N GLN Q 269 56.60 -29.95 -38.49
CA GLN Q 269 56.55 -28.51 -38.63
C GLN Q 269 55.29 -28.10 -39.37
N MET Q 270 54.95 -28.83 -40.42
CA MET Q 270 53.80 -28.47 -41.22
C MET Q 270 52.51 -28.72 -40.44
N ALA Q 271 52.48 -29.79 -39.64
CA ALA Q 271 51.29 -30.08 -38.86
C ALA Q 271 51.10 -29.01 -37.79
N LYS Q 272 52.20 -28.54 -37.21
CA LYS Q 272 52.10 -27.50 -36.21
C LYS Q 272 51.61 -26.19 -36.84
N ASP Q 273 52.15 -25.84 -38.00
CA ASP Q 273 51.77 -24.59 -38.65
C ASP Q 273 50.31 -24.62 -39.09
N VAL Q 274 49.91 -25.72 -39.74
CA VAL Q 274 48.54 -25.76 -40.22
C VAL Q 274 47.56 -25.82 -39.04
N ALA Q 275 47.94 -26.50 -37.94
CA ALA Q 275 47.04 -26.52 -36.80
C ALA Q 275 46.89 -25.12 -36.21
N ALA Q 276 47.99 -24.37 -36.12
CA ALA Q 276 47.92 -23.00 -35.67
C ALA Q 276 47.03 -22.16 -36.59
N PHE Q 277 47.23 -22.27 -37.91
CA PHE Q 277 46.43 -21.53 -38.87
C PHE Q 277 44.94 -21.86 -38.72
N LEU Q 278 44.58 -23.13 -38.56
CA LEU Q 278 43.17 -23.50 -38.47
C LEU Q 278 42.56 -23.04 -37.15
N THR Q 279 43.38 -23.00 -36.09
CA THR Q 279 42.92 -22.46 -34.84
C THR Q 279 42.62 -20.99 -35.03
N TRP Q 280 43.52 -20.26 -35.68
CA TRP Q 280 43.20 -18.89 -35.98
C TRP Q 280 41.89 -18.80 -36.78
N ALA Q 281 41.70 -19.65 -37.80
CA ALA Q 281 40.52 -19.53 -38.65
C ALA Q 281 39.25 -19.73 -37.83
N ALA Q 282 39.31 -20.60 -36.82
CA ALA Q 282 38.13 -20.87 -36.02
C ALA Q 282 37.86 -19.70 -35.07
N GLU Q 283 38.91 -19.00 -34.63
CA GLU Q 283 38.74 -17.98 -33.59
C GLU Q 283 39.60 -16.78 -33.91
N PRO Q 284 39.29 -15.99 -34.95
CA PRO Q 284 40.16 -14.88 -35.32
C PRO Q 284 40.19 -13.68 -34.37
N GLU Q 285 39.23 -13.60 -33.44
CA GLU Q 285 39.24 -12.60 -32.38
C GLU Q 285 40.24 -12.93 -31.26
N HIS Q 286 40.76 -14.16 -31.23
CA HIS Q 286 41.60 -14.66 -30.15
C HIS Q 286 42.56 -13.61 -29.57
N ASP Q 287 43.42 -13.00 -30.38
CA ASP Q 287 44.44 -12.11 -29.86
C ASP Q 287 43.81 -10.88 -29.21
N GLU Q 288 42.82 -10.29 -29.86
CA GLU Q 288 42.19 -9.11 -29.30
C GLU Q 288 41.43 -9.45 -28.01
N ARG Q 289 40.73 -10.58 -28.03
CA ARG Q 289 39.91 -11.02 -26.91
C ARG Q 289 40.79 -11.16 -25.68
N LYS Q 290 42.00 -11.70 -25.85
CA LYS Q 290 42.76 -11.96 -24.65
C LYS Q 290 43.36 -10.66 -24.12
N LYS Q 291 43.63 -9.72 -25.01
CA LYS Q 291 44.18 -8.48 -24.51
C LYS Q 291 43.10 -7.67 -23.80
N LEU Q 292 41.87 -7.69 -24.34
CA LEU Q 292 40.78 -7.01 -23.66
C LEU Q 292 40.51 -7.69 -22.32
N GLY Q 293 40.64 -9.02 -22.28
CA GLY Q 293 40.49 -9.77 -21.04
C GLY Q 293 41.46 -9.32 -19.95
N LEU Q 294 42.70 -9.02 -20.35
CA LEU Q 294 43.71 -8.58 -19.41
C LEU Q 294 43.26 -7.26 -18.79
N LYS Q 295 42.80 -6.35 -19.64
CA LYS Q 295 42.31 -5.06 -19.16
C LYS Q 295 41.14 -5.25 -18.19
N ALA Q 296 40.19 -6.11 -18.56
CA ALA Q 296 39.02 -6.38 -17.75
C ALA Q 296 39.44 -6.96 -16.40
N ILE Q 297 40.35 -7.94 -16.42
CA ILE Q 297 40.79 -8.60 -15.20
C ILE Q 297 41.34 -7.55 -14.24
N ILE Q 298 42.16 -6.63 -14.74
CA ILE Q 298 42.84 -5.68 -13.89
C ILE Q 298 41.81 -4.72 -13.27
N VAL Q 299 40.97 -4.12 -14.11
CA VAL Q 299 39.97 -3.19 -13.63
C VAL Q 299 39.04 -3.87 -12.64
N ILE Q 300 38.55 -5.08 -12.98
CA ILE Q 300 37.55 -5.72 -12.16
C ILE Q 300 38.17 -6.13 -10.83
N SER Q 301 39.42 -6.59 -10.83
CA SER Q 301 40.07 -6.92 -9.57
C SER Q 301 40.19 -5.70 -8.66
N ALA Q 302 40.63 -4.56 -9.23
CA ALA Q 302 40.75 -3.34 -8.46
C ALA Q 302 39.40 -2.94 -7.88
N MET Q 303 38.35 -3.05 -8.69
CA MET Q 303 37.01 -2.67 -8.24
C MET Q 303 36.54 -3.64 -7.17
N LEU Q 304 36.93 -4.91 -7.28
CA LEU Q 304 36.54 -5.85 -6.26
C LEU Q 304 37.19 -5.48 -4.92
N GLY Q 305 38.50 -5.20 -4.94
CA GLY Q 305 39.21 -4.72 -3.75
C GLY Q 305 38.56 -3.46 -3.16
N LEU Q 306 38.26 -2.47 -4.00
CA LEU Q 306 37.67 -1.26 -3.46
C LEU Q 306 36.25 -1.49 -2.94
N SER Q 307 35.47 -2.35 -3.60
CA SER Q 307 34.13 -2.63 -3.11
C SER Q 307 34.22 -3.32 -1.75
N VAL Q 308 35.27 -4.09 -1.48
CA VAL Q 308 35.39 -4.69 -0.16
C VAL Q 308 35.69 -3.62 0.90
N TYR Q 309 36.64 -2.72 0.59
CA TYR Q 309 36.91 -1.63 1.51
C TYR Q 309 35.63 -0.83 1.79
N ILE Q 310 34.87 -0.50 0.75
CA ILE Q 310 33.73 0.38 0.94
C ILE Q 310 32.64 -0.35 1.71
N LYS Q 311 32.45 -1.63 1.44
CA LYS Q 311 31.45 -2.36 2.21
C LYS Q 311 31.85 -2.37 3.68
N LYS Q 312 33.10 -2.73 3.98
CA LYS Q 312 33.51 -2.79 5.37
C LYS Q 312 33.43 -1.42 6.04
N PHE Q 313 33.78 -0.36 5.32
CA PHE Q 313 33.67 0.98 5.86
C PHE Q 313 32.22 1.26 6.24
N LYS Q 314 31.29 1.03 5.31
CA LYS Q 314 29.91 1.35 5.62
C LYS Q 314 29.35 0.44 6.71
N TRP Q 315 29.79 -0.82 6.78
CA TRP Q 315 29.19 -1.74 7.73
C TRP Q 315 29.78 -1.59 9.13
N SER Q 316 30.90 -0.88 9.32
CA SER Q 316 31.56 -0.96 10.63
C SER Q 316 30.66 -0.49 11.78
N PRO Q 317 29.77 0.53 11.67
CA PRO Q 317 28.87 0.85 12.77
C PRO Q 317 27.96 -0.31 13.18
N ILE Q 318 27.56 -1.17 12.23
CA ILE Q 318 26.72 -2.31 12.58
C ILE Q 318 27.59 -3.37 13.24
N LYS Q 319 28.75 -3.63 12.64
CA LYS Q 319 29.58 -4.70 13.17
C LYS Q 319 30.08 -4.35 14.56
N ASN Q 320 30.30 -3.07 14.83
CA ASN Q 320 30.91 -2.63 16.08
C ASN Q 320 29.87 -2.36 17.16
N ARG Q 321 28.59 -2.54 16.86
CA ARG Q 321 27.55 -2.18 17.81
C ARG Q 321 27.69 -2.94 19.14
N LYS Q 322 27.46 -2.26 20.27
CA LYS Q 322 27.47 -2.90 21.58
C LYS Q 322 26.19 -2.61 22.31
N PHE Q 323 25.81 -3.50 23.23
CA PHE Q 323 24.54 -3.37 23.93
C PHE Q 323 24.78 -3.45 25.43
N ILE Q 324 23.94 -2.78 26.20
CA ILE Q 324 23.89 -2.99 27.63
C ILE Q 324 22.43 -3.25 27.92
N TYR Q 325 22.12 -4.37 28.56
CA TYR Q 325 20.73 -4.63 28.84
C TYR Q 325 20.47 -4.47 30.33
N ASN Q 326 19.43 -3.73 30.71
CA ASN Q 326 19.02 -3.71 32.10
C ASN Q 326 17.59 -4.19 32.14
N PRO Q 327 17.32 -5.44 32.60
CA PRO Q 327 15.97 -5.98 32.52
C PRO Q 327 15.01 -5.06 33.24
N PRO Q 328 13.92 -4.62 32.58
CA PRO Q 328 12.93 -3.73 33.20
C PRO Q 328 12.25 -4.40 34.41
N TYR R 7 3.16 -10.32 8.78
CA TYR R 7 4.26 -10.64 9.78
C TYR R 7 5.43 -9.65 9.71
N MET R 8 5.33 -8.65 8.84
CA MET R 8 6.29 -7.56 8.94
C MET R 8 5.51 -6.27 8.75
N GLY R 9 5.78 -5.25 9.58
CA GLY R 9 5.14 -3.97 9.32
C GLY R 9 6.10 -3.07 8.54
N TRP R 10 6.37 -1.89 9.09
CA TRP R 10 7.25 -0.94 8.45
C TRP R 10 7.93 -0.12 9.54
N TRP R 11 8.85 0.78 9.17
CA TRP R 11 9.54 1.56 10.20
C TRP R 11 8.56 2.24 11.15
N GLY R 12 8.76 2.07 12.46
CA GLY R 12 7.86 2.66 13.44
C GLY R 12 6.81 1.68 13.94
N HIS R 13 6.48 0.65 13.15
CA HIS R 13 5.54 -0.37 13.59
C HIS R 13 5.97 -1.69 12.94
N MET R 14 7.20 -2.11 13.23
CA MET R 14 7.76 -3.24 12.51
C MET R 14 7.08 -4.55 12.91
N GLY R 15 6.46 -4.60 14.11
CA GLY R 15 5.84 -5.81 14.61
C GLY R 15 6.67 -6.51 15.69
N SER R 16 7.71 -5.83 16.18
CA SER R 16 8.50 -6.28 17.32
C SER R 16 7.63 -6.33 18.56
N PRO R 17 7.83 -7.29 19.49
CA PRO R 17 7.31 -7.13 20.84
C PRO R 17 7.91 -5.84 21.38
N PRO R 18 7.26 -5.16 22.34
CA PRO R 18 7.79 -3.93 22.92
C PRO R 18 9.23 -4.11 23.39
N GLN R 19 10.07 -3.14 23.05
CA GLN R 19 11.45 -3.22 23.49
C GLN R 19 11.66 -2.21 24.61
N LYS R 20 12.40 -2.63 25.62
CA LYS R 20 12.71 -1.74 26.72
C LYS R 20 13.92 -2.27 27.45
N GLY R 21 14.77 -1.36 27.93
CA GLY R 21 15.86 -1.74 28.80
C GLY R 21 17.15 -2.02 28.04
N ILE R 22 17.14 -1.96 26.71
CA ILE R 22 18.36 -2.24 25.96
C ILE R 22 18.99 -0.91 25.55
N ALA R 23 20.27 -0.69 25.83
CA ALA R 23 20.92 0.50 25.30
C ALA R 23 21.88 0.05 24.21
N GLY R 24 21.80 0.64 23.00
CA GLY R 24 22.73 0.28 21.95
C GLY R 24 23.71 1.42 21.68
N TYR R 25 24.96 1.08 21.39
CA TYR R 25 25.98 2.09 21.18
C TYR R 25 26.73 1.73 19.92
N THR R 26 27.16 2.73 19.17
CA THR R 26 28.11 2.43 18.10
C THR R 26 28.86 3.69 17.74
N ILE R 27 29.82 3.58 16.82
CA ILE R 27 30.62 4.74 16.47
C ILE R 27 30.58 4.91 14.96
N SER R 28 30.87 6.13 14.54
CA SER R 28 30.85 6.54 13.15
C SER R 28 31.80 5.70 12.30
N PRO R 29 31.48 5.40 11.02
CA PRO R 29 32.43 4.71 10.15
C PRO R 29 33.70 5.53 9.97
N PHE R 30 33.60 6.87 10.02
CA PHE R 30 34.81 7.68 9.90
C PHE R 30 35.70 7.60 11.13
N ALA R 31 35.14 7.20 12.28
CA ALA R 31 35.90 7.17 13.52
C ALA R 31 36.51 5.79 13.75
N ALA R 32 36.07 4.79 12.97
CA ALA R 32 36.46 3.41 13.25
C ALA R 32 37.51 2.97 12.24
N ARG R 33 38.36 2.02 12.64
CA ARG R 33 39.21 1.35 11.67
C ARG R 33 38.42 0.19 11.05
N PRO R 34 38.03 0.25 9.76
CA PRO R 34 37.18 -0.80 9.18
C PRO R 34 37.85 -2.17 9.18
N PHE R 35 39.19 -2.18 9.08
CA PHE R 35 39.90 -3.45 9.07
C PHE R 35 40.55 -3.78 10.40
N ALA R 36 40.12 -3.14 11.49
CA ALA R 36 40.63 -3.53 12.80
C ALA R 36 40.44 -5.03 13.03
N GLY R 37 41.52 -5.69 13.47
CA GLY R 37 41.53 -7.09 13.85
C GLY R 37 41.36 -8.05 12.67
N VAL R 38 41.67 -7.57 11.45
CA VAL R 38 41.40 -8.33 10.24
C VAL R 38 42.27 -9.59 10.17
N VAL R 39 43.53 -9.47 10.63
CA VAL R 39 44.49 -10.56 10.55
C VAL R 39 44.07 -11.68 11.48
N HIS R 40 43.75 -11.34 12.73
CA HIS R 40 43.23 -12.31 13.67
C HIS R 40 41.98 -12.99 13.14
N ALA R 41 41.06 -12.21 12.54
CA ALA R 41 39.81 -12.77 12.04
C ALA R 41 40.09 -13.74 10.90
N ALA R 42 40.93 -13.30 9.97
CA ALA R 42 41.21 -14.04 8.75
C ALA R 42 41.83 -15.39 9.10
N ILE R 43 42.57 -15.47 10.21
CA ILE R 43 43.26 -16.71 10.55
C ILE R 43 42.45 -17.50 11.57
N PHE R 44 42.21 -16.90 12.73
CA PHE R 44 41.67 -17.65 13.85
C PHE R 44 40.16 -17.80 13.75
N ASN R 45 39.48 -16.72 13.34
CA ASN R 45 38.04 -16.81 13.29
C ASN R 45 37.66 -17.76 12.15
N THR R 46 38.37 -17.65 11.02
CA THR R 46 38.01 -18.49 9.88
C THR R 46 38.33 -19.94 10.20
N PHE R 47 39.40 -20.18 10.95
CA PHE R 47 39.75 -21.54 11.30
C PHE R 47 38.67 -22.15 12.19
N ARG R 48 38.26 -21.41 13.22
CA ARG R 48 37.17 -21.86 14.09
C ARG R 48 35.91 -22.16 13.26
N ARG R 49 35.50 -21.20 12.41
CA ARG R 49 34.27 -21.40 11.66
C ARG R 49 34.36 -22.62 10.75
N THR R 50 35.53 -22.85 10.15
CA THR R 50 35.72 -23.92 9.19
C THR R 50 35.77 -25.27 9.90
N LYS R 51 36.54 -25.33 10.98
CA LYS R 51 36.66 -26.56 11.73
C LYS R 51 35.29 -27.05 12.18
N ASN R 52 34.39 -26.14 12.59
CA ASN R 52 33.11 -26.59 13.14
C ASN R 52 32.17 -27.06 12.04
N GLN R 53 32.45 -26.72 10.79
CA GLN R 53 31.54 -27.16 9.74
C GLN R 53 32.16 -28.27 8.88
N ALA R 54 33.44 -28.61 9.10
CA ALA R 54 34.21 -29.43 8.17
C ALA R 54 33.57 -30.80 7.91
N LEU R 55 33.11 -31.51 8.95
CA LEU R 55 32.51 -32.83 8.81
C LEU R 55 31.27 -32.85 7.90
N PHE R 56 30.46 -31.79 7.92
CA PHE R 56 29.23 -31.76 7.15
C PHE R 56 29.52 -31.63 5.67
N VAL R 57 30.76 -31.27 5.34
CA VAL R 57 31.17 -31.21 3.95
C VAL R 57 31.94 -32.48 3.61
N ILE R 58 32.89 -32.84 4.49
CA ILE R 58 33.80 -33.94 4.21
C ILE R 58 33.02 -35.25 4.07
N LEU R 59 32.12 -35.55 5.01
CA LEU R 59 31.46 -36.86 4.97
C LEU R 59 30.70 -37.08 3.66
N PRO R 60 29.73 -36.24 3.23
CA PRO R 60 29.02 -36.50 1.97
C PRO R 60 29.91 -36.40 0.74
N VAL R 61 30.86 -35.46 0.73
CA VAL R 61 31.68 -35.31 -0.45
C VAL R 61 32.54 -36.56 -0.61
N SER R 62 33.14 -37.03 0.48
CA SER R 62 34.04 -38.18 0.40
C SER R 62 33.25 -39.43 0.05
N PHE R 63 32.01 -39.53 0.51
CA PHE R 63 31.26 -40.74 0.21
C PHE R 63 30.90 -40.77 -1.28
N PHE R 64 30.38 -39.65 -1.79
CA PHE R 64 29.92 -39.65 -3.17
C PHE R 64 31.11 -39.68 -4.12
N TYR R 65 32.26 -39.15 -3.69
CA TYR R 65 33.42 -39.23 -4.54
C TYR R 65 33.92 -40.67 -4.63
N TYR R 66 33.84 -41.39 -3.51
CA TYR R 66 34.24 -42.79 -3.48
C TYR R 66 33.35 -43.63 -4.38
N VAL R 67 32.03 -43.47 -4.26
CA VAL R 67 31.05 -44.18 -5.07
C VAL R 67 31.31 -43.93 -6.55
N TRP R 68 31.56 -42.68 -6.92
CA TRP R 68 31.78 -42.33 -8.32
C TRP R 68 33.05 -42.99 -8.85
N THR R 69 34.12 -42.92 -8.06
CA THR R 69 35.42 -43.48 -8.39
C THR R 69 35.32 -44.98 -8.60
N GLN R 70 34.52 -45.66 -7.78
CA GLN R 70 34.38 -47.10 -7.93
C GLN R 70 33.60 -47.42 -9.19
N ALA R 71 32.55 -46.65 -9.46
CA ALA R 71 31.69 -46.87 -10.60
C ALA R 71 32.46 -46.60 -11.89
N SER R 72 33.19 -45.47 -11.93
CA SER R 72 33.89 -45.09 -13.14
C SER R 72 35.03 -46.06 -13.39
N GLU R 73 35.69 -46.55 -12.33
CA GLU R 73 36.76 -47.50 -12.57
C GLU R 73 36.23 -48.85 -13.05
N LYS R 74 35.07 -49.27 -12.54
CA LYS R 74 34.51 -50.55 -12.98
C LYS R 74 34.12 -50.44 -14.44
N ASN R 75 33.49 -49.31 -14.79
CA ASN R 75 33.00 -49.11 -16.13
C ASN R 75 34.18 -49.13 -17.10
N GLU R 76 35.28 -48.52 -16.69
CA GLU R 76 36.45 -48.50 -17.55
C GLU R 76 36.97 -49.92 -17.76
N TRP R 77 36.96 -50.72 -16.71
CA TRP R 77 37.56 -52.05 -16.74
C TRP R 77 36.68 -52.99 -17.57
N LEU R 78 35.37 -52.78 -17.54
CA LEU R 78 34.44 -53.65 -18.23
C LEU R 78 34.60 -53.51 -19.74
N TYR R 79 35.12 -52.36 -20.20
CA TYR R 79 35.24 -52.07 -21.61
C TYR R 79 36.68 -52.27 -22.11
N THR R 80 37.48 -52.99 -21.31
CA THR R 80 38.77 -53.48 -21.78
C THR R 80 38.61 -54.93 -22.22
N LYS R 81 39.68 -55.52 -22.78
CA LYS R 81 39.74 -56.91 -23.20
C LYS R 81 39.54 -57.83 -22.01
N ALA R 82 40.23 -57.51 -20.91
CA ALA R 82 40.18 -58.27 -19.66
C ALA R 82 38.76 -58.32 -19.09
N GLY R 83 37.95 -57.29 -19.37
CA GLY R 83 36.62 -57.18 -18.79
C GLY R 83 35.50 -57.72 -19.68
N ARG R 84 35.89 -58.40 -20.78
CA ARG R 84 35.00 -58.88 -21.83
C ARG R 84 33.87 -59.74 -21.26
N HIS R 85 34.26 -60.69 -20.41
CA HIS R 85 33.37 -61.73 -19.92
C HIS R 85 32.39 -61.15 -18.91
N GLU R 86 32.93 -60.31 -18.02
CA GLU R 86 32.13 -59.64 -17.02
C GLU R 86 31.19 -58.65 -17.69
N LEU R 87 31.62 -58.09 -18.84
CA LEU R 87 30.74 -57.19 -19.57
C LEU R 87 29.58 -57.95 -20.20
N ALA R 88 29.86 -59.18 -20.63
CA ALA R 88 28.86 -59.99 -21.31
C ALA R 88 27.73 -60.34 -20.35
N LYS R 89 28.10 -60.60 -19.09
CA LYS R 89 27.15 -60.93 -18.04
C LYS R 89 26.37 -59.69 -17.62
N ALA R 90 27.07 -58.54 -17.55
CA ALA R 90 26.47 -57.28 -17.12
C ALA R 90 25.41 -56.81 -18.12
N LEU R 91 25.61 -57.12 -19.40
CA LEU R 91 24.56 -56.90 -20.40
C LEU R 91 23.78 -58.21 -20.56
N ALA S 4 45.54 18.87 3.03
CA ALA S 4 44.41 17.90 3.18
C ALA S 4 43.11 18.68 3.29
N THR S 5 43.13 19.74 4.09
CA THR S 5 41.99 20.64 4.15
C THR S 5 41.77 21.27 2.78
N THR S 6 42.86 21.76 2.18
CA THR S 6 42.75 22.45 0.91
C THR S 6 42.23 21.48 -0.13
N PHE S 7 42.85 20.30 -0.18
CA PHE S 7 42.42 19.32 -1.14
C PHE S 7 40.96 18.95 -0.95
N TYR S 8 40.55 18.69 0.30
CA TYR S 8 39.17 18.34 0.60
C TYR S 8 38.24 19.44 0.11
N ASN S 9 38.58 20.68 0.45
CA ASN S 9 37.73 21.84 0.16
C ASN S 9 37.51 22.06 -1.33
N VAL S 10 38.55 21.81 -2.13
CA VAL S 10 38.48 22.09 -3.55
C VAL S 10 37.83 20.90 -4.26
N PHE S 11 38.26 19.67 -3.96
CA PHE S 11 37.87 18.60 -4.87
C PHE S 11 36.79 17.70 -4.30
N VAL S 12 36.53 17.76 -2.99
CA VAL S 12 35.73 16.71 -2.39
C VAL S 12 34.45 17.26 -1.79
N LYS S 13 34.56 18.42 -1.13
CA LYS S 13 33.48 18.97 -0.33
C LYS S 13 32.20 19.11 -1.15
N ARG S 14 32.27 19.79 -2.31
CA ARG S 14 31.10 19.91 -3.16
C ARG S 14 31.01 18.64 -4.00
N ASN S 15 29.85 17.99 -4.02
CA ASN S 15 29.66 16.79 -4.81
C ASN S 15 29.81 17.09 -6.29
N SER S 16 29.37 18.28 -6.73
CA SER S 16 29.57 18.67 -8.11
C SER S 16 31.07 18.60 -8.46
N ALA S 17 31.91 19.08 -7.54
CA ALA S 17 33.34 19.10 -7.84
C ALA S 17 33.92 17.70 -7.74
N PHE S 18 33.42 16.90 -6.79
CA PHE S 18 33.87 15.54 -6.58
C PHE S 18 33.55 14.71 -7.82
N VAL S 19 32.33 14.84 -8.33
CA VAL S 19 31.94 14.07 -9.50
C VAL S 19 32.74 14.53 -10.72
N ALA S 20 32.92 15.85 -10.88
CA ALA S 20 33.76 16.38 -11.96
C ALA S 20 35.18 15.81 -11.90
N THR S 21 35.77 15.73 -10.70
CA THR S 21 37.12 15.22 -10.51
C THR S 21 37.17 13.72 -10.81
N ILE S 22 36.16 12.95 -10.39
CA ILE S 22 36.10 11.52 -10.67
C ILE S 22 36.02 11.30 -12.19
N LEU S 23 35.18 12.06 -12.90
CA LEU S 23 35.02 11.86 -14.33
C LEU S 23 36.27 12.26 -15.09
N ALA S 24 36.93 13.36 -14.69
CA ALA S 24 38.17 13.78 -15.32
C ALA S 24 39.26 12.71 -15.11
N SER S 25 39.32 12.15 -13.89
CA SER S 25 40.25 11.10 -13.57
C SER S 25 39.96 9.84 -14.40
N ALA S 26 38.67 9.53 -14.60
CA ALA S 26 38.30 8.36 -15.37
C ALA S 26 38.80 8.51 -16.81
N PHE S 27 38.66 9.72 -17.37
CA PHE S 27 39.10 10.06 -18.71
C PHE S 27 40.62 9.83 -18.83
N VAL S 28 41.38 10.37 -17.87
CA VAL S 28 42.84 10.25 -17.88
C VAL S 28 43.23 8.79 -17.71
N PHE S 29 42.62 8.10 -16.74
CA PHE S 29 42.90 6.70 -16.52
C PHE S 29 42.71 5.92 -17.82
N ASP S 30 41.54 6.07 -18.44
CA ASP S 30 41.16 5.38 -19.66
C ASP S 30 42.23 5.54 -20.75
N MET S 31 42.73 6.76 -20.96
CA MET S 31 43.70 7.02 -22.02
C MET S 31 45.07 6.43 -21.68
N THR S 32 45.50 6.56 -20.42
CA THR S 32 46.83 6.14 -20.02
C THR S 32 46.87 4.62 -19.88
N PHE S 33 45.79 4.04 -19.36
CA PHE S 33 45.76 2.60 -19.17
C PHE S 33 45.81 1.87 -20.52
N GLU S 34 45.08 2.38 -21.51
CA GLU S 34 45.11 1.92 -22.88
C GLU S 34 46.55 1.88 -23.40
N THR S 35 47.25 3.00 -23.27
CA THR S 35 48.61 3.07 -23.78
C THR S 35 49.55 2.13 -23.04
N ALA S 36 49.38 2.01 -21.72
CA ALA S 36 50.26 1.17 -20.93
C ALA S 36 50.05 -0.31 -21.26
N ILE S 37 48.79 -0.73 -21.45
CA ILE S 37 48.49 -2.13 -21.71
C ILE S 37 49.02 -2.48 -23.10
N ASP S 38 48.77 -1.59 -24.06
CA ASP S 38 49.23 -1.77 -25.43
C ASP S 38 50.74 -2.03 -25.43
N ASN S 39 51.53 -1.21 -24.73
CA ASN S 39 52.97 -1.41 -24.71
C ASN S 39 53.35 -2.72 -24.02
N PHE S 40 52.66 -3.03 -22.93
CA PHE S 40 53.02 -4.23 -22.21
C PHE S 40 52.70 -5.48 -23.03
N TRP S 41 51.56 -5.45 -23.72
CA TRP S 41 51.08 -6.59 -24.49
C TRP S 41 52.04 -6.87 -25.64
N ASP S 42 52.55 -5.79 -26.25
CA ASP S 42 53.50 -5.86 -27.34
C ASP S 42 54.84 -6.44 -26.88
N ARG S 43 55.26 -6.18 -25.63
CA ARG S 43 56.54 -6.67 -25.13
C ARG S 43 56.48 -8.16 -24.77
N ILE S 44 55.38 -8.59 -24.14
CA ILE S 44 55.29 -10.00 -23.79
C ILE S 44 55.03 -10.88 -25.02
N ASN S 45 54.52 -10.30 -26.11
CA ASN S 45 54.22 -11.03 -27.32
C ASN S 45 55.13 -10.50 -28.42
N ALA S 46 56.43 -10.32 -28.13
CA ALA S 46 57.34 -9.69 -29.06
C ALA S 46 57.80 -10.71 -30.10
N GLY S 47 57.84 -10.28 -31.37
CA GLY S 47 58.19 -11.16 -32.48
C GLY S 47 57.02 -12.00 -32.97
N LYS S 48 55.88 -11.99 -32.27
CA LYS S 48 54.82 -12.91 -32.66
C LYS S 48 53.74 -12.21 -33.49
N GLN S 49 53.63 -10.89 -33.37
CA GLN S 49 52.45 -10.24 -33.92
C GLN S 49 52.73 -9.85 -35.36
N TRP S 50 51.67 -9.53 -36.11
CA TRP S 50 51.80 -9.06 -37.48
C TRP S 50 52.73 -7.85 -37.57
N LYS S 51 52.52 -6.86 -36.70
CA LYS S 51 53.34 -5.66 -36.64
C LYS S 51 54.84 -6.00 -36.52
N ASP S 52 55.18 -7.18 -35.98
CA ASP S 52 56.58 -7.60 -35.85
C ASP S 52 57.17 -8.23 -37.12
N ILE S 53 56.31 -8.74 -38.03
CA ILE S 53 56.81 -9.49 -39.18
C ILE S 53 56.45 -8.73 -40.46
N ARG S 54 55.57 -7.75 -40.32
CA ARG S 54 55.09 -6.93 -41.43
C ARG S 54 56.23 -6.44 -42.32
N HIS S 55 57.39 -6.12 -41.73
CA HIS S 55 58.48 -5.46 -42.45
C HIS S 55 59.07 -6.35 -43.55
N LYS S 56 58.96 -7.67 -43.40
CA LYS S 56 59.42 -8.60 -44.42
C LYS S 56 58.60 -8.56 -45.71
N TYR S 57 57.40 -7.92 -45.71
CA TYR S 57 56.44 -8.10 -46.80
C TYR S 57 55.99 -6.76 -47.45
N TYR T 8 13.23 56.73 18.86
CA TYR T 8 12.04 55.78 18.80
C TYR T 8 11.77 55.33 17.37
N VAL T 9 11.51 54.02 17.23
CA VAL T 9 11.29 53.36 15.96
C VAL T 9 9.81 52.97 15.91
N LYS T 10 9.11 53.40 14.85
CA LYS T 10 7.67 53.20 14.76
C LYS T 10 7.34 51.89 14.05
N LYS T 11 8.21 51.48 13.13
CA LYS T 11 7.92 50.35 12.26
C LYS T 11 9.21 49.59 11.98
N PRO T 12 9.17 48.25 11.76
CA PRO T 12 10.38 47.54 11.38
C PRO T 12 10.74 47.92 9.94
N SER T 13 12.03 47.83 9.61
CA SER T 13 12.52 48.34 8.35
C SER T 13 12.90 47.17 7.45
N TYR T 14 12.11 46.94 6.40
CA TYR T 14 12.35 45.79 5.54
C TYR T 14 11.65 46.02 4.20
N LYS T 15 12.08 45.25 3.20
CA LYS T 15 11.41 45.17 1.92
C LYS T 15 11.29 43.72 1.51
N ILE T 16 10.43 43.46 0.52
CA ILE T 16 10.28 42.15 -0.06
C ILE T 16 11.12 42.08 -1.33
N VAL T 17 12.01 41.09 -1.39
CA VAL T 17 12.80 40.88 -2.58
C VAL T 17 11.94 40.16 -3.62
N PRO T 18 12.18 40.40 -4.92
CA PRO T 18 11.46 39.66 -5.96
C PRO T 18 11.74 38.16 -5.87
N HIS T 19 10.71 37.36 -6.13
CA HIS T 19 10.82 35.92 -5.99
C HIS T 19 9.85 35.27 -6.93
N PHE T 20 10.09 34.00 -7.24
CA PHE T 20 9.28 33.27 -8.18
C PHE T 20 9.49 31.79 -7.90
N LEU T 21 8.38 31.06 -7.67
CA LEU T 21 8.38 29.63 -7.39
C LEU T 21 9.25 29.34 -6.17
N GLY T 22 9.34 30.31 -5.27
CA GLY T 22 10.11 30.20 -4.04
C GLY T 22 11.61 30.37 -4.26
N PHE T 23 12.02 30.95 -5.39
CA PHE T 23 13.42 31.26 -5.59
C PHE T 23 13.58 32.76 -5.59
N ASN T 24 14.70 33.24 -5.05
CA ASN T 24 15.01 34.65 -5.12
C ASN T 24 16.45 34.77 -5.59
N ILE T 25 16.85 35.98 -5.95
CA ILE T 25 18.17 36.22 -6.53
C ILE T 25 19.28 35.92 -5.53
N PRO T 26 19.25 36.41 -4.26
CA PRO T 26 20.30 36.05 -3.31
C PRO T 26 20.55 34.55 -3.19
N THR T 27 19.49 33.74 -3.15
CA THR T 27 19.69 32.29 -3.04
C THR T 27 20.31 31.73 -4.31
N VAL T 28 19.68 31.99 -5.45
CA VAL T 28 20.10 31.45 -6.73
C VAL T 28 21.56 31.82 -7.02
N SER T 29 21.95 33.04 -6.65
CA SER T 29 23.29 33.50 -6.97
C SER T 29 24.32 32.66 -6.20
N LYS T 30 23.96 32.13 -5.03
CA LYS T 30 24.84 31.21 -4.31
C LYS T 30 25.04 29.91 -5.08
N TRP T 31 24.05 29.52 -5.89
CA TRP T 31 24.11 28.23 -6.57
C TRP T 31 24.70 28.35 -7.98
N ILE T 32 24.89 29.57 -8.49
CA ILE T 32 25.37 29.77 -9.85
C ILE T 32 26.68 29.00 -10.06
N PRO T 33 27.73 29.17 -9.22
CA PRO T 33 28.96 28.39 -9.37
C PRO T 33 28.75 26.88 -9.34
N ILE T 34 27.76 26.41 -8.59
CA ILE T 34 27.50 24.97 -8.51
C ILE T 34 26.94 24.47 -9.84
N PHE T 35 26.05 25.24 -10.48
CA PHE T 35 25.59 24.90 -11.82
C PHE T 35 26.76 24.85 -12.78
N GLY T 36 27.69 25.81 -12.64
CA GLY T 36 28.91 25.82 -13.42
C GLY T 36 29.69 24.50 -13.32
N ILE T 37 29.96 24.06 -12.09
CA ILE T 37 30.72 22.83 -11.89
C ILE T 37 29.92 21.65 -12.42
N TRP T 38 28.60 21.62 -12.18
CA TRP T 38 27.82 20.50 -12.71
C TRP T 38 27.91 20.47 -14.24
N GLY T 39 28.00 21.66 -14.85
CA GLY T 39 28.05 21.78 -16.29
C GLY T 39 29.35 21.22 -16.84
N ALA T 40 30.45 21.56 -16.15
CA ALA T 40 31.75 20.96 -16.41
C ALA T 40 31.69 19.44 -16.27
N ALA T 41 31.14 18.94 -15.15
CA ALA T 41 31.01 17.51 -14.95
C ALA T 41 30.26 16.86 -16.11
N ALA T 42 29.17 17.49 -16.56
CA ALA T 42 28.35 16.93 -17.61
C ALA T 42 29.10 16.98 -18.93
N GLY T 43 29.83 18.08 -19.15
CA GLY T 43 30.65 18.26 -20.34
C GLY T 43 31.76 17.22 -20.43
N ILE T 44 32.56 17.09 -19.36
CA ILE T 44 33.61 16.10 -19.31
C ILE T 44 32.99 14.72 -19.50
N GLY T 45 31.88 14.44 -18.80
CA GLY T 45 31.26 13.12 -18.88
C GLY T 45 30.81 12.80 -20.31
N ALA T 46 30.15 13.76 -20.96
CA ALA T 46 29.57 13.59 -22.29
C ALA T 46 30.69 13.35 -23.29
N LEU T 47 31.72 14.20 -23.20
CA LEU T 47 32.85 14.10 -24.11
C LEU T 47 33.56 12.76 -23.93
N PHE T 48 33.69 12.32 -22.68
CA PHE T 48 34.30 11.04 -22.39
C PHE T 48 33.48 9.92 -23.00
N LEU T 49 32.15 10.05 -22.99
CA LEU T 49 31.28 9.00 -23.52
C LEU T 49 31.42 8.85 -25.04
N ILE T 50 31.82 9.91 -25.74
CA ILE T 50 31.86 9.84 -27.18
C ILE T 50 33.30 9.94 -27.65
N GLU T 51 34.24 9.68 -26.75
CA GLU T 51 35.65 9.79 -27.08
C GLU T 51 36.00 8.78 -28.19
N GLY T 52 35.27 7.67 -28.27
CA GLY T 52 35.52 6.65 -29.29
C GLY T 52 35.01 7.08 -30.67
N VAL T 53 34.00 7.93 -30.72
CA VAL T 53 33.44 8.39 -31.98
C VAL T 53 34.52 9.09 -32.79
N PRO T 54 34.80 8.63 -34.04
CA PRO T 54 35.87 9.20 -34.86
C PRO T 54 35.80 10.71 -35.11
N ARG T 55 34.58 11.23 -35.22
CA ARG T 55 34.40 12.65 -35.43
C ARG T 55 34.86 13.45 -34.20
N THR T 56 34.58 12.94 -32.99
CA THR T 56 35.04 13.55 -31.75
C THR T 56 36.55 13.70 -31.75
N ARG T 57 37.24 12.66 -32.24
CA ARG T 57 38.69 12.62 -32.26
C ARG T 57 39.20 13.62 -33.28
N GLN T 58 38.61 13.56 -34.47
CA GLN T 58 38.99 14.41 -35.59
C GLN T 58 38.79 15.88 -35.26
N ASP T 59 37.61 16.24 -34.71
CA ASP T 59 37.20 17.63 -34.57
C ASP T 59 37.56 18.27 -33.23
N ILE T 60 37.62 17.46 -32.16
CA ILE T 60 37.84 18.03 -30.84
C ILE T 60 39.20 17.56 -30.31
N LEU T 61 39.33 16.25 -30.08
CA LEU T 61 40.35 15.73 -29.20
C LEU T 61 41.74 15.85 -29.81
N SER T 62 41.86 15.71 -31.13
CA SER T 62 43.17 15.70 -31.76
C SER T 62 43.74 17.12 -31.86
N LYS T 63 42.90 18.12 -31.60
CA LYS T 63 43.27 19.52 -31.73
C LYS T 63 43.82 20.08 -30.43
N ILE T 64 43.59 19.36 -29.31
CA ILE T 64 44.12 19.79 -28.02
C ILE T 64 45.65 19.78 -28.09
N PRO T 65 46.33 20.87 -27.66
CA PRO T 65 47.79 20.95 -27.72
C PRO T 65 48.48 19.91 -26.85
N ILE T 66 49.58 19.33 -27.37
CA ILE T 66 50.45 18.35 -26.71
C ILE T 66 49.76 16.99 -26.68
N ILE T 67 48.66 16.94 -25.93
CA ILE T 67 47.84 15.78 -25.60
C ILE T 67 47.20 15.21 -26.88
N GLY T 68 46.97 16.09 -27.87
CA GLY T 68 46.11 15.80 -29.00
C GLY T 68 46.65 14.72 -29.93
N GLU T 69 47.94 14.40 -29.78
CA GLU T 69 48.56 13.44 -30.66
C GLU T 69 48.18 12.02 -30.24
N HIS T 70 47.63 11.89 -29.03
CA HIS T 70 47.10 10.63 -28.56
C HIS T 70 46.04 10.09 -29.53
N TRP T 71 45.33 11.00 -30.23
CA TRP T 71 44.20 10.60 -31.04
C TRP T 71 44.50 10.63 -32.54
N ILE T 72 45.75 10.93 -32.90
CA ILE T 72 46.16 10.91 -34.30
C ILE T 72 46.87 9.59 -34.55
N ARG T 73 46.10 8.61 -35.02
CA ARG T 73 46.63 7.27 -35.25
C ARG T 73 46.16 6.78 -36.62
N GLU T 74 47.13 6.35 -37.44
CA GLU T 74 46.89 5.88 -38.80
C GLU T 74 47.17 4.38 -38.89
N ILE T 75 46.22 3.64 -39.49
CA ILE T 75 46.45 2.27 -39.90
C ILE T 75 47.34 2.31 -41.14
N PRO T 76 48.47 1.57 -41.18
CA PRO T 76 49.29 1.44 -42.39
C PRO T 76 48.43 0.85 -43.51
N ALA T 77 48.60 1.38 -44.73
CA ALA T 77 47.87 0.93 -45.91
C ALA T 77 48.04 -0.56 -46.17
N SER T 78 49.14 -1.14 -45.68
CA SER T 78 49.42 -2.56 -45.86
C SER T 78 48.54 -3.44 -44.98
N ASP T 79 47.91 -2.86 -43.95
CA ASP T 79 47.25 -3.62 -42.91
C ASP T 79 45.76 -3.37 -42.96
N ASN T 80 45.32 -2.64 -43.99
CA ASN T 80 43.94 -2.19 -44.05
C ASN T 80 43.24 -2.87 -45.22
N PRO T 81 42.27 -3.79 -44.99
CA PRO T 81 41.56 -4.42 -46.11
C PRO T 81 40.63 -3.45 -46.83
N PHE T 82 40.13 -2.44 -46.11
CA PHE T 82 39.16 -1.51 -46.67
C PHE T 82 39.90 -0.24 -47.13
CHA HEM U . 4.41 -5.65 -38.43
CHB HEM U . 2.53 -2.30 -35.40
CHC HEM U . 3.42 -5.29 -31.64
CHD HEM U . 5.69 -8.37 -34.61
C1A HEM U . 3.80 -4.54 -37.88
C2A HEM U . 3.30 -3.47 -38.66
C3A HEM U . 2.79 -2.53 -37.83
C4A HEM U . 2.96 -2.98 -36.51
CMA HEM U . 2.12 -1.23 -38.27
CAA HEM U . 3.25 -3.36 -40.19
CBA HEM U . 2.08 -4.31 -40.52
CGA HEM U . 1.85 -4.57 -42.00
O1A HEM U . 2.06 -5.70 -42.53
O2A HEM U . 1.45 -3.63 -42.71
C1B HEM U . 2.57 -2.86 -34.11
C2B HEM U . 2.07 -2.21 -32.94
C3B HEM U . 2.34 -3.04 -31.89
C4B HEM U . 3.00 -4.22 -32.43
CMB HEM U . 1.40 -0.85 -32.92
CAB HEM U . 2.03 -2.92 -30.44
CBB HEM U . 1.96 -1.72 -29.88
C1C HEM U . 4.17 -6.36 -32.13
C2C HEM U . 4.72 -7.35 -31.33
C3C HEM U . 5.38 -8.23 -32.14
C4C HEM U . 5.24 -7.75 -33.49
CMC HEM U . 4.60 -7.45 -29.80
CAC HEM U . 6.09 -9.40 -31.57
CBC HEM U . 7.08 -9.74 -32.37
C1D HEM U . 5.45 -7.85 -35.88
C2D HEM U . 5.99 -8.54 -37.07
C3D HEM U . 5.63 -7.80 -38.14
C4D HEM U . 4.92 -6.63 -37.60
CMD HEM U . 6.77 -9.88 -37.09
CAD HEM U . 5.97 -8.07 -39.61
CBD HEM U . 4.97 -8.95 -40.36
CGD HEM U . 3.81 -8.12 -40.85
O1D HEM U . 3.90 -7.11 -41.55
O2D HEM U . 2.67 -8.42 -40.51
NA HEM U . 3.57 -4.21 -36.55
NB HEM U . 3.10 -4.06 -33.75
NC HEM U . 4.47 -6.62 -33.42
ND HEM U . 4.83 -6.71 -36.24
FE HEM U . 4.00 -5.45 -35.08
CHA HEM V . -6.63 6.91 -17.97
CHB HEM V . -5.13 3.02 -20.45
CHC HEM V . -2.36 5.85 -23.24
CHD HEM V . -3.35 9.64 -20.31
C1A HEM V . -6.50 5.62 -18.46
C2A HEM V . -7.30 4.54 -18.04
C3A HEM V . -6.88 3.41 -18.73
C4A HEM V . -5.86 3.85 -19.62
CMA HEM V . -7.41 1.97 -18.63
CAA HEM V . -8.42 4.59 -17.00
CBA HEM V . -9.75 4.49 -17.77
CGA HEM V . -9.95 5.63 -18.77
O1A HEM V . -10.06 5.47 -19.99
O2A HEM V . -10.00 6.84 -18.43
C1B HEM V . -4.22 3.47 -21.43
C2B HEM V . -3.56 2.60 -22.34
C3B HEM V . -2.78 3.41 -23.15
C4B HEM V . -2.99 4.77 -22.66
CMB HEM V . -3.76 1.08 -22.36
CAB HEM V . -1.89 3.11 -24.29
CBB HEM V . -1.31 1.92 -24.44
C1C HEM V . -2.43 7.12 -22.75
C2C HEM V . -1.93 8.30 -23.35
C3C HEM V . -2.23 9.34 -22.48
C4C HEM V . -2.96 8.84 -21.37
CMC HEM V . -1.16 8.38 -24.67
CAC HEM V . -1.91 10.79 -22.57
CBC HEM V . -1.28 11.48 -23.53
C1D HEM V . -4.29 9.14 -19.44
C2D HEM V . -4.88 9.99 -18.44
C3D HEM V . -5.78 9.23 -17.79
C4D HEM V . -5.77 7.91 -18.41
CMD HEM V . -4.54 11.45 -18.13
CAD HEM V . -6.71 9.67 -16.65
CBD HEM V . -7.97 10.16 -17.37
CGD HEM V . -9.12 10.29 -16.39
O1D HEM V . -9.55 11.41 -16.22
O2D HEM V . -9.71 9.30 -15.86
NA HEM V . -5.63 5.19 -19.45
NB HEM V . -3.84 4.73 -21.64
NC HEM V . -3.07 7.49 -21.59
ND HEM V . -4.85 7.90 -19.41
FE HEM V . -4.45 6.41 -20.51
O12 PC1 W . -19.49 18.37 -22.35
P PC1 W . -20.19 17.08 -22.06
O14 PC1 W . -19.62 16.11 -21.07
O13 PC1 W . -21.73 17.43 -21.73
C11 PC1 W . -22.65 16.42 -21.22
C12 PC1 W . -24.00 17.09 -21.03
N PC1 W . -24.13 18.22 -20.02
C13 PC1 W . -23.47 19.48 -20.49
C14 PC1 W . -25.58 18.51 -19.82
C15 PC1 W . -23.55 17.84 -18.70
O11 PC1 W . -20.28 16.24 -23.42
C1 PC1 W . -20.47 16.93 -24.65
C2 PC1 W . -20.00 15.95 -25.69
O21 PC1 W . -18.55 15.99 -25.67
C21 PC1 W . -17.83 14.86 -25.47
O22 PC1 W . -18.39 13.89 -25.01
C22 PC1 W . -16.39 15.26 -25.93
C23 PC1 W . -15.22 14.26 -25.91
C24 PC1 W . -14.05 14.68 -26.85
C25 PC1 W . -13.36 13.61 -27.75
C26 PC1 W . -12.64 14.19 -29.01
C27 PC1 W . -11.98 13.21 -30.02
C28 PC1 W . -11.05 13.88 -31.13
C29 PC1 W . -9.64 13.23 -31.39
C2A PC1 W . -8.40 14.13 -31.82
C2B PC1 W . -7.19 14.09 -30.84
C2C PC1 W . -6.08 15.13 -30.97
C3 PC1 W . -20.48 16.29 -27.08
O31 PC1 W . -19.45 17.04 -27.75
C31 PC1 W . -19.69 18.32 -28.08
O32 PC1 W . -20.69 18.66 -28.66
C32 PC1 W . -18.58 19.24 -27.57
C33 PC1 W . -17.62 19.78 -28.60
C34 PC1 W . -16.79 18.73 -29.35
C35 PC1 W . -16.28 19.21 -30.71
C36 PC1 W . -15.77 18.14 -31.67
C37 PC1 W . -15.36 18.67 -33.04
C38 PC1 W . -15.04 17.62 -34.09
C1 PTY X . -19.03 -12.75 -14.86
C2 PTY X . -23.71 -12.87 -9.57
C3 PTY X . -23.47 -11.73 -10.53
O4 PTY X . -18.54 -11.50 -15.40
C5 PTY X . -20.51 -12.57 -12.84
C6 PTY X . -20.41 -12.47 -14.34
O7 PTY X . -21.23 -13.44 -15.04
C8 PTY X . -21.49 -13.23 -16.34
O10 PTY X . -22.25 -12.36 -16.67
C11 PTY X . -20.75 -14.15 -17.28
C12 PTY X . -21.01 -13.90 -18.73
C13 PTY X . -19.88 -13.17 -19.40
C14 PTY X . -18.85 -14.07 -20.02
C15 PTY X . -17.45 -13.65 -19.68
C16 PTY X . -16.62 -13.27 -20.89
C17 PTY X . -16.49 -11.78 -21.13
C18 PTY X . -16.90 -11.33 -22.52
C19 PTY X . -16.16 -12.02 -23.66
C20 PTY X . -14.99 -11.24 -24.19
C30 PTY X . -17.34 -11.18 -15.00
C31 PTY X . -16.67 -10.30 -16.01
O30 PTY X . -16.89 -11.57 -13.95
C32 PTY X . -17.43 -9.02 -16.26
C33 PTY X . -16.99 -8.31 -17.52
C34 PTY X . -15.56 -8.64 -17.92
C35 PTY X . -14.93 -7.63 -18.81
C36 PTY X . -14.12 -6.58 -18.08
C37 PTY X . -13.70 -5.43 -18.95
C38 PTY X . -13.58 -5.80 -20.41
C39 PTY X . -12.83 -4.79 -21.20
C40 PTY X . -11.47 -5.24 -21.60
C41 PTY X . -10.41 -4.75 -20.66
C42 PTY X . -9.14 -4.41 -21.35
C43 PTY X . -8.25 -5.64 -21.44
C44 PTY X . -8.16 -6.26 -22.82
P1 PTY X . -21.30 -10.46 -11.47
O11 PTY X . -22.04 -11.67 -10.70
O12 PTY X . -22.12 -9.66 -12.44
O13 PTY X . -20.62 -9.81 -10.30
O14 PTY X . -20.18 -11.26 -12.29
N1 PTY X . -22.53 -13.77 -9.52
C1 CDL Y . 0.38 15.78 -5.95
O1 CDL Y . -0.72 15.05 -6.51
CA2 CDL Y . 0.97 16.68 -7.02
OA2 CDL Y . -0.02 16.74 -8.09
PA1 CDL Y . 0.43 16.96 -9.63
OA3 CDL Y . 1.19 15.73 -10.07
OA4 CDL Y . -0.77 17.42 -10.40
OA5 CDL Y . 1.48 18.19 -9.60
CA3 CDL Y . 2.90 17.92 -9.66
CA4 CDL Y . 3.44 18.16 -11.06
OA6 CDL Y . 4.58 17.25 -11.14
CA5 CDL Y . 4.60 16.28 -12.07
OA7 CDL Y . 3.99 15.25 -11.99
C11 CDL Y . 5.49 16.56 -13.24
C12 CDL Y . 5.65 15.36 -14.12
C13 CDL Y . 6.86 15.46 -15.03
C14 CDL Y . 6.66 16.24 -16.33
C15 CDL Y . 7.90 16.42 -17.19
C16 CDL Y . 8.08 15.36 -18.27
CA6 CDL Y . 3.78 19.62 -11.29
OA8 CDL Y . 4.39 19.80 -12.59
CA7 CDL Y . 3.85 20.70 -13.42
OA9 CDL Y . 2.75 21.18 -13.29
C31 CDL Y . 4.80 21.01 -14.55
C32 CDL Y . 4.36 20.47 -15.88
C33 CDL Y . 5.50 19.78 -16.64
C34 CDL Y . 6.36 20.72 -17.49
C35 CDL Y . 7.11 20.04 -18.65
C36 CDL Y . 7.73 20.99 -19.66
C37 CDL Y . 8.40 20.31 -20.85
CB2 CDL Y . 1.37 14.78 -5.40
OB2 CDL Y . 2.75 15.26 -5.45
PB2 CDL Y . 3.94 14.22 -5.73
OB3 CDL Y . 4.86 14.31 -4.54
OB4 CDL Y . 3.31 12.89 -6.08
OB5 CDL Y . 4.62 14.85 -7.04
CB3 CDL Y . 6.00 15.33 -7.01
CB4 CDL Y . 6.58 15.43 -8.41
OB6 CDL Y . 6.65 14.18 -9.21
CB5 CDL Y . 7.59 13.22 -9.00
OB7 CDL Y . 7.91 12.83 -7.90
C51 CDL Y . 8.15 12.62 -10.29
C52 CDL Y . 8.31 11.13 -10.27
CB6 CDL Y . 7.80 16.32 -8.53
OB8 CDL Y . 7.37 17.70 -8.56
CB7 CDL Y . 7.74 18.46 -9.60
OB9 CDL Y . 8.11 18.04 -10.67
C71 CDL Y . 7.64 19.93 -9.26
C1B LMT Z . -4.69 0.58 -3.17
C2B LMT Z . -4.95 1.99 -2.61
C3B LMT Z . -5.03 2.02 -1.08
C4B LMT Z . -5.89 0.90 -0.49
C5B LMT Z . -5.54 -0.44 -1.14
C6B LMT Z . -6.46 -1.56 -0.65
O1B LMT Z . -3.34 0.19 -2.87
O2B LMT Z . -3.92 2.89 -3.06
O3B LMT Z . -5.51 3.31 -0.65
O4' LMT Z . -5.66 0.86 0.92
O5B LMT Z . -5.62 -0.34 -2.57
O6B LMT Z . -7.03 -2.25 -1.76
C1' LMT Z . -0.24 -1.27 -5.35
C2' LMT Z . -0.47 0.25 -5.17
C3' LMT Z . -1.91 0.64 -4.79
C4' LMT Z . -2.68 -0.41 -3.99
C5' LMT Z . -1.74 -1.49 -3.48
C6' LMT Z . -2.42 -2.56 -2.63
O1' LMT Z . -0.37 -1.60 -6.73
O2' LMT Z . 0.47 0.80 -4.24
O3' LMT Z . -2.59 0.88 -6.01
O5' LMT Z . -1.14 -2.10 -4.61
O6' LMT Z . -3.35 -3.24 -3.49
C1 LMT Z . 0.78 -1.16 -7.44
C2 LMT Z . 1.26 -2.28 -8.35
C3 LMT Z . 0.06 -3.08 -8.83
C4 LMT Z . -0.42 -2.58 -10.19
C5 LMT Z . -1.04 -3.73 -11.00
C6 LMT Z . -1.03 -5.07 -10.26
C7 LMT Z . -0.35 -6.23 -11.00
C8 LMT Z . 0.87 -5.85 -11.82
C9 LMT Z . 0.84 -6.59 -13.15
C10 LMT Z . 0.48 -5.73 -14.35
C11 LMT Z . 0.60 -6.54 -15.63
C12 LMT Z . -0.75 -6.98 -16.16
C AWB AA . -4.81 -7.89 -13.98
N AWB AA . -9.83 -0.02 -16.77
O AWB AA . -6.59 -1.11 -17.80
C1 AWB AA . -4.14 -7.14 -12.82
N1 AWB AA . -14.31 2.04 -18.14
O1 AWB AA . -8.51 -1.36 -18.86
C2 AWB AA . -3.18 -6.07 -13.32
O2 AWB AA . -7.86 -2.89 -15.80
C3 AWB AA . -3.88 -4.68 -13.30
O3 AWB AA . -6.19 -2.00 -14.68
C4 AWB AA . -3.82 -3.89 -14.66
O4 AWB AA . -9.18 1.39 -15.06
C5 AWB AA . -4.80 -4.50 -15.68
O5 AWB AA . -16.26 2.64 -18.90
C6 AWB AA . -5.61 -3.51 -16.53
O6 AWB AA . -11.98 0.61 -17.90
C7 AWB AA . -4.81 -2.58 -17.44
O7 AWB AA . -3.86 -3.36 -18.14
C8 AWB AA . -5.67 -1.91 -18.50
O8 AWB AA . -2.23 -1.84 -17.49
C9 AWB AA . -7.97 -1.09 -17.83
C10 AWB AA . -8.61 -0.77 -16.53
C11 AWB AA . -8.96 -2.04 -15.73
C12 AWB AA . -6.51 -2.74 -15.55
C13 AWB AA . -10.16 -2.79 -16.27
C14 AWB AA . -10.00 1.08 -15.85
C15 AWB AA . -11.26 1.89 -15.98
C16 AWB AA . -12.17 1.63 -16.99
C17 AWB AA . -13.31 2.39 -17.13
C18 AWB AA . -13.54 3.36 -16.17
C19 AWB AA . -12.60 3.64 -15.15
C20 AWB AA . -11.46 2.87 -15.05
C21 AWB AA . -15.39 2.99 -18.26
C22 AWB AA . -4.86 -1.00 -19.38
C23 AWB AA . -2.47 -2.90 -18.01
C24 AWB AA . -1.36 -3.82 -18.59
C25 AWB AA . -1.36 -3.70 -20.11
C26 AWB AA . -2.55 -4.35 -20.80
C27 AWB AA . -1.37 -2.22 -20.50
C1 PTY BA . 38.09 -2.91 -20.12
C2 PTY BA . 37.87 2.29 -24.20
C3 PTY BA . 37.51 0.93 -24.76
O4 PTY BA . 37.44 -3.54 -18.99
C5 PTY BA . 38.68 -3.43 -22.50
C6 PTY BA . 37.83 -3.79 -21.31
O7 PTY BA . 36.44 -3.81 -21.71
C8 PTY BA . 36.01 -4.97 -22.24
O10 PTY BA . 36.66 -5.97 -22.22
C11 PTY BA . 34.64 -4.87 -22.84
C12 PTY BA . 33.60 -4.51 -21.85
C13 PTY BA . 32.97 -5.71 -21.16
C14 PTY BA . 33.59 -6.10 -19.82
C15 PTY BA . 32.62 -6.63 -18.75
C16 PTY BA . 31.15 -6.20 -18.85
C17 PTY BA . 30.12 -7.24 -18.44
C18 PTY BA . 28.67 -6.91 -18.82
C19 PTY BA . 28.17 -7.48 -20.15
C20 PTY BA . 27.04 -6.71 -20.82
C30 PTY BA . 36.73 -2.72 -18.22
C31 PTY BA . 35.35 -3.24 -18.05
O30 PTY BA . 37.14 -1.70 -17.75
C32 PTY BA . 35.16 -3.90 -16.75
C33 PTY BA . 34.17 -3.18 -15.89
C34 PTY BA . 33.08 -4.10 -15.42
C35 PTY BA . 31.92 -3.38 -14.80
C36 PTY BA . 31.74 -1.98 -15.32
C37 PTY BA . 30.41 -1.68 -15.97
C38 PTY BA . 29.66 -2.84 -16.59
C39 PTY BA . 28.19 -2.61 -16.87
C40 PTY BA . 27.72 -1.19 -16.69
C41 PTY BA . 26.78 -0.76 -17.75
C42 PTY BA . 26.58 0.73 -17.88
C43 PTY BA . 26.89 1.38 -19.19
C44 PTY BA . 27.19 0.40 -20.29
P1 PTY BA . 38.76 -1.29 -24.01
O11 PTY BA . 37.86 0.00 -23.69
O12 PTY BA . 37.96 -2.31 -24.75
O13 PTY BA . 40.13 -0.90 -24.50
O14 PTY BA . 38.86 -1.99 -22.57
N1 PTY BA . 39.31 2.41 -24.01
C1 CDL CA . -15.49 -15.66 -2.82
O1 CDL CA . -16.16 -15.75 -1.56
CA2 CDL CA . -14.68 -14.38 -2.86
OA2 CDL CA . -15.66 -13.37 -3.18
PA1 CDL CA . -15.19 -11.86 -3.46
OA3 CDL CA . -14.17 -11.44 -2.44
OA4 CDL CA . -16.50 -11.13 -3.50
OA5 CDL CA . -14.57 -11.94 -4.93
CA3 CDL CA . -15.49 -12.02 -6.05
CA4 CDL CA . -15.03 -13.03 -7.08
OA6 CDL CA . -13.96 -13.88 -6.61
CA6 CDL CA . -14.53 -12.39 -8.35
OA8 CDL CA . -15.62 -11.63 -8.94
CA7 CDL CA . -15.59 -11.48 -10.27
OA9 CDL CA . -16.18 -12.21 -11.02
C31 CDL CA . -14.76 -10.27 -10.68
C32 CDL CA . -14.23 -10.31 -12.11
C33 CDL CA . -13.40 -9.09 -12.48
C34 CDL CA . -12.79 -9.15 -13.86
C35 CDL CA . -12.41 -7.81 -14.45
C36 CDL CA . -11.48 -7.88 -15.65
C37 CDL CA . -10.92 -6.55 -16.12
CB2 CDL CA . -16.48 -15.78 -3.94
OB2 CDL CA . -16.94 -17.15 -3.90
PB2 CDL CA . -17.75 -17.80 -5.13
OB3 CDL CA . -18.84 -16.89 -5.59
OB4 CDL CA . -18.18 -19.19 -4.73
OB5 CDL CA . -16.68 -17.84 -6.34
CB3 CDL CA . -15.33 -18.36 -6.16
CB4 CDL CA . -14.83 -19.01 -7.43
OB6 CDL CA . -13.38 -18.92 -7.32
CB6 CDL CA . -15.33 -18.36 -8.71
OB8 CDL CA . -15.78 -19.25 -9.78
CB7 CDL CA . -15.97 -20.56 -9.60
OB9 CDL CA . -15.92 -21.12 -8.54
C71 CDL CA . -16.26 -21.31 -10.87
C72 CDL CA . -16.69 -20.45 -12.02
C73 CDL CA . -15.70 -20.53 -13.17
C74 CDL CA . -16.22 -21.28 -14.37
C75 CDL CA . -15.71 -20.75 -15.69
C76 CDL CA . -16.32 -21.41 -16.91
C77 CDL CA . -15.57 -21.17 -18.21
C1 CDL DA . -11.91 -17.48 3.53
O1 CDL DA . -11.37 -17.45 4.85
CA2 CDL DA . -12.17 -16.07 3.08
OA2 CDL DA . -12.15 -16.27 1.67
PA1 CDL DA . -13.31 -15.68 0.72
OA3 CDL DA . -14.69 -15.55 1.29
OA4 CDL DA . -12.69 -14.51 0.00
OA5 CDL DA . -13.49 -17.02 -0.13
CA3 CDL DA . -12.32 -17.71 -0.63
CA4 CDL DA . -12.62 -17.87 -2.10
OA6 CDL DA . -13.40 -19.10 -2.25
CA5 CDL DA . -12.77 -20.22 -2.58
OA7 CDL DA . -11.84 -20.67 -1.98
C11 CDL DA . -13.42 -20.83 -3.79
C12 CDL DA . -13.54 -22.30 -3.70
C13 CDL DA . -12.33 -23.00 -4.29
C14 CDL DA . -12.14 -22.83 -5.77
C15 CDL DA . -11.76 -24.09 -6.48
C16 CDL DA . -10.75 -23.90 -7.58
CA6 CDL DA . -11.44 -17.70 -3.03
OA8 CDL DA . -11.21 -16.29 -3.23
CA7 CDL DA . -11.23 -15.80 -4.46
OA9 CDL DA . -11.82 -16.32 -5.38
C31 CDL DA . -10.43 -14.53 -4.55
C32 CDL DA . -10.94 -13.51 -5.53
C33 CDL DA . -9.81 -12.75 -6.21
C34 CDL DA . -10.22 -11.46 -6.90
C35 CDL DA . -9.06 -10.63 -7.45
C36 CDL DA . -9.34 -9.97 -8.78
C37 CDL DA . -8.86 -10.76 -9.99
CB2 CDL DA . -13.16 -18.33 3.51
OB2 CDL DA . -12.82 -19.60 2.91
PB2 CDL DA . -13.99 -20.61 2.45
OB3 CDL DA . -14.45 -21.36 3.66
OB4 CDL DA . -14.98 -19.88 1.58
OB5 CDL DA . -13.13 -21.61 1.56
CB3 CDL DA . -11.74 -21.84 1.94
CB4 CDL DA . -11.28 -23.13 1.33
OB6 CDL DA . -12.27 -23.58 0.37
CB5 CDL DA . -11.87 -24.48 -0.53
OB7 CDL DA . -10.74 -24.47 -0.96
C51 CDL DA . -12.91 -25.51 -0.88
C52 CDL DA . -12.70 -26.16 -2.22
C53 CDL DA . -11.75 -27.34 -2.17
C54 CDL DA . -11.78 -28.23 -3.42
C55 CDL DA . -11.03 -27.69 -4.63
C56 CDL DA . -11.05 -28.58 -5.86
O1 XP4 EA . -16.62 -26.38 4.00
O2 XP4 EA . -18.79 -25.40 3.09
P1 XP4 EA . -17.37 -25.80 2.82
O3 XP4 EA . -16.59 -24.79 2.00
O4 XP4 EA . -17.65 -27.05 1.85
C1 XP4 EA . -16.68 -28.01 1.47
C2 XP4 EA . -16.57 -28.22 -0.05
C3 XP4 EA . -16.51 -26.92 -0.77
O5 XP4 EA . -16.40 -27.34 -2.12
C4 XP4 EA . -16.08 -26.42 -3.16
O6 XP4 EA . -15.90 -25.26 -2.83
C5 XP4 EA . -16.01 -26.94 -4.57
C6 XP4 EA . -15.52 -25.89 -5.54
C7 XP4 EA . -15.36 -26.49 -6.93
C8 XP4 EA . -15.26 -25.36 -7.97
C9 XP4 EA . -14.77 -25.82 -9.36
C10 XP4 EA . -14.76 -24.78 -10.49
C11 XP4 EA . -14.29 -25.51 -11.78
C12 XP4 EA . -14.52 -24.82 -13.12
C13 XP4 EA . -14.61 -25.77 -14.35
O7 XP4 EA . -15.24 -28.70 -0.31
C18 XP4 EA . -15.04 -30.14 -0.21
O8 XP4 EA . -16.05 -30.77 -0.08
C19 XP4 EA . -13.67 -30.82 -0.30
FE HEC FA . 1.90 -6.78 -69.20
CHA HEC FA . 3.05 -4.18 -67.35
CHB HEC FA . -0.74 -7.15 -67.10
CHC HEC FA . 0.49 -9.12 -71.28
CHD HEC FA . 4.75 -6.63 -71.21
NA HEC FA . 1.23 -5.81 -67.51
C1A HEC FA . 1.79 -4.79 -66.90
C2A HEC FA . 1.09 -4.29 -65.72
C3A HEC FA . -0.06 -5.17 -65.64
C4A HEC FA . 0.12 -6.02 -66.82
CMA HEC FA . -1.17 -5.18 -64.63
CAA HEC FA . 1.49 -3.20 -64.80
CBA HEC FA . 1.23 -1.83 -65.36
CGA HEC FA . 1.59 -0.97 -64.18
O1A HEC FA . 2.78 -0.89 -63.74
O2A HEC FA . 0.68 -0.34 -63.63
NB HEC FA . 0.20 -7.93 -69.19
C1B HEC FA . -0.74 -7.97 -68.29
C2B HEC FA . -1.87 -8.86 -68.50
C3B HEC FA . -1.44 -9.40 -69.78
C4B HEC FA . -0.21 -8.78 -70.07
CMB HEC FA . -3.06 -9.10 -67.60
CAB HEC FA . -2.01 -10.32 -70.73
CBB HEC FA . -3.31 -10.99 -70.53
NC HEC FA . 2.50 -7.74 -70.92
C1C HEC FA . 1.83 -8.68 -71.60
C2C HEC FA . 2.53 -9.17 -72.79
C3C HEC FA . 3.75 -8.36 -72.71
C4C HEC FA . 3.65 -7.56 -71.54
CMC HEC FA . 2.13 -10.22 -73.79
CAC HEC FA . 4.93 -8.30 -73.55
CBC HEC FA . 5.00 -9.17 -74.76
ND HEC FA . 3.61 -5.63 -69.27
C1D HEC FA . 4.64 -5.68 -70.12
C2D HEC FA . 5.69 -4.71 -69.91
C3D HEC FA . 5.20 -4.00 -68.75
C4D HEC FA . 3.90 -4.63 -68.45
CMD HEC FA . 6.98 -4.47 -70.64
CAD HEC FA . 5.88 -2.87 -68.06
CBD HEC FA . 5.29 -1.64 -68.69
CGD HEC FA . 5.98 -0.42 -68.10
O1D HEC FA . 6.15 0.56 -68.84
O2D HEC FA . 6.33 -0.40 -66.90
C1 PTY GA . -16.48 -16.80 -35.92
C2 PTY GA . -15.16 -23.31 -35.20
C3 PTY GA . -14.25 -22.85 -36.31
O4 PTY GA . -16.19 -15.61 -35.16
C5 PTY GA . -15.68 -18.13 -37.90
C6 PTY GA . -15.42 -16.95 -36.99
O7 PTY GA . -14.11 -17.04 -36.36
C8 PTY GA . -13.04 -16.54 -37.01
O10 PTY GA . -13.00 -16.31 -38.19
C11 PTY GA . -11.90 -16.34 -36.08
C12 PTY GA . -12.29 -15.54 -34.90
C13 PTY GA . -11.74 -14.14 -34.94
C14 PTY GA . -12.80 -13.07 -34.82
C15 PTY GA . -12.55 -12.03 -33.74
C16 PTY GA . -11.35 -12.26 -32.84
C17 PTY GA . -10.51 -11.02 -32.60
C18 PTY GA . -9.27 -11.26 -31.77
C19 PTY GA . -7.97 -11.42 -32.55
C20 PTY GA . -6.87 -12.22 -31.85
C30 PTY GA . -16.62 -15.62 -33.91
C31 PTY GA . -15.62 -14.98 -33.02
O30 PTY GA . -17.67 -16.09 -33.56
C32 PTY GA . -16.08 -13.71 -32.45
C33 PTY GA . -16.19 -13.82 -30.96
C34 PTY GA . -15.78 -12.57 -30.25
C35 PTY GA . -14.76 -12.73 -29.18
C36 PTY GA . -15.17 -13.65 -28.06
C37 PTY GA . -13.97 -14.25 -27.41
C38 PTY GA . -12.75 -14.27 -28.31
C39 PTY GA . -11.41 -14.07 -27.63
C40 PTY GA . -11.06 -15.11 -26.59
C41 PTY GA . -9.76 -15.86 -26.84
C42 PTY GA . -9.19 -16.51 -25.59
C43 PTY GA . -10.13 -16.98 -24.50
C44 PTY GA . -10.12 -18.46 -24.15
P1 PTY GA . -15.36 -20.74 -37.47
O11 PTY GA . -14.31 -21.41 -36.47
O12 PTY GA . -15.34 -21.40 -38.83
O13 PTY GA . -16.65 -20.60 -36.71
O14 PTY GA . -14.76 -19.25 -37.63
N1 PTY GA . -16.40 -23.84 -35.75
C1 CDL HA . -21.50 12.69 -23.75
O1 CDL HA . -21.85 13.17 -22.45
CA2 CDL HA . -22.57 12.99 -24.76
OA2 CDL HA . -22.78 14.42 -24.76
PA1 CDL HA . -24.26 14.99 -24.55
OA3 CDL HA . -24.13 16.49 -24.54
OA4 CDL HA . -25.05 14.33 -23.45
OA5 CDL HA . -25.04 14.46 -25.84
CA3 CDL HA . -24.64 14.85 -27.17
CA4 CDL HA . -24.74 13.69 -28.16
OA6 CDL HA . -24.87 14.19 -29.54
CA5 CDL HA . -23.92 14.99 -30.07
OA7 CDL HA . -23.13 15.66 -29.43
C11 CDL HA . -23.91 15.02 -31.57
C12 CDL HA . -23.31 16.27 -32.10
C13 CDL HA . -24.28 17.05 -32.99
C14 CDL HA . -23.99 16.93 -34.47
C15 CDL HA . -25.12 17.37 -35.37
CA6 CDL HA . -25.82 12.68 -27.86
OA8 CDL HA . -25.14 11.56 -27.26
CA7 CDL HA . -25.61 10.33 -27.43
OA9 CDL HA . -26.15 9.71 -26.55
C31 CDL HA . -25.26 9.77 -28.79
CB2 CDL HA . -21.16 11.22 -23.69
OB2 CDL HA . -22.44 10.57 -23.86
PB2 CDL HA . -22.55 8.98 -23.82
OB3 CDL HA . -24.01 8.66 -24.06
OB4 CDL HA . -21.82 8.39 -22.66
OB5 CDL HA . -21.64 8.56 -25.06
CB3 CDL HA . -22.20 8.35 -26.36
CB4 CDL HA . -21.04 8.65 -27.29
OB6 CDL HA . -21.61 9.58 -28.25
CB5 CDL HA . -21.28 10.88 -28.14
OB7 CDL HA . -21.11 11.44 -27.08
C51 CDL HA . -21.08 11.56 -29.46
C52 CDL HA . -20.78 13.02 -29.33
C53 CDL HA . -19.35 13.40 -29.69
C54 CDL HA . -19.24 14.68 -30.45
CB6 CDL HA . -20.33 7.43 -27.83
OB8 CDL HA . -18.94 7.74 -28.08
CB7 CDL HA . -18.02 6.97 -27.47
OB9 CDL HA . -17.20 7.41 -26.71
C71 CDL HA . -18.12 5.51 -27.87
C72 CDL HA . -17.30 5.13 -29.07
C73 CDL HA . -16.61 3.78 -28.93
C74 CDL HA . -16.86 2.83 -30.09
C75 CDL HA . -15.90 1.66 -30.18
C76 CDL HA . -15.27 1.51 -31.55
C77 CDL HA . -13.77 1.58 -31.56
C78 CDL HA . -13.22 2.92 -32.04
C1 CDL IA . -26.97 6.60 -23.20
O1 CDL IA . -26.10 7.55 -23.82
CA2 CDL IA . -27.99 7.37 -22.42
OA2 CDL IA . -29.26 6.78 -22.57
PA1 CDL IA . -30.51 7.78 -22.70
OA3 CDL IA . -30.24 9.12 -23.28
OA4 CDL IA . -31.34 7.61 -21.44
OA5 CDL IA . -31.16 7.15 -24.00
CA3 CDL IA . -31.64 5.79 -24.00
CA4 CDL IA . -31.52 5.30 -25.41
OA6 CDL IA . -31.17 3.89 -25.26
CA5 CDL IA . -31.29 2.99 -26.27
OA7 CDL IA . -31.70 3.23 -27.37
C11 CDL IA . -30.77 1.63 -25.88
C12 CDL IA . -30.92 0.58 -26.94
CA6 CDL IA . -30.48 6.10 -26.15
OA8 CDL IA . -30.69 5.88 -27.57
CA7 CDL IA . -29.70 6.19 -28.39
OA9 CDL IA . -29.89 6.61 -29.51
C31 CDL IA . -28.34 5.89 -27.81
C32 CDL IA . -27.45 7.08 -27.70
CB2 CDL IA . -26.20 5.63 -22.34
OB2 CDL IA . -26.46 4.35 -22.96
PB2 CDL IA . -26.66 3.04 -22.06
OB3 CDL IA . -28.00 3.18 -21.38
OB4 CDL IA . -25.44 2.87 -21.19
OB5 CDL IA . -26.67 1.91 -23.21
CB3 CDL IA . -26.74 2.27 -24.64
CB4 CDL IA . -25.46 1.77 -25.26
OB6 CDL IA . -24.35 2.75 -25.17
CB5 CDL IA . -23.96 3.53 -26.21
OB7 CDL IA . -24.66 4.40 -26.66
C51 CDL IA . -22.52 3.35 -26.64
CB6 CDL IA . -25.65 1.05 -26.57
OB8 CDL IA . -27.05 1.06 -26.93
CB7 CDL IA . -27.34 1.15 -28.23
OB9 CDL IA . -28.11 1.98 -28.67
C71 CDL IA . -26.64 0.08 -29.06
C72 CDL IA . -25.13 0.17 -29.12
O12 PC1 JA . -24.60 -14.14 -13.32
P PC1 JA . -23.83 -15.28 -12.70
O14 PC1 JA . -22.70 -15.02 -11.75
O13 PC1 JA . -24.84 -16.38 -12.11
C11 PC1 JA . -24.75 -16.77 -10.71
C12 PC1 JA . -26.13 -17.07 -10.19
N PC1 JA . -26.77 -18.36 -10.67
C13 PC1 JA . -27.23 -18.25 -12.08
C14 PC1 JA . -25.83 -19.50 -10.56
C15 PC1 JA . -27.95 -18.63 -9.81
O11 PC1 JA . -23.12 -16.02 -13.93
C1 PC1 JA . -22.62 -17.35 -13.69
C2 PC1 JA . -21.53 -17.69 -14.67
O21 PC1 JA . -20.42 -16.83 -14.34
C21 PC1 JA . -19.32 -17.44 -13.89
O22 PC1 JA . -19.37 -18.55 -13.41
C22 PC1 JA . -18.06 -16.66 -14.10
C23 PC1 JA . -17.29 -17.14 -15.31
C24 PC1 JA . -17.31 -16.17 -16.48
C25 PC1 JA . -16.02 -16.11 -17.27
C3 PC1 JA . -21.92 -17.68 -16.13
O31 PC1 JA . -20.69 -17.58 -16.89
C31 PC1 JA . -20.68 -18.08 -18.12
O32 PC1 JA . -21.47 -17.77 -18.96
C32 PC1 JA . -19.50 -19.00 -18.26
C33 PC1 JA . -19.59 -19.86 -19.46
C34 PC1 JA . -18.63 -19.49 -20.58
C35 PC1 JA . -17.85 -18.20 -20.43
C36 PC1 JA . -16.45 -18.26 -21.02
C37 PC1 JA . -15.99 -17.02 -21.78
C38 PC1 JA . -14.65 -17.17 -22.49
C39 PC1 JA . -13.91 -15.86 -22.73
C1B LMT KA . -12.69 -25.63 -41.31
C2B LMT KA . -13.02 -26.16 -42.71
C3B LMT KA . -12.05 -25.54 -43.73
C4B LMT KA . -11.97 -24.00 -43.66
C5B LMT KA . -11.87 -23.51 -42.20
C6B LMT KA . -12.10 -22.01 -42.04
O1B LMT KA . -11.36 -26.06 -41.00
O2B LMT KA . -12.90 -27.59 -42.69
O3B LMT KA . -12.39 -25.97 -45.05
O4' LMT KA . -10.85 -23.54 -44.42
O5B LMT KA . -12.78 -24.20 -41.32
O6B LMT KA . -12.61 -21.78 -40.72
C1' LMT KA . -9.20 -27.53 -37.93
C2' LMT KA . -10.48 -28.31 -38.17
C3' LMT KA . -11.06 -27.88 -39.48
C4' LMT KA . -11.13 -26.34 -39.61
C5' LMT KA . -9.90 -25.56 -39.10
C6' LMT KA . -10.30 -24.14 -38.72
O1' LMT KA . -8.74 -27.72 -36.64
O2' LMT KA . -10.20 -29.72 -38.25
O3' LMT KA . -12.37 -28.44 -39.59
O5' LMT KA . -9.35 -26.10 -37.92
O6' LMT KA . -9.40 -23.63 -37.73
C1 LMT KA . -7.44 -27.15 -36.68
C2 LMT KA . -7.18 -26.58 -35.33
C3 LMT KA . -7.90 -27.55 -34.42
C4 LMT KA . -7.33 -27.41 -33.02
C5 LMT KA . -6.00 -26.67 -32.88
C6 LMT KA . -5.74 -26.18 -31.45
C7 LMT KA . -6.64 -26.81 -30.36
C8 LMT KA . -6.64 -26.05 -29.02
C9 LMT KA . -6.32 -27.00 -27.86
C10 LMT KA . -7.23 -26.90 -26.62
C11 LMT KA . -7.36 -25.51 -25.99
C12 LMT KA . -6.88 -25.52 -24.56
CHA HEM LA . 20.84 -18.03 -27.73
CHB HEM LA . 19.77 -18.60 -22.98
CHC HEM LA . 17.47 -14.28 -23.07
CHD HEM LA . 18.17 -13.99 -27.84
C1A HEM LA . 20.77 -18.48 -26.42
C2A HEM LA . 21.38 -19.67 -25.96
C3A HEM LA . 21.08 -19.84 -24.65
C4A HEM LA . 20.26 -18.77 -24.27
CMA HEM LA . 21.58 -20.98 -23.76
CAA HEM LA . 22.32 -20.60 -26.73
CBA HEM LA . 23.62 -19.78 -26.76
CGA HEM LA . 24.73 -20.35 -27.61
O1A HEM LA . 25.12 -19.79 -28.68
O2A HEM LA . 25.29 -21.40 -27.24
C1B HEM LA . 19.09 -17.43 -22.60
C2B HEM LA . 18.64 -17.18 -21.26
C3B HEM LA . 17.97 -15.98 -21.30
C4B HEM LA . 18.03 -15.49 -22.67
CMB HEM LA . 18.85 -18.10 -20.08
CAB HEM LA . 17.32 -15.20 -20.22
CBB HEM LA . 16.82 -15.86 -19.18
C1C HEM LA . 17.42 -13.87 -24.40
C2C HEM LA . 16.72 -12.74 -24.83
C3C HEM LA . 16.88 -12.63 -26.18
C4C HEM LA . 17.70 -13.75 -26.59
CMC HEM LA . 15.92 -11.79 -23.93
CAC HEM LA . 16.24 -11.54 -26.97
CBC HEM LA . 16.02 -11.95 -28.20
C1D HEM LA . 18.99 -15.06 -28.13
C2D HEM LA . 19.44 -15.29 -29.52
C3D HEM LA . 20.20 -16.41 -29.49
C4D HEM LA . 20.15 -16.88 -28.10
CMD HEM LA . 19.14 -14.40 -30.75
CAD HEM LA . 20.86 -17.11 -30.68
CBD HEM LA . 22.26 -16.60 -31.02
CGD HEM LA . 23.27 -17.31 -30.15
O1D HEM LA . 23.39 -18.53 -30.03
O2D HEM LA . 24.01 -16.63 -29.46
NA HEM LA . 20.07 -17.95 -25.35
NB HEM LA . 18.73 -16.39 -23.38
NC HEM LA . 18.02 -14.46 -25.46
ND HEM LA . 19.44 -16.04 -27.32
FE HEM LA . 19.11 -16.23 -25.45
CHA HEM MA . 14.43 -14.20 -2.38
CHB HEM MA . 15.58 -12.82 -6.89
CHC HEM MA . 14.52 -17.25 -8.50
CHD HEM MA . 12.72 -18.40 -4.15
C1A HEM MA . 14.88 -13.49 -3.47
C2A HEM MA . 15.48 -12.22 -3.35
C3A HEM MA . 15.79 -11.81 -4.62
C4A HEM MA . 15.47 -12.87 -5.51
CMA HEM MA . 16.45 -10.48 -5.02
CAA HEM MA . 15.71 -11.42 -2.06
CBA HEM MA . 17.24 -11.49 -1.75
CGA HEM MA . 17.74 -12.92 -1.58
O1A HEM MA . 18.60 -13.45 -2.30
O2A HEM MA . 17.32 -13.68 -0.68
C1B HEM MA . 15.35 -13.94 -7.71
C2B HEM MA . 15.58 -13.89 -9.11
C3B HEM MA . 15.29 -15.17 -9.58
C4B HEM MA . 14.88 -15.94 -8.40
CMB HEM MA . 16.07 -12.64 -9.87
CAB HEM MA . 15.37 -15.74 -10.95
CBB HEM MA . 15.24 -14.99 -12.06
C1C HEM MA . 14.02 -17.95 -7.46
C2C HEM MA . 13.71 -19.33 -7.47
C3C HEM MA . 13.19 -19.60 -6.21
C4C HEM MA . 13.23 -18.44 -5.42
CMC HEM MA . 13.89 -20.30 -8.64
CAC HEM MA . 12.68 -20.89 -5.64
CBC HEM MA . 12.64 -22.12 -6.19
C1D HEM MA . 13.02 -17.31 -3.38
C2D HEM MA . 12.67 -17.30 -1.97
C3D HEM MA . 13.15 -16.13 -1.49
C4D HEM MA . 13.81 -15.44 -2.59
CMD HEM MA . 11.91 -18.36 -1.18
CAD HEM MA . 13.08 -15.64 -0.03
CBD HEM MA . 14.37 -16.17 0.60
CGD HEM MA . 14.63 -15.56 1.96
O1D HEM MA . 14.66 -16.26 2.94
O2D HEM MA . 14.94 -14.36 2.12
NA HEM MA . 14.90 -13.88 -4.79
NB HEM MA . 14.94 -15.15 -7.34
NC HEM MA . 13.72 -17.46 -6.23
ND HEM MA . 13.70 -16.18 -3.71
FE HEM MA . 14.37 -15.70 -5.40
O12 PC1 NA . 24.50 -23.08 9.30
P PC1 NA . 25.13 -21.73 9.13
O14 PC1 NA . 24.27 -20.53 8.86
O13 PC1 NA . 26.01 -21.49 10.45
C11 PC1 NA . 26.67 -20.21 10.71
C12 PC1 NA . 27.46 -20.36 11.98
N PC1 NA . 26.72 -20.64 13.28
C13 PC1 NA . 26.23 -22.04 13.34
C14 PC1 NA . 27.67 -20.44 14.42
C15 PC1 NA . 25.58 -19.70 13.47
O11 PC1 NA . 26.19 -21.79 7.93
C1 PC1 NA . 26.96 -22.99 7.71
C2 PC1 NA . 27.41 -22.91 6.27
O21 PC1 NA . 26.23 -23.24 5.47
C21 PC1 NA . 25.80 -22.41 4.50
O22 PC1 NA . 26.15 -21.25 4.53
C22 PC1 NA . 24.88 -23.29 3.59
C23 PC1 NA . 24.22 -22.73 2.31
C24 PC1 NA . 23.80 -23.84 1.31
C25 PC1 NA . 24.03 -23.62 -0.22
C26 PC1 NA . 24.10 -24.95 -1.06
C27 PC1 NA . 24.41 -24.88 -2.58
C28 PC1 NA . 24.18 -26.23 -3.38
C29 PC1 NA . 23.34 -26.15 -4.72
C2A PC1 NA . 22.44 -27.39 -5.18
C2B PC1 NA . 20.92 -27.06 -5.37
C2C PC1 NA . 19.90 -28.19 -5.46
C3 PC1 NA . 28.50 -23.90 5.96
O31 PC1 NA . 27.92 -25.10 5.40
C31 PC1 NA . 27.99 -26.24 6.10
O32 PC1 NA . 28.99 -26.64 6.63
C32 PC1 NA . 26.62 -26.95 6.14
C33 PC1 NA . 26.47 -28.17 5.27
C34 PC1 NA . 26.56 -27.91 3.76
C35 PC1 NA . 26.93 -29.15 2.94
C36 PC1 NA . 27.29 -28.94 1.47
C37 PC1 NA . 27.65 -30.22 0.70
C38 PC1 NA . 28.36 -30.00 -0.63
C1 PTY OA . 26.25 5.79 -4.38
C2 PTY OA . 26.51 10.06 1.40
C3 PTY OA . 26.88 8.61 1.28
O4 PTY OA . 25.97 4.39 -4.26
C5 PTY OA . 26.34 7.05 -2.23
C6 PTY OA . 27.09 6.16 -3.18
O7 PTY OA . 28.39 6.69 -3.61
C8 PTY OA . 29.28 5.85 -4.17
O10 PTY OA . 29.93 5.04 -3.55
C11 PTY OA . 29.46 6.01 -5.67
C12 PTY OA . 30.53 5.12 -6.24
C13 PTY OA . 30.02 4.18 -7.32
C14 PTY OA . 28.64 3.60 -7.08
C15 PTY OA . 28.46 2.16 -7.52
C16 PTY OA . 28.44 1.90 -9.02
C17 PTY OA . 29.38 0.80 -9.48
C18 PTY OA . 28.72 -0.39 -10.16
C19 PTY OA . 28.64 -0.30 -11.66
C20 PTY OA . 29.90 -0.75 -12.38
C30 PTY OA . 24.72 4.07 -4.47
C31 PTY OA . 24.56 2.64 -4.90
O30 PTY OA . 23.82 4.86 -4.32
C32 PTY OA . 25.10 1.68 -3.87
C33 PTY OA . 25.48 0.37 -4.52
C34 PTY OA . 25.32 0.42 -6.02
C35 PTY OA . 24.38 -0.62 -6.58
C36 PTY OA . 23.66 -1.46 -5.56
C37 PTY OA . 23.60 -2.93 -5.91
C38 PTY OA . 22.59 -3.68 -5.11
C39 PTY OA . 21.86 -4.72 -5.90
C40 PTY OA . 22.61 -5.27 -7.09
C41 PTY OA . 21.71 -5.57 -8.24
C42 PTY OA . 22.35 -6.32 -9.36
C43 PTY OA . 21.35 -6.48 -10.46
C44 PTY OA . 21.73 -5.85 -11.79
P1 PTY OA . 25.62 6.49 0.24
O11 PTY OA . 25.66 7.83 1.14
O12 PTY OA . 25.97 5.29 1.08
O13 PTY OA . 24.42 6.51 -0.65
O14 PTY OA . 26.75 6.67 -0.89
N1 PTY OA . 25.74 10.45 0.22
C1 CDL PA . -0.09 -16.02 5.26
O1 CDL PA . 1.25 -15.53 5.21
CA2 CDL PA . -0.10 -17.45 4.81
OA2 CDL PA . 1.28 -17.91 4.82
PA1 CDL PA . 1.79 -19.05 3.80
OA3 CDL PA . 1.73 -18.48 2.42
OA4 CDL PA . 3.10 -19.58 4.33
OA5 CDL PA . 0.73 -20.25 3.91
CA3 CDL PA . -0.30 -20.38 2.88
CA4 CDL PA . 0.07 -21.48 1.90
OA6 CDL PA . -0.57 -21.04 0.66
CA5 CDL PA . 0.17 -20.79 -0.44
OA7 CDL PA . 0.82 -19.79 -0.59
C11 CDL PA . 0.10 -21.87 -1.48
C12 CDL PA . 0.81 -21.49 -2.74
C13 CDL PA . 0.39 -22.33 -3.94
C14 CDL PA . 1.19 -23.61 -4.17
C15 CDL PA . 0.68 -24.49 -5.31
C16 CDL PA . 1.40 -24.28 -6.62
CA6 CDL PA . -0.34 -22.86 2.37
OA8 CDL PA . -0.08 -23.85 1.36
CA7 CDL PA . 0.66 -24.92 1.70
OA9 CDL PA . 1.34 -24.99 2.69
C31 CDL PA . 0.52 -26.00 0.66
C32 CDL PA . 1.77 -26.21 -0.16
C33 CDL PA . 1.47 -26.35 -1.66
C34 CDL PA . 1.13 -27.75 -2.13
C35 CDL PA . 1.39 -28.03 -3.62
C36 CDL PA . 1.31 -29.49 -4.04
C37 CDL PA . 1.67 -29.76 -5.49
CB2 CDL PA . -0.94 -15.11 4.40
OB2 CDL PA . -2.09 -15.81 3.83
PB2 CDL PA . -2.61 -15.37 2.37
OB3 CDL PA . -4.06 -14.98 2.56
OB4 CDL PA . -1.64 -14.37 1.81
OB5 CDL PA . -2.49 -16.75 1.56
CB3 CDL PA . -3.68 -17.42 1.02
CB4 CDL PA . -3.32 -18.43 -0.06
OB6 CDL PA . -2.63 -17.91 -1.26
CB5 CDL PA . -3.28 -17.24 -2.25
OB7 CDL PA . -4.11 -16.39 -2.05
C51 CDL PA . -2.81 -17.62 -3.65
C52 CDL PA . -2.65 -16.45 -4.60
CB6 CDL PA . -4.40 -19.47 -0.32
OB8 CDL PA . -4.35 -20.46 0.73
CB7 CDL PA . -4.22 -21.75 0.39
OB9 CDL PA . -3.78 -22.13 -0.67
C71 CDL PA . -4.69 -22.66 1.50
C1B LMT QA . 5.29 -0.72 1.72
C2B LMT QA . 4.71 -1.25 3.03
C3B LMT QA . 3.94 -0.15 3.79
C4B LMT QA . 4.71 1.17 3.88
C5B LMT QA . 5.29 1.57 2.51
C6B LMT QA . 6.18 2.80 2.63
O1B LMT QA . 4.23 -0.48 0.80
O2B LMT QA . 3.83 -2.34 2.77
O3B LMT QA . 3.60 -0.61 5.09
O4' LMT QA . 3.80 2.18 4.34
O5B LMT QA . 6.03 0.47 1.95
O6B LMT QA . 7.37 2.64 1.85
C1' LMT QA . 2.80 -2.24 -2.38
C2' LMT QA . 3.47 -3.01 -1.23
C3' LMT QA . 4.71 -2.31 -0.69
C4' LMT QA . 4.59 -0.79 -0.53
C5' LMT QA . 3.57 -0.16 -1.50
C6' LMT QA . 3.98 1.21 -1.99
O1' LMT QA . 2.81 -3.01 -3.59
O2' LMT QA . 2.56 -3.19 -0.14
O3' LMT QA . 5.79 -2.56 -1.59
O5' LMT QA . 3.48 -1.00 -2.63
O6' LMT QA . 5.40 1.33 -1.83
C1 LMT QA . 3.57 -2.37 -4.60
C2 LMT QA . 4.43 -3.44 -5.23
C3 LMT QA . 4.85 -3.09 -6.64
C4 LMT QA . 6.23 -2.46 -6.56
C5 LMT QA . 7.28 -3.23 -7.33
C6 LMT QA . 8.49 -2.33 -7.61
C7 LMT QA . 8.30 -1.43 -8.86
C8 LMT QA . 7.82 -2.13 -10.14
C9 LMT QA . 8.37 -1.54 -11.44
C10 LMT QA . 8.87 -2.57 -12.47
C11 LMT QA . 9.94 -3.55 -11.96
C12 LMT QA . 11.27 -3.51 -12.70
C AWB RA . 14.01 -0.01 -9.16
N AWB RA . 17.53 -7.23 -3.77
O AWB RA . 15.93 -7.79 -6.87
C1 AWB RA . 12.82 -0.60 -8.40
N1 AWB RA . 21.25 -8.65 -0.74
O1 AWB RA . 18.02 -7.56 -6.48
C2 AWB RA . 12.42 -1.93 -9.01
O2 AWB RA . 16.06 -4.86 -6.05
C3 AWB RA . 12.01 -2.93 -7.90
O3 AWB RA . 13.91 -5.13 -5.83
C4 AWB RA . 12.53 -4.39 -8.16
O4 AWB RA . 15.72 -7.59 -2.34
C5 AWB RA . 13.95 -4.32 -8.75
O5 AWB RA . 22.98 -9.24 0.38
C6 AWB RA . 14.90 -5.34 -8.13
O6 AWB RA . 19.74 -7.95 -2.78
C7 AWB RA . 14.62 -6.81 -8.51
O7 AWB RA . 14.26 -6.97 -9.87
C8 AWB RA . 15.84 -7.68 -8.26
O8 AWB RA . 12.24 -8.16 -9.35
C9 AWB RA . 16.96 -7.41 -6.03
C10 AWB RA . 16.58 -6.77 -4.75
C11 AWB RA . 16.67 -5.23 -4.83
C12 AWB RA . 14.84 -5.12 -6.59
C13 AWB RA . 18.08 -4.67 -4.79
C14 AWB RA . 16.88 -7.60 -2.55
C15 AWB RA . 17.77 -8.03 -1.43
C16 AWB RA . 19.11 -8.18 -1.57
C17 AWB RA . 19.84 -8.60 -0.51
C18 AWB RA . 19.26 -8.80 0.76
C19 AWB RA . 17.85 -8.64 0.86
C20 AWB RA . 17.17 -8.25 -0.25
C21 AWB RA . 21.88 -9.27 0.36
C22 AWB RA . 15.57 -9.08 -8.74
C23 AWB RA . 12.87 -7.45 -10.10
C24 AWB RA . 12.25 -7.02 -11.45
C25 AWB RA . 13.01 -7.71 -12.59
C26 AWB RA . 14.21 -6.89 -13.06
C27 AWB RA . 13.47 -9.14 -12.25
C1 CDL SA . 17.03 14.32 -1.13
O1 CDL SA . 16.70 15.25 -0.10
CA2 CDL SA . 16.13 13.11 -0.95
OA2 CDL SA . 16.89 12.23 -0.06
PA1 CDL SA . 16.32 10.80 0.42
OA3 CDL SA . 14.84 10.82 0.68
OA4 CDL SA . 17.24 10.42 1.54
OA5 CDL SA . 16.68 9.89 -0.84
CA3 CDL SA . 18.03 9.39 -0.98
CA4 CDL SA . 18.69 9.81 -2.28
OA6 CDL SA . 17.98 10.81 -3.04
CA6 CDL SA . 19.04 8.62 -3.14
OA8 CDL SA . 19.97 7.80 -2.39
CA7 CDL SA . 20.64 6.87 -3.06
OA9 CDL SA . 21.72 7.07 -3.56
C31 CDL SA . 19.89 5.55 -3.12
C32 CDL SA . 20.42 4.57 -4.13
C33 CDL SA . 19.69 3.23 -4.11
C34 CDL SA . 19.92 2.40 -5.34
C35 CDL SA . 20.13 0.93 -5.06
C36 CDL SA . 19.85 0.05 -6.25
C37 CDL SA . 19.80 -1.43 -5.93
CB2 CDL SA . 18.51 14.04 -1.01
OB2 CDL SA . 19.09 14.50 -2.21
PB2 CDL SA . 20.59 15.03 -2.28
OB3 CDL SA . 21.64 14.41 -1.40
OB4 CDL SA . 20.44 16.53 -2.24
OB5 CDL SA . 20.71 14.48 -3.78
CB3 CDL SA . 19.61 14.80 -4.66
CB4 CDL SA . 19.85 14.02 -5.93
OB6 CDL SA . 18.79 13.08 -5.67
CB6 CDL SA . 21.18 13.29 -5.89
OB8 CDL SA . 21.96 13.37 -7.10
CB7 CDL SA . 22.43 14.54 -7.55
OB9 CDL SA . 21.74 15.49 -7.82
C71 CDL SA . 23.89 14.44 -7.90
C72 CDL SA . 24.31 13.07 -8.28
C73 CDL SA . 24.62 12.93 -9.76
C74 CDL SA . 25.88 12.14 -10.04
C75 CDL SA . 25.97 11.56 -11.45
C76 CDL SA . 27.24 10.77 -11.72
C77 CDL SA . 27.35 10.19 -13.12
C1 CDL TA . 10.85 18.52 -0.71
O1 CDL TA . 9.63 19.11 -0.27
CA2 CDL TA . 11.02 17.19 -0.04
OA2 CDL TA . 11.87 16.51 -0.97
PA1 CDL TA . 13.20 15.76 -0.49
OA3 CDL TA . 13.93 16.31 0.70
OA4 CDL TA . 12.95 14.29 -0.61
OA5 CDL TA . 14.16 16.38 -1.61
CA3 CDL TA . 13.70 16.44 -2.99
CA4 CDL TA . 14.85 15.79 -3.73
OA6 CDL TA . 15.81 16.85 -4.01
CA5 CDL TA . 15.79 17.45 -5.22
OA7 CDL TA . 14.82 17.95 -5.71
C11 CDL TA . 17.13 17.36 -5.86
C12 CDL TA . 17.58 18.61 -6.51
C13 CDL TA . 17.21 18.68 -7.99
C14 CDL TA . 17.50 17.44 -8.80
C15 CDL TA . 18.44 17.65 -9.97
C16 CDL TA . 17.75 17.87 -11.30
CA6 CDL TA . 14.45 14.90 -4.89
OA8 CDL TA . 14.01 13.62 -4.36
CA7 CDL TA . 14.54 12.50 -4.86
OA9 CDL TA . 15.45 12.50 -5.65
C31 CDL TA . 13.83 11.29 -4.34
C32 CDL TA . 14.69 10.07 -4.21
C33 CDL TA . 14.05 8.83 -4.83
C34 CDL TA . 14.49 7.50 -4.25
C35 CDL TA . 13.74 6.29 -4.78
C36 CDL TA . 14.58 5.05 -4.99
C37 CDL TA . 15.10 4.88 -6.40
CB2 CDL TA . 12.00 19.45 -0.45
OB2 CDL TA . 12.38 20.05 -1.71
PB2 CDL TA . 13.76 20.86 -1.83
OB3 CDL TA . 13.52 22.23 -1.27
OB4 CDL TA . 14.89 20.00 -1.33
OB5 CDL TA . 13.87 21.00 -3.42
CB3 CDL TA . 12.63 20.97 -4.19
CB4 CDL TA . 12.89 21.61 -5.54
OB6 CDL TA . 14.32 21.70 -5.76
CB5 CDL TA . 14.72 21.84 -7.02
OB7 CDL TA . 14.14 21.30 -7.93
C51 CDL TA . 15.91 22.75 -7.18
C52 CDL TA . 16.76 22.44 -8.38
C53 CDL TA . 16.27 23.11 -9.66
C54 CDL TA . 17.24 23.05 -10.84
C55 CDL TA . 17.21 21.76 -11.64
C56 CDL TA . 18.14 21.73 -12.83
O1 XP4 UA . 15.93 26.66 -2.77
O2 XP4 UA . 17.87 26.15 -1.21
P1 XP4 UA . 17.19 25.85 -2.51
O3 XP4 UA . 17.06 24.37 -2.79
O4 XP4 UA . 18.28 26.42 -3.56
C1 XP4 UA . 17.98 26.73 -4.92
C2 XP4 UA . 18.87 26.03 -5.94
C3 XP4 UA . 18.99 24.57 -5.68
O5 XP4 UA . 19.85 24.14 -6.72
C4 XP4 UA . 20.00 22.76 -7.00
O6 XP4 UA . 19.39 21.99 -6.29
C5 XP4 UA . 20.93 22.36 -8.13
C6 XP4 UA . 20.79 20.89 -8.48
C7 XP4 UA . 21.70 20.55 -9.66
C8 XP4 UA . 22.01 19.04 -9.66
C9 XP4 UA . 22.55 18.50 -11.00
C10 XP4 UA . 22.99 17.03 -11.09
C11 XP4 UA . 23.58 16.82 -12.50
C12 XP4 UA . 24.42 15.55 -12.74
C13 XP4 UA . 25.43 15.64 -13.91
O7 XP4 UA . 18.17 26.02 -7.20
C18 XP4 UA . 18.26 27.21 -8.05
O8 XP4 UA . 19.07 28.03 -7.69
C19 XP4 UA . 17.41 27.39 -9.32
FE HEC VA . 41.46 -33.92 -44.40
CHA HEC VA . 38.90 -35.21 -42.59
CHB HEC VA . 42.32 -31.87 -41.81
CHC HEC VA . 44.28 -32.93 -46.08
CHD HEC VA . 40.42 -35.80 -47.16
NA HEC VA . 40.74 -33.59 -42.48
C1A HEC VA . 39.73 -34.21 -41.90
C2A HEC VA . 39.46 -33.79 -40.53
C3A HEC VA . 40.49 -32.80 -40.29
C4A HEC VA . 41.24 -32.81 -41.55
CMA HEC VA . 40.76 -31.98 -39.07
CAA HEC VA . 38.37 -34.21 -39.61
CBA HEC VA . 38.61 -35.55 -39.00
CGA HEC VA . 37.44 -35.65 -38.08
O1A HEC VA . 36.25 -35.71 -38.48
O2A HEC VA . 37.67 -35.64 -36.87
NB HEC VA . 43.01 -32.63 -44.02
C1B HEC VA . 43.20 -31.89 -42.95
C2B HEC VA . 44.39 -31.05 -42.92
C3B HEC VA . 44.93 -31.45 -44.19
C4B HEC VA . 44.03 -32.37 -44.77
CMB HEC VA . 44.84 -30.11 -41.83
CAB HEC VA . 46.12 -31.10 -44.91
CBB HEC VA . 47.15 -30.17 -44.39
NC HEC VA . 42.20 -34.26 -46.28
C1C HEC VA . 43.33 -33.76 -46.80
C2C HEC VA . 43.63 -34.17 -48.17
C3C HEC VA . 42.47 -35.04 -48.41
C4C HEC VA . 41.65 -35.00 -47.23
CMC HEC VA . 44.77 -33.79 -49.06
CAC HEC VA . 42.08 -35.81 -49.58
CBC HEC VA . 42.94 -35.80 -50.79
ND HEC VA . 39.93 -35.26 -44.81
C1D HEC VA . 39.65 -35.91 -45.95
C2D HEC VA . 38.49 -36.79 -45.91
C3D HEC VA . 38.04 -36.61 -44.55
C4D HEC VA . 39.00 -35.66 -43.98
CMD HEC VA . 37.90 -37.66 -46.98
CAD HEC VA . 36.85 -37.24 -43.92
CBD HEC VA . 37.44 -38.44 -43.22
CGD HEC VA . 36.30 -39.23 -42.61
O1D HEC VA . 36.39 -40.47 -42.60
O2D HEC VA . 35.32 -38.64 -42.10
C1 CDL WA . 28.09 -19.00 6.15
O1 CDL WA . 26.77 -19.17 6.67
CA2 CDL WA . 29.01 -18.99 7.34
OA2 CDL WA . 29.38 -20.36 7.60
PA1 CDL WA . 30.19 -20.60 8.96
OA3 CDL WA . 29.77 -21.81 9.74
OA4 CDL WA . 30.33 -19.29 9.69
OA5 CDL WA . 31.66 -20.87 8.35
CA3 CDL WA . 31.88 -22.04 7.52
CA4 CDL WA . 32.91 -21.81 6.44
OA6 CDL WA . 33.76 -22.95 6.04
CA5 CDL WA . 33.23 -24.09 5.54
OA7 CDL WA . 32.09 -24.44 5.75
C11 CDL WA . 34.19 -24.92 4.74
C12 CDL WA . 33.95 -26.39 4.91
C13 CDL WA . 35.23 -27.15 5.25
C14 CDL WA . 35.83 -27.96 4.12
C15 CDL WA . 37.22 -28.51 4.39
CA6 CDL WA . 33.85 -20.72 6.79
OA8 CDL WA . 33.37 -19.56 6.10
CA7 CDL WA . 34.29 -18.63 5.98
OA9 CDL WA . 34.25 -17.76 5.16
C31 CDL WA . 35.35 -18.88 7.00
CB2 CDL WA . 28.19 -17.76 5.32
OB2 CDL WA . 29.29 -16.99 5.80
PB2 CDL WA . 29.73 -15.70 4.99
OB3 CDL WA . 30.98 -15.19 5.62
OB4 CDL WA . 28.54 -14.79 4.85
OB5 CDL WA . 29.93 -16.27 3.51
CB3 CDL WA . 31.19 -16.81 3.07
CB4 CDL WA . 30.73 -17.79 2.02
OB6 CDL WA . 31.55 -18.99 2.17
CB5 CDL WA . 31.11 -19.97 2.97
OB7 CDL WA . 30.96 -19.84 4.18
C51 CDL WA . 30.89 -21.24 2.20
C52 CDL WA . 30.44 -22.42 3.03
C53 CDL WA . 29.66 -23.44 2.22
C54 CDL WA . 30.01 -24.88 2.50
CB6 CDL WA . 30.73 -17.22 0.62
OB8 CDL WA . 29.72 -17.90 -0.17
CB7 CDL WA . 28.86 -17.15 -0.86
OB9 CDL WA . 27.66 -17.25 -0.76
C71 CDL WA . 29.53 -16.22 -1.84
C72 CDL WA . 29.56 -16.77 -3.24
C73 CDL WA . 29.34 -15.71 -4.30
C74 CDL WA . 30.32 -15.77 -5.44
C75 CDL WA . 29.93 -15.02 -6.68
C76 CDL WA . 30.37 -15.68 -7.97
C77 CDL WA . 29.24 -16.18 -8.83
C78 CDL WA . 29.03 -17.68 -8.77
C1 CDL XA . 33.25 -12.49 6.66
O1 CDL XA . 32.69 -13.77 6.34
CA2 CDL XA . 33.44 -12.43 8.14
OA2 CDL XA . 34.68 -11.83 8.45
PA1 CDL XA . 35.50 -12.44 9.69
OA3 CDL XA . 35.31 -13.90 9.96
OA4 CDL XA . 35.42 -11.44 10.80
OA5 CDL XA . 36.92 -12.55 8.99
CA3 CDL XA . 37.57 -11.38 8.48
CA4 CDL XA . 38.43 -11.81 7.31
OA6 CDL XA . 38.39 -10.64 6.42
CA5 CDL XA . 39.29 -10.47 5.41
OA7 CDL XA . 40.22 -11.20 5.16
C11 CDL XA . 38.94 -9.26 4.58
C12 CDL XA . 39.91 -8.97 3.47
CA6 CDL XA . 37.89 -13.08 6.69
OA8 CDL XA . 38.97 -13.66 5.93
CA7 CDL XA . 38.68 -14.62 5.06
OA9 CDL XA . 39.42 -15.55 4.85
C31 CDL XA . 37.36 -14.38 4.37
C32 CDL XA . 36.42 -15.53 4.50
CB2 CDL XA . 32.38 -11.38 6.14
OB2 CDL XA . 33.25 -10.68 5.22
PB2 CDL XA . 33.15 -9.09 5.11
OB3 CDL XA . 33.73 -8.54 6.39
OB4 CDL XA . 31.72 -8.71 4.79
OB5 CDL XA . 34.09 -8.86 3.82
CB3 CDL XA . 34.92 -9.94 3.25
CB4 CDL XA . 34.41 -10.17 1.84
OB6 CDL XA . 33.30 -11.14 1.79
CB5 CDL XA . 33.45 -12.44 1.45
OB7 CDL XA . 34.09 -13.23 2.11
C51 CDL XA . 32.63 -12.87 0.24
CB6 CDL XA . 35.49 -10.29 0.80
OB8 CDL XA . 36.79 -10.18 1.42
CB7 CDL XA . 37.77 -10.92 0.89
OB9 CDL XA . 38.46 -11.66 1.56
C71 CDL XA . 37.95 -10.67 -0.60
C72 CDL XA . 36.80 -11.11 -1.49
O12 PC1 YA . 30.17 9.19 -0.83
P PC1 YA . 29.37 10.20 -1.60
O14 PC1 YA . 27.89 10.33 -1.35
O13 PC1 YA . 29.96 11.68 -1.40
C11 PC1 YA . 29.12 12.66 -0.74
C12 PC1 YA . 29.96 13.44 0.23
N PC1 YA . 31.00 14.38 -0.38
C13 PC1 YA . 32.19 13.63 -0.86
C14 PC1 YA . 30.43 15.14 -1.51
C15 PC1 YA . 31.43 15.32 0.68
O11 PC1 YA . 29.58 9.98 -3.17
C1 PC1 YA . 29.08 11.00 -4.04
C2 PC1 YA . 29.08 10.63 -5.50
O21 PC1 YA . 28.01 9.67 -5.75
C21 PC1 YA . 26.88 10.16 -6.26
O22 PC1 YA . 26.65 11.33 -6.27
C22 PC1 YA . 26.00 9.12 -6.89
C23 PC1 YA . 26.57 8.63 -8.19
C24 PC1 YA . 26.96 7.16 -8.16
C25 PC1 YA . 27.90 6.72 -9.27
C3 PC1 YA . 30.41 10.14 -6.00
O31 PC1 YA . 30.18 8.87 -6.62
C31 PC1 YA . 30.72 8.70 -7.82
O32 PC1 YA . 31.64 7.95 -8.01
C32 PC1 YA . 30.09 9.59 -8.86
C33 PC1 YA . 31.09 10.21 -9.81
C34 PC1 YA . 30.93 9.68 -11.24
C35 PC1 YA . 31.06 8.17 -11.37
C36 PC1 YA . 29.99 7.54 -12.25
C37 PC1 YA . 29.95 6.04 -12.22
C38 PC1 YA . 28.88 5.42 -13.12
C39 PC1 YA . 28.78 3.92 -13.03
C1B LMT ZA . 39.68 0.17 -30.45
C2B LMT ZA . 40.79 -0.30 -31.38
C3B LMT ZA . 40.53 -1.74 -31.87
C4B LMT ZA . 40.11 -2.73 -30.76
C5B LMT ZA . 39.14 -2.07 -29.77
C6B LMT ZA . 38.90 -2.88 -28.51
O1B LMT ZA . 38.46 0.23 -31.20
O2B LMT ZA . 40.83 0.59 -32.51
O3B LMT ZA . 41.69 -2.24 -32.56
O4' LMT ZA . 39.46 -3.84 -31.40
O5B LMT ZA . 39.58 -0.77 -29.37
O6B LMT ZA . 38.16 -2.07 -27.55
C1' LMT ZA . 35.22 2.78 -31.59
C2' LMT ZA . 36.58 3.47 -31.57
C3' LMT ZA . 37.72 2.49 -31.77
C4' LMT ZA . 37.58 1.29 -30.81
C5' LMT ZA . 36.16 0.72 -30.73
C6' LMT ZA . 35.98 -0.12 -29.49
O1' LMT ZA . 34.22 3.67 -31.19
O2' LMT ZA . 36.55 4.44 -32.63
O3' LMT ZA . 38.95 3.18 -31.55
O5' LMT ZA . 35.17 1.75 -30.61
O6' LMT ZA . 34.55 -0.26 -29.41
C1 LMT ZA . 33.01 2.94 -30.97
C2 LMT ZA . 32.00 3.96 -30.45
C3 LMT ZA . 30.54 3.54 -30.31
C4 LMT ZA . 29.90 4.85 -29.87
C5 LMT ZA . 28.60 4.70 -29.09
C6 LMT ZA . 28.67 5.30 -27.69
C7 LMT ZA . 27.90 6.61 -27.63
C8 LMT ZA . 27.25 6.77 -26.25
C9 LMT ZA . 25.98 7.63 -26.26
C10 LMT ZA . 24.78 7.11 -25.44
C11 LMT ZA . 25.05 5.93 -24.50
C12 LMT ZA . 23.85 5.61 -23.63
#